data_2LO6
#
_entry.id   2LO6
#
loop_
_entity.id
_entity.type
_entity.pdbx_description
1 polymer 'Protein NRD1'
2 polymer 'DNA-directed RNA polymerase II subunit RPB1'
#
loop_
_entity_poly.entity_id
_entity_poly.type
_entity_poly.pdbx_seq_one_letter_code
_entity_poly.pdbx_strand_id
1 'polypeptide(L)'
;MQQDDDFQNFVATLESFKDLKSGISGSRIKKLTTYALDHIDIESKIISLIIDYSRLCPDSHKLGSLYIIDSIGRAYLDET
RSNSNSSSNKPGTCAHAINTLGEVIQELLSDAIAKSNQDHKEKIRMLLDIWDRSGLFQKSYLNAIRSKCFAMDLEHHHHH
H
;
A
2 'polypeptide(L)' YSPT(SEP)PSYSPT(SEP)PS B
#
# COMPACT_ATOMS: atom_id res chain seq x y z
N MET A 1 17.20 19.58 2.33
CA MET A 1 16.58 19.16 1.07
C MET A 1 16.68 20.25 0.01
N GLN A 2 16.49 19.89 -1.26
CA GLN A 2 16.55 20.81 -2.38
C GLN A 2 15.32 20.63 -3.27
N GLN A 3 15.21 21.44 -4.33
CA GLN A 3 14.10 21.36 -5.26
C GLN A 3 14.14 20.06 -6.08
N ASP A 4 15.22 19.28 -5.92
CA ASP A 4 15.37 17.99 -6.59
C ASP A 4 14.76 16.86 -5.75
N ASP A 5 14.25 17.19 -4.55
CA ASP A 5 13.68 16.21 -3.63
C ASP A 5 12.16 16.39 -3.54
N ASP A 6 11.54 16.98 -4.56
CA ASP A 6 10.11 17.17 -4.64
C ASP A 6 9.41 15.84 -4.91
N PHE A 7 8.19 15.86 -5.46
CA PHE A 7 7.43 14.66 -5.79
C PHE A 7 8.24 13.74 -6.70
N GLN A 8 9.32 14.27 -7.27
CA GLN A 8 10.27 13.53 -8.09
C GLN A 8 10.77 12.29 -7.36
N ASN A 9 10.99 12.35 -6.04
CA ASN A 9 11.46 11.17 -5.32
C ASN A 9 10.40 10.07 -5.34
N PHE A 10 9.13 10.44 -5.11
CA PHE A 10 8.06 9.44 -5.07
C PHE A 10 7.88 8.81 -6.44
N VAL A 11 7.76 9.64 -7.49
CA VAL A 11 7.56 9.15 -8.85
C VAL A 11 8.75 8.32 -9.29
N ALA A 12 9.97 8.91 -9.21
CA ALA A 12 11.17 8.23 -9.66
C ALA A 12 11.39 6.91 -8.91
N THR A 13 11.00 6.84 -7.62
CA THR A 13 11.14 5.59 -6.88
C THR A 13 10.15 4.55 -7.40
N LEU A 14 8.89 4.95 -7.63
CA LEU A 14 7.87 4.03 -8.09
C LEU A 14 8.22 3.54 -9.51
N GLU A 15 8.83 4.43 -10.30
CA GLU A 15 9.29 4.13 -11.65
C GLU A 15 10.42 3.12 -11.61
N SER A 16 11.39 3.31 -10.71
CA SER A 16 12.48 2.37 -10.52
C SER A 16 11.95 1.05 -9.99
N PHE A 17 10.81 1.08 -9.29
CA PHE A 17 10.16 -0.14 -8.83
C PHE A 17 9.61 -0.91 -10.03
N LYS A 18 8.97 -0.20 -10.96
CA LYS A 18 8.42 -0.76 -12.18
C LYS A 18 9.53 -1.26 -13.11
N ASP A 19 10.68 -0.59 -13.10
CA ASP A 19 11.80 -0.92 -13.96
C ASP A 19 12.47 -2.24 -13.60
N LEU A 20 12.16 -2.79 -12.42
CA LEU A 20 12.79 -4.00 -11.92
C LEU A 20 11.78 -5.13 -11.77
N LYS A 21 12.30 -6.36 -11.65
CA LYS A 21 11.49 -7.57 -11.50
C LYS A 21 11.99 -8.37 -10.30
N SER A 22 11.05 -9.01 -9.60
CA SER A 22 11.29 -9.76 -8.36
C SER A 22 11.88 -8.90 -7.24
N GLY A 23 11.65 -9.31 -6.00
CA GLY A 23 12.10 -8.60 -4.82
C GLY A 23 11.23 -7.37 -4.55
N ILE A 24 10.80 -7.23 -3.29
CA ILE A 24 9.96 -6.13 -2.84
C ILE A 24 10.75 -5.32 -1.81
N SER A 25 11.94 -4.84 -2.22
CA SER A 25 12.87 -4.14 -1.34
C SER A 25 12.19 -3.01 -0.59
N GLY A 26 12.42 -2.96 0.73
CA GLY A 26 11.80 -1.97 1.60
C GLY A 26 12.33 -0.54 1.38
N SER A 27 13.46 -0.38 0.70
CA SER A 27 14.05 0.94 0.49
C SER A 27 13.15 1.79 -0.38
N ARG A 28 12.61 1.20 -1.45
CA ARG A 28 11.73 1.91 -2.36
C ARG A 28 10.42 2.24 -1.65
N ILE A 29 9.95 1.31 -0.81
CA ILE A 29 8.76 1.55 0.00
C ILE A 29 9.06 2.71 0.96
N LYS A 30 10.25 2.73 1.56
CA LYS A 30 10.68 3.81 2.42
C LYS A 30 10.67 5.16 1.71
N LYS A 31 11.14 5.25 0.45
CA LYS A 31 11.11 6.52 -0.26
C LYS A 31 9.67 6.96 -0.54
N LEU A 32 8.82 6.03 -0.96
CA LEU A 32 7.43 6.35 -1.23
C LEU A 32 6.73 6.84 0.03
N THR A 33 6.75 6.03 1.09
CA THR A 33 6.17 6.41 2.37
C THR A 33 6.78 7.69 2.90
N THR A 34 8.10 7.86 2.77
CA THR A 34 8.78 9.06 3.22
C THR A 34 8.16 10.30 2.58
N TYR A 35 8.10 10.38 1.26
CA TYR A 35 7.60 11.60 0.64
C TYR A 35 6.10 11.79 0.93
N ALA A 36 5.33 10.71 1.03
CA ALA A 36 3.94 10.82 1.42
C ALA A 36 3.82 11.43 2.83
N LEU A 37 4.42 10.76 3.81
CA LEU A 37 4.31 11.11 5.23
C LEU A 37 5.08 12.39 5.58
N ASP A 38 5.97 12.86 4.71
CA ASP A 38 6.78 14.05 4.96
C ASP A 38 5.94 15.28 5.29
N HIS A 39 4.76 15.44 4.68
CA HIS A 39 3.97 16.64 4.91
C HIS A 39 2.46 16.44 4.72
N ILE A 40 2.04 15.37 4.03
CA ILE A 40 0.64 15.11 3.76
C ILE A 40 -0.08 16.36 3.23
N ASP A 41 0.17 16.66 1.96
CA ASP A 41 -0.45 17.77 1.24
C ASP A 41 -0.96 17.30 -0.13
N ILE A 42 -0.91 15.98 -0.33
CA ILE A 42 -1.30 15.31 -1.56
C ILE A 42 -1.93 13.96 -1.18
N GLU A 43 -3.17 13.72 -1.61
CA GLU A 43 -3.87 12.46 -1.33
C GLU A 43 -4.27 11.70 -2.58
N SER A 44 -5.20 12.25 -3.37
CA SER A 44 -5.75 11.56 -4.53
C SER A 44 -4.71 11.36 -5.63
N LYS A 45 -3.67 12.18 -5.61
CA LYS A 45 -2.57 12.11 -6.58
C LYS A 45 -1.67 10.92 -6.23
N ILE A 46 -1.22 10.85 -4.97
CA ILE A 46 -0.42 9.74 -4.48
C ILE A 46 -1.21 8.43 -4.62
N ILE A 47 -2.48 8.45 -4.23
CA ILE A 47 -3.29 7.24 -4.28
C ILE A 47 -3.59 6.81 -5.71
N SER A 48 -4.00 7.74 -6.57
CA SER A 48 -4.26 7.38 -7.96
C SER A 48 -2.99 6.81 -8.58
N LEU A 49 -1.82 7.35 -8.20
CA LEU A 49 -0.55 6.90 -8.74
C LEU A 49 -0.21 5.47 -8.31
N ILE A 50 -0.36 5.11 -7.02
CA ILE A 50 -0.02 3.76 -6.60
C ILE A 50 -1.04 2.73 -7.08
N ILE A 51 -2.32 3.09 -7.10
CA ILE A 51 -3.36 2.17 -7.57
C ILE A 51 -3.11 1.88 -9.04
N ASP A 52 -2.98 2.93 -9.85
CA ASP A 52 -2.72 2.76 -11.27
C ASP A 52 -1.35 2.16 -11.53
N TYR A 53 -0.40 2.35 -10.60
CA TYR A 53 0.89 1.70 -10.71
C TYR A 53 0.67 0.19 -10.69
N SER A 54 -0.19 -0.29 -9.78
CA SER A 54 -0.54 -1.71 -9.75
C SER A 54 -1.27 -2.12 -11.03
N ARG A 55 -2.19 -1.26 -11.47
CA ARG A 55 -3.06 -1.49 -12.61
C ARG A 55 -2.27 -1.78 -13.89
N LEU A 56 -1.28 -0.93 -14.19
CA LEU A 56 -0.53 -1.00 -15.44
C LEU A 56 0.58 -2.04 -15.42
N CYS A 57 0.95 -2.55 -14.24
CA CYS A 57 2.16 -3.37 -14.12
C CYS A 57 1.89 -4.86 -13.85
N PRO A 58 2.85 -5.72 -14.21
CA PRO A 58 2.84 -7.17 -13.98
C PRO A 58 2.63 -7.61 -12.54
N ASP A 59 2.63 -8.93 -12.35
CA ASP A 59 2.35 -9.60 -11.08
C ASP A 59 3.25 -9.16 -9.92
N SER A 60 4.55 -9.02 -10.19
CA SER A 60 5.50 -8.60 -9.16
C SER A 60 5.11 -7.25 -8.62
N HIS A 61 4.44 -6.43 -9.44
CA HIS A 61 4.05 -5.10 -9.06
C HIS A 61 2.65 -5.09 -8.46
N LYS A 62 1.85 -6.16 -8.63
CA LYS A 62 0.61 -6.28 -7.89
C LYS A 62 0.98 -6.51 -6.42
N LEU A 63 1.92 -7.44 -6.19
CA LEU A 63 2.39 -7.71 -4.84
C LEU A 63 3.14 -6.50 -4.29
N GLY A 64 4.02 -5.90 -5.09
CA GLY A 64 4.77 -4.73 -4.70
C GLY A 64 3.85 -3.58 -4.34
N SER A 65 2.80 -3.35 -5.14
CA SER A 65 1.87 -2.28 -4.84
C SER A 65 1.10 -2.60 -3.56
N LEU A 66 0.71 -3.85 -3.32
CA LEU A 66 0.07 -4.19 -2.06
C LEU A 66 0.98 -3.82 -0.88
N TYR A 67 2.30 -4.03 -0.97
CA TYR A 67 3.18 -3.65 0.11
C TYR A 67 3.34 -2.13 0.22
N ILE A 68 3.28 -1.40 -0.91
CA ILE A 68 3.35 0.06 -0.89
C ILE A 68 2.07 0.64 -0.29
N ILE A 69 0.91 0.15 -0.75
CA ILE A 69 -0.39 0.53 -0.25
C ILE A 69 -0.49 0.19 1.24
N ASP A 70 0.12 -0.93 1.63
CA ASP A 70 0.18 -1.37 3.00
C ASP A 70 0.94 -0.38 3.85
N SER A 71 2.14 0.05 3.44
CA SER A 71 2.91 0.93 4.30
C SER A 71 2.29 2.32 4.37
N ILE A 72 1.96 2.92 3.23
CA ILE A 72 1.34 4.24 3.21
C ILE A 72 -0.04 4.20 3.85
N GLY A 73 -0.78 3.11 3.63
CA GLY A 73 -2.13 2.97 4.18
C GLY A 73 -2.14 2.85 5.69
N ARG A 74 -1.30 1.99 6.25
CA ARG A 74 -1.20 1.83 7.70
C ARG A 74 -0.65 3.09 8.36
N ALA A 75 0.33 3.74 7.72
CA ALA A 75 0.89 4.96 8.25
C ALA A 75 -0.15 6.09 8.22
N TYR A 76 -0.89 6.20 7.11
CA TYR A 76 -1.97 7.18 7.01
C TYR A 76 -3.03 6.90 8.07
N LEU A 77 -3.43 5.64 8.19
CA LEU A 77 -4.49 5.24 9.11
C LEU A 77 -4.14 5.61 10.54
N ASP A 78 -2.89 5.33 10.96
CA ASP A 78 -2.48 5.68 12.32
C ASP A 78 -2.42 7.19 12.49
N GLU A 79 -1.89 7.89 11.48
CA GLU A 79 -1.70 9.32 11.57
C GLU A 79 -3.03 10.06 11.64
N THR A 80 -4.04 9.61 10.88
CA THR A 80 -5.36 10.25 10.92
C THR A 80 -6.18 9.74 12.11
N ARG A 81 -5.88 8.54 12.63
CA ARG A 81 -6.50 8.05 13.85
C ARG A 81 -6.03 8.89 15.04
N SER A 82 -4.77 9.36 14.98
CA SER A 82 -4.21 10.24 16.00
C SER A 82 -4.84 11.63 15.95
N ASN A 83 -5.55 11.95 14.85
CA ASN A 83 -6.19 13.24 14.65
C ASN A 83 -7.70 13.12 14.88
N SER A 84 -8.41 14.25 14.91
CA SER A 84 -9.84 14.27 15.14
C SER A 84 -10.50 15.40 14.36
N ASN A 85 -11.80 15.27 14.09
CA ASN A 85 -12.56 16.27 13.35
C ASN A 85 -12.82 17.51 14.22
N SER A 86 -12.48 17.45 15.51
CA SER A 86 -12.60 18.59 16.41
C SER A 86 -11.29 19.38 16.48
N SER A 87 -10.29 18.97 15.70
CA SER A 87 -8.97 19.61 15.67
C SER A 87 -8.48 19.75 14.23
N SER A 88 -9.36 19.58 13.24
CA SER A 88 -9.01 19.65 11.84
C SER A 88 -10.17 20.27 11.04
N ASN A 89 -9.85 20.79 9.85
CA ASN A 89 -10.82 21.42 8.96
C ASN A 89 -10.50 21.06 7.51
N LYS A 90 -11.45 21.32 6.61
CA LYS A 90 -11.38 21.01 5.19
C LYS A 90 -11.07 19.53 4.94
N PRO A 91 -12.08 18.72 4.59
CA PRO A 91 -11.91 17.30 4.34
C PRO A 91 -11.02 17.05 3.13
N GLY A 92 -10.35 15.90 3.13
CA GLY A 92 -9.39 15.54 2.09
C GLY A 92 -8.22 14.78 2.71
N THR A 93 -7.02 14.96 2.15
CA THR A 93 -5.78 14.40 2.68
C THR A 93 -5.83 12.88 2.90
N CYS A 94 -4.91 12.35 3.71
CA CYS A 94 -4.75 10.92 3.94
C CYS A 94 -6.06 10.21 4.33
N ALA A 95 -6.99 10.91 4.98
CA ALA A 95 -8.29 10.32 5.29
C ALA A 95 -9.01 9.96 3.99
N HIS A 96 -9.01 10.88 3.02
CA HIS A 96 -9.64 10.64 1.73
C HIS A 96 -8.78 9.70 0.88
N ALA A 97 -7.47 9.63 1.15
CA ALA A 97 -6.61 8.70 0.45
C ALA A 97 -7.03 7.28 0.78
N ILE A 98 -7.27 7.00 2.07
CA ILE A 98 -7.75 5.69 2.49
C ILE A 98 -9.14 5.46 1.92
N ASN A 99 -10.00 6.49 1.96
CA ASN A 99 -11.34 6.38 1.43
C ASN A 99 -11.31 6.03 -0.06
N THR A 100 -10.32 6.55 -0.80
CA THR A 100 -10.20 6.28 -2.23
C THR A 100 -9.64 4.88 -2.48
N LEU A 101 -8.65 4.43 -1.71
CA LEU A 101 -8.18 3.06 -1.84
C LEU A 101 -9.33 2.10 -1.53
N GLY A 102 -10.26 2.53 -0.66
CA GLY A 102 -11.41 1.74 -0.27
C GLY A 102 -12.33 1.35 -1.44
N GLU A 103 -12.17 1.98 -2.60
CA GLU A 103 -13.01 1.66 -3.76
C GLU A 103 -12.29 0.74 -4.74
N VAL A 104 -10.99 0.48 -4.52
CA VAL A 104 -10.18 -0.34 -5.41
C VAL A 104 -9.54 -1.51 -4.68
N ILE A 105 -9.45 -1.48 -3.35
CA ILE A 105 -8.81 -2.53 -2.58
C ILE A 105 -9.42 -3.90 -2.90
N GLN A 106 -10.69 -3.92 -3.30
CA GLN A 106 -11.39 -5.14 -3.66
C GLN A 106 -10.73 -5.80 -4.87
N GLU A 107 -10.53 -5.06 -5.96
CA GLU A 107 -9.94 -5.61 -7.17
C GLU A 107 -8.42 -5.77 -7.03
N LEU A 108 -7.79 -4.93 -6.21
CA LEU A 108 -6.36 -5.01 -6.00
C LEU A 108 -6.02 -6.34 -5.31
N LEU A 109 -6.71 -6.65 -4.20
CA LEU A 109 -6.54 -7.93 -3.51
C LEU A 109 -7.00 -9.07 -4.40
N SER A 110 -8.26 -9.10 -4.82
CA SER A 110 -8.73 -10.28 -5.56
C SER A 110 -7.83 -10.59 -6.77
N ASP A 111 -7.36 -9.59 -7.52
CA ASP A 111 -6.49 -9.86 -8.66
C ASP A 111 -5.10 -10.27 -8.18
N ALA A 112 -4.53 -9.57 -7.20
CA ALA A 112 -3.22 -9.90 -6.63
C ALA A 112 -3.19 -11.35 -6.11
N ILE A 113 -4.29 -11.87 -5.58
CA ILE A 113 -4.30 -13.28 -5.19
C ILE A 113 -4.51 -14.19 -6.39
N ALA A 114 -5.41 -13.83 -7.32
CA ALA A 114 -5.71 -14.67 -8.46
C ALA A 114 -4.52 -14.76 -9.42
N LYS A 115 -3.68 -13.70 -9.44
CA LYS A 115 -2.48 -13.64 -10.26
C LYS A 115 -1.33 -14.40 -9.60
N SER A 116 -1.44 -14.66 -8.29
CA SER A 116 -0.38 -15.25 -7.50
C SER A 116 -0.29 -16.77 -7.65
N ASN A 117 0.85 -17.30 -7.21
CA ASN A 117 1.10 -18.71 -7.03
C ASN A 117 0.95 -19.01 -5.54
N GLN A 118 1.14 -20.26 -5.11
CA GLN A 118 0.99 -20.64 -3.70
C GLN A 118 1.80 -19.72 -2.79
N ASP A 119 3.02 -19.34 -3.20
CA ASP A 119 3.89 -18.52 -2.37
C ASP A 119 3.36 -17.10 -2.24
N HIS A 120 3.11 -16.41 -3.36
CA HIS A 120 2.62 -15.04 -3.31
C HIS A 120 1.23 -14.99 -2.66
N LYS A 121 0.40 -16.00 -2.92
CA LYS A 121 -0.91 -16.10 -2.28
C LYS A 121 -0.74 -16.08 -0.77
N GLU A 122 0.14 -16.96 -0.28
CA GLU A 122 0.34 -17.11 1.14
C GLU A 122 0.89 -15.81 1.74
N LYS A 123 1.73 -15.09 0.99
CA LYS A 123 2.20 -13.79 1.45
C LYS A 123 1.06 -12.79 1.58
N ILE A 124 0.10 -12.80 0.65
CA ILE A 124 -1.05 -11.91 0.73
C ILE A 124 -1.94 -12.32 1.91
N ARG A 125 -2.06 -13.64 2.14
CA ARG A 125 -2.78 -14.18 3.28
C ARG A 125 -2.14 -13.71 4.58
N MET A 126 -0.81 -13.69 4.63
CA MET A 126 -0.07 -13.25 5.80
C MET A 126 -0.24 -11.75 6.01
N LEU A 127 -0.28 -10.97 4.92
CA LEU A 127 -0.48 -9.52 5.00
C LEU A 127 -1.81 -9.24 5.68
N LEU A 128 -2.88 -9.85 5.19
CA LEU A 128 -4.20 -9.63 5.78
C LEU A 128 -4.31 -10.28 7.16
N ASP A 129 -3.52 -11.33 7.42
CA ASP A 129 -3.51 -11.95 8.74
C ASP A 129 -2.91 -10.98 9.76
N ILE A 130 -1.86 -10.25 9.36
CA ILE A 130 -1.22 -9.27 10.22
C ILE A 130 -2.14 -8.07 10.41
N TRP A 131 -2.90 -7.69 9.36
CA TRP A 131 -3.87 -6.62 9.52
C TRP A 131 -4.91 -7.02 10.58
N ASP A 132 -5.38 -8.26 10.54
CA ASP A 132 -6.36 -8.73 11.52
C ASP A 132 -5.74 -8.91 12.90
N ARG A 133 -4.46 -9.31 12.95
CA ARG A 133 -3.74 -9.55 14.18
C ARG A 133 -3.41 -8.24 14.90
N SER A 134 -3.20 -7.16 14.14
CA SER A 134 -2.89 -5.86 14.69
C SER A 134 -4.09 -5.23 15.40
N GLY A 135 -5.30 -5.69 15.07
CA GLY A 135 -6.52 -5.16 15.64
C GLY A 135 -6.83 -3.76 15.10
N LEU A 136 -6.03 -3.28 14.15
CA LEU A 136 -6.21 -1.97 13.55
C LEU A 136 -7.32 -2.00 12.49
N PHE A 137 -7.81 -3.20 12.16
CA PHE A 137 -8.88 -3.39 11.18
C PHE A 137 -9.99 -4.24 11.79
N GLN A 138 -11.17 -4.21 11.16
CA GLN A 138 -12.35 -4.91 11.67
C GLN A 138 -13.07 -5.64 10.53
N LYS A 139 -14.07 -6.46 10.88
CA LYS A 139 -14.85 -7.23 9.92
C LYS A 139 -15.67 -6.32 9.03
N SER A 140 -16.19 -6.87 7.93
CA SER A 140 -16.96 -6.13 6.93
C SER A 140 -16.20 -4.96 6.30
N TYR A 141 -14.88 -4.93 6.47
CA TYR A 141 -14.02 -3.91 5.86
C TYR A 141 -12.80 -4.56 5.19
N LEU A 142 -12.81 -5.90 5.05
CA LEU A 142 -11.71 -6.63 4.45
C LEU A 142 -12.21 -7.70 3.47
N ASN A 143 -13.51 -7.67 3.14
CA ASN A 143 -14.13 -8.62 2.22
C ASN A 143 -13.56 -8.50 0.80
N ALA A 144 -12.71 -7.49 0.58
CA ALA A 144 -12.04 -7.14 -0.67
C ALA A 144 -11.61 -8.35 -1.51
N ILE A 145 -11.17 -9.42 -0.85
CA ILE A 145 -10.79 -10.64 -1.54
C ILE A 145 -11.98 -11.31 -2.22
N ARG A 146 -13.10 -10.59 -2.40
CA ARG A 146 -14.34 -11.14 -2.92
C ARG A 146 -14.72 -12.39 -2.14
N SER A 147 -14.70 -12.26 -0.80
CA SER A 147 -14.91 -13.35 0.14
C SER A 147 -13.73 -14.33 0.17
N LYS A 148 -13.66 -15.11 1.26
CA LYS A 148 -12.51 -15.92 1.66
C LYS A 148 -11.91 -16.84 0.60
N CYS A 149 -12.62 -17.19 -0.47
CA CYS A 149 -12.12 -18.17 -1.42
C CYS A 149 -10.62 -17.99 -1.71
N PHE A 150 -10.29 -16.84 -2.31
CA PHE A 150 -8.98 -16.46 -2.85
C PHE A 150 -7.79 -17.06 -2.12
N ALA A 151 -7.33 -16.41 -1.04
CA ALA A 151 -6.23 -16.97 -0.25
C ALA A 151 -6.71 -17.54 1.08
N MET A 152 -7.99 -17.38 1.43
CA MET A 152 -8.44 -17.74 2.76
C MET A 152 -9.15 -19.09 2.76
N ASP A 153 -9.54 -19.66 1.61
CA ASP A 153 -10.12 -21.00 1.62
C ASP A 153 -9.04 -22.08 1.61
N LEU A 154 -7.81 -21.75 1.17
CA LEU A 154 -6.70 -22.69 1.11
C LEU A 154 -5.38 -21.95 1.16
N TYR B 1 21.91 -11.93 3.56
CA TYR B 1 20.98 -10.99 2.91
C TYR B 1 19.67 -11.70 2.55
N SER B 2 18.70 -10.93 2.07
CA SER B 2 17.36 -11.44 1.73
C SER B 2 16.85 -10.77 0.46
N PRO B 3 15.74 -11.27 -0.11
CA PRO B 3 15.12 -10.73 -1.30
C PRO B 3 14.62 -9.29 -1.15
N THR B 4 14.83 -8.66 0.01
CA THR B 4 14.40 -7.29 0.28
C THR B 4 15.53 -6.49 0.91
N SEP B 5 15.53 -5.17 0.68
CA SEP B 5 16.61 -4.29 1.12
CB SEP B 5 17.66 -4.27 0.01
OG SEP B 5 17.06 -3.90 -1.21
C SEP B 5 16.11 -2.87 1.39
O SEP B 5 15.82 -2.11 0.47
P SEP B 5 17.85 -3.95 -2.61
O1P SEP B 5 16.87 -3.39 -3.57
O2P SEP B 5 19.04 -3.10 -2.37
O3P SEP B 5 18.14 -5.39 -2.79
H SEP B 5 14.76 -4.75 0.17
HA SEP B 5 17.07 -4.69 2.02
HB2 SEP B 5 18.45 -3.56 0.28
HB3 SEP B 5 18.09 -5.26 -0.09
N PRO B 6 16.00 -2.46 2.67
CA PRO B 6 16.09 -3.29 3.86
C PRO B 6 14.87 -4.20 3.96
N SER B 7 14.86 -5.10 4.94
CA SER B 7 13.71 -5.98 5.15
C SER B 7 12.49 -5.18 5.57
N TYR B 8 11.31 -5.61 5.14
CA TYR B 8 10.06 -4.93 5.47
C TYR B 8 8.89 -5.92 5.49
N SER B 9 7.97 -5.71 6.43
CA SER B 9 6.77 -6.54 6.55
C SER B 9 5.56 -5.71 6.99
N PRO B 10 4.35 -6.22 6.73
CA PRO B 10 3.10 -5.63 7.19
C PRO B 10 3.02 -5.45 8.70
N THR B 11 4.06 -5.86 9.44
CA THR B 11 4.08 -5.70 10.89
C THR B 11 4.15 -4.23 11.27
N SEP B 12 4.95 -3.43 10.55
CA SEP B 12 5.09 -2.01 10.84
CB SEP B 12 6.22 -1.79 11.85
OG SEP B 12 5.94 -2.44 13.06
C SEP B 12 5.42 -1.21 9.57
O SEP B 12 6.34 -1.56 8.84
P SEP B 12 6.95 -2.37 14.31
O1P SEP B 12 7.01 -0.93 14.63
O2P SEP B 12 6.30 -3.21 15.32
O3P SEP B 12 8.22 -2.93 13.75
H SEP B 12 5.48 -3.81 9.77
HA SEP B 12 4.16 -1.64 11.26
HB2 SEP B 12 7.15 -2.17 11.43
HB3 SEP B 12 6.33 -0.72 12.03
N PRO B 13 4.66 -0.13 9.27
CA PRO B 13 4.91 0.73 8.13
C PRO B 13 6.17 1.57 8.27
N SER B 14 6.75 1.64 9.47
CA SER B 14 7.90 2.50 9.73
C SER B 14 9.01 1.73 10.43
N MET A 1 13.24 23.77 -11.47
CA MET A 1 11.78 23.76 -11.29
C MET A 1 11.43 23.55 -9.83
N GLN A 2 10.15 23.68 -9.48
CA GLN A 2 9.69 23.54 -8.10
C GLN A 2 9.34 22.09 -7.75
N GLN A 3 9.74 21.12 -8.58
CA GLN A 3 9.44 19.72 -8.37
C GLN A 3 10.70 18.85 -8.41
N ASP A 4 11.88 19.45 -8.58
CA ASP A 4 13.11 18.70 -8.62
C ASP A 4 13.44 18.18 -7.22
N ASP A 5 13.89 16.92 -7.14
CA ASP A 5 14.19 16.22 -5.89
C ASP A 5 13.04 16.28 -4.87
N ASP A 6 11.82 16.56 -5.35
CA ASP A 6 10.62 16.61 -4.52
C ASP A 6 9.78 15.37 -4.80
N PHE A 7 8.56 15.53 -5.31
CA PHE A 7 7.73 14.41 -5.72
C PHE A 7 8.45 13.55 -6.76
N GLN A 8 9.50 14.11 -7.38
CA GLN A 8 10.33 13.39 -8.34
C GLN A 8 10.87 12.11 -7.71
N ASN A 9 11.33 12.16 -6.45
CA ASN A 9 11.84 10.97 -5.77
C ASN A 9 10.77 9.89 -5.75
N PHE A 10 9.52 10.24 -5.46
CA PHE A 10 8.44 9.28 -5.36
C PHE A 10 8.16 8.66 -6.73
N VAL A 11 7.92 9.49 -7.74
CA VAL A 11 7.61 9.00 -9.08
C VAL A 11 8.79 8.19 -9.62
N ALA A 12 9.98 8.77 -9.61
CA ALA A 12 11.18 8.13 -10.12
C ALA A 12 11.47 6.80 -9.42
N THR A 13 11.17 6.70 -8.12
CA THR A 13 11.38 5.44 -7.42
C THR A 13 10.34 4.41 -7.85
N LEU A 14 9.08 4.83 -8.00
CA LEU A 14 8.03 3.90 -8.43
C LEU A 14 8.31 3.41 -9.84
N GLU A 15 8.91 4.28 -10.67
CA GLU A 15 9.31 3.97 -12.03
C GLU A 15 10.45 2.96 -12.02
N SER A 16 11.44 3.18 -11.15
CA SER A 16 12.55 2.24 -10.98
C SER A 16 12.03 0.92 -10.42
N PHE A 17 10.91 0.95 -9.71
CA PHE A 17 10.28 -0.26 -9.22
C PHE A 17 9.70 -1.04 -10.41
N LYS A 18 9.01 -0.32 -11.31
CA LYS A 18 8.44 -0.90 -12.52
C LYS A 18 9.53 -1.44 -13.44
N ASP A 19 10.71 -0.81 -13.42
CA ASP A 19 11.85 -1.20 -14.25
C ASP A 19 12.48 -2.51 -13.78
N LEU A 20 12.15 -2.97 -12.56
CA LEU A 20 12.74 -4.16 -11.98
C LEU A 20 11.68 -5.24 -11.76
N LYS A 21 12.13 -6.48 -11.58
CA LYS A 21 11.25 -7.63 -11.40
C LYS A 21 11.84 -8.60 -10.38
N SER A 22 11.01 -9.55 -9.93
CA SER A 22 11.40 -10.60 -9.00
C SER A 22 12.10 -10.08 -7.74
N GLY A 23 11.70 -8.91 -7.25
CA GLY A 23 12.29 -8.32 -6.06
C GLY A 23 11.43 -7.18 -5.54
N ILE A 24 11.07 -7.26 -4.26
CA ILE A 24 10.27 -6.25 -3.57
C ILE A 24 11.16 -5.53 -2.55
N SER A 25 12.33 -5.05 -3.00
CA SER A 25 13.32 -4.42 -2.15
C SER A 25 12.73 -3.26 -1.36
N GLY A 26 13.00 -3.25 -0.04
CA GLY A 26 12.51 -2.25 0.89
C GLY A 26 13.03 -0.86 0.62
N SER A 27 14.12 -0.71 -0.15
CA SER A 27 14.72 0.59 -0.39
C SER A 27 13.80 1.46 -1.23
N ARG A 28 13.14 0.85 -2.22
CA ARG A 28 12.20 1.59 -3.06
C ARG A 28 10.99 1.98 -2.22
N ILE A 29 10.54 1.07 -1.35
CA ILE A 29 9.44 1.35 -0.44
C ILE A 29 9.84 2.47 0.51
N LYS A 30 11.09 2.47 0.98
CA LYS A 30 11.59 3.49 1.90
C LYS A 30 11.58 4.86 1.23
N LYS A 31 11.95 4.96 -0.05
CA LYS A 31 11.86 6.24 -0.76
C LYS A 31 10.41 6.68 -0.91
N LEU A 32 9.54 5.77 -1.35
CA LEU A 32 8.13 6.08 -1.55
C LEU A 32 7.49 6.56 -0.26
N THR A 33 7.52 5.72 0.79
CA THR A 33 6.95 6.07 2.08
C THR A 33 7.54 7.34 2.68
N THR A 34 8.87 7.46 2.71
CA THR A 34 9.48 8.61 3.34
C THR A 34 9.08 9.91 2.66
N TYR A 35 9.11 9.94 1.32
CA TYR A 35 8.78 11.17 0.61
C TYR A 35 7.27 11.44 0.57
N ALA A 36 6.42 10.43 0.75
CA ALA A 36 5.00 10.67 0.94
C ALA A 36 4.77 11.34 2.30
N LEU A 37 5.25 10.72 3.37
CA LEU A 37 5.06 11.17 4.74
C LEU A 37 5.76 12.51 4.99
N ASP A 38 6.82 12.80 4.23
CA ASP A 38 7.54 14.06 4.30
C ASP A 38 6.78 15.18 3.61
N HIS A 39 5.79 14.84 2.77
CA HIS A 39 5.08 15.82 1.97
C HIS A 39 3.61 15.44 1.79
N ILE A 40 2.93 15.10 2.89
CA ILE A 40 1.49 14.88 2.91
C ILE A 40 0.75 16.18 2.55
N ASP A 41 0.70 16.46 1.25
CA ASP A 41 0.01 17.60 0.64
C ASP A 41 -0.37 17.23 -0.80
N ILE A 42 -0.35 15.92 -1.07
CA ILE A 42 -0.51 15.34 -2.41
C ILE A 42 -1.23 14.00 -2.27
N GLU A 43 -2.19 13.94 -1.34
CA GLU A 43 -2.91 12.73 -1.01
C GLU A 43 -3.51 12.01 -2.22
N SER A 44 -4.29 12.68 -3.04
CA SER A 44 -5.00 12.05 -4.14
C SER A 44 -4.09 11.71 -5.30
N LYS A 45 -2.96 12.41 -5.43
CA LYS A 45 -2.02 12.19 -6.52
C LYS A 45 -1.05 11.08 -6.13
N ILE A 46 -0.57 11.06 -4.88
CA ILE A 46 0.21 9.94 -4.37
C ILE A 46 -0.61 8.65 -4.51
N ILE A 47 -1.85 8.67 -4.01
CA ILE A 47 -2.71 7.50 -4.02
C ILE A 47 -3.10 7.09 -5.44
N SER A 48 -3.60 8.02 -6.27
CA SER A 48 -3.94 7.63 -7.63
C SER A 48 -2.72 7.08 -8.36
N LEU A 49 -1.52 7.57 -8.04
CA LEU A 49 -0.31 7.08 -8.67
C LEU A 49 0.02 5.64 -8.25
N ILE A 50 -0.07 5.29 -6.96
CA ILE A 50 0.26 3.93 -6.56
C ILE A 50 -0.81 2.92 -7.01
N ILE A 51 -2.09 3.33 -7.01
CA ILE A 51 -3.16 2.47 -7.46
C ILE A 51 -2.98 2.17 -8.95
N ASP A 52 -2.79 3.25 -9.72
CA ASP A 52 -2.56 3.17 -11.15
C ASP A 52 -1.31 2.34 -11.44
N TYR A 53 -0.25 2.52 -10.64
CA TYR A 53 0.96 1.74 -10.76
C TYR A 53 0.63 0.26 -10.60
N SER A 54 -0.25 -0.08 -9.66
CA SER A 54 -0.62 -1.48 -9.43
C SER A 54 -1.33 -2.06 -10.65
N ARG A 55 -2.40 -1.40 -11.13
CA ARG A 55 -3.23 -1.96 -12.18
C ARG A 55 -2.57 -1.97 -13.55
N LEU A 56 -1.60 -1.09 -13.78
CA LEU A 56 -0.88 -1.04 -15.06
C LEU A 56 0.26 -2.05 -15.15
N CYS A 57 0.69 -2.61 -14.02
CA CYS A 57 1.90 -3.43 -13.97
C CYS A 57 1.62 -4.91 -13.68
N PRO A 58 2.55 -5.80 -14.04
CA PRO A 58 2.45 -7.25 -13.86
C PRO A 58 2.47 -7.68 -12.39
N ASP A 59 2.44 -9.00 -12.18
CA ASP A 59 2.26 -9.64 -10.88
C ASP A 59 3.26 -9.20 -9.81
N SER A 60 4.54 -9.04 -10.19
CA SER A 60 5.57 -8.64 -9.25
C SER A 60 5.22 -7.28 -8.67
N HIS A 61 4.57 -6.44 -9.48
CA HIS A 61 4.21 -5.11 -9.07
C HIS A 61 2.84 -5.07 -8.39
N LYS A 62 2.03 -6.13 -8.53
CA LYS A 62 0.81 -6.24 -7.74
C LYS A 62 1.23 -6.49 -6.29
N LEU A 63 2.17 -7.41 -6.08
CA LEU A 63 2.67 -7.67 -4.73
C LEU A 63 3.43 -6.45 -4.21
N GLY A 64 4.31 -5.89 -5.04
CA GLY A 64 5.09 -4.73 -4.66
C GLY A 64 4.17 -3.56 -4.31
N SER A 65 3.12 -3.33 -5.11
CA SER A 65 2.22 -2.24 -4.83
C SER A 65 1.46 -2.50 -3.53
N LEU A 66 1.06 -3.74 -3.26
CA LEU A 66 0.42 -4.01 -1.98
C LEU A 66 1.34 -3.65 -0.82
N TYR A 67 2.64 -3.93 -0.92
CA TYR A 67 3.57 -3.56 0.15
C TYR A 67 3.74 -2.04 0.25
N ILE A 68 3.67 -1.33 -0.88
CA ILE A 68 3.76 0.13 -0.89
C ILE A 68 2.48 0.74 -0.30
N ILE A 69 1.32 0.27 -0.76
CA ILE A 69 0.02 0.69 -0.24
C ILE A 69 -0.07 0.38 1.25
N ASP A 70 0.52 -0.74 1.66
CA ASP A 70 0.57 -1.17 3.04
C ASP A 70 1.37 -0.18 3.88
N SER A 71 2.60 0.15 3.48
CA SER A 71 3.39 1.04 4.31
C SER A 71 2.79 2.43 4.38
N ILE A 72 2.48 3.04 3.23
CA ILE A 72 1.92 4.38 3.21
C ILE A 72 0.55 4.39 3.87
N GLY A 73 -0.25 3.34 3.68
CA GLY A 73 -1.60 3.25 4.23
C GLY A 73 -1.59 3.15 5.76
N ARG A 74 -0.76 2.25 6.30
CA ARG A 74 -0.65 2.07 7.75
C ARG A 74 -0.01 3.31 8.39
N ALA A 75 0.93 3.94 7.70
CA ALA A 75 1.55 5.15 8.21
C ALA A 75 0.53 6.29 8.24
N TYR A 76 -0.28 6.42 7.18
CA TYR A 76 -1.33 7.43 7.15
C TYR A 76 -2.34 7.17 8.26
N LEU A 77 -2.77 5.93 8.41
CA LEU A 77 -3.77 5.55 9.39
C LEU A 77 -3.29 5.91 10.79
N ASP A 78 -2.03 5.60 11.11
CA ASP A 78 -1.48 5.89 12.43
C ASP A 78 -1.39 7.39 12.66
N GLU A 79 -0.88 8.14 11.67
CA GLU A 79 -0.65 9.56 11.86
C GLU A 79 -1.95 10.35 11.93
N THR A 80 -3.01 9.89 11.25
CA THR A 80 -4.30 10.60 11.30
C THR A 80 -5.13 10.15 12.49
N ARG A 81 -4.93 8.90 12.96
CA ARG A 81 -5.58 8.41 14.16
C ARG A 81 -4.96 9.05 15.41
N SER A 82 -3.66 9.37 15.33
CA SER A 82 -2.93 10.01 16.42
C SER A 82 -3.48 11.39 16.79
N ASN A 83 -4.33 11.96 15.93
CA ASN A 83 -4.92 13.27 16.18
C ASN A 83 -5.96 13.19 17.31
N SER A 84 -6.48 11.99 17.58
CA SER A 84 -7.43 11.72 18.66
C SER A 84 -8.62 12.68 18.68
N ASN A 85 -8.97 13.29 17.54
CA ASN A 85 -10.09 14.22 17.46
C ASN A 85 -10.75 14.15 16.09
N SER A 86 -12.00 14.63 16.01
CA SER A 86 -12.76 14.64 14.76
C SER A 86 -13.69 15.85 14.75
N SER A 87 -14.18 16.22 13.56
CA SER A 87 -15.05 17.38 13.38
C SER A 87 -16.01 17.16 12.22
N SER A 88 -16.98 18.07 12.07
CA SER A 88 -17.98 18.01 11.01
C SER A 88 -17.42 18.54 9.68
N ASN A 89 -16.13 18.86 9.62
CA ASN A 89 -15.49 19.37 8.42
C ASN A 89 -15.27 18.24 7.43
N LYS A 90 -15.10 18.58 6.15
CA LYS A 90 -14.88 17.61 5.07
C LYS A 90 -13.51 16.97 5.20
N PRO A 91 -13.34 15.73 4.71
CA PRO A 91 -12.08 15.00 4.75
C PRO A 91 -11.06 15.62 3.80
N GLY A 92 -9.79 15.24 3.99
CA GLY A 92 -8.68 15.74 3.17
C GLY A 92 -7.38 15.05 3.55
N THR A 93 -6.30 15.37 2.83
CA THR A 93 -4.96 14.86 3.12
C THR A 93 -4.93 13.34 3.26
N CYS A 94 -4.00 12.79 4.05
CA CYS A 94 -3.84 11.35 4.22
C CYS A 94 -5.14 10.62 4.57
N ALA A 95 -6.08 11.27 5.25
CA ALA A 95 -7.37 10.64 5.55
C ALA A 95 -8.14 10.41 4.25
N HIS A 96 -8.10 11.37 3.33
CA HIS A 96 -8.75 11.27 2.03
C HIS A 96 -8.08 10.18 1.20
N ALA A 97 -6.76 10.05 1.37
CA ALA A 97 -5.97 9.06 0.68
C ALA A 97 -6.39 7.65 1.08
N ILE A 98 -6.59 7.40 2.37
CA ILE A 98 -7.09 6.11 2.82
C ILE A 98 -8.50 5.89 2.26
N ASN A 99 -9.33 6.94 2.31
CA ASN A 99 -10.69 6.86 1.81
C ASN A 99 -10.70 6.53 0.31
N THR A 100 -9.69 7.02 -0.43
CA THR A 100 -9.60 6.79 -1.87
C THR A 100 -9.13 5.37 -2.16
N LEU A 101 -8.16 4.84 -1.41
CA LEU A 101 -7.77 3.44 -1.58
C LEU A 101 -8.96 2.56 -1.26
N GLY A 102 -9.83 3.02 -0.35
CA GLY A 102 -11.03 2.31 0.05
C GLY A 102 -12.00 2.03 -1.11
N GLU A 103 -11.83 2.69 -2.26
CA GLU A 103 -12.72 2.48 -3.39
C GLU A 103 -12.09 1.57 -4.46
N VAL A 104 -10.83 1.18 -4.26
CA VAL A 104 -10.12 0.33 -5.22
C VAL A 104 -9.55 -0.93 -4.58
N ILE A 105 -9.40 -0.96 -3.25
CA ILE A 105 -8.83 -2.09 -2.54
C ILE A 105 -9.47 -3.43 -2.92
N GLN A 106 -10.73 -3.42 -3.35
CA GLN A 106 -11.41 -4.63 -3.78
C GLN A 106 -10.75 -5.21 -5.02
N GLU A 107 -10.46 -4.37 -6.02
CA GLU A 107 -9.86 -4.81 -7.27
C GLU A 107 -8.39 -5.13 -7.04
N LEU A 108 -7.73 -4.29 -6.25
CA LEU A 108 -6.30 -4.44 -5.98
C LEU A 108 -6.03 -5.79 -5.32
N LEU A 109 -6.77 -6.10 -4.25
CA LEU A 109 -6.63 -7.38 -3.58
C LEU A 109 -7.07 -8.51 -4.49
N SER A 110 -8.33 -8.51 -4.95
CA SER A 110 -8.82 -9.65 -5.71
C SER A 110 -7.86 -10.05 -6.84
N ASP A 111 -7.30 -9.07 -7.57
CA ASP A 111 -6.34 -9.39 -8.62
C ASP A 111 -5.03 -9.88 -8.01
N ALA A 112 -4.45 -9.13 -7.08
CA ALA A 112 -3.18 -9.46 -6.44
C ALA A 112 -3.18 -10.84 -5.79
N ILE A 113 -4.31 -11.31 -5.26
CA ILE A 113 -4.34 -12.67 -4.73
C ILE A 113 -4.66 -13.70 -5.81
N ALA A 114 -5.53 -13.38 -6.76
CA ALA A 114 -5.88 -14.33 -7.82
C ALA A 114 -4.68 -14.56 -8.75
N LYS A 115 -3.82 -13.55 -8.88
CA LYS A 115 -2.62 -13.61 -9.70
C LYS A 115 -1.50 -14.35 -8.98
N SER A 116 -1.63 -14.50 -7.65
CA SER A 116 -0.60 -15.08 -6.80
C SER A 116 -0.57 -16.61 -6.83
N ASN A 117 0.52 -17.15 -6.30
CA ASN A 117 0.75 -18.56 -6.08
C ASN A 117 0.65 -18.83 -4.58
N GLN A 118 0.94 -20.07 -4.14
CA GLN A 118 0.82 -20.46 -2.74
C GLN A 118 1.54 -19.48 -1.80
N ASP A 119 2.84 -19.24 -2.04
CA ASP A 119 3.62 -18.40 -1.15
C ASP A 119 3.18 -16.93 -1.23
N HIS A 120 2.73 -16.49 -2.41
CA HIS A 120 2.34 -15.10 -2.59
C HIS A 120 0.97 -14.83 -1.97
N LYS A 121 -0.01 -15.72 -2.13
CA LYS A 121 -1.29 -15.51 -1.48
C LYS A 121 -1.10 -15.62 0.03
N GLU A 122 -0.18 -16.49 0.46
CA GLU A 122 0.09 -16.62 1.89
C GLU A 122 0.61 -15.31 2.46
N LYS A 123 1.56 -14.66 1.76
CA LYS A 123 2.05 -13.36 2.22
C LYS A 123 0.94 -12.32 2.21
N ILE A 124 0.10 -12.30 1.17
CA ILE A 124 -1.01 -11.35 1.08
C ILE A 124 -2.04 -11.64 2.18
N ARG A 125 -2.24 -12.93 2.52
CA ARG A 125 -3.16 -13.31 3.57
C ARG A 125 -2.65 -12.84 4.93
N MET A 126 -1.34 -12.92 5.16
CA MET A 126 -0.75 -12.42 6.41
C MET A 126 -0.91 -10.90 6.48
N LEU A 127 -0.70 -10.21 5.35
CA LEU A 127 -0.88 -8.77 5.28
C LEU A 127 -2.31 -8.41 5.66
N LEU A 128 -3.30 -9.15 5.13
CA LEU A 128 -4.70 -8.88 5.42
C LEU A 128 -5.06 -9.29 6.85
N ASP A 129 -4.37 -10.27 7.43
CA ASP A 129 -4.62 -10.66 8.81
C ASP A 129 -4.18 -9.52 9.74
N ILE A 130 -3.05 -8.87 9.39
CA ILE A 130 -2.57 -7.73 10.15
C ILE A 130 -3.50 -6.54 9.97
N TRP A 131 -4.04 -6.35 8.75
CA TRP A 131 -5.01 -5.29 8.51
C TRP A 131 -6.29 -5.55 9.31
N ASP A 132 -6.66 -6.83 9.49
CA ASP A 132 -7.85 -7.18 10.25
C ASP A 132 -7.62 -6.97 11.75
N ARG A 133 -6.39 -7.25 12.21
CA ARG A 133 -6.04 -7.10 13.62
C ARG A 133 -5.86 -5.63 14.01
N SER A 134 -5.37 -4.80 13.09
CA SER A 134 -5.07 -3.39 13.37
C SER A 134 -6.16 -2.44 12.87
N GLY A 135 -7.06 -2.92 12.00
CA GLY A 135 -8.10 -2.10 11.41
C GLY A 135 -9.17 -1.69 12.41
N LEU A 136 -9.96 -0.68 12.04
CA LEU A 136 -11.05 -0.17 12.86
C LEU A 136 -12.40 -0.64 12.33
N PHE A 137 -12.39 -1.42 11.25
CA PHE A 137 -13.59 -1.98 10.64
C PHE A 137 -13.92 -3.32 11.28
N GLN A 138 -14.97 -3.99 10.80
CA GLN A 138 -15.36 -5.31 11.28
C GLN A 138 -14.19 -6.28 11.15
N LYS A 139 -14.15 -7.29 12.02
CA LYS A 139 -13.00 -8.17 12.14
C LYS A 139 -13.32 -9.62 11.74
N SER A 140 -12.28 -10.47 11.73
CA SER A 140 -12.34 -11.87 11.35
C SER A 140 -12.75 -12.12 9.90
N TYR A 141 -13.06 -11.07 9.14
CA TYR A 141 -13.37 -11.19 7.72
C TYR A 141 -13.24 -9.84 7.02
N LEU A 142 -13.03 -9.87 5.70
CA LEU A 142 -12.91 -8.70 4.85
C LEU A 142 -13.71 -8.94 3.56
N ASN A 143 -14.05 -7.86 2.84
CA ASN A 143 -14.87 -7.98 1.65
C ASN A 143 -14.06 -7.93 0.36
N ALA A 144 -13.02 -7.08 0.31
CA ALA A 144 -12.24 -6.77 -0.88
C ALA A 144 -11.82 -8.01 -1.67
N ILE A 145 -11.42 -9.09 -0.98
CA ILE A 145 -11.10 -10.36 -1.60
C ILE A 145 -12.34 -11.09 -2.12
N ARG A 146 -13.38 -10.34 -2.51
CA ARG A 146 -14.69 -10.89 -2.88
C ARG A 146 -15.17 -11.88 -1.82
N SER A 147 -14.76 -11.64 -0.56
CA SER A 147 -15.02 -12.51 0.57
C SER A 147 -14.75 -13.99 0.30
N LYS A 148 -13.90 -14.34 -0.68
CA LYS A 148 -13.74 -15.74 -1.07
C LYS A 148 -12.28 -16.25 -1.04
N CYS A 149 -12.11 -17.46 -1.60
CA CYS A 149 -10.92 -18.28 -1.52
C CYS A 149 -9.62 -17.57 -1.91
N PHE A 150 -9.69 -16.41 -2.56
CA PHE A 150 -8.51 -15.62 -2.92
C PHE A 150 -7.47 -15.68 -1.81
N ALA A 151 -7.77 -15.06 -0.68
CA ALA A 151 -6.98 -15.23 0.53
C ALA A 151 -7.76 -15.99 1.60
N MET A 152 -9.08 -16.17 1.44
CA MET A 152 -9.82 -16.97 2.40
C MET A 152 -9.45 -18.45 2.26
N ASP A 153 -8.78 -18.81 1.16
CA ASP A 153 -8.34 -20.17 0.84
C ASP A 153 -9.49 -21.18 0.64
N LEU A 154 -10.72 -20.85 1.04
CA LEU A 154 -11.89 -21.69 0.78
C LEU A 154 -13.15 -20.83 0.60
N TYR B 1 11.96 -16.41 -1.89
CA TYR B 1 11.46 -15.04 -1.97
C TYR B 1 12.63 -14.05 -1.96
N SER B 2 12.38 -12.79 -2.31
CA SER B 2 13.41 -11.77 -2.37
C SER B 2 13.87 -11.37 -0.97
N PRO B 3 15.11 -10.83 -0.84
CA PRO B 3 15.65 -10.38 0.43
C PRO B 3 15.04 -9.06 0.89
N THR B 4 14.13 -8.48 0.08
CA THR B 4 13.47 -7.21 0.38
C THR B 4 14.44 -6.13 0.86
N SEP B 5 15.67 -6.13 0.33
CA SEP B 5 16.75 -5.23 0.74
CB SEP B 5 17.88 -5.32 -0.28
OG SEP B 5 17.43 -4.91 -1.55
C SEP B 5 16.27 -3.78 0.86
O SEP B 5 15.72 -3.24 -0.09
P SEP B 5 18.34 -5.05 -2.86
O1P SEP B 5 19.62 -4.45 -2.46
O2P SEP B 5 18.39 -6.51 -3.10
O3P SEP B 5 17.60 -4.29 -3.89
H SEP B 5 15.89 -6.80 -0.39
HA SEP B 5 17.13 -5.56 1.70
HB2 SEP B 5 18.71 -4.69 0.04
HB3 SEP B 5 18.23 -6.37 -0.34
N PRO B 6 16.48 -3.11 2.01
CA PRO B 6 17.07 -3.63 3.24
C PRO B 6 16.20 -4.71 3.88
N SER B 7 14.98 -4.35 4.28
CA SER B 7 14.00 -5.27 4.83
C SER B 7 12.66 -4.55 4.95
N TYR B 8 11.55 -5.28 4.80
CA TYR B 8 10.24 -4.70 5.06
C TYR B 8 9.20 -5.78 5.33
N SER B 9 8.34 -5.53 6.34
CA SER B 9 7.29 -6.43 6.74
C SER B 9 6.00 -5.66 7.03
N PRO B 10 4.83 -6.25 6.71
CA PRO B 10 3.54 -5.65 6.98
C PRO B 10 3.27 -5.52 8.48
N THR B 11 4.19 -5.99 9.33
CA THR B 11 4.02 -5.87 10.77
C THR B 11 4.27 -4.45 11.25
N SEP B 12 5.09 -3.67 10.52
CA SEP B 12 5.37 -2.28 10.89
CB SEP B 12 6.57 -2.21 11.82
OG SEP B 12 6.33 -2.92 13.01
C SEP B 12 5.68 -1.43 9.64
O SEP B 12 6.55 -1.81 8.85
P SEP B 12 7.42 -3.01 14.20
O1P SEP B 12 7.63 -1.58 14.58
O2P SEP B 12 6.75 -3.83 15.22
O3P SEP B 12 8.59 -3.65 13.54
H SEP B 12 5.54 -4.05 9.70
HA SEP B 12 4.51 -1.86 11.40
HB2 SEP B 12 7.45 -2.63 11.32
HB3 SEP B 12 6.78 -1.17 12.07
N PRO B 13 4.98 -0.30 9.44
CA PRO B 13 5.27 0.63 8.35
C PRO B 13 6.65 1.28 8.52
N SER B 14 7.08 2.01 7.48
CA SER B 14 8.35 2.71 7.46
C SER B 14 8.46 3.74 8.59
N MET A 1 8.87 19.34 -10.01
CA MET A 1 10.00 19.48 -9.07
C MET A 1 10.03 20.86 -8.45
N GLN A 2 10.61 20.96 -7.25
CA GLN A 2 10.75 22.24 -6.54
C GLN A 2 12.02 22.25 -5.69
N GLN A 3 12.53 21.09 -5.27
CA GLN A 3 13.72 21.01 -4.44
C GLN A 3 14.51 19.72 -4.71
N ASP A 4 14.23 19.05 -5.83
CA ASP A 4 14.84 17.78 -6.23
C ASP A 4 14.63 16.66 -5.20
N ASP A 5 13.78 16.89 -4.20
CA ASP A 5 13.44 15.90 -3.19
C ASP A 5 11.95 16.02 -2.81
N ASP A 6 11.19 16.72 -3.65
CA ASP A 6 9.74 16.89 -3.50
C ASP A 6 9.03 15.63 -3.95
N PHE A 7 7.79 15.76 -4.44
CA PHE A 7 7.00 14.64 -4.94
C PHE A 7 7.77 13.88 -6.02
N GLN A 8 8.81 14.50 -6.58
CA GLN A 8 9.71 13.84 -7.51
C GLN A 8 10.26 12.56 -6.90
N ASN A 9 10.60 12.55 -5.60
CA ASN A 9 11.10 11.34 -4.97
C ASN A 9 10.02 10.26 -4.97
N PHE A 10 8.76 10.62 -4.67
CA PHE A 10 7.70 9.65 -4.60
C PHE A 10 7.45 9.05 -5.99
N VAL A 11 7.28 9.89 -7.01
CA VAL A 11 7.03 9.43 -8.36
C VAL A 11 8.21 8.64 -8.88
N ALA A 12 9.42 9.22 -8.83
CA ALA A 12 10.62 8.59 -9.33
C ALA A 12 10.89 7.26 -8.62
N THR A 13 10.49 7.13 -7.35
CA THR A 13 10.67 5.87 -6.64
C THR A 13 9.65 4.84 -7.13
N LEU A 14 8.40 5.25 -7.33
CA LEU A 14 7.37 4.33 -7.81
C LEU A 14 7.70 3.89 -9.24
N GLU A 15 8.36 4.78 -9.99
CA GLU A 15 8.83 4.50 -11.35
C GLU A 15 9.99 3.52 -11.29
N SER A 16 10.88 3.70 -10.32
CA SER A 16 11.95 2.75 -10.07
C SER A 16 11.36 1.40 -9.67
N PHE A 17 10.18 1.43 -9.04
CA PHE A 17 9.45 0.21 -8.70
C PHE A 17 8.81 -0.38 -9.95
N LYS A 18 8.40 0.48 -10.90
CA LYS A 18 7.85 0.04 -12.17
C LYS A 18 8.92 -0.65 -13.00
N ASP A 19 10.16 -0.19 -12.88
CA ASP A 19 11.31 -0.83 -13.54
C ASP A 19 11.65 -2.15 -12.87
N LEU A 20 11.09 -2.38 -11.67
CA LEU A 20 11.24 -3.56 -10.80
C LEU A 20 12.69 -3.97 -10.51
N LYS A 21 12.82 -4.92 -9.58
CA LYS A 21 14.10 -5.47 -9.14
C LYS A 21 13.95 -6.98 -8.89
N SER A 22 13.00 -7.60 -9.59
CA SER A 22 12.66 -9.01 -9.42
C SER A 22 12.31 -9.34 -7.97
N GLY A 23 11.90 -8.34 -7.19
CA GLY A 23 11.49 -8.49 -5.81
C GLY A 23 10.76 -7.24 -5.37
N ILE A 24 10.65 -7.07 -4.05
CA ILE A 24 9.88 -6.02 -3.40
C ILE A 24 10.79 -5.26 -2.45
N SER A 25 11.76 -4.53 -3.01
CA SER A 25 12.77 -3.84 -2.24
C SER A 25 12.19 -2.82 -1.27
N GLY A 26 12.66 -2.86 -0.02
CA GLY A 26 12.23 -1.98 1.04
C GLY A 26 12.62 -0.53 0.80
N SER A 27 13.67 -0.27 0.00
CA SER A 27 14.16 1.08 -0.20
C SER A 27 13.12 1.93 -0.90
N ARG A 28 12.45 1.34 -1.89
CA ARG A 28 11.41 2.05 -2.63
C ARG A 28 10.20 2.26 -1.72
N ILE A 29 9.88 1.28 -0.88
CA ILE A 29 8.79 1.42 0.08
C ILE A 29 9.15 2.52 1.09
N LYS A 30 10.42 2.59 1.50
CA LYS A 30 10.86 3.56 2.48
C LYS A 30 10.82 4.99 1.91
N LYS A 31 11.13 5.17 0.62
CA LYS A 31 11.01 6.48 -0.01
C LYS A 31 9.54 6.88 -0.15
N LEU A 32 8.69 5.95 -0.58
CA LEU A 32 7.28 6.22 -0.76
C LEU A 32 6.63 6.58 0.58
N THR A 33 6.74 5.71 1.58
CA THR A 33 6.20 5.96 2.90
C THR A 33 6.75 7.25 3.51
N THR A 34 8.07 7.44 3.50
CA THR A 34 8.63 8.61 4.16
C THR A 34 8.12 9.90 3.53
N TYR A 35 8.07 9.99 2.20
CA TYR A 35 7.59 11.22 1.59
C TYR A 35 6.10 11.44 1.85
N ALA A 36 5.31 10.36 1.86
CA ALA A 36 3.90 10.47 2.22
C ALA A 36 3.76 11.04 3.63
N LEU A 37 4.35 10.38 4.62
CA LEU A 37 4.24 10.77 6.02
C LEU A 37 4.97 12.08 6.34
N ASP A 38 5.88 12.54 5.47
CA ASP A 38 6.62 13.76 5.70
C ASP A 38 5.73 15.01 5.84
N HIS A 39 4.54 15.03 5.24
CA HIS A 39 3.71 16.23 5.30
C HIS A 39 2.21 15.97 5.20
N ILE A 40 1.80 14.84 4.60
CA ILE A 40 0.39 14.50 4.42
C ILE A 40 -0.42 15.68 3.88
N ASP A 41 -0.25 15.97 2.59
CA ASP A 41 -0.93 17.06 1.90
C ASP A 41 -1.19 16.67 0.44
N ILE A 42 -1.17 15.36 0.17
CA ILE A 42 -1.22 14.80 -1.17
C ILE A 42 -1.97 13.46 -1.14
N GLU A 43 -2.99 13.39 -0.29
CA GLU A 43 -3.78 12.19 -0.07
C GLU A 43 -4.31 11.56 -1.37
N SER A 44 -5.06 12.31 -2.17
CA SER A 44 -5.71 11.77 -3.35
C SER A 44 -4.72 11.51 -4.48
N LYS A 45 -3.61 12.24 -4.52
CA LYS A 45 -2.62 12.08 -5.57
C LYS A 45 -1.69 10.92 -5.24
N ILE A 46 -1.22 10.80 -4.00
CA ILE A 46 -0.49 9.63 -3.56
C ILE A 46 -1.32 8.37 -3.81
N ILE A 47 -2.56 8.36 -3.32
CA ILE A 47 -3.40 7.17 -3.45
C ILE A 47 -3.75 6.87 -4.90
N SER A 48 -4.23 7.87 -5.64
CA SER A 48 -4.55 7.65 -7.04
C SER A 48 -3.33 7.11 -7.77
N LEU A 49 -2.13 7.59 -7.41
CA LEU A 49 -0.91 7.17 -8.08
C LEU A 49 -0.53 5.72 -7.77
N ILE A 50 -0.64 5.25 -6.52
CA ILE A 50 -0.28 3.87 -6.24
C ILE A 50 -1.32 2.88 -6.79
N ILE A 51 -2.61 3.23 -6.72
CA ILE A 51 -3.66 2.37 -7.25
C ILE A 51 -3.46 2.24 -8.76
N ASP A 52 -3.31 3.39 -9.42
CA ASP A 52 -3.06 3.44 -10.85
C ASP A 52 -1.79 2.69 -11.22
N TYR A 53 -0.73 2.84 -10.41
CA TYR A 53 0.51 2.11 -10.62
C TYR A 53 0.23 0.61 -10.65
N SER A 54 -0.67 0.14 -9.77
CA SER A 54 -1.01 -1.27 -9.73
C SER A 54 -1.77 -1.72 -10.97
N ARG A 55 -2.86 -1.04 -11.33
CA ARG A 55 -3.72 -1.48 -12.41
C ARG A 55 -3.05 -1.37 -13.78
N LEU A 56 -2.04 -0.50 -13.92
CA LEU A 56 -1.31 -0.35 -15.17
C LEU A 56 -0.22 -1.41 -15.37
N CYS A 57 0.15 -2.14 -14.32
CA CYS A 57 1.31 -3.02 -14.37
C CYS A 57 0.99 -4.47 -13.94
N PRO A 58 1.84 -5.42 -14.37
CA PRO A 58 1.66 -6.85 -14.14
C PRO A 58 1.99 -7.32 -12.71
N ASP A 59 2.11 -8.64 -12.55
CA ASP A 59 2.27 -9.41 -11.32
C ASP A 59 3.18 -8.75 -10.27
N SER A 60 4.43 -8.46 -10.63
CA SER A 60 5.40 -7.93 -9.68
C SER A 60 4.90 -6.62 -9.08
N HIS A 61 4.13 -5.86 -9.87
CA HIS A 61 3.62 -4.58 -9.46
C HIS A 61 2.35 -4.74 -8.62
N LYS A 62 1.62 -5.85 -8.76
CA LYS A 62 0.50 -6.15 -7.87
C LYS A 62 1.03 -6.44 -6.48
N LEU A 63 2.10 -7.24 -6.38
CA LEU A 63 2.67 -7.54 -5.08
C LEU A 63 3.29 -6.28 -4.48
N GLY A 64 4.05 -5.54 -5.27
CA GLY A 64 4.66 -4.29 -4.82
C GLY A 64 3.58 -3.31 -4.40
N SER A 65 2.50 -3.21 -5.18
CA SER A 65 1.38 -2.34 -4.85
C SER A 65 0.84 -2.68 -3.48
N LEU A 66 0.56 -3.97 -3.22
CA LEU A 66 0.04 -4.36 -1.92
C LEU A 66 1.00 -3.97 -0.79
N TYR A 67 2.31 -4.13 -0.98
CA TYR A 67 3.26 -3.75 0.08
C TYR A 67 3.30 -2.22 0.27
N ILE A 68 3.05 -1.45 -0.78
CA ILE A 68 3.04 0.02 -0.70
C ILE A 68 1.72 0.51 -0.09
N ILE A 69 0.60 -0.12 -0.46
CA ILE A 69 -0.70 0.18 0.10
C ILE A 69 -0.70 -0.18 1.58
N ASP A 70 0.01 -1.27 1.91
CA ASP A 70 0.22 -1.75 3.26
C ASP A 70 1.02 -0.73 4.07
N SER A 71 2.17 -0.29 3.57
CA SER A 71 2.99 0.60 4.36
C SER A 71 2.33 1.95 4.57
N ILE A 72 1.89 2.60 3.49
CA ILE A 72 1.26 3.90 3.59
C ILE A 72 -0.10 3.79 4.28
N GLY A 73 -0.81 2.67 4.07
CA GLY A 73 -2.12 2.47 4.69
C GLY A 73 -2.02 2.36 6.20
N ARG A 74 -1.11 1.52 6.70
CA ARG A 74 -0.90 1.34 8.14
C ARG A 74 -0.30 2.59 8.75
N ALA A 75 0.60 3.27 8.02
CA ALA A 75 1.22 4.49 8.52
C ALA A 75 0.18 5.62 8.62
N TYR A 76 -0.71 5.73 7.61
CA TYR A 76 -1.80 6.69 7.64
C TYR A 76 -2.75 6.37 8.77
N LEU A 77 -3.12 5.09 8.90
CA LEU A 77 -4.08 4.66 9.91
C LEU A 77 -3.58 5.02 11.31
N ASP A 78 -2.30 4.76 11.57
CA ASP A 78 -1.71 5.10 12.86
C ASP A 78 -1.66 6.61 13.04
N GLU A 79 -1.26 7.34 11.99
CA GLU A 79 -1.10 8.78 12.08
C GLU A 79 -2.44 9.48 12.28
N THR A 80 -3.55 8.89 11.80
CA THR A 80 -4.86 9.53 11.94
C THR A 80 -5.61 9.07 13.19
N ARG A 81 -5.32 7.88 13.73
CA ARG A 81 -5.97 7.44 14.97
C ARG A 81 -5.18 7.83 16.22
N SER A 82 -3.85 7.85 16.13
CA SER A 82 -3.00 8.14 17.28
C SER A 82 -2.69 9.62 17.42
N ASN A 83 -3.02 10.44 16.42
CA ASN A 83 -2.76 11.86 16.43
C ASN A 83 -3.93 12.63 15.80
N SER A 84 -4.05 13.92 16.14
CA SER A 84 -5.13 14.77 15.65
C SER A 84 -4.82 15.28 14.25
N ASN A 85 -5.84 15.80 13.56
CA ASN A 85 -5.71 16.34 12.22
C ASN A 85 -6.63 17.57 12.07
N SER A 86 -6.37 18.38 11.04
CA SER A 86 -7.15 19.58 10.77
C SER A 86 -8.47 19.24 10.07
N SER A 87 -9.36 20.23 9.98
CA SER A 87 -10.65 20.07 9.32
C SER A 87 -10.96 21.29 8.45
N SER A 88 -11.79 21.10 7.42
CA SER A 88 -12.15 22.12 6.45
C SER A 88 -10.93 22.69 5.71
N ASN A 89 -11.19 23.58 4.74
CA ASN A 89 -10.15 24.21 3.92
C ASN A 89 -9.25 23.20 3.21
N LYS A 90 -9.67 21.93 3.13
CA LYS A 90 -8.93 20.86 2.47
C LYS A 90 -9.91 19.88 1.82
N PRO A 91 -9.50 19.22 0.73
CA PRO A 91 -10.31 18.23 0.05
C PRO A 91 -10.30 16.90 0.82
N GLY A 92 -9.38 16.76 1.76
CA GLY A 92 -9.23 15.57 2.59
C GLY A 92 -7.76 15.35 2.95
N THR A 93 -7.47 14.24 3.64
CA THR A 93 -6.10 13.87 3.98
C THR A 93 -5.98 12.35 4.14
N CYS A 94 -4.99 11.86 4.87
CA CYS A 94 -4.72 10.44 5.04
C CYS A 94 -5.96 9.61 5.41
N ALA A 95 -6.91 10.18 6.15
CA ALA A 95 -8.14 9.47 6.45
C ALA A 95 -8.93 9.19 5.17
N HIS A 96 -9.06 10.22 4.32
CA HIS A 96 -9.74 10.12 3.03
C HIS A 96 -8.97 9.22 2.09
N ALA A 97 -7.64 9.17 2.24
CA ALA A 97 -6.78 8.31 1.45
C ALA A 97 -7.07 6.84 1.73
N ILE A 98 -7.18 6.47 3.01
CA ILE A 98 -7.54 5.11 3.37
C ILE A 98 -8.95 4.81 2.85
N ASN A 99 -9.86 5.77 3.00
CA ASN A 99 -11.23 5.60 2.52
C ASN A 99 -11.26 5.41 1.01
N THR A 100 -10.35 6.06 0.28
CA THR A 100 -10.28 5.94 -1.18
C THR A 100 -9.73 4.59 -1.59
N LEU A 101 -8.69 4.09 -0.92
CA LEU A 101 -8.21 2.73 -1.20
C LEU A 101 -9.34 1.74 -0.92
N GLY A 102 -10.20 2.06 0.05
CA GLY A 102 -11.34 1.23 0.41
C GLY A 102 -12.31 0.96 -0.75
N GLU A 103 -12.22 1.70 -1.86
CA GLU A 103 -13.11 1.48 -2.99
C GLU A 103 -12.45 0.68 -4.11
N VAL A 104 -11.15 0.41 -3.98
CA VAL A 104 -10.38 -0.32 -4.99
C VAL A 104 -9.74 -1.58 -4.41
N ILE A 105 -9.60 -1.66 -3.09
CA ILE A 105 -8.98 -2.80 -2.43
C ILE A 105 -9.60 -4.13 -2.87
N GLN A 106 -10.87 -4.10 -3.28
CA GLN A 106 -11.57 -5.28 -3.76
C GLN A 106 -10.87 -5.89 -4.98
N GLU A 107 -10.69 -5.10 -6.04
CA GLU A 107 -10.10 -5.58 -7.27
C GLU A 107 -8.58 -5.73 -7.14
N LEU A 108 -7.95 -4.87 -6.35
CA LEU A 108 -6.51 -4.92 -6.14
C LEU A 108 -6.15 -6.25 -5.49
N LEU A 109 -6.84 -6.62 -4.41
CA LEU A 109 -6.61 -7.90 -3.76
C LEU A 109 -7.00 -9.03 -4.69
N SER A 110 -8.25 -9.10 -5.16
CA SER A 110 -8.67 -10.25 -5.93
C SER A 110 -7.70 -10.57 -7.07
N ASP A 111 -7.22 -9.56 -7.81
CA ASP A 111 -6.24 -9.81 -8.86
C ASP A 111 -4.91 -10.24 -8.26
N ALA A 112 -4.37 -9.45 -7.32
CA ALA A 112 -3.08 -9.71 -6.69
C ALA A 112 -2.98 -11.09 -6.05
N ILE A 113 -4.06 -11.64 -5.50
CA ILE A 113 -3.97 -13.00 -4.98
C ILE A 113 -4.25 -14.05 -6.05
N ALA A 114 -5.17 -13.78 -6.98
CA ALA A 114 -5.47 -14.76 -8.01
C ALA A 114 -4.30 -14.89 -8.99
N LYS A 115 -3.50 -13.82 -9.12
CA LYS A 115 -2.31 -13.80 -9.98
C LYS A 115 -1.14 -14.48 -9.28
N SER A 116 -1.21 -14.60 -7.94
CA SER A 116 -0.11 -15.05 -7.10
C SER A 116 0.11 -16.57 -7.14
N ASN A 117 1.32 -16.96 -6.76
CA ASN A 117 1.71 -18.34 -6.51
C ASN A 117 1.45 -18.65 -5.03
N GLN A 118 1.67 -19.89 -4.59
CA GLN A 118 1.39 -20.28 -3.21
C GLN A 118 2.16 -19.41 -2.22
N ASP A 119 3.42 -19.07 -2.50
CA ASP A 119 4.22 -18.26 -1.59
C ASP A 119 3.70 -16.82 -1.58
N HIS A 120 3.24 -16.32 -2.72
CA HIS A 120 2.77 -14.95 -2.80
C HIS A 120 1.38 -14.82 -2.18
N LYS A 121 0.46 -15.76 -2.42
CA LYS A 121 -0.84 -15.69 -1.76
C LYS A 121 -0.66 -15.86 -0.26
N GLU A 122 0.32 -16.67 0.17
CA GLU A 122 0.56 -16.84 1.58
C GLU A 122 1.00 -15.51 2.20
N LYS A 123 1.93 -14.80 1.55
CA LYS A 123 2.35 -13.50 2.04
C LYS A 123 1.21 -12.48 2.02
N ILE A 124 0.36 -12.54 0.98
CA ILE A 124 -0.78 -11.63 0.88
C ILE A 124 -1.80 -11.96 1.97
N ARG A 125 -1.96 -13.24 2.31
CA ARG A 125 -2.85 -13.66 3.37
C ARG A 125 -2.35 -13.14 4.72
N MET A 126 -1.03 -13.19 4.93
CA MET A 126 -0.44 -12.64 6.14
C MET A 126 -0.69 -11.13 6.22
N LEU A 127 -0.53 -10.44 5.08
CA LEU A 127 -0.78 -9.01 4.99
C LEU A 127 -2.23 -8.71 5.40
N LEU A 128 -3.18 -9.50 4.91
CA LEU A 128 -4.59 -9.30 5.21
C LEU A 128 -4.92 -9.68 6.65
N ASP A 129 -4.24 -10.66 7.23
CA ASP A 129 -4.46 -11.02 8.63
C ASP A 129 -4.06 -9.85 9.51
N ILE A 130 -2.91 -9.22 9.21
CA ILE A 130 -2.46 -8.06 9.95
C ILE A 130 -3.42 -6.89 9.71
N TRP A 131 -3.89 -6.74 8.46
CA TRP A 131 -4.82 -5.68 8.11
C TRP A 131 -6.14 -5.84 8.87
N ASP A 132 -6.51 -7.08 9.19
CA ASP A 132 -7.68 -7.34 10.01
C ASP A 132 -7.38 -6.96 11.47
N ARG A 133 -6.20 -7.31 11.95
CA ARG A 133 -5.79 -6.95 13.31
C ARG A 133 -5.53 -5.45 13.47
N SER A 134 -5.37 -4.71 12.37
CA SER A 134 -5.22 -3.26 12.41
C SER A 134 -6.46 -2.58 12.99
N GLY A 135 -7.59 -3.29 13.08
CA GLY A 135 -8.81 -2.76 13.67
C GLY A 135 -9.54 -1.78 12.76
N LEU A 136 -9.14 -1.68 11.49
CA LEU A 136 -9.79 -0.79 10.53
C LEU A 136 -11.21 -1.28 10.22
N PHE A 137 -11.46 -2.57 10.49
CA PHE A 137 -12.76 -3.19 10.28
C PHE A 137 -13.00 -4.22 11.37
N GLN A 138 -14.22 -4.75 11.47
CA GLN A 138 -14.53 -5.81 12.41
C GLN A 138 -13.81 -7.09 12.00
N LYS A 139 -13.70 -8.05 12.92
CA LYS A 139 -13.01 -9.30 12.64
C LYS A 139 -13.69 -10.07 11.51
N SER A 140 -12.89 -10.63 10.61
CA SER A 140 -13.36 -11.42 9.47
C SER A 140 -14.36 -10.65 8.61
N TYR A 141 -14.36 -9.32 8.68
CA TYR A 141 -15.29 -8.49 7.91
C TYR A 141 -14.77 -8.19 6.51
N LEU A 142 -13.51 -8.57 6.22
CA LEU A 142 -12.92 -8.33 4.92
C LEU A 142 -13.61 -9.19 3.86
N ASN A 143 -13.87 -8.61 2.69
CA ASN A 143 -14.57 -9.31 1.61
C ASN A 143 -13.86 -9.12 0.28
N ALA A 144 -12.97 -8.12 0.18
CA ALA A 144 -12.26 -7.72 -1.04
C ALA A 144 -11.79 -8.91 -1.89
N ILE A 145 -11.28 -9.96 -1.25
CA ILE A 145 -10.88 -11.19 -1.93
C ILE A 145 -12.08 -11.96 -2.50
N ARG A 146 -13.21 -11.29 -2.73
CA ARG A 146 -14.49 -11.89 -3.08
C ARG A 146 -14.85 -13.00 -2.08
N SER A 147 -14.30 -12.91 -0.87
CA SER A 147 -14.40 -13.99 0.13
C SER A 147 -14.01 -15.35 -0.46
N LYS A 148 -13.21 -15.35 -1.53
CA LYS A 148 -12.88 -16.55 -2.28
C LYS A 148 -11.52 -17.14 -1.88
N CYS A 149 -11.24 -18.36 -2.38
CA CYS A 149 -10.03 -19.12 -2.08
C CYS A 149 -8.76 -18.33 -2.39
N PHE A 150 -8.88 -17.21 -3.13
CA PHE A 150 -7.79 -16.29 -3.44
C PHE A 150 -6.78 -16.28 -2.30
N ALA A 151 -7.21 -15.78 -1.14
CA ALA A 151 -6.45 -15.95 0.09
C ALA A 151 -7.20 -16.85 1.08
N MET A 152 -8.49 -17.15 0.85
CA MET A 152 -9.23 -18.02 1.75
C MET A 152 -8.81 -19.49 1.60
N ASP A 153 -7.86 -19.79 0.71
CA ASP A 153 -7.31 -21.12 0.53
C ASP A 153 -6.76 -21.70 1.84
N LEU A 154 -6.44 -20.84 2.82
CA LEU A 154 -5.93 -21.26 4.11
C LEU A 154 -6.70 -20.54 5.23
N TYR B 1 10.04 -16.54 -2.14
CA TYR B 1 10.52 -15.25 -1.62
C TYR B 1 11.33 -14.49 -2.68
N SER B 2 11.60 -13.21 -2.42
CA SER B 2 12.35 -12.36 -3.33
C SER B 2 13.10 -11.28 -2.54
N PRO B 3 14.04 -10.57 -3.17
CA PRO B 3 14.80 -9.49 -2.54
C PRO B 3 13.90 -8.42 -1.91
N THR B 4 14.39 -7.79 -0.84
CA THR B 4 13.63 -6.78 -0.10
C THR B 4 14.52 -5.61 0.32
N SEP B 5 15.67 -5.42 -0.35
CA SEP B 5 16.67 -4.42 0.01
CB SEP B 5 17.60 -4.23 -1.20
OG SEP B 5 16.87 -3.74 -2.30
C SEP B 5 16.06 -3.07 0.40
O SEP B 5 15.36 -2.46 -0.40
P SEP B 5 17.57 -3.48 -3.73
O1P SEP B 5 17.88 -4.84 -4.24
O2P SEP B 5 16.54 -2.75 -4.50
O3P SEP B 5 18.76 -2.66 -3.39
H SEP B 5 15.86 -5.99 -1.16
HA SEP B 5 17.26 -4.81 0.84
HB2 SEP B 5 18.40 -3.53 -0.93
HB3 SEP B 5 18.05 -5.20 -1.45
N PRO B 6 16.31 -2.56 1.63
CA PRO B 6 17.03 -3.18 2.73
C PRO B 6 16.24 -4.36 3.30
N SER B 7 15.07 -4.07 3.88
CA SER B 7 14.14 -5.07 4.39
C SER B 7 12.82 -4.38 4.72
N TYR B 8 11.68 -5.06 4.53
CA TYR B 8 10.39 -4.53 4.92
C TYR B 8 9.36 -5.65 5.10
N SER B 9 8.55 -5.54 6.16
CA SER B 9 7.53 -6.51 6.51
C SER B 9 6.23 -5.80 6.89
N PRO B 10 5.07 -6.40 6.55
CA PRO B 10 3.77 -5.84 6.87
C PRO B 10 3.53 -5.87 8.39
N THR B 11 4.50 -6.37 9.15
CA THR B 11 4.39 -6.43 10.61
C THR B 11 4.51 -5.03 11.21
N SEP B 12 5.25 -4.12 10.56
CA SEP B 12 5.40 -2.76 11.05
CB SEP B 12 6.46 -2.74 12.17
OG SEP B 12 7.66 -3.33 11.71
C SEP B 12 5.80 -1.79 9.93
O SEP B 12 6.78 -2.04 9.22
P SEP B 12 8.88 -3.63 12.73
O1P SEP B 12 9.93 -4.16 11.83
O2P SEP B 12 9.18 -2.31 13.32
O3P SEP B 12 8.31 -4.62 13.67
H SEP B 12 5.73 -4.38 9.70
HA SEP B 12 4.45 -2.43 11.47
HB2 SEP B 12 6.63 -1.71 12.48
HB3 SEP B 12 6.07 -3.32 13.00
N PRO B 13 5.05 -0.70 9.72
CA PRO B 13 5.36 0.31 8.72
C PRO B 13 6.55 1.18 9.11
N SER B 14 6.88 1.25 10.40
CA SER B 14 7.95 2.09 10.89
C SER B 14 8.51 1.55 12.21
N MET A 1 24.14 15.53 -13.85
CA MET A 1 23.73 16.78 -14.52
C MET A 1 22.92 17.67 -13.59
N GLN A 2 21.73 17.20 -13.17
CA GLN A 2 20.86 17.93 -12.26
C GLN A 2 20.28 16.97 -11.22
N GLN A 3 19.74 17.53 -10.13
CA GLN A 3 19.15 16.73 -9.06
C GLN A 3 17.97 17.49 -8.42
N ASP A 4 16.99 16.73 -7.95
CA ASP A 4 15.83 17.27 -7.24
C ASP A 4 15.35 16.23 -6.22
N ASP A 5 14.64 16.66 -5.17
CA ASP A 5 14.19 15.77 -4.12
C ASP A 5 12.74 16.07 -3.69
N ASP A 6 11.95 16.68 -4.59
CA ASP A 6 10.54 16.93 -4.35
C ASP A 6 9.75 15.65 -4.64
N PHE A 7 8.48 15.76 -5.03
CA PHE A 7 7.65 14.62 -5.39
C PHE A 7 8.31 13.77 -6.49
N GLN A 8 9.32 14.33 -7.14
CA GLN A 8 10.09 13.65 -8.17
C GLN A 8 10.65 12.33 -7.64
N ASN A 9 11.14 12.30 -6.41
CA ASN A 9 11.69 11.07 -5.85
C ASN A 9 10.60 10.00 -5.73
N PHE A 10 9.39 10.37 -5.33
CA PHE A 10 8.31 9.42 -5.22
C PHE A 10 7.97 8.84 -6.58
N VAL A 11 7.67 9.72 -7.55
CA VAL A 11 7.29 9.29 -8.88
C VAL A 11 8.43 8.49 -9.51
N ALA A 12 9.63 9.08 -9.56
CA ALA A 12 10.79 8.44 -10.16
C ALA A 12 11.11 7.11 -9.51
N THR A 13 10.86 6.94 -8.20
CA THR A 13 11.10 5.64 -7.58
C THR A 13 10.08 4.62 -8.06
N LEU A 14 8.79 4.99 -8.11
CA LEU A 14 7.77 4.06 -8.54
C LEU A 14 7.99 3.71 -10.02
N GLU A 15 8.49 4.68 -10.79
CA GLU A 15 8.79 4.51 -12.21
C GLU A 15 9.94 3.52 -12.39
N SER A 16 11.01 3.68 -11.59
CA SER A 16 12.10 2.73 -11.60
C SER A 16 11.60 1.36 -11.14
N PHE A 17 10.58 1.33 -10.28
CA PHE A 17 9.97 0.09 -9.82
C PHE A 17 9.17 -0.55 -10.95
N LYS A 18 8.63 0.27 -11.86
CA LYS A 18 7.90 -0.20 -13.03
C LYS A 18 8.85 -0.70 -14.12
N ASP A 19 9.92 0.05 -14.37
CA ASP A 19 10.83 -0.23 -15.47
C ASP A 19 11.77 -1.40 -15.18
N LEU A 20 12.06 -1.67 -13.89
CA LEU A 20 12.98 -2.74 -13.50
C LEU A 20 12.48 -3.43 -12.24
N LYS A 21 12.97 -4.65 -11.99
CA LYS A 21 12.62 -5.43 -10.81
C LYS A 21 13.79 -5.40 -9.83
N SER A 22 13.50 -5.67 -8.55
CA SER A 22 14.50 -5.66 -7.49
C SER A 22 14.22 -6.69 -6.41
N GLY A 23 13.27 -7.61 -6.66
CA GLY A 23 12.88 -8.58 -5.65
C GLY A 23 12.05 -7.91 -4.55
N ILE A 24 11.32 -6.86 -4.92
CA ILE A 24 10.54 -6.04 -3.98
C ILE A 24 11.46 -5.43 -2.93
N SER A 25 12.63 -4.93 -3.35
CA SER A 25 13.62 -4.36 -2.46
C SER A 25 13.02 -3.20 -1.65
N GLY A 26 13.32 -3.18 -0.35
CA GLY A 26 12.70 -2.24 0.58
C GLY A 26 13.07 -0.78 0.33
N SER A 27 14.21 -0.51 -0.32
CA SER A 27 14.65 0.87 -0.49
C SER A 27 13.68 1.66 -1.36
N ARG A 28 13.07 1.02 -2.36
CA ARG A 28 12.09 1.68 -3.21
C ARG A 28 10.87 2.04 -2.37
N ILE A 29 10.42 1.09 -1.54
CA ILE A 29 9.28 1.32 -0.66
C ILE A 29 9.60 2.45 0.30
N LYS A 30 10.85 2.50 0.82
CA LYS A 30 11.26 3.54 1.75
C LYS A 30 11.23 4.91 1.10
N LYS A 31 11.62 5.03 -0.18
CA LYS A 31 11.52 6.30 -0.88
C LYS A 31 10.05 6.70 -1.01
N LEU A 32 9.21 5.77 -1.44
CA LEU A 32 7.80 6.06 -1.63
C LEU A 32 7.15 6.51 -0.31
N THR A 33 7.23 5.68 0.73
CA THR A 33 6.64 6.00 2.02
C THR A 33 7.19 7.30 2.60
N THR A 34 8.51 7.49 2.61
CA THR A 34 9.08 8.67 3.23
C THR A 34 8.63 9.94 2.51
N TYR A 35 8.61 9.95 1.18
CA TYR A 35 8.22 11.14 0.46
C TYR A 35 6.70 11.40 0.48
N ALA A 36 5.88 10.36 0.71
CA ALA A 36 4.48 10.59 1.00
C ALA A 36 4.36 11.27 2.37
N LEU A 37 4.95 10.64 3.39
CA LEU A 37 4.86 11.09 4.78
C LEU A 37 5.64 12.38 5.04
N ASP A 38 6.54 12.77 4.13
CA ASP A 38 7.36 13.97 4.28
C ASP A 38 6.55 15.25 4.48
N HIS A 39 5.34 15.33 3.93
CA HIS A 39 4.57 16.57 4.03
C HIS A 39 3.06 16.37 4.01
N ILE A 40 2.57 15.27 3.45
CA ILE A 40 1.15 14.97 3.35
C ILE A 40 0.35 16.19 2.90
N ASP A 41 0.48 16.49 1.60
CA ASP A 41 -0.21 17.60 0.95
C ASP A 41 -0.73 17.14 -0.42
N ILE A 42 -0.63 15.84 -0.68
CA ILE A 42 -1.03 15.20 -1.92
C ILE A 42 -1.64 13.84 -1.58
N GLU A 43 -2.96 13.71 -1.76
CA GLU A 43 -3.66 12.49 -1.41
C GLU A 43 -4.06 11.64 -2.63
N SER A 44 -4.98 12.15 -3.45
CA SER A 44 -5.55 11.40 -4.56
C SER A 44 -4.52 11.16 -5.66
N LYS A 45 -3.49 12.01 -5.72
CA LYS A 45 -2.40 11.89 -6.68
C LYS A 45 -1.50 10.71 -6.30
N ILE A 46 -1.00 10.71 -5.07
CA ILE A 46 -0.21 9.60 -4.54
C ILE A 46 -1.00 8.31 -4.62
N ILE A 47 -2.27 8.33 -4.21
CA ILE A 47 -3.10 7.13 -4.18
C ILE A 47 -3.44 6.65 -5.58
N SER A 48 -3.89 7.52 -6.49
CA SER A 48 -4.21 7.06 -7.83
C SER A 48 -2.95 6.53 -8.52
N LEU A 49 -1.78 7.08 -8.17
CA LEU A 49 -0.53 6.66 -8.76
C LEU A 49 -0.14 5.25 -8.30
N ILE A 50 -0.25 4.93 -7.00
CA ILE A 50 0.11 3.59 -6.55
C ILE A 50 -0.94 2.54 -6.97
N ILE A 51 -2.22 2.92 -6.95
CA ILE A 51 -3.29 2.01 -7.36
C ILE A 51 -3.08 1.64 -8.83
N ASP A 52 -2.95 2.67 -9.68
CA ASP A 52 -2.73 2.48 -11.09
C ASP A 52 -1.40 1.77 -11.36
N TYR A 53 -0.40 1.99 -10.50
CA TYR A 53 0.86 1.27 -10.62
C TYR A 53 0.61 -0.23 -10.47
N SER A 54 -0.25 -0.64 -9.53
CA SER A 54 -0.61 -2.04 -9.40
C SER A 54 -1.45 -2.50 -10.58
N ARG A 55 -2.32 -1.62 -11.07
CA ARG A 55 -3.28 -1.91 -12.13
C ARG A 55 -2.64 -2.23 -13.48
N LEU A 56 -1.61 -1.48 -13.87
CA LEU A 56 -1.04 -1.60 -15.21
C LEU A 56 0.19 -2.51 -15.27
N CYS A 57 0.77 -2.83 -14.13
CA CYS A 57 2.06 -3.52 -14.09
C CYS A 57 1.95 -5.03 -13.80
N PRO A 58 3.01 -5.78 -14.10
CA PRO A 58 3.12 -7.23 -13.90
C PRO A 58 2.85 -7.70 -12.46
N ASP A 59 2.89 -9.02 -12.28
CA ASP A 59 2.58 -9.69 -11.02
C ASP A 59 3.44 -9.20 -9.86
N SER A 60 4.76 -9.10 -10.07
CA SER A 60 5.66 -8.65 -9.01
C SER A 60 5.29 -7.24 -8.56
N HIS A 61 4.68 -6.48 -9.45
CA HIS A 61 4.28 -5.11 -9.16
C HIS A 61 2.94 -5.09 -8.42
N LYS A 62 2.11 -6.14 -8.54
CA LYS A 62 0.88 -6.22 -7.78
C LYS A 62 1.21 -6.55 -6.33
N LEU A 63 2.11 -7.52 -6.11
CA LEU A 63 2.53 -7.85 -4.76
C LEU A 63 3.29 -6.68 -4.15
N GLY A 64 4.27 -6.16 -4.90
CA GLY A 64 5.06 -5.03 -4.45
C GLY A 64 4.19 -3.82 -4.14
N SER A 65 3.19 -3.56 -4.99
CA SER A 65 2.31 -2.43 -4.74
C SER A 65 1.47 -2.67 -3.50
N LEU A 66 1.01 -3.90 -3.24
CA LEU A 66 0.29 -4.15 -2.01
C LEU A 66 1.16 -3.85 -0.79
N TYR A 67 2.47 -4.12 -0.86
CA TYR A 67 3.35 -3.76 0.26
C TYR A 67 3.57 -2.24 0.33
N ILE A 68 3.61 -1.54 -0.81
CA ILE A 68 3.72 -0.08 -0.82
C ILE A 68 2.46 0.54 -0.23
N ILE A 69 1.30 0.07 -0.71
CA ILE A 69 -0.02 0.52 -0.26
C ILE A 69 -0.17 0.21 1.22
N ASP A 70 0.37 -0.92 1.68
CA ASP A 70 0.32 -1.28 3.08
C ASP A 70 1.15 -0.30 3.91
N SER A 71 2.37 0.04 3.48
CA SER A 71 3.20 0.94 4.26
C SER A 71 2.57 2.31 4.38
N ILE A 72 2.24 2.94 3.24
CA ILE A 72 1.62 4.25 3.23
C ILE A 72 0.26 4.18 3.92
N GLY A 73 -0.43 3.05 3.77
CA GLY A 73 -1.75 2.84 4.34
C GLY A 73 -1.72 2.79 5.87
N ARG A 74 -0.87 1.96 6.45
CA ARG A 74 -0.80 1.81 7.90
C ARG A 74 -0.19 3.07 8.53
N ALA A 75 0.72 3.73 7.81
CA ALA A 75 1.31 4.97 8.28
C ALA A 75 0.25 6.08 8.29
N TYR A 76 -0.54 6.21 7.21
CA TYR A 76 -1.62 7.17 7.15
C TYR A 76 -2.65 6.87 8.22
N LEU A 77 -3.03 5.59 8.34
CA LEU A 77 -4.05 5.16 9.30
C LEU A 77 -3.66 5.56 10.70
N ASP A 78 -2.39 5.33 11.10
CA ASP A 78 -1.96 5.71 12.43
C ASP A 78 -1.97 7.23 12.59
N GLU A 79 -1.37 7.94 11.63
CA GLU A 79 -1.23 9.38 11.71
C GLU A 79 -2.58 10.10 11.78
N THR A 80 -3.64 9.52 11.20
CA THR A 80 -4.96 10.16 11.24
C THR A 80 -5.85 9.62 12.35
N ARG A 81 -5.65 8.40 12.83
CA ARG A 81 -6.46 7.87 13.93
C ARG A 81 -5.97 8.41 15.27
N SER A 82 -4.71 8.80 15.37
CA SER A 82 -4.16 9.41 16.57
C SER A 82 -4.75 10.81 16.82
N ASN A 83 -5.42 11.39 15.82
CA ASN A 83 -6.02 12.70 15.94
C ASN A 83 -7.36 12.63 16.67
N SER A 84 -7.74 13.73 17.32
CA SER A 84 -8.99 13.83 18.08
C SER A 84 -9.64 15.19 17.85
N ASN A 85 -9.32 15.83 16.72
CA ASN A 85 -9.79 17.16 16.37
C ASN A 85 -10.34 17.18 14.94
N SER A 86 -10.71 18.36 14.46
CA SER A 86 -11.31 18.52 13.14
C SER A 86 -10.31 18.31 12.01
N SER A 87 -9.03 18.06 12.32
CA SER A 87 -8.01 17.84 11.31
C SER A 87 -8.09 16.42 10.73
N SER A 88 -9.04 15.61 11.19
CA SER A 88 -9.28 14.27 10.70
C SER A 88 -10.76 14.06 10.39
N ASN A 89 -11.50 15.16 10.23
CA ASN A 89 -12.94 15.15 9.94
C ASN A 89 -13.24 16.01 8.71
N LYS A 90 -12.24 16.17 7.84
CA LYS A 90 -12.34 16.98 6.64
C LYS A 90 -11.87 16.18 5.42
N PRO A 91 -12.32 16.53 4.22
CA PRO A 91 -11.91 15.87 2.98
C PRO A 91 -10.45 16.19 2.66
N GLY A 92 -9.88 15.43 1.72
CA GLY A 92 -8.49 15.59 1.31
C GLY A 92 -7.54 14.86 2.27
N THR A 93 -6.24 14.92 1.93
CA THR A 93 -5.14 14.33 2.68
C THR A 93 -5.29 12.83 2.96
N CYS A 94 -4.42 12.31 3.82
CA CYS A 94 -4.32 10.88 4.12
C CYS A 94 -5.65 10.23 4.47
N ALA A 95 -6.58 10.96 5.10
CA ALA A 95 -7.90 10.42 5.39
C ALA A 95 -8.62 10.08 4.09
N HIS A 96 -8.61 11.01 3.14
CA HIS A 96 -9.24 10.83 1.84
C HIS A 96 -8.51 9.77 1.04
N ALA A 97 -7.21 9.67 1.27
CA ALA A 97 -6.35 8.73 0.58
C ALA A 97 -6.73 7.30 0.94
N ILE A 98 -6.93 7.03 2.24
CA ILE A 98 -7.41 5.73 2.68
C ILE A 98 -8.81 5.50 2.14
N ASN A 99 -9.66 6.53 2.20
CA ASN A 99 -11.02 6.43 1.70
C ASN A 99 -11.03 6.10 0.20
N THR A 100 -10.04 6.58 -0.54
CA THR A 100 -9.93 6.30 -1.98
C THR A 100 -9.44 4.89 -2.24
N LEU A 101 -8.44 4.40 -1.48
CA LEU A 101 -8.03 3.00 -1.63
C LEU A 101 -9.21 2.10 -1.28
N GLY A 102 -10.10 2.55 -0.40
CA GLY A 102 -11.28 1.82 0.01
C GLY A 102 -12.23 1.49 -1.15
N GLU A 103 -12.07 2.13 -2.31
CA GLU A 103 -12.93 1.88 -3.46
C GLU A 103 -12.27 0.97 -4.50
N VAL A 104 -11.01 0.60 -4.28
CA VAL A 104 -10.25 -0.22 -5.22
C VAL A 104 -9.65 -1.47 -4.56
N ILE A 105 -9.55 -1.49 -3.23
CA ILE A 105 -8.97 -2.61 -2.50
C ILE A 105 -9.54 -3.95 -2.93
N GLN A 106 -10.81 -3.98 -3.37
CA GLN A 106 -11.42 -5.22 -3.84
C GLN A 106 -10.71 -5.73 -5.09
N GLU A 107 -10.43 -4.84 -6.05
CA GLU A 107 -9.80 -5.19 -7.31
C GLU A 107 -8.31 -5.46 -7.09
N LEU A 108 -7.69 -4.67 -6.21
CA LEU A 108 -6.27 -4.79 -5.94
C LEU A 108 -5.97 -6.16 -5.32
N LEU A 109 -6.67 -6.51 -4.25
CA LEU A 109 -6.49 -7.82 -3.64
C LEU A 109 -6.89 -8.90 -4.62
N SER A 110 -8.14 -8.92 -5.10
CA SER A 110 -8.61 -10.01 -5.95
C SER A 110 -7.64 -10.31 -7.08
N ASP A 111 -7.12 -9.30 -7.79
CA ASP A 111 -6.18 -9.55 -8.87
C ASP A 111 -4.85 -10.05 -8.31
N ALA A 112 -4.34 -9.42 -7.25
CA ALA A 112 -3.05 -9.81 -6.69
C ALA A 112 -3.07 -11.26 -6.22
N ILE A 113 -4.11 -11.69 -5.51
CA ILE A 113 -4.16 -13.09 -5.05
C ILE A 113 -4.48 -14.06 -6.17
N ALA A 114 -5.28 -13.66 -7.17
CA ALA A 114 -5.52 -14.54 -8.29
C ALA A 114 -4.24 -14.70 -9.11
N LYS A 115 -3.39 -13.67 -9.04
CA LYS A 115 -2.06 -13.63 -9.63
C LYS A 115 -1.06 -14.41 -8.78
N SER A 116 -1.42 -14.68 -7.52
CA SER A 116 -0.52 -15.27 -6.55
C SER A 116 -0.40 -16.78 -6.62
N ASN A 117 0.75 -17.27 -6.12
CA ASN A 117 1.01 -18.67 -5.87
C ASN A 117 0.90 -18.87 -4.36
N GLN A 118 1.18 -20.06 -3.83
CA GLN A 118 1.04 -20.31 -2.39
C GLN A 118 1.87 -19.31 -1.59
N ASP A 119 3.09 -18.98 -2.03
CA ASP A 119 3.93 -18.04 -1.32
C ASP A 119 3.30 -16.65 -1.29
N HIS A 120 2.80 -16.20 -2.45
CA HIS A 120 2.24 -14.85 -2.56
C HIS A 120 0.89 -14.74 -1.87
N LYS A 121 0.03 -15.78 -1.94
CA LYS A 121 -1.24 -15.72 -1.23
C LYS A 121 -0.97 -15.72 0.27
N GLU A 122 0.08 -16.43 0.70
CA GLU A 122 0.42 -16.49 2.11
C GLU A 122 0.85 -15.11 2.59
N LYS A 123 1.65 -14.40 1.78
CA LYS A 123 2.08 -13.05 2.12
C LYS A 123 0.90 -12.08 2.14
N ILE A 124 -0.01 -12.18 1.16
CA ILE A 124 -1.17 -11.30 1.10
C ILE A 124 -2.12 -11.63 2.25
N ARG A 125 -2.23 -12.93 2.60
CA ARG A 125 -3.07 -13.36 3.70
C ARG A 125 -2.49 -12.87 5.03
N MET A 126 -1.16 -12.80 5.15
CA MET A 126 -0.51 -12.29 6.34
C MET A 126 -0.81 -10.80 6.48
N LEU A 127 -0.71 -10.06 5.37
CA LEU A 127 -1.02 -8.65 5.34
C LEU A 127 -2.46 -8.42 5.83
N LEU A 128 -3.41 -9.19 5.30
CA LEU A 128 -4.81 -9.06 5.65
C LEU A 128 -5.09 -9.61 7.05
N ASP A 129 -4.29 -10.56 7.53
CA ASP A 129 -4.43 -11.07 8.88
C ASP A 129 -4.04 -9.99 9.89
N ILE A 130 -3.04 -9.19 9.55
CA ILE A 130 -2.66 -8.05 10.38
C ILE A 130 -3.75 -6.99 10.32
N TRP A 131 -4.29 -6.72 9.13
CA TRP A 131 -5.38 -5.76 9.00
C TRP A 131 -6.61 -6.23 9.76
N ASP A 132 -6.81 -7.54 9.89
CA ASP A 132 -7.92 -8.09 10.63
C ASP A 132 -7.70 -7.98 12.14
N ARG A 133 -6.47 -8.24 12.59
CA ARG A 133 -6.12 -8.17 14.01
C ARG A 133 -5.92 -6.73 14.48
N SER A 134 -5.78 -5.77 13.56
CA SER A 134 -5.66 -4.36 13.92
C SER A 134 -6.86 -3.89 14.74
N GLY A 135 -7.98 -4.62 14.69
CA GLY A 135 -9.17 -4.30 15.45
C GLY A 135 -9.91 -3.07 14.92
N LEU A 136 -9.50 -2.56 13.74
CA LEU A 136 -10.09 -1.36 13.17
C LEU A 136 -11.60 -1.53 13.01
N PHE A 137 -12.36 -0.63 13.65
CA PHE A 137 -13.83 -0.61 13.65
C PHE A 137 -14.46 -1.94 14.05
N GLN A 138 -13.67 -2.88 14.57
CA GLN A 138 -14.12 -4.20 15.01
C GLN A 138 -15.02 -4.92 14.00
N LYS A 139 -14.84 -4.65 12.70
CA LYS A 139 -15.66 -5.28 11.66
C LYS A 139 -15.23 -6.73 11.43
N SER A 140 -13.96 -7.05 11.69
CA SER A 140 -13.40 -8.39 11.57
C SER A 140 -13.67 -9.09 10.23
N TYR A 141 -14.04 -8.33 9.19
CA TYR A 141 -14.31 -8.89 7.87
C TYR A 141 -13.97 -7.87 6.77
N LEU A 142 -13.66 -8.39 5.58
CA LEU A 142 -13.40 -7.59 4.39
C LEU A 142 -13.75 -8.43 3.16
N ASN A 143 -14.64 -7.92 2.29
CA ASN A 143 -15.12 -8.66 1.14
C ASN A 143 -14.11 -8.71 -0.01
N ALA A 144 -13.09 -7.84 0.03
CA ALA A 144 -12.14 -7.68 -1.06
C ALA A 144 -11.48 -9.02 -1.44
N ILE A 145 -11.29 -9.91 -0.47
CA ILE A 145 -10.84 -11.27 -0.75
C ILE A 145 -11.86 -12.33 -0.36
N ARG A 146 -12.68 -12.06 0.65
CA ARG A 146 -13.66 -13.04 1.14
C ARG A 146 -14.75 -13.30 0.11
N SER A 147 -14.86 -12.44 -0.91
CA SER A 147 -15.84 -12.62 -1.95
C SER A 147 -15.53 -13.83 -2.83
N LYS A 148 -14.27 -14.27 -2.93
CA LYS A 148 -13.96 -15.38 -3.84
C LYS A 148 -12.70 -16.18 -3.45
N CYS A 149 -12.44 -17.20 -4.27
CA CYS A 149 -11.32 -18.12 -4.15
C CYS A 149 -9.97 -17.38 -4.12
N PHE A 150 -9.96 -16.08 -4.39
CA PHE A 150 -8.78 -15.22 -4.34
C PHE A 150 -7.84 -15.71 -3.26
N ALA A 151 -8.25 -15.52 -2.01
CA ALA A 151 -7.62 -16.15 -0.87
C ALA A 151 -8.57 -17.14 -0.19
N MET A 152 -9.85 -17.19 -0.55
CA MET A 152 -10.73 -18.20 0.06
C MET A 152 -10.43 -19.61 -0.48
N ASP A 153 -9.74 -19.70 -1.62
CA ASP A 153 -9.36 -20.92 -2.33
C ASP A 153 -10.51 -21.91 -2.61
N LEU A 154 -11.74 -21.63 -2.15
CA LEU A 154 -12.89 -22.49 -2.37
C LEU A 154 -14.17 -21.64 -2.32
N TYR B 1 9.66 -16.96 -0.67
CA TYR B 1 10.04 -15.61 -0.22
C TYR B 1 11.51 -15.33 -0.51
N SER B 2 11.90 -14.05 -0.53
CA SER B 2 13.27 -13.63 -0.81
C SER B 2 13.60 -12.38 0.02
N PRO B 3 14.87 -12.16 0.35
CA PRO B 3 15.32 -11.03 1.15
C PRO B 3 15.20 -9.71 0.39
N THR B 4 15.18 -8.60 1.12
CA THR B 4 15.08 -7.26 0.56
C THR B 4 16.07 -6.33 1.25
N SEP B 5 16.32 -5.15 0.67
CA SEP B 5 17.30 -4.20 1.17
CB SEP B 5 18.50 -4.19 0.22
OG SEP B 5 18.04 -3.93 -1.09
C SEP B 5 16.69 -2.79 1.29
O SEP B 5 16.54 -2.10 0.28
P SEP B 5 19.03 -3.83 -2.35
O1P SEP B 5 19.56 -5.20 -2.48
O2P SEP B 5 18.14 -3.40 -3.45
O3P SEP B 5 20.02 -2.82 -1.93
H SEP B 5 15.83 -4.91 -0.18
HA SEP B 5 17.65 -4.52 2.15
HB2 SEP B 5 19.21 -3.42 0.53
HB3 SEP B 5 18.98 -5.17 0.25
N PRO B 6 16.34 -2.33 2.51
CA PRO B 6 16.37 -3.07 3.76
C PRO B 6 15.19 -4.04 3.85
N SER B 7 15.10 -4.78 4.96
CA SER B 7 13.97 -5.65 5.21
C SER B 7 12.72 -4.81 5.44
N TYR B 8 11.54 -5.35 5.13
CA TYR B 8 10.28 -4.63 5.32
C TYR B 8 9.16 -5.58 5.76
N SER B 9 8.44 -5.17 6.79
CA SER B 9 7.30 -5.92 7.32
C SER B 9 6.07 -5.03 7.42
N PRO B 10 4.88 -5.59 7.16
CA PRO B 10 3.62 -4.88 7.31
C PRO B 10 3.35 -4.53 8.78
N THR B 11 4.18 -5.01 9.71
CA THR B 11 4.03 -4.74 11.13
C THR B 11 4.84 -3.51 11.56
N SEP B 12 5.18 -2.60 10.63
CA SEP B 12 6.01 -1.45 10.94
CB SEP B 12 7.36 -1.57 10.24
OG SEP B 12 8.03 -2.75 10.65
C SEP B 12 5.37 -0.08 10.66
O SEP B 12 6.01 0.76 10.01
P SEP B 12 9.51 -3.10 10.13
O1P SEP B 12 10.32 -1.96 10.62
O2P SEP B 12 9.81 -4.39 10.79
O3P SEP B 12 9.37 -3.16 8.66
H SEP B 12 4.85 -2.72 9.69
HA SEP B 12 6.21 -1.46 12.01
HB2 SEP B 12 7.22 -1.60 9.16
HB3 SEP B 12 7.98 -0.71 10.49
N PRO B 13 4.13 0.20 11.10
CA PRO B 13 3.56 1.54 11.02
C PRO B 13 4.39 2.54 11.84
N SER B 14 4.10 3.83 11.66
CA SER B 14 4.80 4.92 12.34
C SER B 14 4.72 4.77 13.85
N MET A 1 22.91 24.05 -12.65
CA MET A 1 22.39 22.77 -12.13
C MET A 1 21.02 22.97 -11.50
N GLN A 2 20.25 21.88 -11.37
CA GLN A 2 18.93 21.91 -10.78
C GLN A 2 18.73 20.68 -9.87
N GLN A 3 17.84 20.81 -8.88
CA GLN A 3 17.53 19.74 -7.94
C GLN A 3 16.12 19.90 -7.41
N ASP A 4 15.46 18.78 -7.11
CA ASP A 4 14.14 18.76 -6.50
C ASP A 4 13.99 17.50 -5.66
N ASP A 5 13.22 17.58 -4.57
CA ASP A 5 13.00 16.47 -3.66
C ASP A 5 11.54 16.42 -3.20
N ASP A 6 10.64 16.96 -4.02
CA ASP A 6 9.21 16.95 -3.75
C ASP A 6 8.61 15.62 -4.22
N PHE A 7 7.36 15.64 -4.72
CA PHE A 7 6.69 14.45 -5.22
C PHE A 7 7.51 13.74 -6.30
N GLN A 8 8.50 14.42 -6.87
CA GLN A 8 9.38 13.84 -7.87
C GLN A 8 10.05 12.57 -7.35
N ASN A 9 10.53 12.59 -6.11
CA ASN A 9 11.18 11.40 -5.54
C ASN A 9 10.19 10.25 -5.44
N PHE A 10 8.93 10.53 -5.12
CA PHE A 10 7.92 9.50 -5.00
C PHE A 10 7.66 8.86 -6.36
N VAL A 11 7.32 9.68 -7.35
CA VAL A 11 7.04 9.19 -8.70
C VAL A 11 8.26 8.47 -9.26
N ALA A 12 9.41 9.16 -9.25
CA ALA A 12 10.65 8.64 -9.78
C ALA A 12 11.07 7.33 -9.11
N THR A 13 10.76 7.15 -7.82
CA THR A 13 11.07 5.89 -7.16
C THR A 13 10.12 4.79 -7.63
N LEU A 14 8.82 5.11 -7.77
CA LEU A 14 7.85 4.14 -8.21
C LEU A 14 8.13 3.73 -9.67
N GLU A 15 8.68 4.66 -10.44
CA GLU A 15 9.09 4.44 -11.82
C GLU A 15 10.34 3.58 -11.86
N SER A 16 11.27 3.84 -10.94
CA SER A 16 12.46 3.01 -10.77
C SER A 16 12.03 1.60 -10.38
N PHE A 17 10.91 1.48 -9.67
CA PHE A 17 10.33 0.20 -9.32
C PHE A 17 9.73 -0.47 -10.56
N LYS A 18 9.06 0.32 -11.40
CA LYS A 18 8.45 -0.15 -12.64
C LYS A 18 9.52 -0.61 -13.63
N ASP A 19 10.72 -0.03 -13.57
CA ASP A 19 11.83 -0.42 -14.43
C ASP A 19 12.36 -1.82 -14.10
N LEU A 20 11.97 -2.37 -12.93
CA LEU A 20 12.38 -3.69 -12.50
C LEU A 20 11.28 -4.71 -12.74
N LYS A 21 11.61 -6.00 -12.63
CA LYS A 21 10.67 -7.10 -12.81
C LYS A 21 10.77 -8.12 -11.67
N SER A 22 11.70 -7.89 -10.74
CA SER A 22 11.91 -8.77 -9.60
C SER A 22 12.49 -7.96 -8.44
N GLY A 23 12.35 -8.49 -7.21
CA GLY A 23 12.84 -7.85 -6.00
C GLY A 23 11.85 -6.79 -5.52
N ILE A 24 11.63 -6.76 -4.21
CA ILE A 24 10.73 -5.84 -3.52
C ILE A 24 11.55 -4.99 -2.56
N SER A 25 12.65 -4.41 -3.06
CA SER A 25 13.60 -3.68 -2.23
C SER A 25 12.90 -2.65 -1.34
N GLY A 26 13.14 -2.75 -0.03
CA GLY A 26 12.55 -1.87 0.96
C GLY A 26 12.97 -0.42 0.77
N SER A 27 14.08 -0.16 0.07
CA SER A 27 14.55 1.19 -0.16
C SER A 27 13.57 1.94 -1.04
N ARG A 28 13.01 1.27 -2.05
CA ARG A 28 12.00 1.89 -2.90
C ARG A 28 10.83 2.31 -2.03
N ILE A 29 10.40 1.40 -1.16
CA ILE A 29 9.29 1.63 -0.26
C ILE A 29 9.64 2.75 0.73
N LYS A 30 10.90 2.84 1.15
CA LYS A 30 11.35 3.89 2.06
C LYS A 30 11.19 5.26 1.42
N LYS A 31 11.55 5.41 0.13
CA LYS A 31 11.35 6.67 -0.58
C LYS A 31 9.86 6.96 -0.73
N LEU A 32 9.07 5.95 -1.09
CA LEU A 32 7.64 6.14 -1.29
C LEU A 32 6.98 6.58 0.01
N THR A 33 7.08 5.78 1.08
CA THR A 33 6.50 6.13 2.36
C THR A 33 6.99 7.48 2.87
N THR A 34 8.30 7.73 2.87
CA THR A 34 8.82 8.95 3.46
C THR A 34 8.32 10.18 2.73
N TYR A 35 8.33 10.18 1.39
CA TYR A 35 7.91 11.36 0.65
C TYR A 35 6.39 11.52 0.60
N ALA A 36 5.62 10.44 0.82
CA ALA A 36 4.20 10.57 1.05
C ALA A 36 3.97 11.28 2.39
N LEU A 37 4.53 10.70 3.46
CA LEU A 37 4.37 11.16 4.84
C LEU A 37 5.06 12.50 5.10
N ASP A 38 5.99 12.91 4.24
CA ASP A 38 6.73 14.17 4.41
C ASP A 38 5.84 15.41 4.44
N HIS A 39 4.65 15.37 3.82
CA HIS A 39 3.81 16.57 3.75
C HIS A 39 2.32 16.29 3.73
N ILE A 40 1.92 15.12 3.20
CA ILE A 40 0.52 14.73 3.10
C ILE A 40 -0.35 15.88 2.60
N ASP A 41 -0.25 16.15 1.29
CA ASP A 41 -1.00 17.19 0.60
C ASP A 41 -1.27 16.75 -0.83
N ILE A 42 -1.24 15.43 -1.06
CA ILE A 42 -1.29 14.80 -2.37
C ILE A 42 -1.99 13.46 -2.26
N GLU A 43 -3.04 13.39 -1.44
CA GLU A 43 -3.73 12.15 -1.13
C GLU A 43 -4.20 11.38 -2.37
N SER A 44 -4.99 12.01 -3.24
CA SER A 44 -5.59 11.31 -4.37
C SER A 44 -4.58 10.99 -5.46
N LYS A 45 -3.50 11.78 -5.55
CA LYS A 45 -2.48 11.58 -6.56
C LYS A 45 -1.51 10.50 -6.12
N ILE A 46 -1.07 10.53 -4.85
CA ILE A 46 -0.28 9.43 -4.30
C ILE A 46 -1.05 8.12 -4.46
N ILE A 47 -2.32 8.11 -4.03
CA ILE A 47 -3.13 6.89 -4.06
C ILE A 47 -3.43 6.45 -5.48
N SER A 48 -3.95 7.32 -6.34
CA SER A 48 -4.24 6.92 -7.71
C SER A 48 -2.97 6.38 -8.39
N LEU A 49 -1.81 6.94 -8.04
CA LEU A 49 -0.55 6.52 -8.63
C LEU A 49 -0.15 5.10 -8.17
N ILE A 50 -0.24 4.78 -6.88
CA ILE A 50 0.14 3.44 -6.45
C ILE A 50 -0.86 2.38 -6.90
N ILE A 51 -2.15 2.74 -6.94
CA ILE A 51 -3.18 1.83 -7.40
C ILE A 51 -2.94 1.47 -8.86
N ASP A 52 -2.84 2.50 -9.71
CA ASP A 52 -2.58 2.30 -11.13
C ASP A 52 -1.21 1.68 -11.36
N TYR A 53 -0.27 1.91 -10.45
CA TYR A 53 1.04 1.27 -10.55
C TYR A 53 0.87 -0.24 -10.45
N SER A 54 0.06 -0.71 -9.48
CA SER A 54 -0.23 -2.13 -9.36
C SER A 54 -0.91 -2.63 -10.63
N ARG A 55 -1.87 -1.84 -11.12
CA ARG A 55 -2.70 -2.19 -12.27
C ARG A 55 -1.88 -2.42 -13.54
N LEU A 56 -0.89 -1.54 -13.83
CA LEU A 56 -0.15 -1.60 -15.08
C LEU A 56 1.10 -2.48 -15.02
N CYS A 57 1.56 -2.84 -13.83
CA CYS A 57 2.82 -3.54 -13.67
C CYS A 57 2.65 -5.06 -13.47
N PRO A 58 3.74 -5.83 -13.61
CA PRO A 58 3.76 -7.29 -13.48
C PRO A 58 3.26 -7.83 -12.13
N ASP A 59 3.23 -9.16 -12.01
CA ASP A 59 2.77 -9.85 -10.82
C ASP A 59 3.60 -9.48 -9.59
N SER A 60 4.92 -9.38 -9.77
CA SER A 60 5.83 -8.98 -8.71
C SER A 60 5.46 -7.58 -8.21
N HIS A 61 4.74 -6.81 -9.04
CA HIS A 61 4.33 -5.46 -8.70
C HIS A 61 2.93 -5.47 -8.09
N LYS A 62 2.11 -6.50 -8.30
CA LYS A 62 0.90 -6.64 -7.51
C LYS A 62 1.34 -6.87 -6.06
N LEU A 63 2.31 -7.76 -5.86
CA LEU A 63 2.82 -8.03 -4.53
C LEU A 63 3.52 -6.77 -3.98
N GLY A 64 4.46 -6.22 -4.76
CA GLY A 64 5.20 -5.04 -4.35
C GLY A 64 4.28 -3.87 -4.05
N SER A 65 3.26 -3.66 -4.88
CA SER A 65 2.33 -2.57 -4.64
C SER A 65 1.49 -2.84 -3.39
N LEU A 66 1.13 -4.09 -3.11
CA LEU A 66 0.44 -4.37 -1.86
C LEU A 66 1.33 -4.03 -0.67
N TYR A 67 2.65 -4.19 -0.78
CA TYR A 67 3.55 -3.79 0.30
C TYR A 67 3.68 -2.25 0.37
N ILE A 68 3.59 -1.54 -0.76
CA ILE A 68 3.60 -0.09 -0.77
C ILE A 68 2.28 0.48 -0.23
N ILE A 69 1.17 -0.16 -0.61
CA ILE A 69 -0.15 0.19 -0.14
C ILE A 69 -0.23 -0.11 1.36
N ASP A 70 0.45 -1.18 1.79
CA ASP A 70 0.52 -1.54 3.19
C ASP A 70 1.32 -0.50 3.98
N SER A 71 2.47 -0.07 3.47
CA SER A 71 3.33 0.86 4.20
C SER A 71 2.64 2.22 4.35
N ILE A 72 2.26 2.84 3.23
CA ILE A 72 1.59 4.11 3.25
C ILE A 72 0.23 3.96 3.93
N GLY A 73 -0.41 2.79 3.81
CA GLY A 73 -1.70 2.52 4.42
C GLY A 73 -1.62 2.49 5.95
N ARG A 74 -0.74 1.66 6.52
CA ARG A 74 -0.61 1.55 7.97
C ARG A 74 -0.06 2.84 8.55
N ALA A 75 0.77 3.56 7.79
CA ALA A 75 1.30 4.84 8.22
C ALA A 75 0.20 5.89 8.27
N TYR A 76 -0.65 5.96 7.24
CA TYR A 76 -1.78 6.88 7.22
C TYR A 76 -2.75 6.54 8.34
N LEU A 77 -3.11 5.26 8.44
CA LEU A 77 -4.08 4.81 9.41
C LEU A 77 -3.63 5.16 10.82
N ASP A 78 -2.37 4.87 11.15
CA ASP A 78 -1.84 5.19 12.46
C ASP A 78 -1.81 6.69 12.69
N GLU A 79 -1.40 7.46 11.67
CA GLU A 79 -1.26 8.90 11.82
C GLU A 79 -2.61 9.58 12.06
N THR A 80 -3.69 9.07 11.45
CA THR A 80 -5.00 9.70 11.56
C THR A 80 -5.86 9.10 12.68
N ARG A 81 -5.55 7.88 13.16
CA ARG A 81 -6.31 7.28 14.25
C ARG A 81 -5.62 7.40 15.61
N SER A 82 -4.29 7.56 15.62
CA SER A 82 -3.54 7.69 16.88
C SER A 82 -3.37 9.14 17.30
N ASN A 83 -3.66 10.09 16.40
CA ASN A 83 -3.49 11.50 16.67
C ASN A 83 -4.63 12.31 16.05
N SER A 84 -4.84 13.54 16.51
CA SER A 84 -5.89 14.41 16.03
C SER A 84 -5.46 15.87 16.06
N ASN A 85 -6.29 16.77 15.52
CA ASN A 85 -5.98 18.19 15.48
C ASN A 85 -7.17 19.01 16.00
N SER A 86 -7.97 18.40 16.89
CA SER A 86 -9.17 19.02 17.46
C SER A 86 -10.15 19.51 16.39
N SER A 87 -10.14 18.87 15.21
CA SER A 87 -11.02 19.22 14.10
C SER A 87 -11.61 17.96 13.47
N SER A 88 -12.70 18.12 12.73
CA SER A 88 -13.41 17.02 12.09
C SER A 88 -14.09 17.49 10.81
N ASN A 89 -14.66 16.55 10.04
CA ASN A 89 -15.32 16.79 8.77
C ASN A 89 -14.38 17.44 7.75
N LYS A 90 -14.89 17.76 6.56
CA LYS A 90 -14.14 18.37 5.47
C LYS A 90 -12.82 17.63 5.18
N PRO A 91 -12.89 16.32 4.92
CA PRO A 91 -11.72 15.49 4.64
C PRO A 91 -11.10 15.86 3.30
N GLY A 92 -9.81 15.56 3.13
CA GLY A 92 -9.09 15.90 1.92
C GLY A 92 -7.61 15.53 2.03
N THR A 93 -7.30 14.50 2.83
CA THR A 93 -5.92 14.09 3.10
C THR A 93 -5.82 12.58 3.29
N CYS A 94 -4.80 12.10 4.01
CA CYS A 94 -4.55 10.68 4.21
C CYS A 94 -5.79 9.88 4.62
N ALA A 95 -6.74 10.48 5.34
CA ALA A 95 -7.97 9.80 5.68
C ALA A 95 -8.77 9.48 4.40
N HIS A 96 -8.88 10.48 3.52
CA HIS A 96 -9.55 10.36 2.24
C HIS A 96 -8.81 9.39 1.35
N ALA A 97 -7.49 9.33 1.53
CA ALA A 97 -6.62 8.48 0.75
C ALA A 97 -6.89 7.00 1.07
N ILE A 98 -7.03 6.67 2.36
CA ILE A 98 -7.42 5.33 2.77
C ILE A 98 -8.82 5.03 2.22
N ASN A 99 -9.72 6.00 2.33
CA ASN A 99 -11.08 5.85 1.82
C ASN A 99 -11.07 5.60 0.31
N THR A 100 -10.11 6.18 -0.42
CA THR A 100 -9.99 5.99 -1.86
C THR A 100 -9.46 4.60 -2.19
N LEU A 101 -8.44 4.12 -1.47
CA LEU A 101 -8.00 2.75 -1.66
C LEU A 101 -9.15 1.78 -1.37
N GLY A 102 -10.04 2.18 -0.46
CA GLY A 102 -11.21 1.39 -0.09
C GLY A 102 -12.14 1.06 -1.26
N GLU A 103 -12.00 1.75 -2.40
CA GLU A 103 -12.87 1.48 -3.55
C GLU A 103 -12.19 0.61 -4.61
N VAL A 104 -10.89 0.33 -4.42
CA VAL A 104 -10.11 -0.45 -5.38
C VAL A 104 -9.46 -1.67 -4.73
N ILE A 105 -9.35 -1.71 -3.40
CA ILE A 105 -8.70 -2.81 -2.71
C ILE A 105 -9.31 -4.15 -3.08
N GLN A 106 -10.59 -4.15 -3.49
CA GLN A 106 -11.28 -5.33 -3.95
C GLN A 106 -10.63 -5.93 -5.19
N GLU A 107 -10.43 -5.12 -6.23
CA GLU A 107 -9.84 -5.60 -7.48
C GLU A 107 -8.34 -5.80 -7.31
N LEU A 108 -7.67 -4.94 -6.52
CA LEU A 108 -6.24 -5.06 -6.31
C LEU A 108 -5.91 -6.40 -5.66
N LEU A 109 -6.65 -6.76 -4.61
CA LEU A 109 -6.42 -8.03 -3.93
C LEU A 109 -6.86 -9.20 -4.78
N SER A 110 -8.11 -9.21 -5.26
CA SER A 110 -8.59 -10.37 -6.01
C SER A 110 -7.66 -10.67 -7.18
N ASP A 111 -7.10 -9.65 -7.85
CA ASP A 111 -6.12 -9.89 -8.89
C ASP A 111 -4.81 -10.42 -8.27
N ALA A 112 -4.32 -9.75 -7.23
CA ALA A 112 -3.09 -10.12 -6.54
C ALA A 112 -3.09 -11.56 -6.03
N ILE A 113 -4.23 -12.12 -5.58
CA ILE A 113 -4.21 -13.55 -5.30
C ILE A 113 -4.45 -14.40 -6.55
N ALA A 114 -5.34 -13.98 -7.45
CA ALA A 114 -5.61 -14.78 -8.63
C ALA A 114 -4.37 -14.89 -9.52
N LYS A 115 -3.44 -13.94 -9.38
CA LYS A 115 -2.18 -13.91 -10.11
C LYS A 115 -1.09 -14.68 -9.36
N SER A 116 -1.31 -14.94 -8.07
CA SER A 116 -0.31 -15.52 -7.18
C SER A 116 -0.23 -17.04 -7.20
N ASN A 117 0.84 -17.56 -6.59
CA ASN A 117 1.02 -18.96 -6.29
C ASN A 117 0.73 -19.13 -4.79
N GLN A 118 0.77 -20.35 -4.27
CA GLN A 118 0.46 -20.58 -2.85
C GLN A 118 1.31 -19.72 -1.92
N ASP A 119 2.57 -19.45 -2.29
CA ASP A 119 3.45 -18.65 -1.46
C ASP A 119 3.03 -17.18 -1.44
N HIS A 120 2.80 -16.59 -2.62
CA HIS A 120 2.37 -15.19 -2.69
C HIS A 120 0.97 -15.03 -2.12
N LYS A 121 0.09 -16.02 -2.29
CA LYS A 121 -1.20 -16.02 -1.61
C LYS A 121 -0.98 -15.90 -0.12
N GLU A 122 -0.12 -16.76 0.44
CA GLU A 122 0.09 -16.75 1.88
C GLU A 122 0.60 -15.40 2.36
N LYS A 123 1.48 -14.76 1.56
CA LYS A 123 1.96 -13.42 1.88
C LYS A 123 0.81 -12.42 1.86
N ILE A 124 -0.10 -12.51 0.89
CA ILE A 124 -1.23 -11.60 0.82
C ILE A 124 -2.17 -11.86 1.99
N ARG A 125 -2.33 -13.13 2.39
CA ARG A 125 -3.15 -13.49 3.54
C ARG A 125 -2.51 -12.93 4.82
N MET A 126 -1.18 -12.86 4.87
CA MET A 126 -0.48 -12.25 6.00
C MET A 126 -0.80 -10.77 6.05
N LEU A 127 -0.80 -10.08 4.90
CA LEU A 127 -1.18 -8.68 4.86
C LEU A 127 -2.60 -8.50 5.39
N LEU A 128 -3.52 -9.38 4.98
CA LEU A 128 -4.91 -9.29 5.43
C LEU A 128 -5.03 -9.55 6.93
N ASP A 129 -4.22 -10.45 7.49
CA ASP A 129 -4.24 -10.73 8.90
C ASP A 129 -3.77 -9.51 9.70
N ILE A 130 -2.73 -8.82 9.19
CA ILE A 130 -2.21 -7.61 9.82
C ILE A 130 -3.24 -6.50 9.74
N TRP A 131 -3.91 -6.32 8.58
CA TRP A 131 -4.90 -5.28 8.42
C TRP A 131 -6.13 -5.55 9.30
N ASP A 132 -6.45 -6.83 9.52
CA ASP A 132 -7.54 -7.19 10.42
C ASP A 132 -7.16 -6.96 11.88
N ARG A 133 -5.89 -7.21 12.23
CA ARG A 133 -5.42 -6.99 13.60
C ARG A 133 -5.33 -5.50 13.91
N SER A 134 -5.03 -4.67 12.90
CA SER A 134 -4.98 -3.23 13.05
C SER A 134 -6.37 -2.61 12.97
N GLY A 135 -7.39 -3.41 12.61
CA GLY A 135 -8.75 -2.93 12.48
C GLY A 135 -9.34 -2.53 13.83
N LEU A 136 -10.46 -1.79 13.79
CA LEU A 136 -11.14 -1.29 14.97
C LEU A 136 -12.55 -1.87 15.08
N PHE A 137 -12.87 -2.84 14.22
CA PHE A 137 -14.17 -3.50 14.13
C PHE A 137 -15.31 -2.55 13.77
N GLN A 138 -16.30 -3.07 13.04
CA GLN A 138 -17.46 -2.32 12.55
C GLN A 138 -17.08 -1.04 11.78
N LYS A 139 -15.80 -0.87 11.43
CA LYS A 139 -15.30 0.32 10.75
C LYS A 139 -14.28 -0.05 9.67
N SER A 140 -14.17 -1.35 9.36
CA SER A 140 -13.22 -1.86 8.38
C SER A 140 -13.86 -2.97 7.54
N TYR A 141 -13.20 -3.33 6.43
CA TYR A 141 -13.68 -4.36 5.52
C TYR A 141 -12.54 -5.29 5.11
N LEU A 142 -12.89 -6.52 4.72
CA LEU A 142 -11.90 -7.52 4.33
C LEU A 142 -12.42 -8.41 3.21
N ASN A 143 -13.63 -8.13 2.71
CA ASN A 143 -14.29 -8.92 1.67
C ASN A 143 -13.55 -8.88 0.33
N ALA A 144 -12.63 -7.92 0.17
CA ALA A 144 -11.92 -7.60 -1.07
C ALA A 144 -11.53 -8.81 -1.92
N ILE A 145 -11.08 -9.91 -1.29
CA ILE A 145 -10.76 -11.14 -2.00
C ILE A 145 -12.01 -11.83 -2.55
N ARG A 146 -13.11 -11.09 -2.71
CA ARG A 146 -14.44 -11.61 -3.02
C ARG A 146 -14.85 -12.69 -2.02
N SER A 147 -14.20 -12.69 -0.84
CA SER A 147 -14.34 -13.76 0.14
C SER A 147 -14.11 -15.16 -0.45
N LYS A 148 -13.46 -15.25 -1.61
CA LYS A 148 -13.26 -16.53 -2.31
C LYS A 148 -12.02 -17.28 -1.81
N CYS A 149 -11.94 -18.56 -2.24
CA CYS A 149 -10.86 -19.46 -1.93
C CYS A 149 -9.51 -18.87 -2.32
N PHE A 150 -9.52 -17.81 -3.15
CA PHE A 150 -8.37 -17.05 -3.59
C PHE A 150 -7.26 -17.11 -2.55
N ALA A 151 -7.56 -16.61 -1.36
CA ALA A 151 -6.72 -16.77 -0.19
C ALA A 151 -7.53 -17.29 1.00
N MET A 152 -8.86 -17.33 0.90
CA MET A 152 -9.66 -17.88 1.99
C MET A 152 -9.54 -19.40 2.06
N ASP A 153 -9.06 -20.02 0.96
CA ASP A 153 -8.88 -21.45 0.80
C ASP A 153 -10.15 -22.30 1.01
N LEU A 154 -11.24 -21.70 1.48
CA LEU A 154 -12.50 -22.38 1.75
C LEU A 154 -13.68 -21.53 1.27
N TYR B 1 22.86 -12.31 -3.46
CA TYR B 1 21.58 -11.68 -3.88
C TYR B 1 20.55 -11.79 -2.77
N SER B 2 19.58 -10.86 -2.75
CA SER B 2 18.49 -10.86 -1.78
C SER B 2 17.24 -10.24 -2.42
N PRO B 3 16.04 -10.64 -1.96
CA PRO B 3 14.79 -10.16 -2.51
C PRO B 3 14.44 -8.76 -2.01
N THR B 4 15.15 -8.25 -1.01
CA THR B 4 14.86 -6.94 -0.43
C THR B 4 16.15 -6.22 -0.02
N SEP B 5 16.16 -4.88 -0.16
CA SEP B 5 17.29 -4.05 0.22
CB SEP B 5 18.28 -4.00 -0.95
OG SEP B 5 17.64 -3.47 -2.11
C SEP B 5 16.83 -2.63 0.59
O SEP B 5 16.56 -1.82 -0.29
P SEP B 5 18.45 -3.29 -3.49
O1P SEP B 5 18.69 -4.67 -3.94
O2P SEP B 5 17.50 -2.53 -4.33
O3P SEP B 5 19.66 -2.53 -3.10
H SEP B 5 15.34 -4.42 -0.53
HA SEP B 5 17.79 -4.49 1.08
HB2 SEP B 5 19.12 -3.36 -0.68
HB3 SEP B 5 18.64 -5.00 -1.17
N PRO B 6 16.73 -2.30 1.89
CA PRO B 6 16.83 -3.19 3.03
C PRO B 6 15.59 -4.07 3.13
N SER B 7 15.54 -4.94 4.15
CA SER B 7 14.37 -5.78 4.40
C SER B 7 13.19 -4.92 4.87
N TYR B 8 11.97 -5.42 4.69
CA TYR B 8 10.76 -4.70 5.06
C TYR B 8 9.68 -5.66 5.54
N SER B 9 9.07 -5.36 6.69
CA SER B 9 7.96 -6.13 7.23
C SER B 9 6.73 -5.24 7.36
N PRO B 10 5.58 -5.68 6.83
CA PRO B 10 4.34 -4.92 6.88
C PRO B 10 3.86 -4.84 8.33
N THR B 11 4.41 -5.71 9.20
CA THR B 11 3.99 -5.83 10.58
C THR B 11 4.38 -4.61 11.41
N SEP B 12 5.18 -3.68 10.87
CA SEP B 12 5.66 -2.54 11.64
CB SEP B 12 7.17 -2.70 11.88
OG SEP B 12 7.44 -3.87 12.61
C SEP B 12 5.37 -1.21 10.96
O SEP B 12 6.12 -0.79 10.09
P SEP B 12 8.95 -4.29 13.00
O1P SEP B 12 8.77 -5.57 13.72
O2P SEP B 12 9.63 -4.39 11.69
O3P SEP B 12 9.39 -3.15 13.86
H SEP B 12 5.48 -3.77 9.91
HA SEP B 12 5.19 -2.54 12.62
HB2 SEP B 12 7.68 -2.74 10.92
HB3 SEP B 12 7.53 -1.83 12.45
N PRO B 13 4.27 -0.51 11.33
CA PRO B 13 4.00 0.84 10.89
C PRO B 13 5.16 1.78 11.21
N SER B 14 5.25 2.86 10.43
CA SER B 14 6.32 3.85 10.52
C SER B 14 6.16 4.71 11.78
N MET A 1 20.53 25.10 -11.94
CA MET A 1 19.47 24.64 -11.03
C MET A 1 18.44 23.80 -11.77
N GLN A 2 18.59 22.48 -11.73
CA GLN A 2 17.71 21.55 -12.42
C GLN A 2 17.41 20.30 -11.59
N GLN A 3 17.86 20.28 -10.33
CA GLN A 3 17.64 19.16 -9.43
C GLN A 3 16.39 19.41 -8.58
N ASP A 4 15.71 18.35 -8.17
CA ASP A 4 14.48 18.46 -7.39
C ASP A 4 14.39 17.33 -6.37
N ASP A 5 13.58 17.53 -5.32
CA ASP A 5 13.36 16.56 -4.26
C ASP A 5 11.90 16.55 -3.79
N ASP A 6 11.00 17.05 -4.63
CA ASP A 6 9.57 17.15 -4.35
C ASP A 6 8.90 15.80 -4.67
N PHE A 7 7.66 15.83 -5.17
CA PHE A 7 6.92 14.63 -5.55
C PHE A 7 7.70 13.78 -6.54
N GLN A 8 8.75 14.35 -7.14
CA GLN A 8 9.63 13.65 -8.05
C GLN A 8 10.17 12.38 -7.41
N ASN A 9 10.59 12.44 -6.14
CA ASN A 9 11.09 11.27 -5.42
C ASN A 9 10.05 10.15 -5.45
N PHE A 10 8.78 10.48 -5.16
CA PHE A 10 7.74 9.46 -5.09
C PHE A 10 7.50 8.85 -6.46
N VAL A 11 7.31 9.69 -7.48
CA VAL A 11 7.04 9.21 -8.82
C VAL A 11 8.23 8.42 -9.36
N ALA A 12 9.41 9.04 -9.34
CA ALA A 12 10.63 8.42 -9.84
C ALA A 12 10.95 7.11 -9.12
N THR A 13 10.59 6.99 -7.83
CA THR A 13 10.81 5.74 -7.12
C THR A 13 9.81 4.69 -7.57
N LEU A 14 8.55 5.07 -7.77
CA LEU A 14 7.53 4.12 -8.22
C LEU A 14 7.85 3.66 -9.65
N GLU A 15 8.45 4.55 -10.44
CA GLU A 15 8.90 4.27 -11.80
C GLU A 15 10.08 3.30 -11.74
N SER A 16 11.02 3.55 -10.83
CA SER A 16 12.14 2.65 -10.60
C SER A 16 11.62 1.30 -10.10
N PHE A 17 10.47 1.30 -9.43
CA PHE A 17 9.84 0.07 -8.98
C PHE A 17 9.28 -0.70 -10.18
N LYS A 18 8.68 0.02 -11.15
CA LYS A 18 8.18 -0.59 -12.37
C LYS A 18 9.35 -1.15 -13.19
N ASP A 19 10.51 -0.50 -13.12
CA ASP A 19 11.72 -0.96 -13.79
C ASP A 19 12.36 -2.14 -13.05
N LEU A 20 11.95 -2.39 -11.80
CA LEU A 20 12.49 -3.46 -10.99
C LEU A 20 11.66 -4.74 -11.14
N LYS A 21 12.32 -5.89 -11.00
CA LYS A 21 11.67 -7.20 -11.10
C LYS A 21 12.38 -8.21 -10.20
N SER A 22 11.72 -9.34 -9.93
CA SER A 22 12.26 -10.41 -9.11
C SER A 22 12.78 -9.90 -7.76
N GLY A 23 12.18 -8.83 -7.24
CA GLY A 23 12.58 -8.25 -5.97
C GLY A 23 11.68 -7.07 -5.61
N ILE A 24 11.25 -7.02 -4.35
CA ILE A 24 10.40 -5.96 -3.80
C ILE A 24 11.24 -5.16 -2.80
N SER A 25 12.35 -4.60 -3.28
CA SER A 25 13.31 -3.89 -2.43
C SER A 25 12.62 -2.86 -1.56
N GLY A 26 12.90 -2.93 -0.24
CA GLY A 26 12.29 -2.05 0.73
C GLY A 26 12.72 -0.59 0.55
N SER A 27 13.84 -0.33 -0.14
CA SER A 27 14.30 1.03 -0.33
C SER A 27 13.31 1.82 -1.18
N ARG A 28 12.72 1.15 -2.19
CA ARG A 28 11.71 1.79 -3.02
C ARG A 28 10.53 2.17 -2.13
N ILE A 29 10.08 1.20 -1.33
CA ILE A 29 8.95 1.40 -0.44
C ILE A 29 9.26 2.50 0.57
N LYS A 30 10.51 2.55 1.04
CA LYS A 30 10.93 3.55 2.02
C LYS A 30 10.90 4.95 1.42
N LYS A 31 11.28 5.14 0.15
CA LYS A 31 11.18 6.44 -0.48
C LYS A 31 9.71 6.83 -0.65
N LEU A 32 8.87 5.87 -1.03
CA LEU A 32 7.44 6.12 -1.21
C LEU A 32 6.79 6.54 0.12
N THR A 33 6.89 5.71 1.16
CA THR A 33 6.35 6.06 2.46
C THR A 33 6.92 7.37 2.99
N THR A 34 8.23 7.57 2.83
CA THR A 34 8.88 8.79 3.28
C THR A 34 8.22 10.02 2.69
N TYR A 35 8.11 10.12 1.36
CA TYR A 35 7.58 11.34 0.78
C TYR A 35 6.08 11.49 1.07
N ALA A 36 5.34 10.38 1.14
CA ALA A 36 3.95 10.44 1.54
C ALA A 36 3.82 11.04 2.93
N LEU A 37 4.47 10.42 3.92
CA LEU A 37 4.37 10.79 5.32
C LEU A 37 5.09 12.11 5.63
N ASP A 38 5.95 12.60 4.73
CA ASP A 38 6.69 13.84 4.93
C ASP A 38 5.78 15.07 5.08
N HIS A 39 4.59 15.07 4.48
CA HIS A 39 3.75 16.27 4.54
C HIS A 39 2.25 15.99 4.48
N ILE A 40 1.83 14.86 3.90
CA ILE A 40 0.43 14.50 3.77
C ILE A 40 -0.40 15.67 3.24
N ASP A 41 -0.26 15.94 1.95
CA ASP A 41 -0.96 17.04 1.26
C ASP A 41 -1.25 16.64 -0.19
N ILE A 42 -1.24 15.33 -0.46
CA ILE A 42 -1.32 14.76 -1.79
C ILE A 42 -2.06 13.43 -1.73
N GLU A 43 -3.09 13.36 -0.89
CA GLU A 43 -3.83 12.13 -0.63
C GLU A 43 -4.36 11.45 -1.90
N SER A 44 -5.10 12.17 -2.74
CA SER A 44 -5.74 11.57 -3.90
C SER A 44 -4.75 11.28 -5.02
N LYS A 45 -3.68 12.05 -5.11
CA LYS A 45 -2.68 11.87 -6.15
C LYS A 45 -1.75 10.72 -5.79
N ILE A 46 -1.29 10.66 -4.53
CA ILE A 46 -0.54 9.52 -4.05
C ILE A 46 -1.35 8.24 -4.24
N ILE A 47 -2.60 8.23 -3.76
CA ILE A 47 -3.43 7.03 -3.83
C ILE A 47 -3.77 6.64 -5.26
N SER A 48 -4.27 7.56 -6.07
CA SER A 48 -4.58 7.22 -7.46
C SER A 48 -3.32 6.70 -8.17
N LEU A 49 -2.14 7.24 -7.82
CA LEU A 49 -0.91 6.81 -8.46
C LEU A 49 -0.50 5.38 -8.07
N ILE A 50 -0.60 4.99 -6.80
CA ILE A 50 -0.22 3.64 -6.42
C ILE A 50 -1.24 2.60 -6.88
N ILE A 51 -2.53 2.96 -6.85
CA ILE A 51 -3.58 2.05 -7.31
C ILE A 51 -3.38 1.80 -8.80
N ASP A 52 -3.27 2.88 -9.57
CA ASP A 52 -3.04 2.77 -11.00
C ASP A 52 -1.70 2.09 -11.30
N TYR A 53 -0.72 2.25 -10.41
CA TYR A 53 0.55 1.56 -10.58
C TYR A 53 0.30 0.05 -10.53
N SER A 54 -0.54 -0.42 -9.61
CA SER A 54 -0.90 -1.83 -9.57
C SER A 54 -1.74 -2.21 -10.78
N ARG A 55 -2.59 -1.30 -11.24
CA ARG A 55 -3.54 -1.53 -12.32
C ARG A 55 -2.86 -1.79 -13.66
N LEU A 56 -1.82 -1.03 -13.99
CA LEU A 56 -1.16 -1.10 -15.27
C LEU A 56 0.01 -2.10 -15.32
N CYS A 57 0.49 -2.55 -14.16
CA CYS A 57 1.71 -3.32 -14.08
C CYS A 57 1.48 -4.81 -13.81
N PRO A 58 2.45 -5.66 -14.20
CA PRO A 58 2.43 -7.11 -14.06
C PRO A 58 2.54 -7.59 -12.60
N ASP A 59 2.63 -8.91 -12.44
CA ASP A 59 2.55 -9.62 -11.16
C ASP A 59 3.52 -9.12 -10.10
N SER A 60 4.79 -8.89 -10.44
CA SER A 60 5.77 -8.44 -9.47
C SER A 60 5.35 -7.09 -8.88
N HIS A 61 4.60 -6.31 -9.65
CA HIS A 61 4.14 -5.01 -9.23
C HIS A 61 2.77 -5.10 -8.57
N LYS A 62 2.03 -6.21 -8.75
CA LYS A 62 0.84 -6.45 -7.96
C LYS A 62 1.29 -6.64 -6.52
N LEU A 63 2.31 -7.49 -6.33
CA LEU A 63 2.84 -7.75 -5.00
C LEU A 63 3.50 -6.49 -4.43
N GLY A 64 4.36 -5.86 -5.23
CA GLY A 64 5.05 -4.66 -4.80
C GLY A 64 4.05 -3.57 -4.42
N SER A 65 3.03 -3.34 -5.26
CA SER A 65 2.05 -2.32 -4.95
C SER A 65 1.32 -2.66 -3.67
N LEU A 66 0.89 -3.92 -3.47
CA LEU A 66 0.24 -4.27 -2.22
C LEU A 66 1.14 -3.92 -1.03
N TYR A 67 2.45 -4.15 -1.11
CA TYR A 67 3.33 -3.78 -0.01
C TYR A 67 3.43 -2.25 0.13
N ILE A 68 3.23 -1.50 -0.95
CA ILE A 68 3.20 -0.04 -0.90
C ILE A 68 1.88 0.47 -0.30
N ILE A 69 0.74 -0.11 -0.71
CA ILE A 69 -0.56 0.22 -0.14
C ILE A 69 -0.53 -0.12 1.35
N ASP A 70 0.18 -1.18 1.70
CA ASP A 70 0.32 -1.67 3.06
C ASP A 70 1.18 -0.75 3.91
N SER A 71 2.32 -0.28 3.41
CA SER A 71 3.19 0.60 4.17
C SER A 71 2.51 1.95 4.39
N ILE A 72 2.11 2.61 3.30
CA ILE A 72 1.42 3.89 3.38
C ILE A 72 0.09 3.71 4.10
N GLY A 73 -0.54 2.54 3.95
CA GLY A 73 -1.82 2.23 4.59
C GLY A 73 -1.69 2.20 6.11
N ARG A 74 -0.79 1.37 6.65
CA ARG A 74 -0.65 1.27 8.10
C ARG A 74 -0.11 2.57 8.68
N ALA A 75 0.74 3.28 7.92
CA ALA A 75 1.29 4.54 8.38
C ALA A 75 0.23 5.62 8.42
N TYR A 76 -0.61 5.72 7.38
CA TYR A 76 -1.71 6.66 7.35
C TYR A 76 -2.70 6.35 8.45
N LEU A 77 -3.08 5.08 8.59
CA LEU A 77 -4.08 4.66 9.56
C LEU A 77 -3.62 5.03 10.97
N ASP A 78 -2.37 4.71 11.31
CA ASP A 78 -1.83 5.01 12.62
C ASP A 78 -1.81 6.51 12.86
N GLU A 79 -1.31 7.28 11.89
CA GLU A 79 -1.16 8.71 12.07
C GLU A 79 -2.51 9.41 12.20
N THR A 80 -3.52 8.98 11.44
CA THR A 80 -4.82 9.61 11.47
C THR A 80 -5.67 9.10 12.64
N ARG A 81 -5.33 7.94 13.20
CA ARG A 81 -6.00 7.43 14.39
C ARG A 81 -5.39 8.00 15.67
N SER A 82 -4.11 8.38 15.63
CA SER A 82 -3.42 8.92 16.80
C SER A 82 -3.87 10.33 17.16
N ASN A 83 -4.58 11.03 16.27
CA ASN A 83 -5.02 12.40 16.53
C ASN A 83 -6.36 12.68 15.86
N SER A 84 -7.09 13.69 16.35
CA SER A 84 -8.39 14.06 15.83
C SER A 84 -8.58 15.57 15.84
N ASN A 85 -9.53 16.05 15.03
CA ASN A 85 -9.86 17.48 14.95
C ASN A 85 -11.34 17.61 14.58
N SER A 86 -11.99 18.68 15.05
CA SER A 86 -13.41 18.91 14.82
C SER A 86 -13.70 20.37 14.51
N SER A 87 -12.68 21.15 14.17
CA SER A 87 -12.83 22.57 13.88
C SER A 87 -12.11 22.95 12.60
N SER A 88 -12.50 24.09 12.01
CA SER A 88 -11.98 24.63 10.75
C SER A 88 -12.18 23.69 9.56
N ASN A 89 -12.09 24.26 8.35
CA ASN A 89 -12.20 23.49 7.12
C ASN A 89 -10.87 22.79 6.82
N LYS A 90 -10.93 21.62 6.20
CA LYS A 90 -9.74 20.82 5.91
C LYS A 90 -9.97 19.87 4.74
N PRO A 91 -8.91 19.45 4.06
CA PRO A 91 -8.97 18.46 2.99
C PRO A 91 -9.25 17.07 3.55
N GLY A 92 -9.49 16.09 2.67
CA GLY A 92 -9.77 14.73 3.10
C GLY A 92 -8.51 14.03 3.59
N THR A 93 -7.35 14.39 3.04
CA THR A 93 -6.04 13.89 3.44
C THR A 93 -5.97 12.37 3.57
N CYS A 94 -4.99 11.86 4.32
CA CYS A 94 -4.74 10.43 4.49
C CYS A 94 -5.98 9.63 4.92
N ALA A 95 -6.92 10.25 5.64
CA ALA A 95 -8.15 9.56 6.00
C ALA A 95 -8.93 9.21 4.74
N HIS A 96 -9.06 10.17 3.83
CA HIS A 96 -9.76 9.94 2.57
C HIS A 96 -8.93 9.08 1.64
N ALA A 97 -7.60 9.08 1.82
CA ALA A 97 -6.73 8.23 1.05
C ALA A 97 -7.04 6.76 1.35
N ILE A 98 -7.18 6.42 2.63
CA ILE A 98 -7.55 5.07 3.04
C ILE A 98 -8.97 4.78 2.52
N ASN A 99 -9.88 5.74 2.68
CA ASN A 99 -11.26 5.57 2.22
C ASN A 99 -11.29 5.28 0.72
N THR A 100 -10.39 5.91 -0.05
CA THR A 100 -10.35 5.71 -1.49
C THR A 100 -9.75 4.36 -1.85
N LEU A 101 -8.69 3.91 -1.16
CA LEU A 101 -8.17 2.57 -1.39
C LEU A 101 -9.26 1.54 -1.09
N GLY A 102 -10.15 1.86 -0.15
CA GLY A 102 -11.25 0.98 0.22
C GLY A 102 -12.18 0.61 -0.94
N GLU A 103 -12.12 1.32 -2.07
CA GLU A 103 -12.99 1.04 -3.20
C GLU A 103 -12.27 0.25 -4.30
N VAL A 104 -10.96 0.05 -4.15
CA VAL A 104 -10.15 -0.66 -5.15
C VAL A 104 -9.43 -1.86 -4.55
N ILE A 105 -9.33 -1.93 -3.22
CA ILE A 105 -8.66 -3.03 -2.54
C ILE A 105 -9.22 -4.39 -3.00
N GLN A 106 -10.47 -4.41 -3.47
CA GLN A 106 -11.09 -5.62 -3.99
C GLN A 106 -10.39 -6.14 -5.23
N GLU A 107 -10.11 -5.27 -6.21
CA GLU A 107 -9.46 -5.70 -7.44
C GLU A 107 -7.96 -5.85 -7.23
N LEU A 108 -7.37 -5.05 -6.34
CA LEU A 108 -5.95 -5.15 -6.04
C LEU A 108 -5.65 -6.53 -5.47
N LEU A 109 -6.38 -6.94 -4.42
CA LEU A 109 -6.20 -8.25 -3.81
C LEU A 109 -6.62 -9.34 -4.78
N SER A 110 -7.85 -9.32 -5.30
CA SER A 110 -8.31 -10.43 -6.13
C SER A 110 -7.37 -10.70 -7.30
N ASP A 111 -6.83 -9.68 -7.96
CA ASP A 111 -5.87 -9.93 -9.03
C ASP A 111 -4.56 -10.43 -8.45
N ALA A 112 -4.04 -9.76 -7.41
CA ALA A 112 -2.78 -10.12 -6.81
C ALA A 112 -2.76 -11.56 -6.33
N ILE A 113 -3.86 -12.08 -5.78
CA ILE A 113 -3.89 -13.47 -5.38
C ILE A 113 -4.19 -14.40 -6.54
N ALA A 114 -5.02 -13.97 -7.49
CA ALA A 114 -5.35 -14.84 -8.62
C ALA A 114 -4.12 -15.05 -9.51
N LYS A 115 -3.21 -14.07 -9.54
CA LYS A 115 -1.97 -14.16 -10.30
C LYS A 115 -0.87 -14.87 -9.49
N SER A 116 -1.09 -15.03 -8.19
CA SER A 116 -0.07 -15.53 -7.26
C SER A 116 0.19 -17.03 -7.38
N ASN A 117 1.37 -17.43 -6.89
CA ASN A 117 1.72 -18.83 -6.68
C ASN A 117 1.44 -19.14 -5.20
N GLN A 118 1.57 -20.40 -4.77
CA GLN A 118 1.25 -20.77 -3.40
C GLN A 118 2.01 -19.91 -2.39
N ASP A 119 3.30 -19.69 -2.61
CA ASP A 119 4.10 -18.88 -1.70
C ASP A 119 3.61 -17.43 -1.69
N HIS A 120 3.29 -16.90 -2.87
CA HIS A 120 2.83 -15.52 -2.98
C HIS A 120 1.45 -15.35 -2.36
N LYS A 121 0.54 -16.32 -2.54
CA LYS A 121 -0.75 -16.28 -1.88
C LYS A 121 -0.54 -16.29 -0.38
N GLU A 122 0.42 -17.07 0.12
CA GLU A 122 0.64 -17.16 1.54
C GLU A 122 1.13 -15.81 2.08
N LYS A 123 1.99 -15.12 1.33
CA LYS A 123 2.44 -13.79 1.73
C LYS A 123 1.27 -12.80 1.76
N ILE A 124 0.40 -12.86 0.74
CA ILE A 124 -0.76 -11.97 0.69
C ILE A 124 -1.73 -12.34 1.82
N ARG A 125 -1.82 -13.62 2.15
CA ARG A 125 -2.64 -14.09 3.26
C ARG A 125 -2.09 -13.59 4.59
N MET A 126 -0.76 -13.52 4.71
CA MET A 126 -0.13 -12.99 5.91
C MET A 126 -0.46 -11.51 6.06
N LEU A 127 -0.41 -10.76 4.94
CA LEU A 127 -0.77 -9.35 4.94
C LEU A 127 -2.21 -9.19 5.45
N LEU A 128 -3.15 -9.96 4.88
CA LEU A 128 -4.54 -9.88 5.29
C LEU A 128 -4.75 -10.39 6.71
N ASP A 129 -3.93 -11.34 7.17
CA ASP A 129 -4.04 -11.83 8.54
C ASP A 129 -3.63 -10.74 9.52
N ILE A 130 -2.63 -9.93 9.18
CA ILE A 130 -2.23 -8.81 10.01
C ILE A 130 -3.33 -7.74 10.00
N TRP A 131 -3.92 -7.49 8.83
CA TRP A 131 -5.03 -6.53 8.75
C TRP A 131 -6.22 -7.03 9.57
N ASP A 132 -6.40 -8.35 9.70
CA ASP A 132 -7.46 -8.91 10.51
C ASP A 132 -7.12 -8.82 12.00
N ARG A 133 -5.84 -8.97 12.36
CA ARG A 133 -5.40 -8.83 13.75
C ARG A 133 -5.42 -7.37 14.18
N SER A 134 -5.36 -6.43 13.22
CA SER A 134 -5.46 -5.01 13.52
C SER A 134 -6.80 -4.66 14.17
N GLY A 135 -7.83 -5.50 13.96
CA GLY A 135 -9.12 -5.30 14.59
C GLY A 135 -10.23 -6.06 13.86
N LEU A 136 -11.28 -6.43 14.60
CA LEU A 136 -12.42 -7.14 14.06
C LEU A 136 -13.55 -6.15 13.74
N PHE A 137 -13.36 -4.87 14.07
CA PHE A 137 -14.34 -3.82 13.84
C PHE A 137 -13.61 -2.54 13.44
N GLN A 138 -14.35 -1.57 12.89
CA GLN A 138 -13.80 -0.31 12.41
C GLN A 138 -12.67 -0.56 11.40
N LYS A 139 -11.84 0.47 11.14
CA LYS A 139 -10.72 0.38 10.21
C LYS A 139 -11.16 -0.08 8.81
N SER A 140 -12.43 0.16 8.47
CA SER A 140 -13.04 -0.24 7.20
C SER A 140 -12.98 -1.75 6.95
N TYR A 141 -13.67 -2.19 5.89
CA TYR A 141 -13.74 -3.60 5.52
C TYR A 141 -12.49 -4.02 4.74
N LEU A 142 -12.25 -5.33 4.68
CA LEU A 142 -11.11 -5.90 3.97
C LEU A 142 -11.51 -7.19 3.24
N ASN A 143 -12.81 -7.42 3.08
CA ASN A 143 -13.33 -8.63 2.45
C ASN A 143 -12.89 -8.79 0.99
N ALA A 144 -12.38 -7.69 0.39
CA ALA A 144 -11.83 -7.58 -0.96
C ALA A 144 -12.08 -8.78 -1.87
N ILE A 145 -11.32 -9.86 -1.67
CA ILE A 145 -11.39 -11.11 -2.42
C ILE A 145 -12.72 -11.84 -2.23
N ARG A 146 -13.74 -11.14 -1.74
CA ARG A 146 -15.02 -11.70 -1.31
C ARG A 146 -14.81 -12.84 -0.33
N SER A 147 -13.66 -12.82 0.37
CA SER A 147 -13.24 -13.89 1.27
C SER A 147 -13.21 -15.27 0.60
N LYS A 148 -13.11 -15.32 -0.73
CA LYS A 148 -13.11 -16.57 -1.48
C LYS A 148 -11.74 -17.23 -1.57
N CYS A 149 -11.70 -18.33 -2.33
CA CYS A 149 -10.55 -19.21 -2.45
C CYS A 149 -9.25 -18.48 -2.82
N PHE A 150 -9.34 -17.26 -3.33
CA PHE A 150 -8.19 -16.44 -3.73
C PHE A 150 -7.00 -16.72 -2.81
N ALA A 151 -7.13 -16.33 -1.55
CA ALA A 151 -6.19 -16.75 -0.51
C ALA A 151 -6.88 -17.66 0.51
N MET A 152 -8.22 -17.72 0.52
CA MET A 152 -8.91 -18.51 1.54
C MET A 152 -9.04 -19.98 1.16
N ASP A 153 -8.51 -20.42 0.01
CA ASP A 153 -8.49 -21.84 -0.32
C ASP A 153 -7.79 -22.65 0.77
N LEU A 154 -6.86 -22.00 1.50
CA LEU A 154 -6.13 -22.59 2.61
C LEU A 154 -5.68 -21.49 3.55
N TYR B 1 9.41 -16.56 -2.91
CA TYR B 1 9.88 -15.32 -2.27
C TYR B 1 10.99 -14.68 -3.10
N SER B 2 11.35 -13.43 -2.78
CA SER B 2 12.37 -12.69 -3.49
C SER B 2 13.18 -11.82 -2.51
N PRO B 3 14.42 -11.46 -2.88
CA PRO B 3 15.28 -10.63 -2.04
C PRO B 3 14.78 -9.19 -1.98
N THR B 4 15.22 -8.46 -0.96
CA THR B 4 14.83 -7.07 -0.73
C THR B 4 16.01 -6.27 -0.18
N SEP B 5 15.98 -4.95 -0.36
CA SEP B 5 17.06 -4.07 0.06
CB SEP B 5 18.08 -4.00 -1.09
OG SEP B 5 17.44 -3.54 -2.27
C SEP B 5 16.56 -2.66 0.40
O SEP B 5 16.26 -1.88 -0.50
P SEP B 5 18.22 -3.39 -3.67
O1P SEP B 5 18.51 -4.79 -4.05
O2P SEP B 5 17.24 -2.71 -4.54
O3P SEP B 5 19.41 -2.58 -3.33
H SEP B 5 15.18 -4.52 -0.81
HA SEP B 5 17.55 -4.50 0.93
HB2 SEP B 5 18.88 -3.31 -0.80
HB3 SEP B 5 18.51 -4.99 -1.26
N PRO B 6 16.46 -2.30 1.69
CA PRO B 6 16.56 -3.17 2.86
C PRO B 6 15.30 -4.02 2.95
N SER B 7 15.19 -4.81 4.03
CA SER B 7 14.01 -5.63 4.27
C SER B 7 12.82 -4.77 4.69
N TYR B 8 11.60 -5.27 4.49
CA TYR B 8 10.38 -4.60 4.86
C TYR B 8 9.35 -5.62 5.34
N SER B 9 8.76 -5.37 6.52
CA SER B 9 7.80 -6.27 7.13
C SER B 9 6.49 -5.54 7.47
N PRO B 10 5.35 -6.20 7.20
CA PRO B 10 4.04 -5.66 7.48
C PRO B 10 3.78 -5.52 8.98
N THR B 11 4.74 -5.94 9.81
CA THR B 11 4.57 -5.86 11.26
C THR B 11 4.75 -4.42 11.77
N SEP B 12 5.27 -3.50 10.96
CA SEP B 12 5.45 -2.13 11.43
CB SEP B 12 6.73 -2.07 12.28
OG SEP B 12 6.87 -0.80 12.87
C SEP B 12 5.55 -1.11 10.28
O SEP B 12 6.12 -1.43 9.22
P SEP B 12 8.09 -0.48 13.88
O1P SEP B 12 9.30 -0.75 13.08
O2P SEP B 12 7.86 0.94 14.23
O3P SEP B 12 7.86 -1.43 15.00
H SEP B 12 5.55 -3.73 10.02
HA SEP B 12 4.60 -1.86 12.06
HB2 SEP B 12 6.66 -2.82 13.07
HB3 SEP B 12 7.59 -2.29 11.64
N PRO B 13 5.03 0.11 10.45
CA PRO B 13 5.21 1.23 9.53
C PRO B 13 6.67 1.63 9.40
N SER B 14 6.97 2.46 8.40
CA SER B 14 8.32 2.96 8.15
C SER B 14 8.79 3.87 9.27
N MET A 1 9.38 26.86 -11.78
CA MET A 1 10.50 26.01 -11.32
C MET A 1 10.05 25.12 -10.16
N GLN A 2 10.84 24.11 -9.83
CA GLN A 2 10.55 23.18 -8.74
C GLN A 2 11.86 22.79 -8.04
N GLN A 3 11.78 22.47 -6.75
CA GLN A 3 12.96 22.12 -5.97
C GLN A 3 13.39 20.67 -6.22
N ASP A 4 14.63 20.35 -5.85
CA ASP A 4 15.17 19.01 -6.01
C ASP A 4 14.80 18.15 -4.80
N ASP A 5 14.88 16.83 -4.96
CA ASP A 5 14.48 15.85 -3.94
C ASP A 5 13.06 16.10 -3.44
N ASP A 6 12.22 16.74 -4.27
CA ASP A 6 10.83 16.99 -3.97
C ASP A 6 10.00 15.73 -4.26
N PHE A 7 8.72 15.86 -4.58
CA PHE A 7 7.87 14.73 -4.91
C PHE A 7 8.45 13.92 -6.08
N GLN A 8 9.42 14.49 -6.78
CA GLN A 8 10.12 13.84 -7.87
C GLN A 8 10.71 12.50 -7.41
N ASN A 9 11.27 12.42 -6.20
CA ASN A 9 11.82 11.18 -5.72
C ASN A 9 10.74 10.11 -5.58
N PHE A 10 9.54 10.47 -5.12
CA PHE A 10 8.46 9.51 -5.00
C PHE A 10 8.05 9.00 -6.38
N VAL A 11 7.73 9.93 -7.29
CA VAL A 11 7.29 9.55 -8.63
C VAL A 11 8.39 8.74 -9.32
N ALA A 12 9.60 9.31 -9.40
CA ALA A 12 10.73 8.69 -10.06
C ALA A 12 11.06 7.32 -9.48
N THR A 13 10.85 7.11 -8.17
CA THR A 13 11.08 5.80 -7.59
C THR A 13 10.02 4.81 -8.05
N LEU A 14 8.75 5.21 -8.05
CA LEU A 14 7.69 4.31 -8.48
C LEU A 14 7.85 3.98 -9.96
N GLU A 15 8.33 4.96 -10.73
CA GLU A 15 8.58 4.80 -12.16
C GLU A 15 9.71 3.80 -12.37
N SER A 16 10.81 3.96 -11.61
CA SER A 16 11.92 3.03 -11.67
C SER A 16 11.48 1.66 -11.19
N PHE A 17 10.44 1.61 -10.34
CA PHE A 17 9.89 0.35 -9.87
C PHE A 17 9.17 -0.36 -11.02
N LYS A 18 8.35 0.36 -11.79
CA LYS A 18 7.59 -0.26 -12.87
C LYS A 18 8.44 -0.54 -14.12
N ASP A 19 9.51 0.23 -14.31
CA ASP A 19 10.37 0.10 -15.49
C ASP A 19 11.21 -1.17 -15.48
N LEU A 20 11.35 -1.82 -14.33
CA LEU A 20 12.19 -3.01 -14.18
C LEU A 20 11.53 -4.02 -13.25
N LYS A 21 12.07 -5.24 -13.19
CA LYS A 21 11.62 -6.26 -12.26
C LYS A 21 12.32 -6.08 -10.92
N SER A 22 11.70 -6.54 -9.83
CA SER A 22 12.26 -6.39 -8.49
C SER A 22 11.78 -7.51 -7.57
N GLY A 23 12.62 -7.85 -6.59
CA GLY A 23 12.32 -8.83 -5.57
C GLY A 23 11.55 -8.19 -4.40
N ILE A 24 10.75 -7.16 -4.69
CA ILE A 24 10.07 -6.36 -3.70
C ILE A 24 11.08 -5.70 -2.75
N SER A 25 12.23 -5.27 -3.30
CA SER A 25 13.30 -4.68 -2.51
C SER A 25 12.80 -3.46 -1.74
N GLY A 26 13.20 -3.37 -0.47
CA GLY A 26 12.67 -2.38 0.46
C GLY A 26 13.13 -0.95 0.20
N SER A 27 14.25 -0.74 -0.49
CA SER A 27 14.80 0.60 -0.66
C SER A 27 13.85 1.49 -1.47
N ARG A 28 13.21 0.93 -2.50
CA ARG A 28 12.26 1.66 -3.30
C ARG A 28 11.06 2.02 -2.43
N ILE A 29 10.63 1.08 -1.59
CA ILE A 29 9.51 1.29 -0.68
C ILE A 29 9.89 2.37 0.33
N LYS A 30 11.16 2.41 0.76
CA LYS A 30 11.63 3.42 1.70
C LYS A 30 11.57 4.81 1.07
N LYS A 31 11.92 4.95 -0.21
CA LYS A 31 11.78 6.24 -0.89
C LYS A 31 10.30 6.64 -0.96
N LEU A 32 9.44 5.72 -1.39
CA LEU A 32 8.01 6.01 -1.52
C LEU A 32 7.42 6.42 -0.17
N THR A 33 7.50 5.54 0.83
CA THR A 33 6.97 5.81 2.15
C THR A 33 7.52 7.08 2.76
N THR A 34 8.84 7.28 2.73
CA THR A 34 9.43 8.44 3.37
C THR A 34 8.96 9.74 2.73
N TYR A 35 8.89 9.80 1.39
CA TYR A 35 8.47 11.03 0.73
C TYR A 35 6.97 11.28 0.84
N ALA A 36 6.15 10.23 1.06
CA ALA A 36 4.76 10.44 1.43
C ALA A 36 4.70 11.04 2.83
N LEU A 37 5.30 10.36 3.81
CA LEU A 37 5.25 10.74 5.22
C LEU A 37 6.04 12.03 5.52
N ASP A 38 6.90 12.47 4.61
CA ASP A 38 7.73 13.65 4.79
C ASP A 38 6.92 14.91 5.11
N HIS A 39 5.68 15.04 4.63
CA HIS A 39 4.92 16.26 4.86
C HIS A 39 3.39 16.04 4.87
N ILE A 40 2.90 14.98 4.23
CA ILE A 40 1.47 14.71 4.15
C ILE A 40 0.67 15.96 3.79
N ASP A 41 0.78 16.36 2.53
CA ASP A 41 0.06 17.50 1.96
C ASP A 41 -0.49 17.11 0.58
N ILE A 42 -0.40 15.83 0.26
CA ILE A 42 -0.82 15.25 -1.01
C ILE A 42 -1.43 13.88 -0.72
N GLU A 43 -2.74 13.72 -0.91
CA GLU A 43 -3.41 12.46 -0.64
C GLU A 43 -3.85 11.73 -1.90
N SER A 44 -4.76 12.33 -2.68
CA SER A 44 -5.36 11.69 -3.84
C SER A 44 -4.36 11.50 -4.97
N LYS A 45 -3.31 12.31 -4.98
CA LYS A 45 -2.26 12.25 -5.98
C LYS A 45 -1.36 11.04 -5.71
N ILE A 46 -0.85 10.95 -4.48
CA ILE A 46 -0.05 9.81 -4.03
C ILE A 46 -0.87 8.51 -4.19
N ILE A 47 -2.12 8.53 -3.74
CA ILE A 47 -2.94 7.33 -3.78
C ILE A 47 -3.32 6.94 -5.20
N SER A 48 -3.77 7.89 -6.02
CA SER A 48 -4.09 7.54 -7.40
C SER A 48 -2.85 7.03 -8.12
N LEU A 49 -1.68 7.56 -7.76
CA LEU A 49 -0.44 7.15 -8.41
C LEU A 49 -0.05 5.71 -8.05
N ILE A 50 -0.15 5.30 -6.78
CA ILE A 50 0.21 3.92 -6.43
C ILE A 50 -0.84 2.92 -6.90
N ILE A 51 -2.13 3.28 -6.85
CA ILE A 51 -3.18 2.39 -7.32
C ILE A 51 -3.01 2.15 -8.81
N ASP A 52 -2.84 3.24 -9.55
CA ASP A 52 -2.63 3.18 -10.98
C ASP A 52 -1.39 2.36 -11.31
N TYR A 53 -0.32 2.53 -10.52
CA TYR A 53 0.88 1.73 -10.70
C TYR A 53 0.55 0.25 -10.57
N SER A 54 -0.29 -0.11 -9.59
CA SER A 54 -0.65 -1.51 -9.37
C SER A 54 -1.44 -2.08 -10.54
N ARG A 55 -2.46 -1.36 -11.02
CA ARG A 55 -3.35 -1.89 -12.06
C ARG A 55 -2.71 -1.91 -13.44
N LEU A 56 -1.72 -1.05 -13.69
CA LEU A 56 -1.03 -0.99 -14.97
C LEU A 56 0.07 -2.05 -15.12
N CYS A 57 0.51 -2.66 -14.02
CA CYS A 57 1.67 -3.55 -14.05
C CYS A 57 1.35 -4.98 -13.59
N PRO A 58 2.14 -5.96 -14.06
CA PRO A 58 1.95 -7.39 -13.82
C PRO A 58 2.34 -7.84 -12.41
N ASP A 59 2.38 -9.16 -12.22
CA ASP A 59 2.55 -9.90 -10.97
C ASP A 59 3.48 -9.25 -9.94
N SER A 60 4.75 -9.03 -10.30
CA SER A 60 5.73 -8.51 -9.37
C SER A 60 5.31 -7.15 -8.84
N HIS A 61 4.51 -6.42 -9.62
CA HIS A 61 4.05 -5.10 -9.23
C HIS A 61 2.73 -5.20 -8.46
N LYS A 62 2.00 -6.32 -8.57
CA LYS A 62 0.85 -6.55 -7.71
C LYS A 62 1.37 -6.70 -6.29
N LEU A 63 2.40 -7.55 -6.11
CA LEU A 63 2.99 -7.74 -4.80
C LEU A 63 3.70 -6.48 -4.34
N GLY A 64 4.46 -5.85 -5.25
CA GLY A 64 5.20 -4.64 -4.93
C GLY A 64 4.25 -3.56 -4.44
N SER A 65 3.18 -3.31 -5.20
CA SER A 65 2.24 -2.27 -4.84
C SER A 65 1.52 -2.63 -3.55
N LEU A 66 1.18 -3.90 -3.30
CA LEU A 66 0.57 -4.26 -2.04
C LEU A 66 1.48 -3.93 -0.86
N TYR A 67 2.79 -4.16 -0.96
CA TYR A 67 3.68 -3.81 0.14
C TYR A 67 3.85 -2.29 0.27
N ILE A 68 3.78 -1.56 -0.84
CA ILE A 68 3.87 -0.10 -0.82
C ILE A 68 2.59 0.51 -0.23
N ILE A 69 1.44 0.04 -0.72
CA ILE A 69 0.13 0.44 -0.23
C ILE A 69 0.02 0.09 1.25
N ASP A 70 0.60 -1.05 1.65
CA ASP A 70 0.60 -1.48 3.03
C ASP A 70 1.42 -0.53 3.89
N SER A 71 2.65 -0.17 3.46
CA SER A 71 3.49 0.68 4.27
C SER A 71 2.88 2.05 4.46
N ILE A 72 2.54 2.71 3.35
CA ILE A 72 1.92 4.02 3.41
C ILE A 72 0.57 3.93 4.11
N GLY A 73 -0.13 2.82 3.93
CA GLY A 73 -1.45 2.60 4.52
C GLY A 73 -1.39 2.49 6.03
N ARG A 74 -0.52 1.61 6.57
CA ARG A 74 -0.42 1.43 8.01
C ARG A 74 0.23 2.64 8.68
N ALA A 75 1.12 3.32 7.96
CA ALA A 75 1.74 4.54 8.48
C ALA A 75 0.70 5.66 8.55
N TYR A 76 -0.12 5.81 7.51
CA TYR A 76 -1.21 6.78 7.50
C TYR A 76 -2.20 6.45 8.60
N LEU A 77 -2.58 5.17 8.72
CA LEU A 77 -3.57 4.73 9.68
C LEU A 77 -3.12 5.07 11.09
N ASP A 78 -1.86 4.78 11.43
CA ASP A 78 -1.34 5.11 12.75
C ASP A 78 -1.32 6.61 12.97
N GLU A 79 -0.85 7.36 11.97
CA GLU A 79 -0.68 8.80 12.08
C GLU A 79 -2.02 9.50 12.31
N THR A 80 -3.08 9.05 11.62
CA THR A 80 -4.38 9.69 11.73
C THR A 80 -5.17 9.18 12.95
N ARG A 81 -4.93 7.93 13.38
CA ARG A 81 -5.58 7.41 14.57
C ARG A 81 -4.89 7.93 15.84
N SER A 82 -3.65 8.41 15.74
CA SER A 82 -2.95 9.04 16.85
C SER A 82 -3.59 10.39 17.20
N ASN A 83 -4.43 10.92 16.31
CA ASN A 83 -5.09 12.21 16.51
C ASN A 83 -6.57 11.99 16.83
N SER A 84 -7.22 13.01 17.38
CA SER A 84 -8.64 12.95 17.74
C SER A 84 -9.51 12.87 16.48
N ASN A 85 -10.74 12.38 16.62
CA ASN A 85 -11.66 12.25 15.51
C ASN A 85 -12.15 13.63 15.06
N SER A 86 -12.43 13.78 13.77
CA SER A 86 -12.90 15.04 13.19
C SER A 86 -13.70 14.77 11.92
N SER A 87 -14.36 15.81 11.39
CA SER A 87 -15.16 15.73 10.18
C SER A 87 -14.91 16.92 9.27
N SER A 88 -15.14 16.73 7.97
CA SER A 88 -14.93 17.76 6.97
C SER A 88 -15.99 17.64 5.87
N ASN A 89 -16.21 18.74 5.12
CA ASN A 89 -17.20 18.76 4.05
C ASN A 89 -16.60 18.27 2.73
N LYS A 90 -15.28 18.09 2.67
CA LYS A 90 -14.57 17.63 1.49
C LYS A 90 -13.41 16.72 1.89
N PRO A 91 -13.01 15.78 1.01
CA PRO A 91 -11.88 14.89 1.24
C PRO A 91 -10.57 15.65 1.44
N GLY A 92 -9.60 15.01 2.09
CA GLY A 92 -8.28 15.59 2.27
C GLY A 92 -7.36 14.72 3.13
N THR A 93 -6.06 14.79 2.84
CA THR A 93 -4.97 14.12 3.55
C THR A 93 -5.13 12.60 3.75
N CYS A 94 -4.16 12.03 4.48
CA CYS A 94 -3.98 10.61 4.67
C CYS A 94 -5.25 9.86 5.11
N ALA A 95 -6.14 10.48 5.89
CA ALA A 95 -7.37 9.82 6.29
C ALA A 95 -8.20 9.48 5.06
N HIS A 96 -8.35 10.46 4.16
CA HIS A 96 -9.11 10.24 2.94
C HIS A 96 -8.28 9.48 1.91
N ALA A 97 -6.96 9.42 2.09
CA ALA A 97 -6.11 8.60 1.25
C ALA A 97 -6.44 7.13 1.48
N ILE A 98 -6.57 6.76 2.76
CA ILE A 98 -6.99 5.41 3.12
C ILE A 98 -8.41 5.19 2.61
N ASN A 99 -9.29 6.18 2.81
CA ASN A 99 -10.66 6.09 2.35
C ASN A 99 -10.71 5.86 0.83
N THR A 100 -9.78 6.46 0.08
CA THR A 100 -9.73 6.30 -1.37
C THR A 100 -9.22 4.93 -1.76
N LEU A 101 -8.18 4.42 -1.09
CA LEU A 101 -7.74 3.05 -1.37
C LEU A 101 -8.89 2.08 -1.07
N GLY A 102 -9.75 2.44 -0.12
CA GLY A 102 -10.90 1.63 0.26
C GLY A 102 -11.88 1.37 -0.88
N GLU A 103 -11.78 2.11 -2.00
CA GLU A 103 -12.70 1.90 -3.12
C GLU A 103 -12.05 1.07 -4.24
N VAL A 104 -10.76 0.75 -4.10
CA VAL A 104 -10.03 0.00 -5.11
C VAL A 104 -9.38 -1.27 -4.56
N ILE A 105 -9.17 -1.34 -3.24
CA ILE A 105 -8.48 -2.45 -2.60
C ILE A 105 -9.10 -3.80 -2.96
N GLN A 106 -10.39 -3.81 -3.31
CA GLN A 106 -11.09 -5.01 -3.73
C GLN A 106 -10.50 -5.57 -5.02
N GLU A 107 -10.23 -4.69 -6.00
CA GLU A 107 -9.69 -5.12 -7.29
C GLU A 107 -8.21 -5.46 -7.14
N LEU A 108 -7.51 -4.68 -6.32
CA LEU A 108 -6.07 -4.85 -6.13
C LEU A 108 -5.79 -6.21 -5.52
N LEU A 109 -6.48 -6.56 -4.43
CA LEU A 109 -6.34 -7.87 -3.80
C LEU A 109 -6.85 -8.95 -4.74
N SER A 110 -8.11 -8.87 -5.19
CA SER A 110 -8.66 -9.97 -5.99
C SER A 110 -7.73 -10.35 -7.15
N ASP A 111 -7.13 -9.37 -7.84
CA ASP A 111 -6.20 -9.68 -8.92
C ASP A 111 -4.89 -10.24 -8.36
N ALA A 112 -4.29 -9.56 -7.38
CA ALA A 112 -3.04 -9.97 -6.77
C ALA A 112 -3.11 -11.39 -6.18
N ILE A 113 -4.26 -11.83 -5.67
CA ILE A 113 -4.35 -13.21 -5.22
C ILE A 113 -4.67 -14.16 -6.37
N ALA A 114 -5.53 -13.76 -7.31
CA ALA A 114 -5.89 -14.63 -8.42
C ALA A 114 -4.70 -14.84 -9.36
N LYS A 115 -3.78 -13.86 -9.40
CA LYS A 115 -2.57 -13.95 -10.20
C LYS A 115 -1.52 -14.79 -9.48
N SER A 116 -1.66 -14.94 -8.16
CA SER A 116 -0.68 -15.59 -7.30
C SER A 116 -0.77 -17.10 -7.31
N ASN A 117 0.24 -17.72 -6.71
CA ASN A 117 0.28 -19.14 -6.39
C ASN A 117 0.07 -19.27 -4.87
N GLN A 118 0.13 -20.49 -4.33
CA GLN A 118 -0.11 -20.70 -2.90
C GLN A 118 0.83 -19.85 -2.03
N ASP A 119 2.08 -19.65 -2.47
CA ASP A 119 3.05 -18.91 -1.67
C ASP A 119 2.72 -17.42 -1.65
N HIS A 120 2.48 -16.82 -2.83
CA HIS A 120 2.18 -15.40 -2.91
C HIS A 120 0.80 -15.11 -2.31
N LYS A 121 -0.16 -16.03 -2.47
CA LYS A 121 -1.44 -15.91 -1.78
C LYS A 121 -1.16 -15.83 -0.30
N GLU A 122 -0.33 -16.73 0.22
CA GLU A 122 -0.07 -16.76 1.65
C GLU A 122 0.52 -15.43 2.12
N LYS A 123 1.41 -14.83 1.33
CA LYS A 123 1.94 -13.52 1.68
C LYS A 123 0.81 -12.47 1.75
N ILE A 124 -0.10 -12.48 0.77
CA ILE A 124 -1.20 -11.54 0.73
C ILE A 124 -2.18 -11.83 1.87
N ARG A 125 -2.35 -13.09 2.22
CA ARG A 125 -3.23 -13.51 3.31
C ARG A 125 -2.63 -13.08 4.65
N MET A 126 -1.31 -13.11 4.76
CA MET A 126 -0.62 -12.63 5.95
C MET A 126 -0.77 -11.12 6.07
N LEU A 127 -0.71 -10.41 4.93
CA LEU A 127 -0.93 -8.98 4.90
C LEU A 127 -2.33 -8.67 5.45
N LEU A 128 -3.34 -9.42 5.01
CA LEU A 128 -4.70 -9.23 5.50
C LEU A 128 -4.82 -9.61 6.98
N ASP A 129 -4.07 -10.62 7.43
CA ASP A 129 -4.10 -11.01 8.84
C ASP A 129 -3.50 -9.92 9.71
N ILE A 130 -2.50 -9.19 9.20
CA ILE A 130 -1.88 -8.09 9.90
C ILE A 130 -2.81 -6.88 9.89
N TRP A 131 -3.57 -6.68 8.81
CA TRP A 131 -4.57 -5.61 8.78
C TRP A 131 -5.70 -5.94 9.74
N ASP A 132 -5.99 -7.22 9.96
CA ASP A 132 -6.98 -7.62 10.94
C ASP A 132 -6.44 -7.41 12.34
N ARG A 133 -5.14 -7.65 12.56
CA ARG A 133 -4.48 -7.38 13.82
C ARG A 133 -4.53 -5.88 14.13
N SER A 134 -4.40 -5.06 13.08
CA SER A 134 -4.46 -3.61 13.19
C SER A 134 -5.90 -3.10 13.40
N GLY A 135 -6.88 -4.00 13.29
CA GLY A 135 -8.29 -3.65 13.43
C GLY A 135 -8.62 -3.23 14.86
N LEU A 136 -9.79 -2.59 15.02
CA LEU A 136 -10.27 -2.07 16.29
C LEU A 136 -11.74 -2.45 16.48
N PHE A 137 -12.34 -2.06 17.61
CA PHE A 137 -13.73 -2.35 17.90
C PHE A 137 -14.65 -1.61 16.92
N GLN A 138 -14.12 -0.61 16.22
CA GLN A 138 -14.86 0.14 15.20
C GLN A 138 -14.89 -0.62 13.87
N LYS A 139 -14.19 -1.75 13.81
CA LYS A 139 -14.10 -2.64 12.65
C LYS A 139 -13.49 -1.97 11.42
N SER A 140 -13.12 -2.79 10.43
CA SER A 140 -12.50 -2.34 9.20
C SER A 140 -12.94 -3.25 8.04
N TYR A 141 -12.77 -2.77 6.81
CA TYR A 141 -13.14 -3.54 5.62
C TYR A 141 -11.97 -4.42 5.18
N LEU A 142 -12.25 -5.71 4.95
CA LEU A 142 -11.26 -6.68 4.53
C LEU A 142 -11.85 -7.67 3.51
N ASN A 143 -13.11 -7.48 3.12
CA ASN A 143 -13.81 -8.38 2.21
C ASN A 143 -13.27 -8.29 0.77
N ALA A 144 -12.33 -7.35 0.53
CA ALA A 144 -11.73 -7.06 -0.76
C ALA A 144 -11.48 -8.28 -1.63
N ILE A 145 -11.08 -9.40 -1.03
CA ILE A 145 -10.89 -10.66 -1.75
C ILE A 145 -12.23 -11.26 -2.19
N ARG A 146 -13.26 -10.43 -2.37
CA ARG A 146 -14.64 -10.83 -2.59
C ARG A 146 -15.11 -11.84 -1.54
N SER A 147 -14.40 -11.89 -0.42
CA SER A 147 -14.61 -12.90 0.62
C SER A 147 -14.59 -14.33 0.05
N LYS A 148 -13.92 -14.55 -1.08
CA LYS A 148 -13.92 -15.83 -1.78
C LYS A 148 -12.56 -16.53 -1.76
N CYS A 149 -12.53 -17.68 -2.45
CA CYS A 149 -11.42 -18.62 -2.51
C CYS A 149 -10.06 -17.94 -2.61
N PHE A 150 -9.97 -16.84 -3.37
CA PHE A 150 -8.75 -16.05 -3.60
C PHE A 150 -7.68 -16.38 -2.57
N ALA A 151 -7.88 -15.88 -1.34
CA ALA A 151 -7.11 -16.33 -0.19
C ALA A 151 -8.00 -16.89 0.92
N MET A 152 -9.34 -16.86 0.76
CA MET A 152 -10.21 -17.43 1.80
C MET A 152 -10.34 -18.94 1.67
N ASP A 153 -9.65 -19.57 0.71
CA ASP A 153 -9.65 -21.02 0.56
C ASP A 153 -9.23 -21.74 1.85
N LEU A 154 -8.60 -21.02 2.79
CA LEU A 154 -8.18 -21.56 4.07
C LEU A 154 -8.29 -20.49 5.16
N TYR B 1 14.42 -18.04 -3.64
CA TYR B 1 13.99 -16.96 -2.73
C TYR B 1 15.18 -16.13 -2.27
N SER B 2 14.96 -14.83 -2.07
CA SER B 2 16.00 -13.90 -1.61
C SER B 2 15.36 -12.84 -0.71
N PRO B 3 16.12 -12.31 0.26
CA PRO B 3 15.66 -11.27 1.15
C PRO B 3 15.61 -9.92 0.44
N THR B 4 14.95 -8.93 1.06
CA THR B 4 14.84 -7.59 0.51
C THR B 4 15.91 -6.69 1.12
N SEP B 5 16.16 -5.53 0.49
CA SEP B 5 17.19 -4.60 0.92
CB SEP B 5 18.33 -4.64 -0.09
OG SEP B 5 17.82 -4.38 -1.38
C SEP B 5 16.62 -3.18 1.05
O SEP B 5 16.40 -2.51 0.04
P SEP B 5 18.76 -4.30 -2.68
O1P SEP B 5 19.32 -5.67 -2.78
O2P SEP B 5 17.83 -3.93 -3.77
O3P SEP B 5 19.75 -3.26 -2.33
H SEP B 5 15.62 -5.29 -0.33
HA SEP B 5 17.58 -4.90 1.89
HB2 SEP B 5 19.07 -3.89 0.17
HB3 SEP B 5 18.80 -5.63 -0.07
N PRO B 6 16.37 -2.68 2.27
CA PRO B 6 16.47 -3.39 3.54
C PRO B 6 15.31 -4.35 3.71
N SER B 7 15.29 -5.11 4.81
CA SER B 7 14.20 -6.00 5.15
C SER B 7 12.92 -5.19 5.37
N TYR B 8 11.76 -5.76 5.03
CA TYR B 8 10.49 -5.07 5.23
C TYR B 8 9.37 -6.05 5.57
N SER B 9 8.62 -5.72 6.63
CA SER B 9 7.46 -6.51 7.05
C SER B 9 6.28 -5.60 7.38
N PRO B 10 5.07 -5.95 6.92
CA PRO B 10 3.85 -5.23 7.25
C PRO B 10 3.62 -5.14 8.76
N THR B 11 4.30 -5.98 9.55
CA THR B 11 4.04 -6.07 10.98
C THR B 11 4.51 -4.83 11.75
N SEP B 12 5.21 -3.89 11.10
CA SEP B 12 5.74 -2.72 11.80
CB SEP B 12 7.25 -2.90 12.02
OG SEP B 12 7.49 -4.01 12.85
C SEP B 12 5.47 -1.41 11.06
O SEP B 12 6.27 -1.01 10.22
P SEP B 12 8.98 -4.40 13.29
O1P SEP B 12 9.47 -3.20 14.01
O2P SEP B 12 8.78 -5.59 14.15
O3P SEP B 12 9.67 -4.67 12.01
H SEP B 12 5.38 -3.98 10.11
HA SEP B 12 5.27 -2.65 12.78
HB2 SEP B 12 7.72 -3.06 11.05
HB3 SEP B 12 7.64 -2.00 12.48
N PRO B 13 4.34 -0.72 11.36
CA PRO B 13 4.09 0.63 10.90
C PRO B 13 5.20 1.59 11.35
N SER B 14 5.35 2.71 10.62
CA SER B 14 6.36 3.71 10.91
C SER B 14 6.04 4.47 12.19
N MET A 1 16.50 19.57 -15.39
CA MET A 1 16.25 20.91 -14.83
C MET A 1 16.23 20.87 -13.30
N GLN A 2 15.27 20.15 -12.72
CA GLN A 2 15.14 20.04 -11.27
C GLN A 2 16.10 18.97 -10.73
N GLN A 3 16.57 19.17 -9.50
CA GLN A 3 17.47 18.23 -8.83
C GLN A 3 17.19 18.18 -7.33
N ASP A 4 16.09 18.79 -6.89
CA ASP A 4 15.73 18.87 -5.48
C ASP A 4 14.97 17.61 -5.03
N ASP A 5 14.88 17.39 -3.72
CA ASP A 5 14.20 16.26 -3.13
C ASP A 5 12.69 16.49 -3.07
N ASP A 6 12.13 17.05 -4.14
CA ASP A 6 10.70 17.31 -4.28
C ASP A 6 9.97 16.01 -4.59
N PHE A 7 8.75 16.08 -5.14
CA PHE A 7 7.96 14.91 -5.52
C PHE A 7 8.74 14.00 -6.46
N GLN A 8 9.83 14.54 -7.03
CA GLN A 8 10.74 13.81 -7.89
C GLN A 8 11.28 12.56 -7.21
N ASN A 9 11.49 12.57 -5.89
CA ASN A 9 11.97 11.37 -5.21
C ASN A 9 10.89 10.29 -5.25
N PHE A 10 9.63 10.67 -4.99
CA PHE A 10 8.54 9.71 -4.97
C PHE A 10 8.35 9.11 -6.37
N VAL A 11 8.25 9.97 -7.38
CA VAL A 11 8.04 9.52 -8.75
C VAL A 11 9.21 8.66 -9.21
N ALA A 12 10.42 9.23 -9.17
CA ALA A 12 11.62 8.54 -9.63
C ALA A 12 11.83 7.21 -8.90
N THR A 13 11.42 7.11 -7.63
CA THR A 13 11.54 5.84 -6.91
C THR A 13 10.51 4.84 -7.43
N LEU A 14 9.27 5.28 -7.63
CA LEU A 14 8.22 4.39 -8.11
C LEU A 14 8.54 3.93 -9.53
N GLU A 15 9.21 4.80 -10.30
CA GLU A 15 9.66 4.51 -11.66
C GLU A 15 10.78 3.48 -11.62
N SER A 16 11.71 3.65 -10.67
CA SER A 16 12.77 2.66 -10.45
C SER A 16 12.14 1.32 -10.08
N PHE A 17 10.99 1.37 -9.40
CA PHE A 17 10.25 0.17 -9.05
C PHE A 17 9.58 -0.44 -10.29
N LYS A 18 9.11 0.43 -11.20
CA LYS A 18 8.46 0.03 -12.45
C LYS A 18 9.45 -0.61 -13.40
N ASP A 19 10.73 -0.20 -13.32
CA ASP A 19 11.80 -0.74 -14.13
C ASP A 19 12.08 -2.21 -13.81
N LEU A 20 11.56 -2.71 -12.69
CA LEU A 20 11.79 -4.07 -12.24
C LEU A 20 10.51 -4.92 -12.39
N LYS A 21 10.69 -6.25 -12.42
CA LYS A 21 9.58 -7.19 -12.51
C LYS A 21 9.67 -8.26 -11.43
N SER A 22 10.72 -8.19 -10.60
CA SER A 22 10.94 -9.13 -9.51
C SER A 22 11.61 -8.40 -8.33
N GLY A 23 11.38 -8.90 -7.12
CA GLY A 23 11.93 -8.30 -5.91
C GLY A 23 11.08 -7.11 -5.46
N ILE A 24 10.83 -7.05 -4.16
CA ILE A 24 10.02 -6.00 -3.55
C ILE A 24 10.90 -5.22 -2.57
N SER A 25 12.01 -4.67 -3.07
CA SER A 25 12.99 -3.99 -2.24
C SER A 25 12.34 -2.88 -1.42
N GLY A 26 12.51 -2.96 -0.09
CA GLY A 26 11.92 -2.01 0.84
C GLY A 26 12.53 -0.63 0.77
N SER A 27 13.71 -0.46 0.13
CA SER A 27 14.33 0.84 0.03
C SER A 27 13.45 1.79 -0.77
N ARG A 28 12.91 1.29 -1.89
CA ARG A 28 12.03 2.07 -2.73
C ARG A 28 10.75 2.39 -1.95
N ILE A 29 10.23 1.40 -1.21
CA ILE A 29 9.06 1.63 -0.37
C ILE A 29 9.39 2.73 0.63
N LYS A 30 10.60 2.71 1.20
CA LYS A 30 11.03 3.70 2.17
C LYS A 30 11.03 5.10 1.57
N LYS A 31 11.54 5.27 0.34
CA LYS A 31 11.52 6.59 -0.31
C LYS A 31 10.09 7.06 -0.56
N LEU A 32 9.21 6.14 -0.98
CA LEU A 32 7.82 6.48 -1.25
C LEU A 32 7.12 6.93 0.03
N THR A 33 7.18 6.10 1.08
CA THR A 33 6.56 6.44 2.36
C THR A 33 7.16 7.70 2.93
N THR A 34 8.48 7.87 2.80
CA THR A 34 9.18 9.04 3.26
C THR A 34 8.58 10.30 2.66
N TYR A 35 8.52 10.42 1.33
CA TYR A 35 8.04 11.66 0.75
C TYR A 35 6.55 11.87 1.01
N ALA A 36 5.75 10.82 1.04
CA ALA A 36 4.35 10.95 1.40
C ALA A 36 4.21 11.54 2.80
N LEU A 37 4.79 10.85 3.79
CA LEU A 37 4.67 11.18 5.20
C LEU A 37 5.44 12.45 5.58
N ASP A 38 6.38 12.90 4.73
CA ASP A 38 7.18 14.09 5.01
C ASP A 38 6.35 15.37 5.14
N HIS A 39 5.16 15.44 4.55
CA HIS A 39 4.39 16.68 4.58
C HIS A 39 2.88 16.49 4.52
N ILE A 40 2.41 15.39 3.92
CA ILE A 40 0.99 15.11 3.77
C ILE A 40 0.22 16.35 3.31
N ASP A 41 0.41 16.69 2.03
CA ASP A 41 -0.26 17.81 1.37
C ASP A 41 -0.73 17.41 -0.02
N ILE A 42 -0.65 16.11 -0.32
CA ILE A 42 -1.00 15.51 -1.59
C ILE A 42 -1.63 14.14 -1.31
N GLU A 43 -2.90 13.95 -1.72
CA GLU A 43 -3.61 12.70 -1.50
C GLU A 43 -3.95 11.96 -2.79
N SER A 44 -4.82 12.52 -3.62
CA SER A 44 -5.33 11.86 -4.81
C SER A 44 -4.25 11.68 -5.86
N LYS A 45 -3.21 12.52 -5.79
CA LYS A 45 -2.08 12.50 -6.71
C LYS A 45 -1.17 11.31 -6.35
N ILE A 46 -0.77 11.21 -5.08
CA ILE A 46 0.04 10.11 -4.59
C ILE A 46 -0.71 8.78 -4.79
N ILE A 47 -2.01 8.75 -4.47
CA ILE A 47 -2.78 7.53 -4.57
C ILE A 47 -3.03 7.14 -6.02
N SER A 48 -3.48 8.09 -6.86
CA SER A 48 -3.67 7.80 -8.28
C SER A 48 -2.34 7.30 -8.86
N LEU A 49 -1.22 7.85 -8.39
CA LEU A 49 0.08 7.46 -8.90
C LEU A 49 0.45 6.02 -8.53
N ILE A 50 0.26 5.58 -7.28
CA ILE A 50 0.62 4.21 -6.93
C ILE A 50 -0.36 3.19 -7.51
N ILE A 51 -1.65 3.51 -7.58
CA ILE A 51 -2.62 2.59 -8.15
C ILE A 51 -2.34 2.42 -9.64
N ASP A 52 -2.21 3.54 -10.35
CA ASP A 52 -1.92 3.53 -11.77
C ASP A 52 -0.57 2.84 -12.03
N TYR A 53 0.41 3.11 -11.17
CA TYR A 53 1.70 2.44 -11.26
C TYR A 53 1.48 0.94 -11.22
N SER A 54 0.59 0.48 -10.32
CA SER A 54 0.35 -0.94 -10.18
C SER A 54 -0.21 -1.53 -11.47
N ARG A 55 -1.29 -0.94 -12.03
CA ARG A 55 -1.89 -1.49 -13.24
C ARG A 55 -0.95 -1.43 -14.43
N LEU A 56 0.06 -0.55 -14.39
CA LEU A 56 1.09 -0.50 -15.44
C LEU A 56 2.16 -1.58 -15.29
N CYS A 57 2.24 -2.24 -14.13
CA CYS A 57 3.30 -3.19 -13.82
C CYS A 57 2.95 -4.66 -14.10
N PRO A 58 3.98 -5.52 -14.16
CA PRO A 58 3.86 -6.97 -14.22
C PRO A 58 3.47 -7.50 -12.83
N ASP A 59 4.06 -8.60 -12.35
CA ASP A 59 3.75 -9.15 -11.03
C ASP A 59 3.95 -8.12 -9.92
N SER A 60 4.84 -7.14 -10.16
CA SER A 60 5.07 -6.04 -9.23
C SER A 60 3.78 -5.27 -8.99
N HIS A 61 2.81 -5.37 -9.91
CA HIS A 61 1.48 -4.81 -9.76
C HIS A 61 0.88 -5.31 -8.47
N LYS A 62 0.51 -6.59 -8.46
CA LYS A 62 -0.15 -7.19 -7.32
C LYS A 62 0.75 -7.07 -6.09
N LEU A 63 1.95 -7.66 -6.13
CA LEU A 63 2.74 -7.74 -4.92
C LEU A 63 3.34 -6.40 -4.52
N GLY A 64 3.95 -5.69 -5.48
CA GLY A 64 4.63 -4.44 -5.20
C GLY A 64 3.63 -3.38 -4.76
N SER A 65 2.48 -3.30 -5.42
CA SER A 65 1.49 -2.30 -5.04
C SER A 65 0.92 -2.63 -3.67
N LEU A 66 0.58 -3.90 -3.39
CA LEU A 66 0.06 -4.23 -2.07
C LEU A 66 1.04 -3.80 -0.98
N TYR A 67 2.35 -4.00 -1.15
CA TYR A 67 3.29 -3.59 -0.10
C TYR A 67 3.42 -2.07 -0.01
N ILE A 68 3.47 -1.35 -1.14
CA ILE A 68 3.58 0.11 -1.11
C ILE A 68 2.31 0.71 -0.50
N ILE A 69 1.15 0.22 -0.94
CA ILE A 69 -0.15 0.63 -0.42
C ILE A 69 -0.20 0.31 1.07
N ASP A 70 0.38 -0.81 1.51
CA ASP A 70 0.35 -1.19 2.90
C ASP A 70 1.13 -0.20 3.76
N SER A 71 2.35 0.18 3.35
CA SER A 71 3.14 1.11 4.16
C SER A 71 2.52 2.49 4.20
N ILE A 72 2.19 3.07 3.03
CA ILE A 72 1.60 4.40 3.00
C ILE A 72 0.21 4.37 3.61
N GLY A 73 -0.57 3.31 3.36
CA GLY A 73 -1.92 3.18 3.89
C GLY A 73 -1.93 2.98 5.40
N ARG A 74 -0.98 2.19 5.92
CA ARG A 74 -0.87 1.94 7.36
C ARG A 74 -0.44 3.22 8.07
N ALA A 75 0.51 3.94 7.48
CA ALA A 75 1.01 5.18 8.02
C ALA A 75 -0.08 6.26 7.98
N TYR A 76 -0.82 6.32 6.86
CA TYR A 76 -1.94 7.23 6.74
C TYR A 76 -3.02 6.88 7.76
N LEU A 77 -3.34 5.60 7.88
CA LEU A 77 -4.39 5.14 8.77
C LEU A 77 -4.08 5.54 10.21
N ASP A 78 -2.83 5.38 10.64
CA ASP A 78 -2.43 5.80 11.97
C ASP A 78 -2.54 7.32 12.10
N GLU A 79 -2.04 8.03 11.10
CA GLU A 79 -2.01 9.49 11.14
C GLU A 79 -3.41 10.08 11.28
N THR A 80 -4.40 9.52 10.58
CA THR A 80 -5.76 10.03 10.65
C THR A 80 -6.55 9.40 11.80
N ARG A 81 -6.12 8.22 12.29
CA ARG A 81 -6.75 7.59 13.44
C ARG A 81 -6.44 8.38 14.71
N SER A 82 -5.27 9.02 14.76
CA SER A 82 -4.89 9.86 15.88
C SER A 82 -5.66 11.18 15.91
N ASN A 83 -6.34 11.54 14.82
CA ASN A 83 -7.10 12.78 14.77
C ASN A 83 -8.44 12.59 15.47
N SER A 84 -8.89 13.62 16.20
CA SER A 84 -10.14 13.60 16.96
C SER A 84 -10.25 12.38 17.88
N ASN A 85 -9.12 11.70 18.14
CA ASN A 85 -9.04 10.48 18.91
C ASN A 85 -9.97 9.37 18.39
N SER A 86 -10.58 9.55 17.22
CA SER A 86 -11.53 8.59 16.67
C SER A 86 -11.67 8.74 15.15
N SER A 87 -10.81 9.56 14.54
CA SER A 87 -10.90 9.93 13.12
C SER A 87 -12.20 10.65 12.80
N SER A 88 -12.29 11.20 11.58
CA SER A 88 -13.48 11.92 11.13
C SER A 88 -13.73 11.71 9.64
N ASN A 89 -12.88 10.92 8.98
CA ASN A 89 -12.98 10.63 7.55
C ASN A 89 -13.17 11.91 6.73
N LYS A 90 -12.49 13.00 7.13
CA LYS A 90 -12.59 14.27 6.45
C LYS A 90 -12.10 14.17 5.00
N PRO A 91 -12.59 15.04 4.11
CA PRO A 91 -12.17 15.08 2.72
C PRO A 91 -10.74 15.60 2.61
N GLY A 92 -10.07 15.26 1.52
CA GLY A 92 -8.69 15.65 1.28
C GLY A 92 -7.71 14.89 2.17
N THR A 93 -6.41 15.03 1.85
CA THR A 93 -5.30 14.41 2.57
C THR A 93 -5.42 12.90 2.75
N CYS A 94 -4.59 12.34 3.63
CA CYS A 94 -4.45 10.91 3.84
C CYS A 94 -5.77 10.18 4.10
N ALA A 95 -6.76 10.84 4.71
CA ALA A 95 -8.06 10.22 4.90
C ALA A 95 -8.72 9.94 3.56
N HIS A 96 -8.66 10.92 2.65
CA HIS A 96 -9.24 10.79 1.32
C HIS A 96 -8.44 9.79 0.50
N ALA A 97 -7.14 9.72 0.77
CA ALA A 97 -6.25 8.80 0.09
C ALA A 97 -6.62 7.36 0.40
N ILE A 98 -6.91 7.05 1.67
CA ILE A 98 -7.37 5.72 2.04
C ILE A 98 -8.74 5.48 1.42
N ASN A 99 -9.61 6.49 1.44
CA ASN A 99 -10.95 6.38 0.86
C ASN A 99 -10.85 6.05 -0.64
N THR A 100 -9.84 6.60 -1.32
CA THR A 100 -9.65 6.37 -2.75
C THR A 100 -9.06 4.99 -3.01
N LEU A 101 -8.06 4.55 -2.23
CA LEU A 101 -7.54 3.20 -2.37
C LEU A 101 -8.67 2.20 -2.09
N GLY A 102 -9.63 2.60 -1.26
CA GLY A 102 -10.77 1.76 -0.90
C GLY A 102 -11.62 1.35 -2.10
N GLU A 103 -11.47 2.00 -3.25
CA GLU A 103 -12.26 1.65 -4.43
C GLU A 103 -11.49 0.73 -5.38
N VAL A 104 -10.21 0.47 -5.07
CA VAL A 104 -9.35 -0.37 -5.91
C VAL A 104 -8.75 -1.55 -5.15
N ILE A 105 -8.58 -1.43 -3.83
CA ILE A 105 -7.99 -2.48 -3.02
C ILE A 105 -8.75 -3.80 -3.17
N GLN A 106 -10.04 -3.71 -3.49
CA GLN A 106 -10.89 -4.88 -3.71
C GLN A 106 -10.37 -5.72 -4.87
N GLU A 107 -10.05 -5.06 -5.97
CA GLU A 107 -9.54 -5.71 -7.18
C GLU A 107 -8.09 -6.12 -7.00
N LEU A 108 -7.33 -5.26 -6.32
CA LEU A 108 -5.90 -5.53 -6.11
C LEU A 108 -5.73 -6.84 -5.34
N LEU A 109 -6.43 -7.00 -4.23
CA LEU A 109 -6.39 -8.24 -3.44
C LEU A 109 -7.00 -9.39 -4.23
N SER A 110 -8.22 -9.24 -4.75
CA SER A 110 -8.85 -10.37 -5.43
C SER A 110 -7.93 -10.93 -6.52
N ASP A 111 -7.39 -10.08 -7.40
CA ASP A 111 -6.51 -10.55 -8.45
C ASP A 111 -5.18 -11.02 -7.89
N ALA A 112 -4.67 -10.39 -6.83
CA ALA A 112 -3.40 -10.80 -6.25
C ALA A 112 -3.46 -12.23 -5.74
N ILE A 113 -4.49 -12.57 -4.96
CA ILE A 113 -4.58 -13.92 -4.41
C ILE A 113 -4.98 -14.91 -5.49
N ALA A 114 -5.81 -14.50 -6.45
CA ALA A 114 -6.19 -15.42 -7.52
C ALA A 114 -4.99 -15.71 -8.43
N LYS A 115 -4.04 -14.76 -8.51
CA LYS A 115 -2.80 -14.92 -9.26
C LYS A 115 -1.77 -15.71 -8.45
N SER A 116 -1.91 -15.72 -7.12
CA SER A 116 -0.92 -16.25 -6.22
C SER A 116 -0.92 -17.77 -6.11
N ASN A 117 0.22 -18.31 -5.66
CA ASN A 117 0.39 -19.70 -5.30
C ASN A 117 0.31 -19.78 -3.77
N GLN A 118 0.44 -20.97 -3.16
CA GLN A 118 0.27 -21.09 -1.73
C GLN A 118 1.22 -20.17 -0.94
N ASP A 119 2.45 -19.95 -1.41
CA ASP A 119 3.38 -19.09 -0.72
C ASP A 119 2.93 -17.63 -0.82
N HIS A 120 2.49 -17.21 -2.01
CA HIS A 120 2.10 -15.83 -2.22
C HIS A 120 0.76 -15.53 -1.54
N LYS A 121 -0.19 -16.47 -1.56
CA LYS A 121 -1.45 -16.26 -0.86
C LYS A 121 -1.18 -16.17 0.63
N GLU A 122 -0.22 -16.97 1.12
CA GLU A 122 0.15 -16.91 2.53
C GLU A 122 0.70 -15.53 2.88
N LYS A 123 1.56 -14.97 2.02
CA LYS A 123 2.08 -13.64 2.25
C LYS A 123 0.95 -12.59 2.24
N ILE A 124 -0.04 -12.74 1.35
CA ILE A 124 -1.13 -11.77 1.27
C ILE A 124 -2.04 -11.86 2.49
N ARG A 125 -2.38 -13.07 2.96
CA ARG A 125 -3.22 -13.19 4.13
C ARG A 125 -2.45 -12.78 5.39
N MET A 126 -1.12 -12.91 5.37
CA MET A 126 -0.29 -12.43 6.47
C MET A 126 -0.33 -10.90 6.50
N LEU A 127 -0.27 -10.28 5.33
CA LEU A 127 -0.37 -8.83 5.19
C LEU A 127 -1.68 -8.35 5.80
N LEU A 128 -2.79 -8.99 5.44
CA LEU A 128 -4.10 -8.62 5.93
C LEU A 128 -4.32 -9.00 7.39
N ASP A 129 -3.70 -10.10 7.84
CA ASP A 129 -3.83 -10.50 9.24
C ASP A 129 -3.16 -9.45 10.14
N ILE A 130 -1.98 -8.97 9.74
CA ILE A 130 -1.29 -7.94 10.50
C ILE A 130 -2.09 -6.64 10.43
N TRP A 131 -2.67 -6.33 9.27
CA TRP A 131 -3.51 -5.15 9.14
C TRP A 131 -4.73 -5.24 10.07
N ASP A 132 -5.23 -6.45 10.31
CA ASP A 132 -6.36 -6.66 11.22
C ASP A 132 -5.92 -6.65 12.68
N ARG A 133 -4.72 -7.14 12.98
CA ARG A 133 -4.19 -7.14 14.34
C ARG A 133 -3.74 -5.74 14.76
N SER A 134 -3.48 -4.86 13.78
CA SER A 134 -3.12 -3.47 14.06
C SER A 134 -4.23 -2.77 14.85
N GLY A 135 -5.48 -3.19 14.68
CA GLY A 135 -6.60 -2.68 15.44
C GLY A 135 -6.90 -1.20 15.17
N LEU A 136 -6.30 -0.60 14.14
CA LEU A 136 -6.48 0.82 13.86
C LEU A 136 -7.86 1.10 13.24
N PHE A 137 -8.53 0.07 12.71
CA PHE A 137 -9.85 0.21 12.10
C PHE A 137 -10.59 -1.12 12.14
N GLN A 138 -11.93 -1.05 12.27
CA GLN A 138 -12.77 -2.24 12.32
C GLN A 138 -14.23 -1.87 12.00
N LYS A 139 -15.04 -2.88 11.68
CA LYS A 139 -16.46 -2.73 11.38
C LYS A 139 -16.73 -1.82 10.18
N SER A 140 -17.99 -1.78 9.72
CA SER A 140 -18.45 -0.96 8.61
C SER A 140 -17.64 -1.17 7.33
N TYR A 141 -17.05 -2.36 7.17
CA TYR A 141 -16.22 -2.67 6.02
C TYR A 141 -16.27 -4.17 5.73
N LEU A 142 -16.00 -4.53 4.47
CA LEU A 142 -15.94 -5.92 4.01
C LEU A 142 -14.61 -6.13 3.30
N ASN A 143 -13.93 -7.24 3.59
CA ASN A 143 -12.59 -7.49 3.09
C ASN A 143 -12.58 -7.60 1.55
N ALA A 144 -11.72 -6.77 0.94
CA ALA A 144 -11.48 -6.59 -0.49
C ALA A 144 -11.79 -7.80 -1.36
N ILE A 145 -11.33 -8.99 -0.94
CA ILE A 145 -11.57 -10.23 -1.66
C ILE A 145 -13.01 -10.73 -1.53
N ARG A 146 -13.96 -9.85 -1.20
CA ARG A 146 -15.32 -10.22 -0.86
C ARG A 146 -15.33 -11.29 0.23
N SER A 147 -14.28 -11.30 1.06
CA SER A 147 -14.04 -12.34 2.04
C SER A 147 -14.22 -13.75 1.48
N LYS A 148 -13.94 -13.95 0.19
CA LYS A 148 -14.22 -15.19 -0.53
C LYS A 148 -12.99 -16.11 -0.64
N CYS A 149 -13.16 -17.20 -1.37
CA CYS A 149 -12.21 -18.30 -1.53
C CYS A 149 -10.78 -17.84 -1.87
N PHE A 150 -10.62 -16.62 -2.38
CA PHE A 150 -9.33 -16.02 -2.71
C PHE A 150 -8.25 -16.46 -1.72
N ALA A 151 -8.35 -15.97 -0.49
CA ALA A 151 -7.52 -16.45 0.61
C ALA A 151 -8.33 -17.31 1.58
N MET A 152 -9.67 -17.27 1.51
CA MET A 152 -10.49 -17.98 2.49
C MET A 152 -10.69 -19.46 2.16
N ASP A 153 -10.31 -19.93 0.96
CA ASP A 153 -10.49 -21.34 0.62
C ASP A 153 -9.60 -22.25 1.45
N LEU A 154 -8.38 -21.80 1.76
CA LEU A 154 -7.42 -22.55 2.55
C LEU A 154 -6.48 -21.57 3.23
N TYR B 1 19.44 -15.68 -0.11
CA TYR B 1 18.92 -14.58 0.72
C TYR B 1 17.65 -14.01 0.09
N SER B 2 16.94 -13.13 0.81
CA SER B 2 15.69 -12.55 0.29
C SER B 2 15.99 -11.60 -0.88
N PRO B 3 15.02 -11.44 -1.80
CA PRO B 3 15.13 -10.57 -2.96
C PRO B 3 14.92 -9.10 -2.60
N THR B 4 14.76 -8.78 -1.31
CA THR B 4 14.48 -7.43 -0.86
C THR B 4 15.75 -6.74 -0.37
N SEP B 5 15.77 -5.40 -0.41
CA SEP B 5 16.94 -4.62 -0.04
CB SEP B 5 17.87 -4.57 -1.26
OG SEP B 5 17.18 -4.08 -2.39
C SEP B 5 16.57 -3.19 0.40
O SEP B 5 16.54 -2.28 -0.43
P SEP B 5 17.88 -3.96 -3.83
O1P SEP B 5 16.85 -3.29 -4.67
O2P SEP B 5 19.09 -3.14 -3.57
O3P SEP B 5 18.16 -5.36 -4.21
H SEP B 5 14.93 -4.90 -0.70
HA SEP B 5 17.47 -5.12 0.77
HB2 SEP B 5 18.73 -3.94 -1.04
HB3 SEP B 5 18.23 -5.57 -1.48
N PRO B 6 16.29 -2.95 1.69
CA PRO B 6 16.13 -3.92 2.75
C PRO B 6 14.77 -4.61 2.66
N SER B 7 14.46 -5.48 3.62
CA SER B 7 13.16 -6.13 3.70
C SER B 7 12.12 -5.21 4.35
N TYR B 8 10.84 -5.55 4.19
CA TYR B 8 9.75 -4.79 4.80
C TYR B 8 8.78 -5.74 5.49
N SER B 9 8.51 -5.45 6.77
CA SER B 9 7.52 -6.16 7.55
C SER B 9 6.27 -5.30 7.68
N PRO B 10 5.08 -5.86 7.42
CA PRO B 10 3.83 -5.16 7.57
C PRO B 10 3.61 -4.64 8.99
N THR B 11 4.44 -5.03 9.97
CA THR B 11 4.24 -4.61 11.35
C THR B 11 4.47 -3.12 11.53
N SEP B 12 5.22 -2.48 10.62
CA SEP B 12 5.49 -1.04 10.68
CB SEP B 12 6.73 -0.76 11.53
OG SEP B 12 6.53 -1.23 12.86
C SEP B 12 5.72 -0.47 9.28
O SEP B 12 6.43 -1.09 8.48
P SEP B 12 7.67 -1.05 13.98
O1P SEP B 12 8.85 -1.74 13.39
O2P SEP B 12 7.81 0.42 14.11
O3P SEP B 12 7.08 -1.72 15.17
H SEP B 12 5.64 -3.00 9.86
HA SEP B 12 4.63 -0.55 11.13
HB2 SEP B 12 7.58 -1.26 11.10
HB3 SEP B 12 6.90 0.32 11.55
N PRO B 13 5.12 0.68 8.95
CA PRO B 13 5.27 1.32 7.64
C PRO B 13 6.62 2.00 7.47
N SER B 14 7.35 2.21 8.58
CA SER B 14 8.61 2.93 8.56
C SER B 14 9.52 2.43 9.67
N MET A 1 11.52 20.65 -9.51
CA MET A 1 11.00 19.30 -9.76
C MET A 1 12.12 18.32 -10.11
N GLN A 2 12.85 18.55 -11.20
CA GLN A 2 13.88 17.63 -11.68
C GLN A 2 15.28 18.00 -11.19
N GLN A 3 15.38 18.88 -10.18
CA GLN A 3 16.66 19.34 -9.67
C GLN A 3 16.70 19.30 -8.14
N ASP A 4 15.63 18.80 -7.51
CA ASP A 4 15.54 18.75 -6.06
C ASP A 4 14.68 17.56 -5.62
N ASP A 5 14.62 17.29 -4.31
CA ASP A 5 13.87 16.21 -3.72
C ASP A 5 12.37 16.49 -3.68
N ASP A 6 11.80 16.97 -4.80
CA ASP A 6 10.38 17.20 -4.93
C ASP A 6 9.64 15.88 -5.12
N PHE A 7 8.41 15.94 -5.64
CA PHE A 7 7.60 14.76 -5.93
C PHE A 7 8.35 13.78 -6.83
N GLN A 8 9.45 14.24 -7.45
CA GLN A 8 10.31 13.41 -8.26
C GLN A 8 10.77 12.18 -7.48
N ASN A 9 10.98 12.29 -6.16
CA ASN A 9 11.42 11.14 -5.38
C ASN A 9 10.33 10.07 -5.39
N PHE A 10 9.08 10.44 -5.11
CA PHE A 10 7.98 9.49 -5.05
C PHE A 10 7.78 8.84 -6.41
N VAL A 11 7.69 9.65 -7.47
CA VAL A 11 7.46 9.16 -8.81
C VAL A 11 8.62 8.27 -9.25
N ALA A 12 9.85 8.81 -9.26
CA ALA A 12 11.02 8.07 -9.72
C ALA A 12 11.24 6.81 -8.91
N THR A 13 10.83 6.78 -7.62
CA THR A 13 10.97 5.58 -6.82
C THR A 13 9.96 4.52 -7.29
N LEU A 14 8.70 4.92 -7.48
CA LEU A 14 7.68 3.98 -7.93
C LEU A 14 7.99 3.47 -9.34
N GLU A 15 8.58 4.35 -10.16
CA GLU A 15 8.99 4.05 -11.52
C GLU A 15 10.14 3.06 -11.51
N SER A 16 11.11 3.28 -10.62
CA SER A 16 12.21 2.36 -10.42
C SER A 16 11.66 1.02 -9.91
N PHE A 17 10.57 1.06 -9.15
CA PHE A 17 9.92 -0.15 -8.66
C PHE A 17 9.23 -0.89 -9.81
N LYS A 18 8.73 -0.12 -10.80
CA LYS A 18 8.12 -0.69 -12.00
C LYS A 18 9.15 -1.30 -12.94
N ASP A 19 10.32 -0.66 -13.04
CA ASP A 19 11.37 -1.07 -13.97
C ASP A 19 12.10 -2.33 -13.52
N LEU A 20 11.98 -2.70 -12.24
CA LEU A 20 12.67 -3.87 -11.70
C LEU A 20 11.79 -5.11 -11.77
N LYS A 21 12.44 -6.28 -11.72
CA LYS A 21 11.79 -7.58 -11.73
C LYS A 21 12.19 -8.38 -10.48
N SER A 22 12.89 -7.73 -9.56
CA SER A 22 13.31 -8.30 -8.29
C SER A 22 12.14 -8.38 -7.33
N GLY A 23 12.40 -8.69 -6.05
CA GLY A 23 11.38 -8.79 -5.04
C GLY A 23 10.88 -7.41 -4.59
N ILE A 24 10.55 -7.33 -3.31
CA ILE A 24 9.93 -6.14 -2.73
C ILE A 24 10.95 -5.39 -1.86
N SER A 25 11.86 -4.66 -2.48
CA SER A 25 12.87 -3.91 -1.74
C SER A 25 12.21 -2.84 -0.89
N GLY A 26 12.49 -2.87 0.42
CA GLY A 26 11.88 -1.97 1.38
C GLY A 26 12.34 -0.53 1.20
N SER A 27 13.53 -0.31 0.65
CA SER A 27 14.08 1.04 0.53
C SER A 27 13.22 1.90 -0.38
N ARG A 28 12.64 1.30 -1.43
CA ARG A 28 11.75 2.02 -2.33
C ARG A 28 10.46 2.35 -1.57
N ILE A 29 9.97 1.43 -0.75
CA ILE A 29 8.77 1.68 0.05
C ILE A 29 9.08 2.81 1.03
N LYS A 30 10.30 2.84 1.58
CA LYS A 30 10.72 3.91 2.48
C LYS A 30 10.68 5.26 1.76
N LYS A 31 11.19 5.35 0.53
CA LYS A 31 11.13 6.61 -0.20
C LYS A 31 9.69 7.04 -0.47
N LEU A 32 8.82 6.08 -0.82
CA LEU A 32 7.42 6.38 -1.09
C LEU A 32 6.71 6.88 0.18
N THR A 33 6.71 6.09 1.25
CA THR A 33 6.15 6.52 2.53
C THR A 33 6.75 7.84 3.00
N THR A 34 8.07 8.00 2.84
CA THR A 34 8.76 9.22 3.23
C THR A 34 8.14 10.44 2.56
N TYR A 35 8.14 10.49 1.22
CA TYR A 35 7.67 11.70 0.57
C TYR A 35 6.18 11.93 0.79
N ALA A 36 5.39 10.85 0.88
CA ALA A 36 3.98 10.99 1.22
C ALA A 36 3.81 11.68 2.57
N LEU A 37 4.41 11.08 3.62
CA LEU A 37 4.27 11.55 4.98
C LEU A 37 5.01 12.87 5.23
N ASP A 38 5.93 13.24 4.35
CA ASP A 38 6.71 14.47 4.51
C ASP A 38 5.86 15.75 4.38
N HIS A 39 4.70 15.70 3.74
CA HIS A 39 3.93 16.93 3.53
C HIS A 39 2.41 16.74 3.51
N ILE A 40 1.93 15.57 3.09
CA ILE A 40 0.50 15.26 3.00
C ILE A 40 -0.28 16.43 2.38
N ASP A 41 -0.12 16.61 1.07
CA ASP A 41 -0.78 17.67 0.31
C ASP A 41 -1.04 17.19 -1.13
N ILE A 42 -1.07 15.87 -1.30
CA ILE A 42 -1.14 15.21 -2.60
C ILE A 42 -1.90 13.89 -2.46
N GLU A 43 -2.93 13.90 -1.60
CA GLU A 43 -3.71 12.72 -1.28
C GLU A 43 -4.21 11.96 -2.52
N SER A 44 -4.95 12.63 -3.40
CA SER A 44 -5.59 11.96 -4.53
C SER A 44 -4.60 11.58 -5.62
N LYS A 45 -3.48 12.31 -5.72
CA LYS A 45 -2.48 12.05 -6.73
C LYS A 45 -1.55 10.93 -6.28
N ILE A 46 -1.14 10.94 -5.00
CA ILE A 46 -0.40 9.82 -4.43
C ILE A 46 -1.23 8.53 -4.56
N ILE A 47 -2.48 8.57 -4.09
CA ILE A 47 -3.32 7.38 -4.10
C ILE A 47 -3.64 6.93 -5.52
N SER A 48 -4.05 7.86 -6.40
CA SER A 48 -4.31 7.49 -7.77
C SER A 48 -3.08 6.83 -8.39
N LEU A 49 -1.89 7.35 -8.08
CA LEU A 49 -0.66 6.84 -8.65
C LEU A 49 -0.31 5.43 -8.17
N ILE A 50 -0.48 5.12 -6.87
CA ILE A 50 -0.14 3.78 -6.40
C ILE A 50 -1.19 2.75 -6.82
N ILE A 51 -2.47 3.12 -6.85
CA ILE A 51 -3.51 2.20 -7.29
C ILE A 51 -3.28 1.85 -8.76
N ASP A 52 -3.06 2.89 -9.56
CA ASP A 52 -2.77 2.75 -10.98
C ASP A 52 -1.51 1.92 -11.18
N TYR A 53 -0.46 2.19 -10.39
CA TYR A 53 0.77 1.42 -10.46
C TYR A 53 0.47 -0.06 -10.26
N SER A 54 -0.44 -0.38 -9.34
CA SER A 54 -0.82 -1.75 -9.06
C SER A 54 -1.52 -2.40 -10.25
N ARG A 55 -2.60 -1.79 -10.76
CA ARG A 55 -3.40 -2.42 -11.80
C ARG A 55 -2.67 -2.50 -13.15
N LEU A 56 -1.66 -1.65 -13.36
CA LEU A 56 -0.89 -1.67 -14.61
C LEU A 56 0.19 -2.74 -14.67
N CYS A 57 0.57 -3.35 -13.56
CA CYS A 57 1.75 -4.22 -13.53
C CYS A 57 1.49 -5.64 -13.01
N PRO A 58 2.45 -6.57 -13.27
CA PRO A 58 2.39 -7.98 -12.89
C PRO A 58 2.26 -8.23 -11.38
N ASP A 59 2.09 -9.50 -11.00
CA ASP A 59 1.84 -9.91 -9.63
C ASP A 59 2.94 -9.50 -8.66
N SER A 60 4.20 -9.42 -9.11
CA SER A 60 5.27 -8.95 -8.23
C SER A 60 4.98 -7.50 -7.82
N HIS A 61 4.44 -6.74 -8.78
CA HIS A 61 4.09 -5.36 -8.55
C HIS A 61 2.78 -5.26 -7.78
N LYS A 62 1.87 -6.24 -7.91
CA LYS A 62 0.66 -6.29 -7.10
C LYS A 62 1.04 -6.43 -5.63
N LEU A 63 1.99 -7.33 -5.33
CA LEU A 63 2.47 -7.52 -3.97
C LEU A 63 3.15 -6.24 -3.48
N GLY A 64 4.04 -5.68 -4.30
CA GLY A 64 4.73 -4.45 -3.96
C GLY A 64 3.74 -3.32 -3.71
N SER A 65 2.70 -3.22 -4.55
CA SER A 65 1.70 -2.19 -4.41
C SER A 65 0.94 -2.35 -3.11
N LEU A 66 0.56 -3.57 -2.75
CA LEU A 66 -0.14 -3.80 -1.49
C LEU A 66 0.73 -3.41 -0.31
N TYR A 67 2.04 -3.65 -0.37
CA TYR A 67 2.92 -3.26 0.72
C TYR A 67 3.10 -1.75 0.77
N ILE A 68 3.08 -1.07 -0.37
CA ILE A 68 3.14 0.39 -0.42
C ILE A 68 1.84 0.99 0.09
N ILE A 69 0.71 0.39 -0.31
CA ILE A 69 -0.61 0.81 0.13
C ILE A 69 -0.75 0.57 1.64
N ASP A 70 -0.11 -0.49 2.15
CA ASP A 70 -0.20 -0.82 3.55
C ASP A 70 0.65 0.12 4.41
N SER A 71 1.88 0.46 3.96
CA SER A 71 2.74 1.36 4.71
C SER A 71 2.17 2.78 4.71
N ILE A 72 1.81 3.30 3.54
CA ILE A 72 1.26 4.65 3.44
C ILE A 72 -0.12 4.70 4.11
N GLY A 73 -0.96 3.69 3.88
CA GLY A 73 -2.31 3.66 4.44
C GLY A 73 -2.27 3.54 5.96
N ARG A 74 -1.35 2.73 6.50
CA ARG A 74 -1.21 2.53 7.93
C ARG A 74 -0.65 3.79 8.57
N ALA A 75 0.31 4.43 7.91
CA ALA A 75 0.91 5.66 8.40
C ALA A 75 -0.11 6.79 8.38
N TYR A 76 -0.93 6.86 7.31
CA TYR A 76 -2.00 7.84 7.21
C TYR A 76 -3.01 7.62 8.33
N LEU A 77 -3.45 6.37 8.49
CA LEU A 77 -4.48 6.01 9.47
C LEU A 77 -4.03 6.42 10.87
N ASP A 78 -2.80 6.08 11.24
CA ASP A 78 -2.26 6.40 12.55
C ASP A 78 -2.14 7.91 12.72
N GLU A 79 -1.63 8.60 11.70
CA GLU A 79 -1.39 10.03 11.81
C GLU A 79 -2.71 10.81 11.91
N THR A 80 -3.73 10.41 11.16
CA THR A 80 -4.99 11.14 11.18
C THR A 80 -5.84 10.77 12.40
N ARG A 81 -5.64 9.58 12.98
CA ARG A 81 -6.30 9.23 14.24
C ARG A 81 -5.55 9.81 15.44
N SER A 82 -4.25 10.07 15.30
CA SER A 82 -3.45 10.66 16.37
C SER A 82 -3.73 12.16 16.53
N ASN A 83 -4.33 12.79 15.51
CA ASN A 83 -4.64 14.20 15.54
C ASN A 83 -6.02 14.42 16.19
N SER A 84 -6.17 15.55 16.91
CA SER A 84 -7.41 15.92 17.57
C SER A 84 -7.69 17.42 17.43
N ASN A 85 -6.86 18.13 16.68
CA ASN A 85 -7.01 19.57 16.47
C ASN A 85 -7.78 19.82 15.17
N SER A 86 -8.29 21.04 15.00
CA SER A 86 -9.06 21.40 13.81
C SER A 86 -8.14 21.53 12.59
N SER A 87 -8.70 21.26 11.41
CA SER A 87 -7.98 21.33 10.15
C SER A 87 -8.96 21.50 9.00
N SER A 88 -8.45 21.79 7.79
CA SER A 88 -9.28 21.96 6.61
C SER A 88 -9.84 20.62 6.16
N ASN A 89 -10.93 20.66 5.39
CA ASN A 89 -11.58 19.46 4.86
C ASN A 89 -11.81 19.56 3.35
N LYS A 90 -11.28 20.62 2.73
CA LYS A 90 -11.45 20.87 1.30
C LYS A 90 -10.58 19.93 0.45
N PRO A 91 -9.29 19.71 0.77
CA PRO A 91 -8.44 18.80 0.01
C PRO A 91 -8.68 17.35 0.40
N GLY A 92 -9.35 17.12 1.54
CA GLY A 92 -9.65 15.78 2.05
C GLY A 92 -8.42 15.10 2.66
N THR A 93 -7.24 15.37 2.10
CA THR A 93 -5.96 14.87 2.59
C THR A 93 -5.95 13.36 2.85
N CYS A 94 -5.01 12.88 3.68
CA CYS A 94 -4.81 11.47 3.96
C CYS A 94 -6.08 10.74 4.40
N ALA A 95 -7.01 11.43 5.06
CA ALA A 95 -8.27 10.80 5.44
C ALA A 95 -9.03 10.37 4.17
N HIS A 96 -9.10 11.28 3.18
CA HIS A 96 -9.76 10.98 1.92
C HIS A 96 -8.90 10.03 1.07
N ALA A 97 -7.59 9.99 1.31
CA ALA A 97 -6.72 9.06 0.62
C ALA A 97 -7.08 7.64 1.00
N ILE A 98 -7.28 7.39 2.31
CA ILE A 98 -7.71 6.10 2.78
C ILE A 98 -9.11 5.82 2.25
N ASN A 99 -9.99 6.82 2.29
CA ASN A 99 -11.34 6.67 1.77
C ASN A 99 -11.33 6.30 0.28
N THR A 100 -10.37 6.82 -0.47
CA THR A 100 -10.27 6.54 -1.90
C THR A 100 -9.74 5.13 -2.14
N LEU A 101 -8.73 4.68 -1.39
CA LEU A 101 -8.28 3.31 -1.51
C LEU A 101 -9.43 2.37 -1.15
N GLY A 102 -10.31 2.81 -0.25
CA GLY A 102 -11.47 2.06 0.19
C GLY A 102 -12.43 1.69 -0.93
N GLU A 103 -12.31 2.31 -2.11
CA GLU A 103 -13.20 2.01 -3.23
C GLU A 103 -12.53 1.08 -4.25
N VAL A 104 -11.24 0.81 -4.09
CA VAL A 104 -10.48 -0.03 -5.01
C VAL A 104 -9.88 -1.25 -4.34
N ILE A 105 -9.71 -1.23 -3.01
CA ILE A 105 -9.09 -2.31 -2.27
C ILE A 105 -9.72 -3.67 -2.60
N GLN A 106 -10.99 -3.67 -3.00
CA GLN A 106 -11.68 -4.88 -3.40
C GLN A 106 -11.05 -5.48 -4.65
N GLU A 107 -10.96 -4.70 -5.73
CA GLU A 107 -10.39 -5.17 -6.98
C GLU A 107 -8.91 -5.45 -6.78
N LEU A 108 -8.24 -4.58 -6.03
CA LEU A 108 -6.81 -4.70 -5.79
C LEU A 108 -6.48 -6.03 -5.13
N LEU A 109 -7.09 -6.35 -3.99
CA LEU A 109 -6.76 -7.58 -3.29
C LEU A 109 -7.25 -8.81 -4.05
N SER A 110 -8.52 -8.84 -4.45
CA SER A 110 -9.04 -10.02 -5.14
C SER A 110 -8.21 -10.34 -6.38
N ASP A 111 -7.93 -9.37 -7.26
CA ASP A 111 -7.18 -9.64 -8.47
C ASP A 111 -5.71 -9.96 -8.15
N ALA A 112 -5.08 -9.16 -7.28
CA ALA A 112 -3.68 -9.36 -6.93
C ALA A 112 -3.41 -10.79 -6.51
N ILE A 113 -4.15 -11.27 -5.51
CA ILE A 113 -3.96 -12.61 -4.98
C ILE A 113 -4.42 -13.65 -5.99
N ALA A 114 -5.50 -13.37 -6.73
CA ALA A 114 -6.00 -14.34 -7.69
C ALA A 114 -5.06 -14.45 -8.89
N LYS A 115 -4.24 -13.43 -9.13
CA LYS A 115 -3.37 -13.37 -10.30
C LYS A 115 -1.94 -13.80 -9.97
N SER A 116 -1.61 -13.86 -8.69
CA SER A 116 -0.26 -14.13 -8.23
C SER A 116 0.04 -15.62 -8.16
N ASN A 117 1.33 -15.95 -7.99
CA ASN A 117 1.78 -17.33 -7.91
C ASN A 117 1.68 -17.80 -6.46
N GLN A 118 1.95 -19.07 -6.18
CA GLN A 118 1.79 -19.60 -4.83
C GLN A 118 2.58 -18.82 -3.80
N ASP A 119 3.82 -18.41 -4.12
CA ASP A 119 4.64 -17.67 -3.18
C ASP A 119 4.10 -16.26 -2.98
N HIS A 120 3.70 -15.58 -4.06
CA HIS A 120 3.20 -14.21 -3.97
C HIS A 120 1.83 -14.19 -3.30
N LYS A 121 0.94 -15.13 -3.67
CA LYS A 121 -0.30 -15.32 -2.94
C LYS A 121 -0.01 -15.47 -1.46
N GLU A 122 0.93 -16.34 -1.11
CA GLU A 122 1.22 -16.61 0.28
C GLU A 122 1.69 -15.34 1.01
N LYS A 123 2.48 -14.51 0.33
CA LYS A 123 2.91 -13.23 0.91
C LYS A 123 1.70 -12.31 1.17
N ILE A 124 0.76 -12.23 0.23
CA ILE A 124 -0.41 -11.39 0.45
C ILE A 124 -1.29 -12.03 1.53
N ARG A 125 -1.32 -13.38 1.57
CA ARG A 125 -2.07 -14.12 2.58
C ARG A 125 -1.48 -13.84 3.96
N MET A 126 -0.16 -13.70 4.04
CA MET A 126 0.54 -13.34 5.28
C MET A 126 0.15 -11.93 5.72
N LEU A 127 0.12 -10.99 4.77
CA LEU A 127 -0.30 -9.63 5.09
C LEU A 127 -1.72 -9.65 5.67
N LEU A 128 -2.59 -10.47 5.07
CA LEU A 128 -3.96 -10.61 5.56
C LEU A 128 -4.03 -11.32 6.89
N ASP A 129 -3.11 -12.25 7.16
CA ASP A 129 -3.06 -12.97 8.43
C ASP A 129 -2.71 -12.02 9.55
N ILE A 130 -1.77 -11.09 9.29
CA ILE A 130 -1.37 -10.08 10.26
C ILE A 130 -2.51 -9.09 10.45
N TRP A 131 -3.17 -8.68 9.36
CA TRP A 131 -4.29 -7.77 9.41
C TRP A 131 -5.44 -8.37 10.22
N ASP A 132 -5.66 -9.68 10.10
CA ASP A 132 -6.71 -10.38 10.81
C ASP A 132 -6.34 -10.58 12.29
N ARG A 133 -5.05 -10.84 12.56
CA ARG A 133 -4.59 -11.05 13.93
C ARG A 133 -4.68 -9.77 14.75
N SER A 134 -4.34 -8.62 14.13
CA SER A 134 -4.42 -7.34 14.80
C SER A 134 -5.87 -6.87 14.94
N GLY A 135 -6.79 -7.49 14.18
CA GLY A 135 -8.21 -7.18 14.24
C GLY A 135 -8.94 -8.00 15.29
N LEU A 136 -8.23 -8.95 15.93
CA LEU A 136 -8.77 -9.88 16.91
C LEU A 136 -9.94 -10.69 16.34
N PHE A 137 -10.51 -11.59 17.16
CA PHE A 137 -11.60 -12.46 16.79
C PHE A 137 -11.27 -13.28 15.53
N GLN A 138 -12.30 -13.86 14.91
CA GLN A 138 -12.15 -14.67 13.70
C GLN A 138 -13.01 -14.14 12.55
N LYS A 139 -13.51 -12.91 12.68
CA LYS A 139 -14.35 -12.28 11.65
C LYS A 139 -13.57 -11.19 10.93
N SER A 140 -13.86 -11.01 9.63
CA SER A 140 -13.19 -10.02 8.81
C SER A 140 -13.90 -8.67 8.88
N TYR A 141 -13.24 -7.62 8.37
CA TYR A 141 -13.78 -6.26 8.39
C TYR A 141 -13.75 -5.63 6.99
N LEU A 142 -13.46 -6.43 5.96
CA LEU A 142 -13.38 -5.95 4.58
C LEU A 142 -13.82 -7.05 3.63
N ASN A 143 -14.61 -6.69 2.61
CA ASN A 143 -15.15 -7.65 1.65
C ASN A 143 -14.15 -8.05 0.55
N ALA A 144 -13.07 -7.28 0.42
CA ALA A 144 -12.12 -7.39 -0.68
C ALA A 144 -11.60 -8.82 -0.83
N ILE A 145 -11.23 -9.45 0.29
CA ILE A 145 -10.83 -10.85 0.30
C ILE A 145 -11.95 -11.75 0.83
N ARG A 146 -13.01 -11.19 1.42
CA ARG A 146 -14.16 -11.99 1.83
C ARG A 146 -14.71 -12.70 0.62
N SER A 147 -14.60 -12.08 -0.56
CA SER A 147 -14.89 -12.77 -1.81
C SER A 147 -13.77 -13.79 -2.03
N LYS A 148 -14.14 -15.08 -2.09
CA LYS A 148 -13.19 -16.19 -2.13
C LYS A 148 -12.20 -16.09 -3.29
N CYS A 149 -12.53 -15.32 -4.32
CA CYS A 149 -11.69 -15.18 -5.49
C CYS A 149 -10.22 -15.01 -5.11
N PHE A 150 -9.94 -14.42 -3.93
CA PHE A 150 -8.61 -14.09 -3.41
C PHE A 150 -7.61 -15.25 -3.47
N ALA A 151 -6.98 -15.58 -2.36
CA ALA A 151 -6.16 -16.77 -2.34
C ALA A 151 -7.01 -18.03 -2.49
N MET A 152 -8.35 -17.91 -2.61
CA MET A 152 -9.18 -19.10 -2.70
C MET A 152 -9.70 -19.32 -4.14
N ASP A 153 -9.59 -18.32 -5.04
CA ASP A 153 -9.91 -18.45 -6.45
C ASP A 153 -11.28 -19.07 -6.78
N LEU A 154 -12.17 -19.17 -5.78
CA LEU A 154 -13.49 -19.77 -5.99
C LEU A 154 -14.51 -18.71 -6.38
N TYR B 1 10.32 -17.47 -1.90
CA TYR B 1 10.72 -16.07 -2.01
C TYR B 1 12.02 -15.81 -1.26
N SER B 2 12.54 -14.58 -1.34
CA SER B 2 13.80 -14.20 -0.72
C SER B 2 13.62 -12.90 0.09
N PRO B 3 14.48 -12.65 1.07
CA PRO B 3 14.44 -11.45 1.90
C PRO B 3 14.83 -10.22 1.11
N THR B 4 14.53 -9.04 1.65
CA THR B 4 14.78 -7.76 1.00
C THR B 4 15.37 -6.75 1.97
N SEP B 5 15.69 -5.54 1.49
CA SEP B 5 16.35 -4.51 2.27
CB SEP B 5 17.78 -4.30 1.72
OG SEP B 5 17.81 -3.57 0.52
C SEP B 5 15.59 -3.18 2.25
O SEP B 5 15.26 -2.68 1.18
P SEP B 5 17.56 -4.22 -0.94
O1P SEP B 5 16.14 -4.63 -0.94
O2P SEP B 5 17.89 -3.11 -1.86
O3P SEP B 5 18.53 -5.35 -0.98
H SEP B 5 15.49 -5.33 0.52
HA SEP B 5 16.43 -4.87 3.30
HB2 SEP B 5 18.33 -3.73 2.47
HB3 SEP B 5 18.26 -5.28 1.60
N PRO B 6 15.31 -2.58 3.41
CA PRO B 6 15.44 -3.13 4.75
C PRO B 6 14.26 -4.07 5.08
N SER B 7 13.48 -4.44 4.06
CA SER B 7 12.23 -5.18 4.20
C SER B 7 11.18 -4.37 4.98
N TYR B 8 9.94 -4.88 5.01
CA TYR B 8 8.82 -4.25 5.67
C TYR B 8 7.90 -5.30 6.28
N SER B 9 7.26 -4.94 7.40
CA SER B 9 6.29 -5.79 8.06
C SER B 9 4.98 -5.02 8.21
N PRO B 10 3.85 -5.62 7.81
CA PRO B 10 2.54 -5.03 7.97
C PRO B 10 2.23 -4.64 9.40
N THR B 11 3.04 -5.06 10.38
CA THR B 11 2.77 -4.78 11.79
C THR B 11 3.02 -3.31 12.15
N SEP B 12 3.79 -2.57 11.35
CA SEP B 12 4.08 -1.17 11.63
CB SEP B 12 5.19 -1.10 12.69
OG SEP B 12 5.43 0.23 13.08
C SEP B 12 4.53 -0.42 10.37
O SEP B 12 5.25 -0.99 9.55
P SEP B 12 6.50 0.58 14.24
O1P SEP B 12 5.96 -0.11 15.44
O2P SEP B 12 7.77 0.04 13.73
O3P SEP B 12 6.43 2.06 14.31
H SEP B 12 4.19 -2.97 10.51
HA SEP B 12 3.18 -0.70 12.03
HB2 SEP B 12 4.88 -1.68 13.57
HB3 SEP B 12 6.10 -1.54 12.28
N PRO B 13 4.12 0.84 10.20
CA PRO B 13 4.49 1.67 9.06
C PRO B 13 5.96 2.09 9.14
N SER B 14 6.43 2.79 8.11
CA SER B 14 7.77 3.33 8.03
C SER B 14 8.01 4.36 9.14
N MET A 1 24.87 17.26 -4.41
CA MET A 1 23.50 17.34 -3.87
C MET A 1 22.51 17.73 -4.96
N GLN A 2 21.22 17.73 -4.62
CA GLN A 2 20.15 18.10 -5.56
C GLN A 2 19.11 18.95 -4.86
N GLN A 3 18.25 19.62 -5.63
CA GLN A 3 17.23 20.52 -5.10
C GLN A 3 15.86 19.84 -5.10
N ASP A 4 14.97 20.31 -4.21
CA ASP A 4 13.63 19.81 -3.99
C ASP A 4 13.56 18.34 -3.55
N ASP A 5 12.59 18.05 -2.68
CA ASP A 5 12.34 16.72 -2.15
C ASP A 5 10.85 16.53 -1.88
N ASP A 6 10.01 17.19 -2.69
CA ASP A 6 8.57 17.12 -2.59
C ASP A 6 8.06 15.79 -3.16
N PHE A 7 6.82 15.78 -3.66
CA PHE A 7 6.19 14.60 -4.24
C PHE A 7 7.03 13.97 -5.35
N GLN A 8 8.03 14.72 -5.85
CA GLN A 8 8.94 14.22 -6.87
C GLN A 8 9.62 12.94 -6.43
N ASN A 9 10.05 12.84 -5.17
CA ASN A 9 10.71 11.63 -4.71
C ASN A 9 9.75 10.46 -4.72
N PHE A 10 8.48 10.68 -4.36
CA PHE A 10 7.50 9.62 -4.34
C PHE A 10 7.26 9.11 -5.76
N VAL A 11 6.90 10.03 -6.67
CA VAL A 11 6.62 9.67 -8.05
C VAL A 11 7.85 9.02 -8.66
N ALA A 12 8.99 9.70 -8.60
CA ALA A 12 10.23 9.22 -9.19
C ALA A 12 10.65 7.86 -8.65
N THR A 13 10.34 7.57 -7.38
CA THR A 13 10.67 6.26 -6.82
C THR A 13 9.74 5.19 -7.38
N LEU A 14 8.43 5.46 -7.46
CA LEU A 14 7.50 4.46 -7.99
C LEU A 14 7.77 4.24 -9.49
N GLU A 15 8.18 5.30 -10.17
CA GLU A 15 8.53 5.27 -11.59
C GLU A 15 9.77 4.41 -11.77
N SER A 16 10.77 4.61 -10.90
CA SER A 16 11.97 3.79 -10.90
C SER A 16 11.61 2.34 -10.62
N PHE A 17 10.57 2.12 -9.81
CA PHE A 17 10.07 0.78 -9.52
C PHE A 17 9.60 0.12 -10.81
N LYS A 18 8.78 0.81 -11.59
CA LYS A 18 8.26 0.29 -12.86
C LYS A 18 9.35 0.14 -13.90
N ASP A 19 10.32 1.06 -13.94
CA ASP A 19 11.33 1.08 -14.98
C ASP A 19 12.42 0.02 -14.74
N LEU A 20 12.80 -0.19 -13.48
CA LEU A 20 13.87 -1.12 -13.14
C LEU A 20 13.36 -2.56 -13.08
N LYS A 21 12.04 -2.74 -12.97
CA LYS A 21 11.41 -4.06 -12.91
C LYS A 21 12.04 -4.96 -11.83
N SER A 22 12.54 -4.33 -10.76
CA SER A 22 13.18 -5.04 -9.65
C SER A 22 12.14 -5.73 -8.77
N GLY A 23 12.62 -6.41 -7.72
CA GLY A 23 11.78 -7.14 -6.79
C GLY A 23 11.09 -6.19 -5.82
N ILE A 24 10.97 -6.62 -4.56
CA ILE A 24 10.25 -5.89 -3.53
C ILE A 24 11.22 -5.21 -2.55
N SER A 25 12.36 -4.73 -3.05
CA SER A 25 13.36 -4.08 -2.20
C SER A 25 12.72 -2.95 -1.41
N GLY A 26 12.93 -2.97 -0.10
CA GLY A 26 12.29 -2.03 0.82
C GLY A 26 12.73 -0.58 0.62
N SER A 27 13.83 -0.33 -0.11
CA SER A 27 14.32 1.03 -0.29
C SER A 27 13.28 1.88 -1.03
N ARG A 28 12.63 1.30 -2.04
CA ARG A 28 11.62 2.01 -2.80
C ARG A 28 10.42 2.25 -1.90
N ILE A 29 10.03 1.25 -1.12
CA ILE A 29 8.90 1.38 -0.20
C ILE A 29 9.22 2.43 0.86
N LYS A 30 10.48 2.51 1.28
CA LYS A 30 10.91 3.49 2.27
C LYS A 30 10.81 4.90 1.72
N LYS A 31 11.21 5.14 0.46
CA LYS A 31 11.05 6.47 -0.14
C LYS A 31 9.56 6.82 -0.29
N LEU A 32 8.75 5.85 -0.72
CA LEU A 32 7.33 6.09 -0.91
C LEU A 32 6.66 6.47 0.42
N THR A 33 6.76 5.60 1.43
CA THR A 33 6.21 5.92 2.74
C THR A 33 6.74 7.23 3.29
N THR A 34 8.05 7.47 3.17
CA THR A 34 8.67 8.67 3.66
C THR A 34 8.00 9.91 3.10
N TYR A 35 7.97 10.05 1.77
CA TYR A 35 7.49 11.29 1.18
C TYR A 35 5.97 11.39 1.15
N ALA A 36 5.25 10.28 1.37
CA ALA A 36 3.82 10.38 1.64
C ALA A 36 3.62 10.99 3.02
N LEU A 37 4.17 10.34 4.04
CA LEU A 37 4.00 10.73 5.44
C LEU A 37 4.66 12.09 5.74
N ASP A 38 5.60 12.52 4.90
CA ASP A 38 6.29 13.79 5.08
C ASP A 38 5.42 15.00 4.77
N HIS A 39 4.28 14.82 4.11
CA HIS A 39 3.44 15.96 3.72
C HIS A 39 1.97 15.75 4.03
N ILE A 40 1.43 14.58 3.68
CA ILE A 40 0.01 14.29 3.81
C ILE A 40 -0.85 15.49 3.40
N ASP A 41 -0.78 15.82 2.11
CA ASP A 41 -1.53 16.90 1.50
C ASP A 41 -1.79 16.54 0.03
N ILE A 42 -1.72 15.24 -0.26
CA ILE A 42 -1.74 14.68 -1.61
C ILE A 42 -2.40 13.31 -1.56
N GLU A 43 -3.42 13.16 -0.71
CA GLU A 43 -4.09 11.91 -0.47
C GLU A 43 -4.57 11.21 -1.75
N SER A 44 -5.32 11.91 -2.59
CA SER A 44 -5.94 11.30 -3.76
C SER A 44 -4.94 11.05 -4.88
N LYS A 45 -3.84 11.81 -4.91
CA LYS A 45 -2.83 11.67 -5.94
C LYS A 45 -1.83 10.59 -5.54
N ILE A 46 -1.43 10.54 -4.27
CA ILE A 46 -0.64 9.44 -3.75
C ILE A 46 -1.37 8.11 -3.99
N ILE A 47 -2.64 8.05 -3.56
CA ILE A 47 -3.42 6.82 -3.67
C ILE A 47 -3.72 6.49 -5.13
N SER A 48 -4.20 7.45 -5.92
CA SER A 48 -4.46 7.18 -7.32
C SER A 48 -3.20 6.65 -7.99
N LEU A 49 -2.02 7.18 -7.61
CA LEU A 49 -0.77 6.77 -8.22
C LEU A 49 -0.38 5.35 -7.85
N ILE A 50 -0.52 4.92 -6.59
CA ILE A 50 -0.12 3.55 -6.25
C ILE A 50 -1.12 2.53 -6.80
N ILE A 51 -2.41 2.86 -6.83
CA ILE A 51 -3.42 1.95 -7.38
C ILE A 51 -3.15 1.76 -8.87
N ASP A 52 -2.98 2.88 -9.57
CA ASP A 52 -2.68 2.88 -10.98
C ASP A 52 -1.39 2.11 -11.26
N TYR A 53 -0.38 2.30 -10.41
CA TYR A 53 0.86 1.56 -10.51
C TYR A 53 0.59 0.05 -10.46
N SER A 54 -0.34 -0.36 -9.59
CA SER A 54 -0.68 -1.77 -9.44
C SER A 54 -1.34 -2.33 -10.69
N ARG A 55 -2.35 -1.64 -11.22
CA ARG A 55 -3.11 -2.16 -12.35
C ARG A 55 -2.33 -2.11 -13.66
N LEU A 56 -1.34 -1.22 -13.78
CA LEU A 56 -0.51 -1.12 -14.96
C LEU A 56 0.60 -2.16 -15.03
N CYS A 57 0.92 -2.83 -13.93
CA CYS A 57 2.09 -3.70 -13.84
C CYS A 57 1.72 -5.16 -13.52
N PRO A 58 2.61 -6.11 -13.88
CA PRO A 58 2.42 -7.54 -13.72
C PRO A 58 2.50 -8.02 -12.27
N ASP A 59 2.51 -9.34 -12.09
CA ASP A 59 2.40 -10.05 -10.82
C ASP A 59 3.36 -9.56 -9.73
N SER A 60 4.63 -9.35 -10.07
CA SER A 60 5.62 -8.89 -9.12
C SER A 60 5.20 -7.55 -8.54
N HIS A 61 4.51 -6.74 -9.34
CA HIS A 61 4.05 -5.44 -8.89
C HIS A 61 2.71 -5.55 -8.19
N LYS A 62 1.98 -6.68 -8.31
CA LYS A 62 0.79 -6.89 -7.50
C LYS A 62 1.25 -7.11 -6.07
N LEU A 63 2.31 -7.91 -5.90
CA LEU A 63 2.88 -8.13 -4.57
C LEU A 63 3.49 -6.83 -4.03
N GLY A 64 4.31 -6.17 -4.86
CA GLY A 64 4.93 -4.91 -4.46
C GLY A 64 3.87 -3.88 -4.13
N SER A 65 2.77 -3.86 -4.89
CA SER A 65 1.67 -2.95 -4.65
C SER A 65 1.09 -3.21 -3.28
N LEU A 66 0.76 -4.47 -2.95
CA LEU A 66 0.21 -4.77 -1.65
C LEU A 66 1.17 -4.35 -0.53
N TYR A 67 2.49 -4.46 -0.71
CA TYR A 67 3.42 -4.02 0.32
C TYR A 67 3.47 -2.49 0.42
N ILE A 68 3.31 -1.76 -0.69
CA ILE A 68 3.31 -0.30 -0.66
C ILE A 68 1.98 0.22 -0.11
N ILE A 69 0.87 -0.42 -0.50
CA ILE A 69 -0.45 -0.12 0.03
C ILE A 69 -0.47 -0.44 1.52
N ASP A 70 0.22 -1.50 1.91
CA ASP A 70 0.30 -1.89 3.31
C ASP A 70 1.10 -0.88 4.11
N SER A 71 2.24 -0.39 3.59
CA SER A 71 3.08 0.54 4.33
C SER A 71 2.39 1.88 4.52
N ILE A 72 1.99 2.52 3.43
CA ILE A 72 1.29 3.79 3.49
C ILE A 72 -0.07 3.57 4.18
N GLY A 73 -0.66 2.38 4.02
CA GLY A 73 -1.94 2.05 4.63
C GLY A 73 -1.88 1.98 6.15
N ARG A 74 -0.97 1.17 6.70
CA ARG A 74 -0.84 1.04 8.15
C ARG A 74 -0.35 2.35 8.77
N ALA A 75 0.50 3.07 8.05
CA ALA A 75 0.99 4.36 8.52
C ALA A 75 -0.16 5.37 8.57
N TYR A 76 -0.97 5.44 7.51
CA TYR A 76 -2.13 6.33 7.48
C TYR A 76 -3.13 5.93 8.54
N LEU A 77 -3.43 4.62 8.63
CA LEU A 77 -4.40 4.10 9.57
C LEU A 77 -4.05 4.51 10.99
N ASP A 78 -2.77 4.39 11.38
CA ASP A 78 -2.35 4.78 12.71
C ASP A 78 -2.45 6.29 12.88
N GLU A 79 -1.94 7.05 11.91
CA GLU A 79 -1.88 8.50 12.00
C GLU A 79 -3.28 9.14 12.05
N THR A 80 -4.31 8.48 11.51
CA THR A 80 -5.65 9.03 11.54
C THR A 80 -6.49 8.43 12.66
N ARG A 81 -6.20 7.20 13.08
CA ARG A 81 -6.97 6.55 14.15
C ARG A 81 -6.45 6.93 15.53
N SER A 82 -5.22 7.45 15.62
CA SER A 82 -4.66 7.90 16.89
C SER A 82 -5.47 9.04 17.51
N ASN A 83 -6.28 9.72 16.70
CA ASN A 83 -7.11 10.85 17.13
C ASN A 83 -6.31 11.92 17.88
N SER A 84 -5.00 12.01 17.62
CA SER A 84 -4.14 12.99 18.27
C SER A 84 -4.11 14.32 17.51
N ASN A 85 -4.81 14.38 16.36
CA ASN A 85 -4.86 15.57 15.54
C ASN A 85 -6.22 15.65 14.84
N SER A 86 -6.65 16.86 14.48
CA SER A 86 -7.94 17.09 13.83
C SER A 86 -7.77 17.24 12.31
N SER A 87 -6.52 17.26 11.84
CA SER A 87 -6.16 17.45 10.43
C SER A 87 -6.75 18.75 9.86
N SER A 88 -6.59 18.93 8.55
CA SER A 88 -7.08 20.12 7.85
C SER A 88 -8.61 20.09 7.74
N ASN A 89 -9.20 21.25 7.43
CA ASN A 89 -10.65 21.42 7.42
C ASN A 89 -11.24 21.43 6.00
N LYS A 90 -10.46 21.03 4.98
CA LYS A 90 -10.94 21.03 3.60
C LYS A 90 -10.62 19.74 2.84
N PRO A 91 -9.37 19.26 2.81
CA PRO A 91 -9.03 18.02 2.14
C PRO A 91 -9.48 16.81 2.95
N GLY A 92 -9.62 15.66 2.29
CA GLY A 92 -10.02 14.42 2.95
C GLY A 92 -8.81 13.72 3.59
N THR A 93 -7.61 14.05 3.11
CA THR A 93 -6.35 13.54 3.62
C THR A 93 -6.31 12.00 3.74
N CYS A 94 -5.38 11.49 4.55
CA CYS A 94 -5.12 10.06 4.70
C CYS A 94 -6.37 9.25 5.05
N ALA A 95 -7.35 9.84 5.73
CA ALA A 95 -8.59 9.13 6.01
C ALA A 95 -9.32 8.79 4.71
N HIS A 96 -9.41 9.78 3.81
CA HIS A 96 -10.03 9.59 2.52
C HIS A 96 -9.13 8.77 1.60
N ALA A 97 -7.82 8.75 1.88
CA ALA A 97 -6.90 7.93 1.12
C ALA A 97 -7.21 6.46 1.37
N ILE A 98 -7.39 6.08 2.64
CA ILE A 98 -7.79 4.73 2.98
C ILE A 98 -9.16 4.44 2.37
N ASN A 99 -10.07 5.41 2.45
CA ASN A 99 -11.40 5.24 1.90
C ASN A 99 -11.36 5.05 0.38
N THR A 100 -10.42 5.72 -0.30
CA THR A 100 -10.27 5.61 -1.74
C THR A 100 -9.69 4.25 -2.12
N LEU A 101 -8.71 3.74 -1.37
CA LEU A 101 -8.24 2.39 -1.61
C LEU A 101 -9.40 1.41 -1.38
N GLY A 102 -10.30 1.75 -0.46
CA GLY A 102 -11.46 0.93 -0.14
C GLY A 102 -12.37 0.67 -1.35
N GLU A 103 -12.23 1.43 -2.45
CA GLU A 103 -13.08 1.24 -3.62
C GLU A 103 -12.37 0.43 -4.70
N VAL A 104 -11.09 0.11 -4.50
CA VAL A 104 -10.30 -0.64 -5.47
C VAL A 104 -9.67 -1.90 -4.85
N ILE A 105 -9.55 -1.95 -3.52
CA ILE A 105 -8.91 -3.04 -2.82
C ILE A 105 -9.53 -4.40 -3.19
N GLN A 106 -10.77 -4.41 -3.66
CA GLN A 106 -11.44 -5.64 -4.08
C GLN A 106 -10.68 -6.33 -5.21
N GLU A 107 -10.40 -5.61 -6.30
CA GLU A 107 -9.71 -6.21 -7.43
C GLU A 107 -8.22 -6.33 -7.17
N LEU A 108 -7.65 -5.44 -6.35
CA LEU A 108 -6.23 -5.50 -6.02
C LEU A 108 -5.93 -6.80 -5.28
N LEU A 109 -6.69 -7.09 -4.22
CA LEU A 109 -6.53 -8.33 -3.47
C LEU A 109 -6.92 -9.51 -4.34
N SER A 110 -8.15 -9.58 -4.84
CA SER A 110 -8.56 -10.79 -5.54
C SER A 110 -7.58 -11.16 -6.66
N ASP A 111 -7.09 -10.20 -7.45
CA ASP A 111 -6.12 -10.52 -8.48
C ASP A 111 -4.77 -10.94 -7.88
N ALA A 112 -4.26 -10.16 -6.91
CA ALA A 112 -2.99 -10.45 -6.25
C ALA A 112 -2.97 -11.84 -5.62
N ILE A 113 -4.10 -12.34 -5.11
CA ILE A 113 -4.11 -13.71 -4.58
C ILE A 113 -4.27 -14.74 -5.70
N ALA A 114 -5.14 -14.46 -6.68
CA ALA A 114 -5.39 -15.42 -7.74
C ALA A 114 -4.16 -15.57 -8.65
N LYS A 115 -3.34 -14.52 -8.72
CA LYS A 115 -2.12 -14.51 -9.52
C LYS A 115 -0.97 -15.19 -8.77
N SER A 116 -1.12 -15.36 -7.45
CA SER A 116 -0.08 -15.87 -6.58
C SER A 116 0.02 -17.40 -6.58
N ASN A 117 1.18 -17.88 -6.13
CA ASN A 117 1.44 -19.28 -5.85
C ASN A 117 1.22 -19.52 -4.35
N GLN A 118 1.40 -20.74 -3.86
CA GLN A 118 1.16 -21.05 -2.46
C GLN A 118 1.95 -20.12 -1.52
N ASP A 119 3.22 -19.88 -1.83
CA ASP A 119 4.04 -19.02 -0.98
C ASP A 119 3.56 -17.58 -1.03
N HIS A 120 3.22 -17.10 -2.23
CA HIS A 120 2.80 -15.72 -2.40
C HIS A 120 1.41 -15.48 -1.81
N LYS A 121 0.48 -16.43 -1.95
CA LYS A 121 -0.82 -16.28 -1.34
C LYS A 121 -0.68 -16.30 0.16
N GLU A 122 0.26 -17.10 0.68
CA GLU A 122 0.50 -17.16 2.11
C GLU A 122 0.99 -15.80 2.61
N LYS A 123 1.89 -15.15 1.87
CA LYS A 123 2.34 -13.82 2.24
C LYS A 123 1.17 -12.83 2.24
N ILE A 124 0.29 -12.91 1.23
CA ILE A 124 -0.87 -12.04 1.17
C ILE A 124 -1.82 -12.34 2.32
N ARG A 125 -1.97 -13.62 2.68
CA ARG A 125 -2.78 -14.02 3.81
C ARG A 125 -2.19 -13.46 5.10
N MET A 126 -0.86 -13.33 5.19
CA MET A 126 -0.22 -12.72 6.34
C MET A 126 -0.56 -11.23 6.40
N LEU A 127 -0.55 -10.54 5.25
CA LEU A 127 -0.93 -9.13 5.23
C LEU A 127 -2.36 -8.98 5.74
N LEU A 128 -3.28 -9.82 5.28
CA LEU A 128 -4.67 -9.76 5.69
C LEU A 128 -4.84 -10.12 7.17
N ASP A 129 -4.05 -11.07 7.67
CA ASP A 129 -4.11 -11.45 9.08
C ASP A 129 -3.67 -10.29 9.96
N ILE A 130 -2.66 -9.54 9.52
CA ILE A 130 -2.19 -8.37 10.26
C ILE A 130 -3.22 -7.26 10.19
N TRP A 131 -3.89 -7.08 9.05
CA TRP A 131 -4.93 -6.07 8.91
C TRP A 131 -6.13 -6.43 9.78
N ASP A 132 -6.37 -7.73 10.00
CA ASP A 132 -7.45 -8.16 10.88
C ASP A 132 -7.04 -8.01 12.35
N ARG A 133 -5.76 -8.21 12.66
CA ARG A 133 -5.25 -8.09 14.02
C ARG A 133 -5.23 -6.64 14.47
N SER A 134 -4.87 -5.72 13.57
CA SER A 134 -4.82 -4.29 13.88
C SER A 134 -6.18 -3.62 13.70
N GLY A 135 -7.12 -4.30 13.04
CA GLY A 135 -8.44 -3.77 12.77
C GLY A 135 -8.38 -2.68 11.68
N LEU A 136 -9.51 -2.03 11.44
CA LEU A 136 -9.59 -0.98 10.44
C LEU A 136 -10.52 0.13 10.93
N PHE A 137 -10.27 1.37 10.48
CA PHE A 137 -11.07 2.53 10.89
C PHE A 137 -12.33 2.65 10.05
N GLN A 138 -12.52 1.71 9.11
CA GLN A 138 -13.66 1.70 8.20
C GLN A 138 -14.14 0.25 8.04
N LYS A 139 -15.32 0.06 7.43
CA LYS A 139 -15.94 -1.25 7.30
C LYS A 139 -16.48 -1.49 5.90
N SER A 140 -17.02 -2.69 5.66
CA SER A 140 -17.56 -3.12 4.38
C SER A 140 -16.53 -3.11 3.25
N TYR A 141 -15.24 -3.22 3.58
CA TYR A 141 -14.16 -3.27 2.60
C TYR A 141 -13.28 -4.50 2.80
N LEU A 142 -13.69 -5.42 3.68
CA LEU A 142 -12.89 -6.60 4.02
C LEU A 142 -13.28 -7.82 3.19
N ASN A 143 -14.36 -7.73 2.41
CA ASN A 143 -14.80 -8.82 1.54
C ASN A 143 -13.98 -8.88 0.25
N ALA A 144 -13.11 -7.88 0.06
CA ALA A 144 -12.31 -7.60 -1.13
C ALA A 144 -11.76 -8.85 -1.81
N ILE A 145 -11.37 -9.85 -1.03
CA ILE A 145 -10.87 -11.10 -1.57
C ILE A 145 -11.96 -11.89 -2.29
N ARG A 146 -13.09 -11.26 -2.62
CA ARG A 146 -14.25 -11.94 -3.19
C ARG A 146 -14.60 -13.14 -2.30
N SER A 147 -14.65 -12.87 -0.99
CA SER A 147 -14.87 -13.89 0.04
C SER A 147 -13.67 -14.84 0.18
N LYS A 148 -13.69 -15.64 1.25
CA LYS A 148 -12.56 -16.43 1.74
C LYS A 148 -11.93 -17.39 0.73
N CYS A 149 -12.55 -17.69 -0.40
CA CYS A 149 -12.00 -18.68 -1.31
C CYS A 149 -10.52 -18.42 -1.60
N PHE A 150 -10.20 -17.17 -1.92
CA PHE A 150 -8.90 -16.70 -2.39
C PHE A 150 -7.73 -17.10 -1.49
N ALA A 151 -7.46 -16.29 -0.46
CA ALA A 151 -6.34 -16.56 0.44
C ALA A 151 -6.72 -17.57 1.52
N MET A 152 -8.02 -17.83 1.71
CA MET A 152 -8.48 -18.57 2.86
C MET A 152 -9.02 -19.97 2.55
N ASP A 153 -9.27 -20.33 1.29
CA ASP A 153 -9.68 -21.69 0.96
C ASP A 153 -8.61 -22.44 0.16
N LEU A 154 -7.60 -21.72 -0.33
CA LEU A 154 -6.52 -22.28 -1.14
C LEU A 154 -5.18 -22.14 -0.43
N TYR B 1 22.95 -13.10 -2.16
CA TYR B 1 23.02 -13.37 -0.72
C TYR B 1 21.63 -13.51 -0.12
N SER B 2 20.85 -12.43 -0.13
CA SER B 2 19.49 -12.44 0.40
C SER B 2 18.61 -11.46 -0.39
N PRO B 3 17.29 -11.69 -0.40
CA PRO B 3 16.34 -10.83 -1.09
C PRO B 3 16.12 -9.52 -0.33
N THR B 4 15.52 -8.53 -1.01
CA THR B 4 15.24 -7.19 -0.53
C THR B 4 16.48 -6.41 -0.10
N SEP B 5 16.41 -5.07 -0.21
CA SEP B 5 17.54 -4.19 0.05
CB SEP B 5 18.46 -4.24 -1.17
OG SEP B 5 17.72 -3.92 -2.33
C SEP B 5 17.11 -2.75 0.33
O SEP B 5 17.01 -1.95 -0.60
P SEP B 5 18.35 -4.07 -3.81
O1P SEP B 5 18.50 -5.54 -3.96
O2P SEP B 5 17.33 -3.45 -4.67
O3P SEP B 5 19.63 -3.32 -3.73
H SEP B 5 15.54 -4.65 -0.49
HA SEP B 5 18.10 -4.56 0.92
HB2 SEP B 5 19.27 -3.53 -1.03
HB3 SEP B 5 18.87 -5.24 -1.28
N PRO B 6 16.83 -2.37 1.58
CA PRO B 6 16.78 -3.23 2.77
C PRO B 6 15.48 -4.02 2.80
N SER B 7 15.29 -4.83 3.85
CA SER B 7 14.06 -5.60 4.03
C SER B 7 12.92 -4.70 4.52
N TYR B 8 11.69 -5.20 4.42
CA TYR B 8 10.51 -4.48 4.85
C TYR B 8 9.49 -5.45 5.45
N SER B 9 8.86 -5.03 6.56
CA SER B 9 7.83 -5.82 7.22
C SER B 9 6.54 -5.03 7.39
N PRO B 10 5.38 -5.68 7.24
CA PRO B 10 4.09 -5.07 7.45
C PRO B 10 3.87 -4.72 8.92
N THR B 11 4.81 -5.11 9.80
CA THR B 11 4.71 -4.82 11.22
C THR B 11 5.51 -3.57 11.60
N SEP B 12 5.72 -2.65 10.65
CA SEP B 12 6.51 -1.44 10.89
CB SEP B 12 7.80 -1.49 10.08
OG SEP B 12 8.60 -2.61 10.44
C SEP B 12 5.77 -0.11 10.68
O SEP B 12 6.33 0.78 10.05
P SEP B 12 10.06 -2.83 9.81
O1P SEP B 12 10.79 -1.60 10.21
O2P SEP B 12 10.52 -4.06 10.49
O3P SEP B 12 9.81 -2.97 8.36
H SEP B 12 5.34 -2.79 9.73
HA SEP B 12 6.80 -1.46 11.95
HB2 SEP B 12 7.57 -1.54 9.02
HB3 SEP B 12 8.38 -0.58 10.28
N PRO B 13 4.53 0.07 11.18
CA PRO B 13 3.89 1.38 11.17
C PRO B 13 4.70 2.39 11.99
N SER B 14 4.42 3.68 11.77
CA SER B 14 5.13 4.76 12.45
C SER B 14 4.85 4.74 13.95
N MET A 1 11.15 27.09 -7.03
CA MET A 1 11.39 25.69 -6.67
C MET A 1 12.59 25.56 -5.74
N GLN A 2 13.78 25.92 -6.23
CA GLN A 2 15.03 25.89 -5.46
C GLN A 2 15.33 24.53 -4.82
N GLN A 3 14.76 23.45 -5.37
CA GLN A 3 14.93 22.09 -4.85
C GLN A 3 15.01 21.10 -6.00
N ASP A 4 15.49 19.88 -5.71
CA ASP A 4 15.61 18.81 -6.69
C ASP A 4 15.15 17.47 -6.10
N ASP A 5 14.44 17.52 -4.96
CA ASP A 5 13.92 16.35 -4.28
C ASP A 5 12.41 16.46 -4.11
N ASP A 6 11.73 17.06 -5.09
CA ASP A 6 10.29 17.22 -5.09
C ASP A 6 9.59 15.89 -5.39
N PHE A 7 8.34 15.92 -5.86
CA PHE A 7 7.57 14.72 -6.18
C PHE A 7 8.32 13.83 -7.17
N GLN A 8 9.36 14.38 -7.80
CA GLN A 8 10.24 13.66 -8.71
C GLN A 8 10.76 12.38 -8.05
N ASN A 9 11.17 12.45 -6.78
CA ASN A 9 11.69 11.28 -6.09
C ASN A 9 10.62 10.19 -5.99
N PHE A 10 9.39 10.56 -5.64
CA PHE A 10 8.32 9.58 -5.48
C PHE A 10 8.01 8.91 -6.80
N VAL A 11 7.76 9.71 -7.85
CA VAL A 11 7.43 9.17 -9.16
C VAL A 11 8.59 8.34 -9.68
N ALA A 12 9.79 8.93 -9.75
CA ALA A 12 10.97 8.27 -10.26
C ALA A 12 11.28 6.98 -9.50
N THR A 13 10.95 6.91 -8.21
CA THR A 13 11.16 5.68 -7.44
C THR A 13 10.13 4.63 -7.84
N LEU A 14 8.86 5.01 -7.99
CA LEU A 14 7.83 4.06 -8.37
C LEU A 14 8.08 3.56 -9.79
N GLU A 15 8.67 4.41 -10.62
CA GLU A 15 9.07 4.09 -11.98
C GLU A 15 10.24 3.13 -11.96
N SER A 16 11.23 3.40 -11.09
CA SER A 16 12.35 2.51 -10.90
C SER A 16 11.87 1.16 -10.37
N PHE A 17 10.73 1.17 -9.66
CA PHE A 17 10.10 -0.06 -9.20
C PHE A 17 9.46 -0.78 -10.39
N LYS A 18 8.81 -0.02 -11.27
CA LYS A 18 8.16 -0.56 -12.47
C LYS A 18 9.19 -1.15 -13.43
N ASP A 19 10.42 -0.63 -13.40
CA ASP A 19 11.52 -1.11 -14.24
C ASP A 19 11.99 -2.52 -13.83
N LEU A 20 11.59 -2.98 -12.63
CA LEU A 20 11.99 -4.28 -12.12
C LEU A 20 10.97 -5.36 -12.50
N LYS A 21 11.37 -6.62 -12.33
CA LYS A 21 10.51 -7.77 -12.57
C LYS A 21 10.60 -8.78 -11.43
N SER A 22 11.45 -8.50 -10.43
CA SER A 22 11.61 -9.33 -9.25
C SER A 22 12.19 -8.49 -8.12
N GLY A 23 11.97 -8.93 -6.87
CA GLY A 23 12.46 -8.26 -5.68
C GLY A 23 11.51 -7.13 -5.27
N ILE A 24 11.30 -7.02 -3.95
CA ILE A 24 10.44 -6.01 -3.33
C ILE A 24 11.30 -5.16 -2.39
N SER A 25 12.48 -4.76 -2.87
CA SER A 25 13.47 -4.05 -2.07
C SER A 25 12.86 -2.86 -1.33
N GLY A 26 13.08 -2.81 -0.02
CA GLY A 26 12.51 -1.79 0.85
C GLY A 26 13.04 -0.39 0.57
N SER A 27 14.15 -0.25 -0.16
CA SER A 27 14.73 1.06 -0.42
C SER A 27 13.74 1.92 -1.22
N ARG A 28 13.10 1.32 -2.22
CA ARG A 28 12.12 2.04 -3.04
C ARG A 28 10.92 2.39 -2.18
N ILE A 29 10.50 1.45 -1.32
CA ILE A 29 9.40 1.71 -0.40
C ILE A 29 9.77 2.87 0.52
N LYS A 30 11.04 2.94 0.94
CA LYS A 30 11.55 4.02 1.77
C LYS A 30 11.39 5.37 1.09
N LYS A 31 11.82 5.48 -0.18
CA LYS A 31 11.67 6.76 -0.90
C LYS A 31 10.20 7.14 -1.03
N LEU A 32 9.34 6.18 -1.37
CA LEU A 32 7.92 6.44 -1.54
C LEU A 32 7.29 6.90 -0.23
N THR A 33 7.34 6.05 0.81
CA THR A 33 6.79 6.37 2.12
C THR A 33 7.37 7.65 2.70
N THR A 34 8.69 7.81 2.64
CA THR A 34 9.32 8.98 3.25
C THR A 34 8.85 10.26 2.57
N TYR A 35 8.78 10.29 1.24
CA TYR A 35 8.35 11.52 0.58
C TYR A 35 6.87 11.80 0.86
N ALA A 36 6.04 10.75 0.93
CA ALA A 36 4.64 10.92 1.30
C ALA A 36 4.55 11.56 2.68
N LEU A 37 5.17 10.93 3.68
CA LEU A 37 5.10 11.35 5.06
C LEU A 37 5.85 12.66 5.33
N ASP A 38 6.75 13.06 4.43
CA ASP A 38 7.53 14.29 4.60
C ASP A 38 6.68 15.56 4.61
N HIS A 39 5.48 15.56 4.00
CA HIS A 39 4.69 16.80 3.92
C HIS A 39 3.18 16.58 3.89
N ILE A 40 2.71 15.43 3.41
CA ILE A 40 1.29 15.13 3.31
C ILE A 40 0.51 16.31 2.72
N ASP A 41 0.64 16.51 1.41
CA ASP A 41 -0.03 17.58 0.68
C ASP A 41 -0.34 17.13 -0.75
N ILE A 42 -0.39 15.82 -0.96
CA ILE A 42 -0.49 15.19 -2.27
C ILE A 42 -1.30 13.90 -2.15
N GLU A 43 -2.31 13.90 -1.29
CA GLU A 43 -3.12 12.73 -0.99
C GLU A 43 -3.66 12.02 -2.23
N SER A 44 -4.38 12.73 -3.09
CA SER A 44 -5.06 12.11 -4.22
C SER A 44 -4.11 11.73 -5.34
N LYS A 45 -2.97 12.42 -5.44
CA LYS A 45 -1.99 12.15 -6.48
C LYS A 45 -1.09 10.99 -6.06
N ILE A 46 -0.63 10.98 -4.80
CA ILE A 46 0.08 9.83 -4.26
C ILE A 46 -0.78 8.57 -4.40
N ILE A 47 -2.02 8.61 -3.88
CA ILE A 47 -2.88 7.44 -3.88
C ILE A 47 -3.25 7.02 -5.31
N SER A 48 -3.68 7.96 -6.16
CA SER A 48 -4.02 7.60 -7.52
C SER A 48 -2.83 6.93 -8.20
N LEU A 49 -1.62 7.45 -7.96
CA LEU A 49 -0.42 6.94 -8.60
C LEU A 49 -0.07 5.52 -8.14
N ILE A 50 -0.17 5.21 -6.84
CA ILE A 50 0.19 3.87 -6.39
C ILE A 50 -0.88 2.83 -6.76
N ILE A 51 -2.15 3.22 -6.75
CA ILE A 51 -3.22 2.31 -7.14
C ILE A 51 -3.04 1.96 -8.62
N ASP A 52 -2.88 3.00 -9.44
CA ASP A 52 -2.66 2.85 -10.86
C ASP A 52 -1.40 2.00 -11.13
N TYR A 53 -0.33 2.27 -10.39
CA TYR A 53 0.89 1.48 -10.50
C TYR A 53 0.60 0.00 -10.27
N SER A 54 -0.24 -0.30 -9.28
CA SER A 54 -0.58 -1.67 -8.95
C SER A 54 -1.34 -2.35 -10.09
N ARG A 55 -2.44 -1.74 -10.54
CA ARG A 55 -3.31 -2.38 -11.52
C ARG A 55 -2.68 -2.48 -12.90
N LEU A 56 -1.72 -1.61 -13.23
CA LEU A 56 -1.06 -1.62 -14.53
C LEU A 56 0.07 -2.64 -14.65
N CYS A 57 0.59 -3.17 -13.54
CA CYS A 57 1.82 -3.96 -13.58
C CYS A 57 1.66 -5.42 -13.11
N PRO A 58 2.61 -6.29 -13.53
CA PRO A 58 2.66 -7.73 -13.23
C PRO A 58 2.73 -8.12 -11.75
N ASP A 59 2.96 -9.41 -11.51
CA ASP A 59 2.97 -10.08 -10.22
C ASP A 59 3.78 -9.37 -9.13
N SER A 60 5.08 -9.16 -9.39
CA SER A 60 5.95 -8.52 -8.42
C SER A 60 5.44 -7.14 -8.06
N HIS A 61 4.65 -6.54 -8.95
CA HIS A 61 4.14 -5.21 -8.73
C HIS A 61 2.82 -5.25 -7.96
N LYS A 62 2.02 -6.33 -8.08
CA LYS A 62 0.84 -6.47 -7.24
C LYS A 62 1.29 -6.64 -5.79
N LEU A 63 2.28 -7.51 -5.57
CA LEU A 63 2.82 -7.73 -4.24
C LEU A 63 3.50 -6.45 -3.74
N GLY A 64 4.37 -5.88 -4.57
CA GLY A 64 5.10 -4.67 -4.22
C GLY A 64 4.13 -3.53 -3.91
N SER A 65 3.05 -3.40 -4.68
CA SER A 65 2.07 -2.36 -4.44
C SER A 65 1.38 -2.59 -3.10
N LEU A 66 0.99 -3.83 -2.78
CA LEU A 66 0.36 -4.08 -1.50
C LEU A 66 1.29 -3.69 -0.35
N TYR A 67 2.61 -3.90 -0.50
CA TYR A 67 3.55 -3.50 0.54
C TYR A 67 3.72 -1.98 0.60
N ILE A 68 3.70 -1.29 -0.55
CA ILE A 68 3.80 0.17 -0.58
C ILE A 68 2.53 0.80 0.00
N ILE A 69 1.38 0.31 -0.47
CA ILE A 69 0.07 0.75 -0.02
C ILE A 69 -0.06 0.51 1.47
N ASP A 70 0.48 -0.61 1.97
CA ASP A 70 0.47 -0.89 3.39
C ASP A 70 1.33 0.10 4.15
N SER A 71 2.56 0.38 3.69
CA SER A 71 3.44 1.25 4.46
C SER A 71 2.84 2.65 4.58
N ILE A 72 2.47 3.25 3.44
CA ILE A 72 1.86 4.56 3.45
C ILE A 72 0.52 4.50 4.18
N GLY A 73 -0.20 3.38 4.05
CA GLY A 73 -1.50 3.21 4.68
C GLY A 73 -1.43 3.19 6.20
N ARG A 74 -0.56 2.35 6.77
CA ARG A 74 -0.44 2.22 8.22
C ARG A 74 0.21 3.46 8.80
N ALA A 75 1.11 4.10 8.05
CA ALA A 75 1.73 5.34 8.50
C ALA A 75 0.70 6.46 8.52
N TYR A 76 -0.11 6.57 7.46
CA TYR A 76 -1.18 7.57 7.41
C TYR A 76 -2.18 7.32 8.53
N LEU A 77 -2.65 6.08 8.65
CA LEU A 77 -3.68 5.72 9.59
C LEU A 77 -3.25 6.02 11.03
N ASP A 78 -2.01 5.67 11.39
CA ASP A 78 -1.52 5.95 12.72
C ASP A 78 -1.39 7.46 12.93
N GLU A 79 -0.81 8.16 11.96
CA GLU A 79 -0.55 9.58 12.09
C GLU A 79 -1.83 10.38 12.23
N THR A 80 -2.88 10.02 11.47
CA THR A 80 -4.14 10.76 11.54
C THR A 80 -4.97 10.33 12.74
N ARG A 81 -4.91 9.05 13.13
CA ARG A 81 -5.63 8.57 14.30
C ARG A 81 -5.04 9.18 15.57
N SER A 82 -3.75 9.50 15.55
CA SER A 82 -3.07 10.14 16.67
C SER A 82 -3.52 11.59 16.86
N ASN A 83 -4.20 12.18 15.88
CA ASN A 83 -4.57 13.60 15.93
C ASN A 83 -6.02 13.85 15.51
N SER A 84 -6.81 12.80 15.29
CA SER A 84 -8.21 12.94 14.87
C SER A 84 -9.07 11.85 15.48
N ASN A 85 -10.39 12.10 15.52
CA ASN A 85 -11.37 11.19 16.09
C ASN A 85 -12.22 10.54 14.97
N SER A 86 -11.77 10.65 13.73
CA SER A 86 -12.47 10.12 12.57
C SER A 86 -13.92 10.61 12.49
N SER A 87 -14.16 11.84 12.97
CA SER A 87 -15.49 12.44 12.98
C SER A 87 -15.89 12.99 11.61
N SER A 88 -15.05 12.76 10.58
CA SER A 88 -15.34 13.20 9.21
C SER A 88 -14.88 12.14 8.22
N ASN A 89 -15.40 12.20 6.99
CA ASN A 89 -15.08 11.24 5.94
C ASN A 89 -14.44 11.94 4.73
N LYS A 90 -14.46 13.27 4.71
CA LYS A 90 -13.89 14.04 3.60
C LYS A 90 -13.06 15.24 4.10
N PRO A 91 -12.24 15.07 5.14
CA PRO A 91 -11.40 16.16 5.66
C PRO A 91 -10.20 16.43 4.77
N GLY A 92 -10.00 15.62 3.71
CA GLY A 92 -8.89 15.75 2.81
C GLY A 92 -7.65 15.06 3.37
N THR A 93 -6.52 15.28 2.69
CA THR A 93 -5.21 14.76 3.09
C THR A 93 -5.19 13.25 3.31
N CYS A 94 -4.21 12.74 4.08
CA CYS A 94 -4.00 11.32 4.30
C CYS A 94 -5.26 10.57 4.73
N ALA A 95 -6.18 11.23 5.45
CA ALA A 95 -7.43 10.58 5.83
C ALA A 95 -8.25 10.26 4.58
N HIS A 96 -8.34 11.22 3.66
CA HIS A 96 -9.04 11.05 2.41
C HIS A 96 -8.31 10.05 1.53
N ALA A 97 -7.00 9.98 1.69
CA ALA A 97 -6.14 9.09 0.94
C ALA A 97 -6.48 7.63 1.29
N ILE A 98 -6.62 7.34 2.59
CA ILE A 98 -7.05 6.02 3.03
C ILE A 98 -8.46 5.76 2.54
N ASN A 99 -9.34 6.76 2.63
CA ASN A 99 -10.72 6.62 2.16
C ASN A 99 -10.74 6.32 0.66
N THR A 100 -9.78 6.88 -0.09
CA THR A 100 -9.71 6.65 -1.53
C THR A 100 -9.21 5.25 -1.84
N LEU A 101 -8.21 4.75 -1.10
CA LEU A 101 -7.81 3.36 -1.28
C LEU A 101 -9.00 2.45 -0.92
N GLY A 102 -9.85 2.90 -0.01
CA GLY A 102 -11.03 2.17 0.41
C GLY A 102 -12.02 1.87 -0.74
N GLU A 103 -11.89 2.54 -1.89
CA GLU A 103 -12.79 2.30 -3.01
C GLU A 103 -12.16 1.38 -4.07
N VAL A 104 -10.88 1.04 -3.89
CA VAL A 104 -10.15 0.19 -4.84
C VAL A 104 -9.59 -1.05 -4.18
N ILE A 105 -9.47 -1.07 -2.85
CA ILE A 105 -8.93 -2.22 -2.12
C ILE A 105 -9.63 -3.51 -2.54
N GLN A 106 -10.89 -3.43 -2.96
CA GLN A 106 -11.65 -4.58 -3.42
C GLN A 106 -10.95 -5.25 -4.61
N GLU A 107 -10.66 -4.48 -5.66
CA GLU A 107 -10.04 -5.01 -6.86
C GLU A 107 -8.53 -5.19 -6.70
N LEU A 108 -7.89 -4.38 -5.84
CA LEU A 108 -6.47 -4.52 -5.60
C LEU A 108 -6.18 -5.86 -4.94
N LEU A 109 -6.89 -6.19 -3.86
CA LEU A 109 -6.76 -7.49 -3.22
C LEU A 109 -7.23 -8.54 -4.21
N SER A 110 -8.52 -8.54 -4.57
CA SER A 110 -9.07 -9.50 -5.52
C SER A 110 -8.09 -9.89 -6.63
N ASP A 111 -7.53 -8.93 -7.38
CA ASP A 111 -6.63 -9.29 -8.47
C ASP A 111 -5.28 -9.77 -7.96
N ALA A 112 -4.73 -9.15 -6.91
CA ALA A 112 -3.44 -9.57 -6.38
C ALA A 112 -3.49 -11.04 -5.98
N ILE A 113 -4.51 -11.45 -5.21
CA ILE A 113 -4.61 -12.83 -4.77
C ILE A 113 -5.09 -13.76 -5.88
N ALA A 114 -5.95 -13.29 -6.79
CA ALA A 114 -6.40 -14.14 -7.89
C ALA A 114 -5.25 -14.44 -8.83
N LYS A 115 -4.29 -13.51 -8.92
CA LYS A 115 -3.07 -13.68 -9.69
C LYS A 115 -2.07 -14.55 -8.94
N SER A 116 -2.21 -14.61 -7.61
CA SER A 116 -1.24 -15.26 -6.74
C SER A 116 -1.33 -16.78 -6.74
N ASN A 117 -0.20 -17.42 -6.42
CA ASN A 117 -0.11 -18.85 -6.16
C ASN A 117 -0.30 -19.06 -4.66
N GLN A 118 -0.22 -20.30 -4.19
CA GLN A 118 -0.43 -20.60 -2.78
C GLN A 118 0.51 -19.79 -1.89
N ASP A 119 1.79 -19.68 -2.25
CA ASP A 119 2.75 -18.95 -1.44
C ASP A 119 2.42 -17.45 -1.41
N HIS A 120 2.08 -16.89 -2.57
CA HIS A 120 1.77 -15.47 -2.66
C HIS A 120 0.44 -15.16 -1.97
N LYS A 121 -0.55 -16.07 -2.05
CA LYS A 121 -1.79 -15.89 -1.31
C LYS A 121 -1.49 -15.87 0.17
N GLU A 122 -0.57 -16.73 0.62
CA GLU A 122 -0.27 -16.81 2.03
C GLU A 122 0.41 -15.52 2.51
N LYS A 123 1.29 -14.94 1.69
CA LYS A 123 1.91 -13.67 2.03
C LYS A 123 0.86 -12.56 2.12
N ILE A 124 -0.07 -12.50 1.17
CA ILE A 124 -1.12 -11.50 1.19
C ILE A 124 -2.05 -11.75 2.37
N ARG A 125 -2.29 -13.03 2.70
CA ARG A 125 -3.08 -13.39 3.86
C ARG A 125 -2.37 -12.99 5.14
N MET A 126 -1.03 -13.01 5.15
CA MET A 126 -0.26 -12.55 6.30
C MET A 126 -0.44 -11.04 6.46
N LEU A 127 -0.41 -10.29 5.35
CA LEU A 127 -0.64 -8.86 5.39
C LEU A 127 -2.01 -8.56 6.02
N LEU A 128 -3.04 -9.27 5.55
CA LEU A 128 -4.39 -9.07 6.04
C LEU A 128 -4.55 -9.61 7.46
N ASP A 129 -3.75 -10.60 7.85
CA ASP A 129 -3.77 -11.11 9.21
C ASP A 129 -3.18 -10.08 10.16
N ILE A 130 -2.13 -9.36 9.72
CA ILE A 130 -1.53 -8.30 10.51
C ILE A 130 -2.55 -7.16 10.66
N TRP A 131 -3.26 -6.82 9.58
CA TRP A 131 -4.28 -5.79 9.66
C TRP A 131 -5.36 -6.16 10.67
N ASP A 132 -5.85 -7.40 10.62
CA ASP A 132 -6.93 -7.84 11.50
C ASP A 132 -6.48 -7.90 12.96
N ARG A 133 -5.24 -8.35 13.20
CA ARG A 133 -4.70 -8.46 14.55
C ARG A 133 -4.35 -7.10 15.12
N SER A 134 -4.05 -6.12 14.26
CA SER A 134 -3.80 -4.76 14.68
C SER A 134 -5.10 -4.01 14.98
N GLY A 135 -6.24 -4.57 14.54
CA GLY A 135 -7.54 -3.93 14.71
C GLY A 135 -7.74 -2.80 13.71
N LEU A 136 -6.90 -2.75 12.66
CA LEU A 136 -6.90 -1.69 11.68
C LEU A 136 -7.53 -2.15 10.36
N PHE A 137 -7.86 -1.18 9.49
CA PHE A 137 -8.43 -1.44 8.18
C PHE A 137 -9.69 -2.31 8.22
N GLN A 138 -10.41 -2.30 9.35
CA GLN A 138 -11.63 -3.09 9.52
C GLN A 138 -12.81 -2.50 8.73
N LYS A 139 -12.57 -1.44 7.95
CA LYS A 139 -13.60 -0.80 7.15
C LYS A 139 -14.04 -1.69 5.99
N SER A 140 -15.20 -1.36 5.40
CA SER A 140 -15.77 -2.11 4.29
C SER A 140 -15.94 -3.60 4.59
N TYR A 141 -15.99 -3.97 5.88
CA TYR A 141 -16.16 -5.33 6.34
C TYR A 141 -15.17 -6.31 5.69
N LEU A 142 -14.01 -5.81 5.26
CA LEU A 142 -12.99 -6.60 4.58
C LEU A 142 -13.54 -7.34 3.36
N ASN A 143 -14.63 -6.84 2.76
CA ASN A 143 -15.30 -7.50 1.65
C ASN A 143 -14.32 -7.90 0.54
N ALA A 144 -13.27 -7.08 0.37
CA ALA A 144 -12.29 -7.15 -0.68
C ALA A 144 -11.72 -8.55 -0.86
N ILE A 145 -11.53 -9.27 0.26
CA ILE A 145 -11.17 -10.68 0.19
C ILE A 145 -12.22 -11.56 0.88
N ARG A 146 -13.20 -10.94 1.56
CA ARG A 146 -14.29 -11.67 2.18
C ARG A 146 -14.96 -12.55 1.14
N SER A 147 -14.97 -12.08 -0.12
CA SER A 147 -15.32 -12.94 -1.24
C SER A 147 -14.28 -14.06 -1.28
N LYS A 148 -14.66 -15.24 -0.77
CA LYS A 148 -13.74 -16.34 -0.47
C LYS A 148 -12.86 -16.80 -1.63
N CYS A 149 -13.29 -16.65 -2.88
CA CYS A 149 -12.53 -17.18 -4.00
C CYS A 149 -11.05 -16.75 -3.91
N PHE A 150 -10.83 -15.48 -3.57
CA PHE A 150 -9.52 -14.84 -3.59
C PHE A 150 -8.45 -15.59 -2.80
N ALA A 151 -8.27 -15.24 -1.53
CA ALA A 151 -7.28 -15.93 -0.70
C ALA A 151 -7.80 -17.27 -0.18
N MET A 152 -9.10 -17.54 -0.29
CA MET A 152 -9.68 -18.70 0.37
C MET A 152 -10.02 -19.86 -0.59
N ASP A 153 -9.93 -19.69 -1.91
CA ASP A 153 -10.05 -20.84 -2.80
C ASP A 153 -8.80 -21.73 -2.70
N LEU A 154 -7.72 -21.20 -2.11
CA LEU A 154 -6.45 -21.90 -1.95
C LEU A 154 -6.24 -22.33 -0.51
N TYR B 1 20.34 -13.30 -3.38
CA TYR B 1 20.71 -13.37 -1.96
C TYR B 1 19.47 -13.19 -1.07
N SER B 2 18.78 -12.06 -1.20
CA SER B 2 17.57 -11.77 -0.44
C SER B 2 16.54 -11.08 -1.32
N PRO B 3 15.23 -11.23 -1.01
CA PRO B 3 14.14 -10.65 -1.77
C PRO B 3 13.93 -9.16 -1.47
N THR B 4 14.60 -8.63 -0.43
CA THR B 4 14.39 -7.25 -0.01
C THR B 4 15.71 -6.60 0.43
N SEP B 5 15.86 -5.31 0.16
CA SEP B 5 17.03 -4.53 0.53
CB SEP B 5 18.09 -4.70 -0.57
OG SEP B 5 17.59 -4.31 -1.83
C SEP B 5 16.69 -3.05 0.71
O SEP B 5 16.49 -2.33 -0.27
P SEP B 5 18.43 -4.48 -3.19
O1P SEP B 5 18.51 -5.96 -3.34
O2P SEP B 5 17.61 -3.78 -4.20
O3P SEP B 5 19.73 -3.83 -2.87
H SEP B 5 15.12 -4.82 -0.34
HA SEP B 5 17.44 -4.92 1.46
HB2 SEP B 5 18.98 -4.11 -0.32
HB3 SEP B 5 18.38 -5.76 -0.62
N PRO B 6 16.61 -2.55 1.95
CA PRO B 6 16.66 -3.31 3.20
C PRO B 6 15.38 -4.11 3.39
N SER B 7 15.32 -4.90 4.46
CA SER B 7 14.12 -5.67 4.79
C SER B 7 12.98 -4.72 5.21
N TYR B 8 11.74 -5.18 5.03
CA TYR B 8 10.56 -4.40 5.37
C TYR B 8 9.40 -5.31 5.76
N SER B 9 8.66 -4.91 6.80
CA SER B 9 7.53 -5.67 7.31
C SER B 9 6.33 -4.76 7.56
N PRO B 10 5.13 -5.19 7.14
CA PRO B 10 3.88 -4.48 7.40
C PRO B 10 3.61 -4.30 8.89
N THR B 11 4.37 -5.01 9.73
CA THR B 11 4.13 -5.05 11.17
C THR B 11 4.66 -3.80 11.89
N SEP B 12 5.31 -2.88 11.16
CA SEP B 12 5.96 -1.74 11.81
CB SEP B 12 7.48 -1.95 11.78
OG SEP B 12 7.81 -3.16 12.44
C SEP B 12 5.60 -0.38 11.21
O SEP B 12 6.39 0.18 10.44
P SEP B 12 9.34 -3.62 12.60
O1P SEP B 12 9.82 -3.74 11.21
O2P SEP B 12 9.96 -2.53 13.39
O3P SEP B 12 9.23 -4.91 13.33
H SEP B 12 5.38 -2.97 10.16
HA SEP B 12 5.66 -1.72 12.86
HB2 SEP B 12 7.82 -2.00 10.75
HB3 SEP B 12 7.97 -1.11 12.29
N PRO B 13 4.43 0.18 11.53
CA PRO B 13 4.08 1.56 11.20
C PRO B 13 5.07 2.53 11.86
N SER B 14 5.12 3.76 11.34
CA SER B 14 6.02 4.79 11.85
C SER B 14 5.36 6.16 11.72
N MET A 1 13.88 28.23 -12.04
CA MET A 1 14.78 27.66 -13.06
C MET A 1 14.69 26.14 -13.08
N GLN A 2 15.10 25.48 -11.99
CA GLN A 2 15.06 24.03 -11.90
C GLN A 2 14.86 23.59 -10.45
N GLN A 3 14.50 22.32 -10.25
CA GLN A 3 14.25 21.76 -8.94
C GLN A 3 14.83 20.34 -8.86
N ASP A 4 15.02 19.84 -7.63
CA ASP A 4 15.56 18.51 -7.39
C ASP A 4 14.97 17.94 -6.10
N ASP A 5 15.02 16.61 -5.96
CA ASP A 5 14.42 15.89 -4.83
C ASP A 5 12.96 16.27 -4.59
N ASP A 6 12.27 16.73 -5.63
CA ASP A 6 10.85 17.05 -5.55
C ASP A 6 10.04 15.75 -5.64
N PHE A 7 8.79 15.82 -6.10
CA PHE A 7 7.95 14.64 -6.28
C PHE A 7 8.63 13.63 -7.20
N GLN A 8 9.68 14.07 -7.88
CA GLN A 8 10.51 13.24 -8.74
C GLN A 8 11.00 12.00 -7.99
N ASN A 9 11.36 12.11 -6.70
CA ASN A 9 11.81 10.95 -5.96
C ASN A 9 10.71 9.92 -5.87
N PHE A 10 9.48 10.34 -5.56
CA PHE A 10 8.38 9.41 -5.42
C PHE A 10 8.08 8.74 -6.77
N VAL A 11 7.92 9.52 -7.83
CA VAL A 11 7.59 8.96 -9.13
C VAL A 11 8.73 8.08 -9.65
N ALA A 12 9.95 8.60 -9.64
CA ALA A 12 11.11 7.86 -10.13
C ALA A 12 11.35 6.59 -9.32
N THR A 13 10.97 6.58 -8.04
CA THR A 13 11.11 5.36 -7.25
C THR A 13 10.06 4.35 -7.65
N LEU A 14 8.80 4.78 -7.84
CA LEU A 14 7.74 3.86 -8.23
C LEU A 14 8.02 3.35 -9.65
N GLU A 15 8.71 4.15 -10.46
CA GLU A 15 9.13 3.78 -11.80
C GLU A 15 10.23 2.73 -11.72
N SER A 16 11.23 2.98 -10.84
CA SER A 16 12.28 2.01 -10.59
C SER A 16 11.70 0.75 -9.99
N PHE A 17 10.52 0.85 -9.37
CA PHE A 17 9.81 -0.30 -8.82
C PHE A 17 9.14 -1.09 -9.95
N LYS A 18 8.57 -0.37 -10.93
CA LYS A 18 7.98 -0.98 -12.12
C LYS A 18 9.05 -1.57 -13.03
N ASP A 19 10.28 -1.09 -12.93
CA ASP A 19 11.41 -1.63 -13.68
C ASP A 19 11.79 -3.03 -13.18
N LEU A 20 11.29 -3.44 -12.01
CA LEU A 20 11.59 -4.74 -11.45
C LEU A 20 10.73 -5.82 -12.10
N LYS A 21 11.16 -7.09 -11.96
CA LYS A 21 10.44 -8.24 -12.50
C LYS A 21 10.26 -9.30 -11.41
N SER A 22 11.08 -9.24 -10.36
CA SER A 22 11.01 -10.16 -9.23
C SER A 22 11.65 -9.52 -8.00
N GLY A 23 11.13 -9.83 -6.82
CA GLY A 23 11.70 -9.36 -5.56
C GLY A 23 11.19 -7.98 -5.17
N ILE A 24 11.06 -7.79 -3.85
CA ILE A 24 10.71 -6.53 -3.22
C ILE A 24 11.98 -5.92 -2.62
N SER A 25 12.04 -4.59 -2.51
CA SER A 25 13.17 -3.92 -1.87
C SER A 25 12.65 -2.76 -1.02
N GLY A 26 13.03 -2.77 0.25
CA GLY A 26 12.56 -1.79 1.23
C GLY A 26 12.97 -0.36 0.87
N SER A 27 14.11 -0.17 0.20
CA SER A 27 14.60 1.18 -0.08
C SER A 27 13.63 1.93 -0.98
N ARG A 28 13.00 1.22 -1.92
CA ARG A 28 12.04 1.82 -2.81
C ARG A 28 10.80 2.21 -2.00
N ILE A 29 10.35 1.29 -1.14
CA ILE A 29 9.20 1.50 -0.29
C ILE A 29 9.48 2.66 0.67
N LYS A 30 10.74 2.79 1.11
CA LYS A 30 11.14 3.85 2.03
C LYS A 30 11.15 5.21 1.33
N LYS A 31 11.57 5.28 0.07
CA LYS A 31 11.49 6.55 -0.68
C LYS A 31 10.04 6.96 -0.88
N LEU A 32 9.18 6.00 -1.23
CA LEU A 32 7.77 6.28 -1.46
C LEU A 32 7.09 6.74 -0.17
N THR A 33 7.11 5.91 0.87
CA THR A 33 6.51 6.26 2.16
C THR A 33 7.08 7.55 2.74
N THR A 34 8.40 7.72 2.73
CA THR A 34 8.99 8.90 3.33
C THR A 34 8.55 10.16 2.59
N TYR A 35 8.56 10.17 1.26
CA TYR A 35 8.17 11.38 0.55
C TYR A 35 6.68 11.67 0.75
N ALA A 36 5.85 10.64 0.81
CA ALA A 36 4.44 10.82 1.13
C ALA A 36 4.27 11.48 2.49
N LEU A 37 4.84 10.86 3.52
CA LEU A 37 4.70 11.28 4.91
C LEU A 37 5.44 12.58 5.21
N ASP A 38 6.39 12.98 4.36
CA ASP A 38 7.17 14.19 4.59
C ASP A 38 6.33 15.46 4.62
N HIS A 39 5.20 15.52 3.91
CA HIS A 39 4.40 16.75 3.91
C HIS A 39 2.90 16.57 3.67
N ILE A 40 2.48 15.41 3.15
CA ILE A 40 1.06 15.11 2.91
C ILE A 40 0.33 16.28 2.26
N ASP A 41 0.53 16.45 0.96
CA ASP A 41 -0.09 17.52 0.18
C ASP A 41 -0.35 17.05 -1.26
N ILE A 42 -0.41 15.73 -1.45
CA ILE A 42 -0.47 15.09 -2.75
C ILE A 42 -1.29 13.80 -2.65
N GLU A 43 -2.35 13.84 -1.84
CA GLU A 43 -3.18 12.69 -1.54
C GLU A 43 -3.67 11.95 -2.78
N SER A 44 -4.38 12.64 -3.68
CA SER A 44 -5.02 11.99 -4.83
C SER A 44 -4.01 11.59 -5.90
N LYS A 45 -2.86 12.28 -5.98
CA LYS A 45 -1.84 12.00 -6.96
C LYS A 45 -0.98 10.83 -6.48
N ILE A 46 -0.56 10.84 -5.21
CA ILE A 46 0.13 9.70 -4.64
C ILE A 46 -0.72 8.44 -4.79
N ILE A 47 -1.99 8.52 -4.39
CA ILE A 47 -2.87 7.35 -4.41
C ILE A 47 -3.19 6.92 -5.84
N SER A 48 -3.58 7.85 -6.72
CA SER A 48 -3.87 7.47 -8.10
C SER A 48 -2.68 6.74 -8.71
N LEU A 49 -1.47 7.27 -8.46
CA LEU A 49 -0.26 6.66 -9.00
C LEU A 49 -0.09 5.24 -8.48
N ILE A 50 0.05 5.02 -7.15
CA ILE A 50 0.35 3.68 -6.67
C ILE A 50 -0.73 2.68 -7.07
N ILE A 51 -2.01 3.09 -7.10
CA ILE A 51 -3.09 2.21 -7.51
C ILE A 51 -2.85 1.75 -8.94
N ASP A 52 -2.78 2.70 -9.87
CA ASP A 52 -2.58 2.36 -11.27
C ASP A 52 -1.24 1.68 -11.53
N TYR A 53 -0.22 2.03 -10.73
CA TYR A 53 1.09 1.43 -10.87
C TYR A 53 1.03 -0.05 -10.49
N SER A 54 0.17 -0.41 -9.52
CA SER A 54 -0.06 -1.81 -9.19
C SER A 54 -0.82 -2.48 -10.34
N ARG A 55 -1.87 -1.82 -10.82
CA ARG A 55 -2.77 -2.31 -11.86
C ARG A 55 -2.01 -2.68 -13.14
N LEU A 56 -0.98 -1.91 -13.51
CA LEU A 56 -0.25 -2.13 -14.75
C LEU A 56 0.77 -3.28 -14.70
N CYS A 57 1.12 -3.78 -13.52
CA CYS A 57 2.23 -4.71 -13.36
C CYS A 57 1.83 -6.11 -12.90
N PRO A 58 2.70 -7.12 -13.12
CA PRO A 58 2.50 -8.53 -12.75
C PRO A 58 2.54 -8.77 -11.25
N ASP A 59 2.35 -10.03 -10.84
CA ASP A 59 2.19 -10.43 -9.44
C ASP A 59 3.33 -10.01 -8.51
N SER A 60 4.57 -9.97 -9.00
CA SER A 60 5.67 -9.55 -8.14
C SER A 60 5.46 -8.09 -7.74
N HIS A 61 4.91 -7.30 -8.67
CA HIS A 61 4.65 -5.90 -8.43
C HIS A 61 3.32 -5.72 -7.72
N LYS A 62 2.35 -6.60 -7.95
CA LYS A 62 1.11 -6.57 -7.18
C LYS A 62 1.46 -6.73 -5.70
N LEU A 63 2.33 -7.68 -5.38
CA LEU A 63 2.77 -7.94 -4.02
C LEU A 63 3.58 -6.77 -3.47
N GLY A 64 4.61 -6.33 -4.20
CA GLY A 64 5.45 -5.24 -3.75
C GLY A 64 4.66 -3.95 -3.60
N SER A 65 3.72 -3.69 -4.53
CA SER A 65 2.92 -2.49 -4.47
C SER A 65 1.93 -2.59 -3.32
N LEU A 66 1.43 -3.79 -2.99
CA LEU A 66 0.60 -3.94 -1.81
C LEU A 66 1.42 -3.63 -0.55
N TYR A 67 2.72 -3.96 -0.52
CA TYR A 67 3.55 -3.59 0.62
C TYR A 67 3.67 -2.05 0.67
N ILE A 68 3.82 -1.39 -0.49
CA ILE A 68 3.87 0.06 -0.55
C ILE A 68 2.55 0.68 -0.08
N ILE A 69 1.43 0.20 -0.64
CA ILE A 69 0.09 0.69 -0.31
C ILE A 69 -0.21 0.43 1.16
N ASP A 70 0.31 -0.68 1.70
CA ASP A 70 0.16 -1.02 3.10
C ASP A 70 0.93 -0.04 3.97
N SER A 71 2.17 0.32 3.59
CA SER A 71 2.92 1.24 4.43
C SER A 71 2.28 2.62 4.44
N ILE A 72 1.99 3.18 3.25
CA ILE A 72 1.38 4.50 3.16
C ILE A 72 -0.01 4.48 3.79
N GLY A 73 -0.75 3.37 3.62
CA GLY A 73 -2.09 3.24 4.17
C GLY A 73 -2.08 3.24 5.69
N ARG A 74 -1.31 2.34 6.30
CA ARG A 74 -1.20 2.24 7.75
C ARG A 74 -0.66 3.54 8.35
N ALA A 75 0.29 4.18 7.67
CA ALA A 75 0.87 5.42 8.14
C ALA A 75 -0.14 6.56 8.08
N TYR A 76 -0.89 6.67 6.97
CA TYR A 76 -1.92 7.67 6.83
C TYR A 76 -3.00 7.46 7.90
N LEU A 77 -3.42 6.21 8.07
CA LEU A 77 -4.48 5.86 9.00
C LEU A 77 -4.08 6.31 10.40
N ASP A 78 -2.90 5.90 10.87
CA ASP A 78 -2.43 6.27 12.20
C ASP A 78 -2.37 7.79 12.32
N GLU A 79 -1.82 8.46 11.31
CA GLU A 79 -1.60 9.90 11.37
C GLU A 79 -2.92 10.67 11.47
N THR A 80 -3.94 10.29 10.70
CA THR A 80 -5.19 11.03 10.70
C THR A 80 -6.09 10.64 11.87
N ARG A 81 -5.97 9.42 12.40
CA ARG A 81 -6.73 9.02 13.58
C ARG A 81 -6.16 9.71 14.82
N SER A 82 -4.85 9.93 14.85
CA SER A 82 -4.22 10.69 15.94
C SER A 82 -4.56 12.17 15.84
N ASN A 83 -5.10 12.61 14.69
CA ASN A 83 -5.48 13.99 14.44
C ASN A 83 -7.01 14.16 14.50
N SER A 84 -7.69 13.26 15.21
CA SER A 84 -9.13 13.28 15.35
C SER A 84 -9.55 12.91 16.77
N ASN A 85 -10.77 13.27 17.14
CA ASN A 85 -11.34 12.99 18.46
C ASN A 85 -12.80 12.53 18.34
N SER A 86 -13.26 12.31 17.10
CA SER A 86 -14.62 11.89 16.83
C SER A 86 -14.64 10.64 15.94
N SER A 87 -13.47 10.02 15.75
CA SER A 87 -13.26 8.85 14.89
C SER A 87 -13.72 9.05 13.46
N SER A 88 -14.05 10.29 13.07
CA SER A 88 -14.51 10.61 11.73
C SER A 88 -13.34 10.80 10.77
N ASN A 89 -13.60 10.69 9.47
CA ASN A 89 -12.59 10.83 8.44
C ASN A 89 -12.62 12.24 7.85
N LYS A 90 -11.45 12.79 7.48
CA LYS A 90 -11.37 14.14 6.96
C LYS A 90 -11.70 14.16 5.46
N PRO A 91 -12.25 15.27 4.95
CA PRO A 91 -12.68 15.42 3.56
C PRO A 91 -11.53 15.64 2.59
N GLY A 92 -10.28 15.61 3.05
CA GLY A 92 -9.13 15.88 2.20
C GLY A 92 -7.87 15.20 2.70
N THR A 93 -6.74 15.46 2.02
CA THR A 93 -5.43 14.96 2.39
C THR A 93 -5.40 13.44 2.59
N CYS A 94 -4.49 12.93 3.42
CA CYS A 94 -4.31 11.49 3.64
C CYS A 94 -5.63 10.78 3.99
N ALA A 95 -6.59 11.47 4.58
CA ALA A 95 -7.88 10.86 4.87
C ALA A 95 -8.63 10.57 3.57
N HIS A 96 -8.53 11.48 2.60
CA HIS A 96 -9.14 11.33 1.29
C HIS A 96 -8.42 10.21 0.53
N ALA A 97 -7.10 10.11 0.77
CA ALA A 97 -6.27 9.12 0.14
C ALA A 97 -6.71 7.71 0.57
N ILE A 98 -6.98 7.52 1.86
CA ILE A 98 -7.50 6.25 2.33
C ILE A 98 -8.88 6.01 1.74
N ASN A 99 -9.72 7.06 1.72
CA ASN A 99 -11.06 6.95 1.16
C ASN A 99 -11.01 6.55 -0.30
N THR A 100 -9.98 7.02 -1.04
CA THR A 100 -9.83 6.70 -2.45
C THR A 100 -9.32 5.28 -2.64
N LEU A 101 -8.35 4.82 -1.83
CA LEU A 101 -7.94 3.43 -1.92
C LEU A 101 -9.14 2.53 -1.58
N GLY A 102 -10.05 3.04 -0.74
CA GLY A 102 -11.24 2.32 -0.32
C GLY A 102 -12.17 1.96 -1.48
N GLU A 103 -12.00 2.57 -2.65
CA GLU A 103 -12.86 2.29 -3.79
C GLU A 103 -12.19 1.33 -4.78
N VAL A 104 -10.91 1.00 -4.54
CA VAL A 104 -10.15 0.13 -5.42
C VAL A 104 -9.56 -1.08 -4.69
N ILE A 105 -9.47 -1.04 -3.36
CA ILE A 105 -8.87 -2.13 -2.61
C ILE A 105 -9.52 -3.47 -2.96
N GLN A 106 -10.81 -3.45 -3.32
CA GLN A 106 -11.54 -4.64 -3.70
C GLN A 106 -10.91 -5.29 -4.93
N GLU A 107 -10.76 -4.52 -6.01
CA GLU A 107 -10.23 -5.01 -7.27
C GLU A 107 -8.71 -5.20 -7.21
N LEU A 108 -8.01 -4.37 -6.43
CA LEU A 108 -6.57 -4.48 -6.31
C LEU A 108 -6.21 -5.81 -5.66
N LEU A 109 -6.85 -6.11 -4.51
CA LEU A 109 -6.55 -7.35 -3.81
C LEU A 109 -7.08 -8.55 -4.60
N SER A 110 -8.35 -8.53 -5.01
CA SER A 110 -8.90 -9.66 -5.76
C SER A 110 -8.03 -10.02 -6.96
N ASP A 111 -7.65 -9.05 -7.81
CA ASP A 111 -6.84 -9.34 -8.98
C ASP A 111 -5.44 -9.77 -8.59
N ALA A 112 -4.79 -9.05 -7.67
CA ALA A 112 -3.45 -9.36 -7.22
C ALA A 112 -3.36 -10.81 -6.76
N ILE A 113 -4.22 -11.21 -5.81
CA ILE A 113 -4.17 -12.57 -5.29
C ILE A 113 -4.52 -13.58 -6.37
N ALA A 114 -5.58 -13.32 -7.13
CA ALA A 114 -6.05 -14.25 -8.14
C ALA A 114 -5.02 -14.40 -9.27
N LYS A 115 -4.13 -13.42 -9.44
CA LYS A 115 -3.12 -13.47 -10.48
C LYS A 115 -1.79 -14.02 -9.94
N SER A 116 -1.67 -14.11 -8.62
CA SER A 116 -0.41 -14.48 -7.97
C SER A 116 -0.27 -15.99 -7.75
N ASN A 117 0.96 -16.41 -7.44
CA ASN A 117 1.29 -17.81 -7.19
C ASN A 117 0.97 -18.16 -5.73
N GLN A 118 1.10 -19.44 -5.36
CA GLN A 118 0.79 -19.92 -4.02
C GLN A 118 1.56 -19.14 -2.95
N ASP A 119 2.86 -18.90 -3.16
CA ASP A 119 3.65 -18.18 -2.18
C ASP A 119 3.22 -16.71 -2.11
N HIS A 120 2.86 -16.13 -3.27
CA HIS A 120 2.48 -14.73 -3.34
C HIS A 120 1.10 -14.51 -2.71
N LYS A 121 0.07 -15.28 -3.11
CA LYS A 121 -1.22 -15.18 -2.44
C LYS A 121 -1.07 -15.42 -0.94
N GLU A 122 -0.18 -16.33 -0.53
CA GLU A 122 0.01 -16.59 0.88
C GLU A 122 0.54 -15.34 1.59
N LYS A 123 1.51 -14.65 0.96
CA LYS A 123 2.05 -13.42 1.51
C LYS A 123 0.99 -12.31 1.56
N ILE A 124 0.09 -12.24 0.57
CA ILE A 124 -0.95 -11.22 0.58
C ILE A 124 -1.92 -11.53 1.72
N ARG A 125 -2.24 -12.82 1.90
CA ARG A 125 -3.14 -13.27 2.94
C ARG A 125 -2.61 -12.90 4.32
N MET A 126 -1.32 -13.17 4.57
CA MET A 126 -0.75 -12.88 5.89
C MET A 126 -0.57 -11.39 6.09
N LEU A 127 -0.30 -10.62 5.03
CA LEU A 127 -0.22 -9.18 5.13
C LEU A 127 -1.55 -8.62 5.63
N LEU A 128 -2.64 -9.05 5.02
CA LEU A 128 -3.97 -8.59 5.40
C LEU A 128 -4.37 -9.13 6.77
N ASP A 129 -3.91 -10.34 7.11
CA ASP A 129 -4.19 -10.91 8.42
C ASP A 129 -3.53 -10.10 9.53
N ILE A 130 -2.31 -9.61 9.28
CA ILE A 130 -1.60 -8.76 10.23
C ILE A 130 -2.28 -7.40 10.32
N TRP A 131 -2.69 -6.84 9.18
CA TRP A 131 -3.36 -5.56 9.14
C TRP A 131 -4.70 -5.61 9.87
N ASP A 132 -5.36 -6.77 9.88
CA ASP A 132 -6.60 -6.94 10.61
C ASP A 132 -6.35 -7.26 12.09
N ARG A 133 -5.31 -8.06 12.38
CA ARG A 133 -5.00 -8.50 13.74
C ARG A 133 -4.41 -7.37 14.57
N SER A 134 -3.80 -6.37 13.92
CA SER A 134 -3.20 -5.24 14.62
C SER A 134 -4.26 -4.40 15.33
N GLY A 135 -5.54 -4.59 15.02
CA GLY A 135 -6.63 -3.87 15.65
C GLY A 135 -6.66 -2.41 15.21
N LEU A 136 -5.99 -2.08 14.09
CA LEU A 136 -5.90 -0.72 13.60
C LEU A 136 -7.23 -0.24 13.02
N PHE A 137 -8.15 -1.16 12.71
CA PHE A 137 -9.49 -0.83 12.23
C PHE A 137 -10.39 -0.44 13.41
N GLN A 138 -11.53 0.20 13.11
CA GLN A 138 -12.48 0.62 14.13
C GLN A 138 -13.92 0.25 13.76
N LYS A 139 -14.17 -0.13 12.50
CA LYS A 139 -15.49 -0.52 12.03
C LYS A 139 -15.39 -1.33 10.75
N SER A 140 -16.48 -2.03 10.40
CA SER A 140 -16.59 -2.82 9.18
C SER A 140 -15.47 -3.86 9.03
N TYR A 141 -15.45 -4.53 7.88
CA TYR A 141 -14.46 -5.55 7.56
C TYR A 141 -14.00 -5.40 6.11
N LEU A 142 -12.84 -5.99 5.78
CA LEU A 142 -12.27 -5.89 4.45
C LEU A 142 -12.82 -6.99 3.55
N ASN A 143 -13.91 -6.70 2.84
CA ASN A 143 -14.56 -7.66 1.96
C ASN A 143 -13.72 -7.95 0.70
N ALA A 144 -12.74 -7.10 0.42
CA ALA A 144 -11.95 -7.13 -0.81
C ALA A 144 -11.42 -8.53 -1.12
N ILE A 145 -10.92 -9.23 -0.09
CA ILE A 145 -10.46 -10.61 -0.25
C ILE A 145 -11.37 -11.62 0.44
N ARG A 146 -12.09 -11.17 1.48
CA ARG A 146 -12.95 -12.02 2.28
C ARG A 146 -14.11 -12.56 1.45
N SER A 147 -14.42 -11.88 0.34
CA SER A 147 -15.53 -12.28 -0.51
C SER A 147 -15.37 -13.68 -1.09
N LYS A 148 -14.17 -14.08 -1.54
CA LYS A 148 -14.02 -15.41 -2.13
C LYS A 148 -12.58 -15.96 -2.17
N CYS A 149 -12.41 -16.96 -3.04
CA CYS A 149 -11.24 -17.79 -3.18
C CYS A 149 -9.93 -17.00 -3.26
N PHE A 150 -9.97 -15.73 -3.70
CA PHE A 150 -8.82 -14.82 -3.78
C PHE A 150 -7.75 -15.25 -2.79
N ALA A 151 -7.87 -14.81 -1.55
CA ALA A 151 -7.07 -15.35 -0.47
C ALA A 151 -7.87 -16.33 0.39
N MET A 152 -9.18 -16.51 0.18
CA MET A 152 -9.90 -17.52 0.95
C MET A 152 -9.50 -18.94 0.53
N ASP A 153 -8.65 -19.06 -0.51
CA ASP A 153 -8.11 -20.33 -0.96
C ASP A 153 -7.40 -21.10 0.16
N LEU A 154 -7.01 -20.42 1.24
CA LEU A 154 -6.32 -21.05 2.36
C LEU A 154 -6.81 -20.47 3.69
N TYR B 1 13.55 -15.21 -4.34
CA TYR B 1 13.67 -14.52 -3.04
C TYR B 1 14.38 -13.19 -3.21
N SER B 2 14.25 -12.30 -2.22
CA SER B 2 14.90 -11.00 -2.23
C SER B 2 15.28 -10.59 -0.80
N PRO B 3 16.33 -9.75 -0.66
CA PRO B 3 16.80 -9.28 0.63
C PRO B 3 15.88 -8.21 1.23
N THR B 4 14.95 -7.69 0.43
CA THR B 4 14.05 -6.61 0.84
C THR B 4 14.83 -5.40 1.36
N SEP B 5 16.07 -5.23 0.89
CA SEP B 5 17.00 -4.19 1.33
CB SEP B 5 18.11 -4.08 0.27
OG SEP B 5 17.54 -3.80 -1.00
C SEP B 5 16.31 -2.83 1.48
O SEP B 5 15.74 -2.32 0.52
P SEP B 5 18.45 -3.40 -2.26
O1P SEP B 5 19.17 -2.19 -1.81
O2P SEP B 5 19.31 -4.59 -2.46
O3P SEP B 5 17.47 -3.16 -3.35
H SEP B 5 16.40 -5.88 0.19
HA SEP B 5 17.44 -4.49 2.27
HB2 SEP B 5 18.78 -3.27 0.57
HB3 SEP B 5 18.67 -5.01 0.23
N PRO B 6 16.34 -2.21 2.67
CA PRO B 6 16.87 -2.73 3.92
C PRO B 6 16.02 -3.88 4.45
N SER B 7 14.78 -3.59 4.85
CA SER B 7 13.81 -4.57 5.29
C SER B 7 12.43 -3.92 5.40
N TYR B 8 11.36 -4.72 5.31
CA TYR B 8 10.01 -4.21 5.53
C TYR B 8 9.05 -5.33 5.91
N SER B 9 8.15 -5.04 6.87
CA SER B 9 7.14 -5.98 7.33
C SER B 9 5.82 -5.26 7.59
N PRO B 10 4.67 -5.90 7.27
CA PRO B 10 3.35 -5.38 7.59
C PRO B 10 3.16 -5.13 9.08
N THR B 11 4.12 -5.52 9.91
CA THR B 11 4.04 -5.34 11.36
C THR B 11 4.04 -3.85 11.73
N SEP B 12 4.76 -3.02 10.96
CA SEP B 12 4.77 -1.58 11.21
CB SEP B 12 5.74 -1.27 12.35
OG SEP B 12 7.04 -1.73 12.04
C SEP B 12 5.17 -0.79 9.96
O SEP B 12 6.10 -1.15 9.25
P SEP B 12 8.26 -1.59 13.09
O1P SEP B 12 7.79 -2.37 14.27
O2P SEP B 12 9.40 -2.19 12.37
O3P SEP B 12 8.37 -0.13 13.32
H SEP B 12 5.29 -3.37 10.18
HA SEP B 12 3.78 -1.27 11.51
HB2 SEP B 12 5.77 -0.19 12.52
HB3 SEP B 12 5.39 -1.75 13.26
N PRO B 13 4.45 0.32 9.66
CA PRO B 13 4.76 1.22 8.56
C PRO B 13 6.00 2.07 8.87
N SER B 14 6.42 2.88 7.91
CA SER B 14 7.54 3.79 8.06
C SER B 14 7.25 4.86 9.11
N MET A 1 12.41 27.09 -5.17
CA MET A 1 13.85 26.86 -5.36
C MET A 1 14.09 25.62 -6.22
N GLN A 2 13.71 24.43 -5.72
CA GLN A 2 13.91 23.18 -6.42
C GLN A 2 12.76 22.22 -6.10
N GLN A 3 12.42 21.33 -7.05
CA GLN A 3 11.34 20.37 -6.87
C GLN A 3 11.77 18.97 -7.35
N ASP A 4 13.01 18.82 -7.81
CA ASP A 4 13.53 17.55 -8.28
C ASP A 4 13.76 16.57 -7.13
N ASP A 5 13.54 17.03 -5.89
CA ASP A 5 13.69 16.23 -4.69
C ASP A 5 12.41 16.26 -3.84
N ASP A 6 11.33 16.79 -4.41
CA ASP A 6 10.02 16.86 -3.76
C ASP A 6 9.25 15.57 -4.06
N PHE A 7 7.97 15.68 -4.42
CA PHE A 7 7.17 14.53 -4.81
C PHE A 7 7.82 13.76 -5.97
N GLN A 8 8.78 14.39 -6.65
CA GLN A 8 9.53 13.76 -7.72
C GLN A 8 10.19 12.47 -7.24
N ASN A 9 10.73 12.45 -6.02
CA ASN A 9 11.33 11.24 -5.47
C ASN A 9 10.30 10.11 -5.38
N PHE A 10 9.07 10.44 -4.96
CA PHE A 10 8.03 9.42 -4.84
C PHE A 10 7.70 8.85 -6.22
N VAL A 11 7.33 9.74 -7.15
CA VAL A 11 6.95 9.34 -8.50
C VAL A 11 8.10 8.59 -9.15
N ALA A 12 9.28 9.20 -9.18
CA ALA A 12 10.46 8.63 -9.81
C ALA A 12 10.84 7.29 -9.21
N THR A 13 10.61 7.07 -7.91
CA THR A 13 10.91 5.79 -7.30
C THR A 13 9.91 4.74 -7.79
N LEU A 14 8.62 5.07 -7.83
CA LEU A 14 7.62 4.12 -8.27
C LEU A 14 7.81 3.80 -9.75
N GLU A 15 8.25 4.80 -10.52
CA GLU A 15 8.54 4.68 -11.94
C GLU A 15 9.75 3.78 -12.15
N SER A 16 10.78 3.96 -11.32
CA SER A 16 11.94 3.09 -11.36
C SER A 16 11.54 1.67 -10.97
N PHE A 17 10.51 1.54 -10.12
CA PHE A 17 10.00 0.23 -9.74
C PHE A 17 9.28 -0.42 -10.92
N LYS A 18 8.61 0.39 -11.74
CA LYS A 18 7.95 -0.11 -12.95
C LYS A 18 8.95 -0.42 -14.05
N ASP A 19 10.05 0.32 -14.12
CA ASP A 19 11.03 0.17 -15.19
C ASP A 19 12.02 -0.96 -14.91
N LEU A 20 12.32 -1.23 -13.63
CA LEU A 20 13.27 -2.26 -13.23
C LEU A 20 12.78 -2.98 -11.97
N LYS A 21 13.08 -4.28 -11.87
CA LYS A 21 12.70 -5.08 -10.73
C LYS A 21 13.67 -6.25 -10.51
N SER A 22 13.73 -6.72 -9.26
CA SER A 22 14.55 -7.87 -8.89
C SER A 22 13.92 -8.61 -7.71
N GLY A 23 12.97 -7.96 -7.02
CA GLY A 23 12.25 -8.50 -5.89
C GLY A 23 11.32 -7.41 -5.37
N ILE A 24 11.10 -7.41 -4.05
CA ILE A 24 10.26 -6.43 -3.38
C ILE A 24 11.12 -5.61 -2.43
N SER A 25 12.30 -5.18 -2.92
CA SER A 25 13.28 -4.47 -2.12
C SER A 25 12.64 -3.28 -1.37
N GLY A 26 12.87 -3.24 -0.06
CA GLY A 26 12.28 -2.25 0.83
C GLY A 26 12.78 -0.83 0.57
N SER A 27 13.88 -0.65 -0.17
CA SER A 27 14.44 0.68 -0.40
C SER A 27 13.47 1.55 -1.20
N ARG A 28 12.83 0.97 -2.22
CA ARG A 28 11.86 1.69 -3.02
C ARG A 28 10.67 2.05 -2.12
N ILE A 29 10.27 1.11 -1.25
CA ILE A 29 9.18 1.33 -0.32
C ILE A 29 9.57 2.45 0.64
N LYS A 30 10.85 2.49 1.06
CA LYS A 30 11.36 3.51 1.96
C LYS A 30 11.19 4.89 1.34
N LYS A 31 11.57 5.06 0.06
CA LYS A 31 11.38 6.34 -0.61
C LYS A 31 9.90 6.70 -0.71
N LEU A 32 9.06 5.75 -1.12
CA LEU A 32 7.64 5.99 -1.29
C LEU A 32 6.99 6.40 0.04
N THR A 33 7.07 5.53 1.05
CA THR A 33 6.49 5.80 2.37
C THR A 33 7.01 7.09 2.98
N THR A 34 8.33 7.31 2.96
CA THR A 34 8.88 8.49 3.60
C THR A 34 8.39 9.77 2.94
N TYR A 35 8.37 9.82 1.59
CA TYR A 35 7.93 11.02 0.91
C TYR A 35 6.41 11.19 0.94
N ALA A 36 5.66 10.12 1.22
CA ALA A 36 4.24 10.25 1.53
C ALA A 36 4.08 10.96 2.86
N LEU A 37 4.65 10.39 3.93
CA LEU A 37 4.51 10.94 5.28
C LEU A 37 5.29 12.24 5.48
N ASP A 38 6.21 12.58 4.56
CA ASP A 38 7.01 13.81 4.67
C ASP A 38 6.15 15.06 4.81
N HIS A 39 4.91 15.07 4.30
CA HIS A 39 4.09 16.27 4.40
C HIS A 39 2.59 16.00 4.42
N ILE A 40 2.14 14.85 3.87
CA ILE A 40 0.73 14.51 3.77
C ILE A 40 -0.11 15.70 3.28
N ASP A 41 0.04 16.01 1.99
CA ASP A 41 -0.66 17.09 1.31
C ASP A 41 -0.95 16.68 -0.14
N ILE A 42 -0.94 15.38 -0.38
CA ILE A 42 -1.00 14.78 -1.71
C ILE A 42 -1.73 13.44 -1.65
N GLU A 43 -2.71 13.37 -0.75
CA GLU A 43 -3.48 12.16 -0.48
C GLU A 43 -4.02 11.49 -1.74
N SER A 44 -4.77 12.23 -2.56
CA SER A 44 -5.45 11.64 -3.71
C SER A 44 -4.49 11.34 -4.85
N LYS A 45 -3.37 12.08 -4.94
CA LYS A 45 -2.40 11.87 -6.00
C LYS A 45 -1.47 10.73 -5.63
N ILE A 46 -1.01 10.67 -4.37
CA ILE A 46 -0.26 9.51 -3.87
C ILE A 46 -1.09 8.25 -4.08
N ILE A 47 -2.35 8.25 -3.62
CA ILE A 47 -3.19 7.06 -3.72
C ILE A 47 -3.55 6.72 -5.16
N SER A 48 -4.01 7.68 -5.95
CA SER A 48 -4.33 7.36 -7.35
C SER A 48 -3.11 6.80 -8.06
N LEU A 49 -1.91 7.30 -7.72
CA LEU A 49 -0.69 6.85 -8.36
C LEU A 49 -0.32 5.41 -7.97
N ILE A 50 -0.41 5.03 -6.69
CA ILE A 50 -0.06 3.67 -6.31
C ILE A 50 -1.11 2.65 -6.76
N ILE A 51 -2.39 3.05 -6.78
CA ILE A 51 -3.44 2.16 -7.25
C ILE A 51 -3.23 1.89 -8.73
N ASP A 52 -3.11 2.97 -9.50
CA ASP A 52 -2.89 2.86 -10.94
C ASP A 52 -1.55 2.17 -11.25
N TYR A 53 -0.58 2.30 -10.35
CA TYR A 53 0.68 1.59 -10.52
C TYR A 53 0.39 0.09 -10.45
N SER A 54 -0.39 -0.34 -9.45
CA SER A 54 -0.78 -1.73 -9.33
C SER A 54 -1.62 -2.17 -10.53
N ARG A 55 -2.41 -1.24 -11.08
CA ARG A 55 -3.30 -1.50 -12.21
C ARG A 55 -2.55 -1.76 -13.51
N LEU A 56 -1.48 -1.00 -13.77
CA LEU A 56 -0.76 -1.08 -15.03
C LEU A 56 0.41 -2.06 -15.02
N CYS A 57 0.84 -2.51 -13.84
CA CYS A 57 2.07 -3.29 -13.73
C CYS A 57 1.84 -4.79 -13.60
N PRO A 58 2.86 -5.60 -13.90
CA PRO A 58 2.85 -7.07 -13.84
C PRO A 58 2.51 -7.67 -12.48
N ASP A 59 2.54 -9.01 -12.42
CA ASP A 59 2.19 -9.78 -11.24
C ASP A 59 3.14 -9.52 -10.06
N SER A 60 4.44 -9.52 -10.32
CA SER A 60 5.42 -9.25 -9.28
C SER A 60 5.22 -7.84 -8.75
N HIS A 61 4.75 -6.95 -9.61
CA HIS A 61 4.43 -5.58 -9.23
C HIS A 61 3.09 -5.52 -8.52
N LYS A 62 2.21 -6.51 -8.68
CA LYS A 62 0.97 -6.57 -7.93
C LYS A 62 1.34 -6.83 -6.47
N LEU A 63 2.25 -7.78 -6.24
CA LEU A 63 2.73 -8.06 -4.90
C LEU A 63 3.48 -6.84 -4.34
N GLY A 64 4.34 -6.25 -5.17
CA GLY A 64 5.07 -5.04 -4.77
C GLY A 64 4.10 -3.94 -4.39
N SER A 65 3.02 -3.79 -5.16
CA SER A 65 2.00 -2.80 -4.86
C SER A 65 1.39 -3.09 -3.50
N LEU A 66 1.08 -4.35 -3.19
CA LEU A 66 0.54 -4.67 -1.88
C LEU A 66 1.48 -4.25 -0.76
N TYR A 67 2.80 -4.46 -0.91
CA TYR A 67 3.71 -4.06 0.16
C TYR A 67 3.80 -2.54 0.28
N ILE A 68 3.71 -1.81 -0.84
CA ILE A 68 3.75 -0.36 -0.84
C ILE A 68 2.46 0.20 -0.23
N ILE A 69 1.31 -0.27 -0.73
CA ILE A 69 -0.01 0.11 -0.26
C ILE A 69 -0.15 -0.24 1.21
N ASP A 70 0.45 -1.36 1.63
CA ASP A 70 0.42 -1.79 3.01
C ASP A 70 1.22 -0.84 3.89
N SER A 71 2.44 -0.45 3.47
CA SER A 71 3.25 0.42 4.31
C SER A 71 2.59 1.78 4.48
N ILE A 72 2.24 2.43 3.37
CA ILE A 72 1.58 3.72 3.43
C ILE A 72 0.22 3.56 4.11
N GLY A 73 -0.44 2.43 3.90
CA GLY A 73 -1.76 2.16 4.46
C GLY A 73 -1.73 2.06 5.98
N ARG A 74 -0.85 1.22 6.54
CA ARG A 74 -0.76 1.04 7.99
C ARG A 74 -0.19 2.28 8.66
N ALA A 75 0.73 2.96 7.98
CA ALA A 75 1.30 4.19 8.50
C ALA A 75 0.23 5.28 8.56
N TYR A 76 -0.53 5.46 7.47
CA TYR A 76 -1.63 6.41 7.46
C TYR A 76 -2.66 6.04 8.52
N LEU A 77 -3.01 4.75 8.59
CA LEU A 77 -4.02 4.29 9.52
C LEU A 77 -3.66 4.67 10.95
N ASP A 78 -2.41 4.45 11.37
CA ASP A 78 -2.03 4.82 12.73
C ASP A 78 -2.01 6.34 12.88
N GLU A 79 -1.48 7.06 11.88
CA GLU A 79 -1.34 8.50 11.95
C GLU A 79 -2.69 9.21 11.99
N THR A 80 -3.77 8.59 11.49
CA THR A 80 -5.10 9.19 11.59
C THR A 80 -5.90 8.58 12.74
N ARG A 81 -5.53 7.38 13.19
CA ARG A 81 -6.17 6.75 14.34
C ARG A 81 -5.76 7.44 15.63
N SER A 82 -4.55 8.02 15.66
CA SER A 82 -4.07 8.78 16.82
C SER A 82 -4.83 10.09 17.00
N ASN A 83 -5.58 10.53 15.99
CA ASN A 83 -6.34 11.78 16.04
C ASN A 83 -7.67 11.55 16.75
N SER A 84 -8.23 12.62 17.34
CA SER A 84 -9.48 12.58 18.07
C SER A 84 -10.39 13.74 17.68
N ASN A 85 -10.10 14.39 16.55
CA ASN A 85 -10.87 15.55 16.08
C ASN A 85 -11.23 15.37 14.61
N SER A 86 -12.18 16.19 14.12
CA SER A 86 -12.65 16.14 12.75
C SER A 86 -12.86 17.56 12.22
N SER A 87 -12.98 17.68 10.89
CA SER A 87 -13.16 18.97 10.22
C SER A 87 -14.17 18.85 9.08
N SER A 88 -14.72 19.99 8.66
CA SER A 88 -15.71 20.05 7.58
C SER A 88 -15.44 21.24 6.64
N ASN A 89 -14.30 21.89 6.80
CA ASN A 89 -13.90 23.04 6.00
C ASN A 89 -12.45 22.90 5.55
N LYS A 90 -11.98 21.66 5.40
CA LYS A 90 -10.62 21.34 5.00
C LYS A 90 -10.63 20.20 3.99
N PRO A 91 -9.76 20.23 2.97
CA PRO A 91 -9.59 19.14 2.03
C PRO A 91 -9.19 17.84 2.72
N GLY A 92 -9.35 16.71 2.02
CA GLY A 92 -9.01 15.41 2.57
C GLY A 92 -7.49 15.25 2.73
N THR A 93 -7.10 14.17 3.41
CA THR A 93 -5.71 13.83 3.67
C THR A 93 -5.58 12.31 3.82
N CYS A 94 -4.60 11.80 4.59
CA CYS A 94 -4.38 10.37 4.74
C CYS A 94 -5.66 9.60 5.10
N ALA A 95 -6.61 10.23 5.81
CA ALA A 95 -7.88 9.58 6.10
C ALA A 95 -8.66 9.35 4.81
N HIS A 96 -8.72 10.37 3.96
CA HIS A 96 -9.38 10.30 2.66
C HIS A 96 -8.66 9.33 1.75
N ALA A 97 -7.35 9.22 1.94
CA ALA A 97 -6.50 8.34 1.17
C ALA A 97 -6.84 6.88 1.46
N ILE A 98 -7.01 6.52 2.73
CA ILE A 98 -7.45 5.18 3.08
C ILE A 98 -8.86 4.96 2.53
N ASN A 99 -9.73 5.98 2.65
CA ASN A 99 -11.09 5.87 2.15
C ASN A 99 -11.09 5.66 0.63
N THR A 100 -10.12 6.25 -0.07
CA THR A 100 -10.02 6.10 -1.52
C THR A 100 -9.52 4.71 -1.89
N LEU A 101 -8.53 4.17 -1.18
CA LEU A 101 -8.12 2.80 -1.43
C LEU A 101 -9.30 1.86 -1.14
N GLY A 102 -10.16 2.25 -0.20
CA GLY A 102 -11.33 1.48 0.17
C GLY A 102 -12.29 1.24 -1.00
N GLU A 103 -12.15 1.96 -2.11
CA GLU A 103 -13.05 1.77 -3.26
C GLU A 103 -12.40 0.91 -4.34
N VAL A 104 -11.13 0.53 -4.16
CA VAL A 104 -10.41 -0.27 -5.14
C VAL A 104 -9.78 -1.52 -4.53
N ILE A 105 -9.61 -1.55 -3.20
CA ILE A 105 -8.95 -2.64 -2.51
C ILE A 105 -9.60 -3.98 -2.82
N GLN A 106 -10.89 -3.99 -3.13
CA GLN A 106 -11.61 -5.22 -3.44
C GLN A 106 -10.99 -5.96 -4.62
N GLU A 107 -10.91 -5.29 -5.76
CA GLU A 107 -10.36 -5.89 -6.97
C GLU A 107 -8.84 -5.91 -6.95
N LEU A 108 -8.22 -4.99 -6.20
CA LEU A 108 -6.77 -4.92 -6.11
C LEU A 108 -6.24 -6.17 -5.40
N LEU A 109 -6.80 -6.50 -4.24
CA LEU A 109 -6.41 -7.71 -3.52
C LEU A 109 -6.89 -8.94 -4.28
N SER A 110 -8.19 -9.01 -4.63
CA SER A 110 -8.71 -10.10 -5.44
C SER A 110 -7.74 -10.48 -6.57
N ASP A 111 -7.25 -9.51 -7.34
CA ASP A 111 -6.36 -9.79 -8.45
C ASP A 111 -4.97 -10.21 -7.95
N ALA A 112 -4.38 -9.45 -7.02
CA ALA A 112 -3.07 -9.75 -6.46
C ALA A 112 -3.01 -11.14 -5.86
N ILE A 113 -4.12 -11.68 -5.34
CA ILE A 113 -4.12 -13.06 -4.89
C ILE A 113 -4.41 -14.02 -6.04
N ALA A 114 -5.35 -13.67 -6.92
CA ALA A 114 -5.72 -14.56 -8.01
C ALA A 114 -4.57 -14.75 -8.99
N LYS A 115 -3.68 -13.75 -9.06
CA LYS A 115 -2.50 -13.77 -9.91
C LYS A 115 -1.37 -14.57 -9.25
N SER A 116 -1.46 -14.75 -7.93
CA SER A 116 -0.40 -15.33 -7.11
C SER A 116 -0.39 -16.86 -7.11
N ASN A 117 0.75 -17.42 -6.67
CA ASN A 117 0.93 -18.85 -6.45
C ASN A 117 0.66 -19.15 -4.97
N GLN A 118 0.68 -20.42 -4.56
CA GLN A 118 0.35 -20.80 -3.19
C GLN A 118 1.22 -20.08 -2.15
N ASP A 119 2.51 -19.89 -2.43
CA ASP A 119 3.37 -19.21 -1.47
C ASP A 119 3.07 -17.71 -1.44
N HIS A 120 2.77 -17.13 -2.60
CA HIS A 120 2.44 -15.71 -2.66
C HIS A 120 1.06 -15.44 -2.06
N LYS A 121 0.04 -16.26 -2.37
CA LYS A 121 -1.26 -16.08 -1.74
C LYS A 121 -1.11 -16.21 -0.23
N GLU A 122 -0.26 -17.13 0.24
CA GLU A 122 -0.03 -17.26 1.67
C GLU A 122 0.54 -15.98 2.24
N LYS A 123 1.51 -15.38 1.55
CA LYS A 123 2.09 -14.11 1.98
C LYS A 123 1.05 -12.97 1.95
N ILE A 124 0.14 -12.97 0.99
CA ILE A 124 -0.85 -11.90 0.89
C ILE A 124 -1.92 -12.08 1.97
N ARG A 125 -2.29 -13.33 2.24
CA ARG A 125 -3.25 -13.66 3.29
C ARG A 125 -2.68 -13.25 4.66
N MET A 126 -1.38 -13.47 4.85
CA MET A 126 -0.69 -13.05 6.07
C MET A 126 -0.65 -11.53 6.16
N LEU A 127 -0.37 -10.87 5.03
CA LEU A 127 -0.28 -9.41 4.99
C LEU A 127 -1.60 -8.79 5.42
N LEU A 128 -2.73 -9.31 4.90
CA LEU A 128 -4.04 -8.80 5.28
C LEU A 128 -4.37 -9.15 6.73
N ASP A 129 -3.98 -10.33 7.21
CA ASP A 129 -4.24 -10.70 8.59
C ASP A 129 -3.54 -9.71 9.53
N ILE A 130 -2.31 -9.32 9.20
CA ILE A 130 -1.54 -8.38 10.00
C ILE A 130 -2.12 -6.98 9.87
N TRP A 131 -2.48 -6.56 8.66
CA TRP A 131 -3.00 -5.22 8.42
C TRP A 131 -4.36 -5.02 9.10
N ASP A 132 -5.11 -6.11 9.30
CA ASP A 132 -6.37 -6.05 10.01
C ASP A 132 -6.16 -6.16 11.52
N ARG A 133 -5.19 -6.99 11.94
CA ARG A 133 -4.89 -7.19 13.36
C ARG A 133 -4.31 -5.93 13.99
N SER A 134 -3.40 -5.25 13.28
CA SER A 134 -2.78 -4.02 13.77
C SER A 134 -3.70 -2.83 13.61
N GLY A 135 -4.73 -2.95 12.77
CA GLY A 135 -5.68 -1.87 12.53
C GLY A 135 -6.76 -1.82 13.61
N LEU A 136 -6.92 -2.94 14.35
CA LEU A 136 -7.95 -3.14 15.36
C LEU A 136 -9.37 -3.04 14.80
N PHE A 137 -10.27 -3.92 15.26
CA PHE A 137 -11.64 -4.03 14.78
C PHE A 137 -11.70 -4.20 13.25
N GLN A 138 -12.91 -4.22 12.69
CA GLN A 138 -13.10 -4.32 11.25
C GLN A 138 -12.81 -2.97 10.59
N LYS A 139 -12.48 -3.00 9.29
CA LYS A 139 -12.14 -1.80 8.54
C LYS A 139 -13.16 -1.51 7.43
N SER A 140 -14.29 -2.23 7.44
CA SER A 140 -15.36 -2.07 6.46
C SER A 140 -14.95 -2.31 5.01
N TYR A 141 -13.76 -2.87 4.78
CA TYR A 141 -13.33 -3.25 3.43
C TYR A 141 -12.63 -4.60 3.43
N LEU A 142 -12.68 -5.33 4.55
CA LEU A 142 -12.00 -6.62 4.70
C LEU A 142 -12.56 -7.67 3.73
N ASN A 143 -13.75 -7.42 3.17
CA ASN A 143 -14.37 -8.33 2.21
C ASN A 143 -13.43 -8.58 1.01
N ALA A 144 -12.51 -7.64 0.77
CA ALA A 144 -11.63 -7.61 -0.39
C ALA A 144 -10.84 -8.91 -0.55
N ILE A 145 -10.56 -9.61 0.55
CA ILE A 145 -10.02 -10.97 0.48
C ILE A 145 -10.81 -11.95 1.33
N ARG A 146 -11.67 -11.46 2.23
CA ARG A 146 -12.47 -12.32 3.09
C ARG A 146 -13.50 -13.08 2.28
N SER A 147 -13.86 -12.58 1.09
CA SER A 147 -14.71 -13.36 0.20
C SER A 147 -13.98 -14.65 -0.18
N LYS A 148 -14.74 -15.68 -0.61
CA LYS A 148 -14.21 -17.03 -0.77
C LYS A 148 -12.99 -17.10 -1.70
N CYS A 149 -13.20 -17.00 -3.01
CA CYS A 149 -12.15 -17.29 -3.97
C CYS A 149 -10.81 -16.63 -3.61
N PHE A 150 -10.79 -15.28 -3.58
CA PHE A 150 -9.61 -14.42 -3.41
C PHE A 150 -8.45 -15.13 -2.73
N ALA A 151 -8.33 -14.98 -1.40
CA ALA A 151 -7.36 -15.73 -0.62
C ALA A 151 -7.96 -16.93 0.14
N MET A 152 -9.28 -17.12 0.12
CA MET A 152 -9.88 -18.17 0.93
C MET A 152 -10.19 -19.43 0.13
N ASP A 153 -9.95 -19.46 -1.19
CA ASP A 153 -10.12 -20.68 -1.97
C ASP A 153 -9.27 -21.82 -1.39
N LEU A 154 -8.16 -21.48 -0.73
CA LEU A 154 -7.27 -22.43 -0.08
C LEU A 154 -6.59 -21.74 1.09
N TYR B 1 8.80 -17.18 -2.62
CA TYR B 1 9.70 -16.28 -1.88
C TYR B 1 10.34 -15.27 -2.82
N SER B 2 10.79 -14.13 -2.28
CA SER B 2 11.40 -13.07 -3.08
C SER B 2 12.42 -12.31 -2.23
N PRO B 3 13.54 -11.88 -2.82
CA PRO B 3 14.59 -11.15 -2.14
C PRO B 3 14.14 -9.71 -1.83
N THR B 4 14.76 -9.10 -0.82
CA THR B 4 14.47 -7.75 -0.39
C THR B 4 15.74 -7.05 0.09
N SEP B 5 15.81 -5.73 -0.08
CA SEP B 5 16.97 -4.94 0.33
CB SEP B 5 18.02 -5.02 -0.79
OG SEP B 5 17.45 -4.63 -2.02
C SEP B 5 16.59 -3.47 0.58
O SEP B 5 16.46 -2.69 -0.35
P SEP B 5 18.26 -4.75 -3.41
O1P SEP B 5 18.43 -6.21 -3.59
O2P SEP B 5 17.35 -4.10 -4.39
O3P SEP B 5 19.51 -4.00 -3.15
H SEP B 5 15.04 -5.24 -0.50
HA SEP B 5 17.40 -5.36 1.23
HB2 SEP B 5 18.86 -4.38 -0.55
HB3 SEP B 5 18.36 -6.06 -0.87
N PRO B 6 16.38 -3.07 1.85
CA PRO B 6 16.38 -3.91 3.04
C PRO B 6 15.08 -4.73 3.10
N SER B 7 14.96 -5.57 4.12
CA SER B 7 13.77 -6.38 4.32
C SER B 7 12.59 -5.53 4.78
N TYR B 8 11.37 -6.04 4.63
CA TYR B 8 10.17 -5.33 5.00
C TYR B 8 9.09 -6.28 5.50
N SER B 9 8.38 -5.88 6.57
CA SER B 9 7.28 -6.64 7.14
C SER B 9 6.06 -5.74 7.35
N PRO B 10 4.85 -6.26 7.04
CA PRO B 10 3.60 -5.57 7.32
C PRO B 10 3.43 -5.25 8.82
N THR B 11 4.28 -5.83 9.65
CA THR B 11 4.20 -5.72 11.10
C THR B 11 4.91 -4.47 11.63
N SEP B 12 5.25 -3.51 10.75
CA SEP B 12 6.05 -2.35 11.14
CB SEP B 12 7.46 -2.49 10.56
OG SEP B 12 8.04 -3.70 11.00
C SEP B 12 5.43 -0.98 10.80
O SEP B 12 6.10 -0.18 10.16
P SEP B 12 9.55 -4.09 10.60
O1P SEP B 12 10.36 -3.00 11.19
O2P SEP B 12 9.73 -5.41 11.26
O3P SEP B 12 9.53 -4.13 9.12
H SEP B 12 4.94 -3.59 9.79
HA SEP B 12 6.14 -2.37 12.23
HB2 SEP B 12 7.40 -2.49 9.47
HB3 SEP B 12 8.07 -1.65 10.88
N PRO B 13 4.18 -0.70 11.19
CA PRO B 13 3.61 0.64 11.08
C PRO B 13 4.44 1.64 11.89
N SER B 14 4.22 2.94 11.60
CA SER B 14 4.93 4.03 12.25
C SER B 14 4.69 4.05 13.76
N MET A 1 15.32 29.44 -10.73
CA MET A 1 15.85 28.18 -10.16
C MET A 1 14.81 27.07 -10.28
N GLN A 2 15.24 25.82 -10.07
CA GLN A 2 14.38 24.64 -10.15
C GLN A 2 14.71 23.67 -9.02
N GLN A 3 13.88 22.63 -8.88
CA GLN A 3 14.05 21.61 -7.86
C GLN A 3 13.92 20.23 -8.49
N ASP A 4 14.66 19.25 -7.94
CA ASP A 4 14.66 17.89 -8.47
C ASP A 4 14.54 16.85 -7.35
N ASP A 5 14.28 17.30 -6.12
CA ASP A 5 14.16 16.42 -4.96
C ASP A 5 12.76 16.51 -4.34
N ASP A 6 11.78 16.96 -5.13
CA ASP A 6 10.40 17.06 -4.71
C ASP A 6 9.69 15.72 -4.92
N PHE A 7 8.45 15.73 -5.41
CA PHE A 7 7.68 14.54 -5.73
C PHE A 7 8.44 13.63 -6.72
N GLN A 8 9.49 14.17 -7.34
CA GLN A 8 10.33 13.43 -8.27
C GLN A 8 10.87 12.17 -7.61
N ASN A 9 11.28 12.21 -6.35
CA ASN A 9 11.75 10.99 -5.68
C ASN A 9 10.66 9.92 -5.70
N PHE A 10 9.43 10.28 -5.35
CA PHE A 10 8.36 9.30 -5.27
C PHE A 10 8.08 8.69 -6.64
N VAL A 11 7.89 9.54 -7.66
CA VAL A 11 7.59 9.06 -9.00
C VAL A 11 8.74 8.23 -9.53
N ALA A 12 9.95 8.80 -9.52
CA ALA A 12 11.14 8.14 -10.04
C ALA A 12 11.44 6.83 -9.31
N THR A 13 11.05 6.72 -8.03
CA THR A 13 11.25 5.48 -7.29
C THR A 13 10.22 4.44 -7.73
N LEU A 14 8.97 4.84 -7.93
CA LEU A 14 7.93 3.91 -8.36
C LEU A 14 8.26 3.42 -9.77
N GLU A 15 8.87 4.31 -10.58
CA GLU A 15 9.33 4.00 -11.92
C GLU A 15 10.49 3.01 -11.86
N SER A 16 11.42 3.24 -10.92
CA SER A 16 12.51 2.31 -10.66
C SER A 16 11.95 0.95 -10.25
N PHE A 17 10.80 0.96 -9.58
CA PHE A 17 10.13 -0.28 -9.18
C PHE A 17 9.54 -0.98 -10.41
N LYS A 18 9.01 -0.19 -11.36
CA LYS A 18 8.48 -0.73 -12.61
C LYS A 18 9.60 -1.19 -13.55
N ASP A 19 10.80 -0.62 -13.39
CA ASP A 19 11.94 -0.95 -14.23
C ASP A 19 12.44 -2.38 -14.00
N LEU A 20 12.17 -2.96 -12.83
CA LEU A 20 12.56 -4.34 -12.53
C LEU A 20 11.37 -5.27 -12.78
N LYS A 21 11.62 -6.59 -12.83
CA LYS A 21 10.58 -7.57 -13.14
C LYS A 21 10.50 -8.68 -12.11
N SER A 22 11.37 -8.67 -11.09
CA SER A 22 11.35 -9.68 -10.03
C SER A 22 11.95 -9.13 -8.75
N GLY A 23 11.50 -9.65 -7.61
CA GLY A 23 11.98 -9.28 -6.29
C GLY A 23 11.41 -7.94 -5.83
N ILE A 24 11.07 -7.90 -4.54
CA ILE A 24 10.62 -6.68 -3.88
C ILE A 24 11.84 -6.04 -3.23
N SER A 25 11.98 -4.72 -3.30
CA SER A 25 13.16 -4.05 -2.76
C SER A 25 12.75 -2.99 -1.74
N GLY A 26 13.34 -3.04 -0.55
CA GLY A 26 12.98 -2.15 0.54
C GLY A 26 13.36 -0.70 0.26
N SER A 27 14.45 -0.46 -0.47
CA SER A 27 14.92 0.89 -0.69
C SER A 27 13.88 1.71 -1.45
N ARG A 28 13.23 1.08 -2.43
CA ARG A 28 12.18 1.75 -3.20
C ARG A 28 10.98 2.00 -2.30
N ILE A 29 10.59 1.00 -1.49
CA ILE A 29 9.46 1.14 -0.59
C ILE A 29 9.73 2.28 0.40
N LYS A 30 10.97 2.36 0.90
CA LYS A 30 11.36 3.38 1.86
C LYS A 30 11.36 4.77 1.24
N LYS A 31 11.77 4.92 -0.03
CA LYS A 31 11.69 6.23 -0.68
C LYS A 31 10.24 6.64 -0.87
N LEU A 32 9.37 5.71 -1.26
CA LEU A 32 7.96 6.01 -1.47
C LEU A 32 7.32 6.46 -0.15
N THR A 33 7.47 5.69 0.93
CA THR A 33 6.90 6.05 2.21
C THR A 33 7.46 7.38 2.70
N THR A 34 8.77 7.57 2.53
CA THR A 34 9.45 8.78 2.94
C THR A 34 8.81 10.01 2.30
N TYR A 35 8.74 10.07 0.97
CA TYR A 35 8.24 11.27 0.32
C TYR A 35 6.73 11.42 0.39
N ALA A 36 5.98 10.35 0.68
CA ALA A 36 4.58 10.49 1.01
C ALA A 36 4.46 11.15 2.39
N LEU A 37 5.07 10.54 3.40
CA LEU A 37 4.96 10.97 4.79
C LEU A 37 5.72 12.28 5.06
N ASP A 38 6.59 12.70 4.14
CA ASP A 38 7.40 13.91 4.30
C ASP A 38 6.55 15.16 4.55
N HIS A 39 5.33 15.24 4.01
CA HIS A 39 4.52 16.44 4.19
C HIS A 39 3.01 16.20 4.13
N ILE A 40 2.57 15.09 3.52
CA ILE A 40 1.16 14.79 3.36
C ILE A 40 0.36 15.99 2.85
N ASP A 41 0.55 16.28 1.56
CA ASP A 41 -0.11 17.37 0.85
C ASP A 41 -0.39 16.91 -0.59
N ILE A 42 -0.45 15.58 -0.77
CA ILE A 42 -0.50 14.93 -2.06
C ILE A 42 -1.33 13.65 -1.96
N GLU A 43 -2.34 13.67 -1.11
CA GLU A 43 -3.18 12.52 -0.84
C GLU A 43 -3.72 11.84 -2.10
N SER A 44 -4.39 12.60 -2.98
CA SER A 44 -5.04 12.03 -4.16
C SER A 44 -4.04 11.64 -5.23
N LYS A 45 -2.93 12.38 -5.34
CA LYS A 45 -1.92 12.11 -6.35
C LYS A 45 -1.08 10.89 -5.94
N ILE A 46 -0.66 10.84 -4.67
CA ILE A 46 0.02 9.67 -4.13
C ILE A 46 -0.86 8.43 -4.30
N ILE A 47 -2.12 8.50 -3.86
CA ILE A 47 -3.00 7.35 -3.90
C ILE A 47 -3.34 6.94 -5.33
N SER A 48 -3.78 7.86 -6.18
CA SER A 48 -4.09 7.49 -7.55
C SER A 48 -2.86 6.92 -8.25
N LEU A 49 -1.66 7.40 -7.91
CA LEU A 49 -0.45 6.91 -8.54
C LEU A 49 -0.11 5.49 -8.11
N ILE A 50 -0.22 5.14 -6.82
CA ILE A 50 0.11 3.77 -6.39
C ILE A 50 -0.96 2.77 -6.83
N ILE A 51 -2.24 3.18 -6.83
CA ILE A 51 -3.31 2.31 -7.28
C ILE A 51 -3.11 2.00 -8.74
N ASP A 52 -2.96 3.05 -9.55
CA ASP A 52 -2.76 2.90 -10.98
C ASP A 52 -1.47 2.17 -11.28
N TYR A 53 -0.45 2.34 -10.43
CA TYR A 53 0.79 1.59 -10.57
C TYR A 53 0.49 0.10 -10.48
N SER A 54 -0.32 -0.31 -9.48
CA SER A 54 -0.70 -1.70 -9.33
C SER A 54 -1.56 -2.15 -10.51
N ARG A 55 -2.41 -1.24 -11.02
CA ARG A 55 -3.35 -1.50 -12.10
C ARG A 55 -2.66 -1.77 -13.43
N LEU A 56 -1.54 -1.09 -13.70
CA LEU A 56 -0.84 -1.21 -14.97
C LEU A 56 0.25 -2.28 -14.99
N CYS A 57 0.66 -2.77 -13.83
CA CYS A 57 1.82 -3.64 -13.73
C CYS A 57 1.47 -5.09 -13.37
N PRO A 58 2.31 -6.05 -13.82
CA PRO A 58 2.12 -7.49 -13.64
C PRO A 58 2.44 -7.99 -12.23
N ASP A 59 2.48 -9.32 -12.09
CA ASP A 59 2.65 -10.11 -10.88
C ASP A 59 3.58 -9.48 -9.83
N SER A 60 4.87 -9.33 -10.17
CA SER A 60 5.88 -8.85 -9.22
C SER A 60 5.50 -7.48 -8.68
N HIS A 61 4.76 -6.71 -9.48
CA HIS A 61 4.35 -5.38 -9.11
C HIS A 61 3.00 -5.38 -8.39
N LYS A 62 2.21 -6.46 -8.47
CA LYS A 62 1.03 -6.59 -7.63
C LYS A 62 1.50 -6.84 -6.21
N LEU A 63 2.52 -7.69 -6.05
CA LEU A 63 3.07 -7.94 -4.73
C LEU A 63 3.77 -6.67 -4.22
N GLY A 64 4.59 -6.06 -5.08
CA GLY A 64 5.29 -4.83 -4.74
C GLY A 64 4.31 -3.72 -4.38
N SER A 65 3.24 -3.55 -5.17
CA SER A 65 2.27 -2.50 -4.91
C SER A 65 1.59 -2.76 -3.58
N LEU A 66 1.23 -4.01 -3.26
CA LEU A 66 0.61 -4.26 -1.97
C LEU A 66 1.54 -3.91 -0.81
N TYR A 67 2.86 -4.20 -0.91
CA TYR A 67 3.75 -3.81 0.18
C TYR A 67 3.88 -2.28 0.27
N ILE A 68 3.85 -1.58 -0.88
CA ILE A 68 3.91 -0.12 -0.90
C ILE A 68 2.64 0.48 -0.31
N ILE A 69 1.47 0.00 -0.77
CA ILE A 69 0.17 0.45 -0.31
C ILE A 69 0.02 0.14 1.18
N ASP A 70 0.60 -0.97 1.62
CA ASP A 70 0.59 -1.38 3.01
C ASP A 70 1.44 -0.43 3.85
N SER A 71 2.63 -0.05 3.38
CA SER A 71 3.47 0.81 4.17
C SER A 71 2.86 2.20 4.31
N ILE A 72 2.45 2.81 3.19
CA ILE A 72 1.85 4.12 3.19
C ILE A 72 0.49 4.09 3.89
N GLY A 73 -0.29 3.01 3.69
CA GLY A 73 -1.61 2.89 4.26
C GLY A 73 -1.57 2.78 5.78
N ARG A 74 -0.68 1.94 6.31
CA ARG A 74 -0.51 1.77 7.76
C ARG A 74 0.11 3.02 8.37
N ALA A 75 1.04 3.66 7.66
CA ALA A 75 1.64 4.88 8.13
C ALA A 75 0.61 6.02 8.19
N TYR A 76 -0.27 6.09 7.18
CA TYR A 76 -1.34 7.07 7.17
C TYR A 76 -2.31 6.78 8.30
N LEU A 77 -2.72 5.51 8.44
CA LEU A 77 -3.70 5.12 9.44
C LEU A 77 -3.19 5.51 10.83
N ASP A 78 -1.90 5.27 11.11
CA ASP A 78 -1.32 5.63 12.39
C ASP A 78 -1.26 7.16 12.54
N GLU A 79 -0.87 7.85 11.47
CA GLU A 79 -0.71 9.30 11.52
C GLU A 79 -2.03 10.00 11.83
N THR A 80 -3.13 9.54 11.24
CA THR A 80 -4.43 10.15 11.46
C THR A 80 -5.11 9.63 12.73
N ARG A 81 -4.79 8.40 13.14
CA ARG A 81 -5.32 7.85 14.38
C ARG A 81 -4.61 8.46 15.59
N SER A 82 -3.38 8.96 15.39
CA SER A 82 -2.63 9.64 16.45
C SER A 82 -3.29 10.98 16.79
N ASN A 83 -4.19 11.47 15.95
CA ASN A 83 -4.89 12.73 16.15
C ASN A 83 -6.31 12.47 16.66
N SER A 84 -6.92 13.47 17.30
CA SER A 84 -8.26 13.36 17.84
C SER A 84 -9.31 13.46 16.72
N ASN A 85 -10.52 12.98 16.99
CA ASN A 85 -11.60 13.00 16.01
C ASN A 85 -12.21 14.40 15.91
N SER A 86 -12.85 14.70 14.79
CA SER A 86 -13.50 15.97 14.55
C SER A 86 -14.68 15.81 13.60
N SER A 87 -15.56 16.82 13.56
CA SER A 87 -16.74 16.82 12.70
C SER A 87 -17.05 18.21 12.15
N SER A 88 -16.18 19.19 12.44
CA SER A 88 -16.37 20.57 12.01
C SER A 88 -15.70 20.85 10.67
N ASN A 89 -15.03 19.85 10.08
CA ASN A 89 -14.36 19.99 8.81
C ASN A 89 -14.37 18.65 8.06
N LYS A 90 -14.17 18.71 6.73
CA LYS A 90 -14.16 17.53 5.87
C LYS A 90 -12.73 17.04 5.66
N PRO A 91 -12.54 15.74 5.35
CA PRO A 91 -11.23 15.16 5.09
C PRO A 91 -10.66 15.68 3.76
N GLY A 92 -9.34 15.60 3.62
CA GLY A 92 -8.66 16.08 2.42
C GLY A 92 -7.16 15.76 2.43
N THR A 93 -6.77 14.74 3.20
CA THR A 93 -5.37 14.35 3.36
C THR A 93 -5.25 12.84 3.52
N CYS A 94 -4.24 12.33 4.23
CA CYS A 94 -4.02 10.89 4.41
C CYS A 94 -5.29 10.14 4.84
N ALA A 95 -6.20 10.78 5.58
CA ALA A 95 -7.46 10.16 5.94
C ALA A 95 -8.30 9.90 4.68
N HIS A 96 -8.38 10.92 3.81
CA HIS A 96 -9.11 10.82 2.56
C HIS A 96 -8.43 9.82 1.64
N ALA A 97 -7.11 9.73 1.75
CA ALA A 97 -6.29 8.84 0.96
C ALA A 97 -6.64 7.38 1.27
N ILE A 98 -6.77 7.05 2.55
CA ILE A 98 -7.21 5.72 2.95
C ILE A 98 -8.63 5.50 2.44
N ASN A 99 -9.49 6.52 2.57
CA ASN A 99 -10.86 6.43 2.09
C ASN A 99 -10.91 6.15 0.59
N THR A 100 -9.96 6.71 -0.17
CA THR A 100 -9.89 6.50 -1.61
C THR A 100 -9.41 5.10 -1.95
N LEU A 101 -8.41 4.57 -1.23
CA LEU A 101 -8.01 3.19 -1.46
C LEU A 101 -9.20 2.27 -1.15
N GLY A 102 -10.06 2.70 -0.23
CA GLY A 102 -11.26 1.96 0.15
C GLY A 102 -12.22 1.69 -1.02
N GLU A 103 -12.05 2.37 -2.17
CA GLU A 103 -12.94 2.17 -3.31
C GLU A 103 -12.29 1.33 -4.42
N VAL A 104 -11.02 0.97 -4.25
CA VAL A 104 -10.28 0.19 -5.24
C VAL A 104 -9.71 -1.10 -4.66
N ILE A 105 -9.63 -1.19 -3.32
CA ILE A 105 -9.09 -2.34 -2.63
C ILE A 105 -9.67 -3.66 -3.15
N GLN A 106 -10.90 -3.65 -3.66
CA GLN A 106 -11.54 -4.86 -4.16
C GLN A 106 -10.73 -5.50 -5.28
N GLU A 107 -10.48 -4.78 -6.38
CA GLU A 107 -9.77 -5.32 -7.52
C GLU A 107 -8.29 -5.53 -7.18
N LEU A 108 -7.73 -4.69 -6.31
CA LEU A 108 -6.34 -4.78 -5.92
C LEU A 108 -6.07 -6.12 -5.23
N LEU A 109 -6.81 -6.43 -4.16
CA LEU A 109 -6.58 -7.66 -3.42
C LEU A 109 -7.04 -8.88 -4.23
N SER A 110 -8.25 -8.86 -4.78
CA SER A 110 -8.73 -9.96 -5.60
C SER A 110 -7.71 -10.36 -6.68
N ASP A 111 -7.22 -9.42 -7.49
CA ASP A 111 -6.30 -9.79 -8.56
C ASP A 111 -4.92 -10.16 -8.00
N ALA A 112 -4.41 -9.40 -7.03
CA ALA A 112 -3.09 -9.68 -6.47
C ALA A 112 -3.00 -11.09 -5.91
N ILE A 113 -4.04 -11.57 -5.22
CA ILE A 113 -4.02 -12.93 -4.71
C ILE A 113 -4.36 -13.92 -5.82
N ALA A 114 -5.25 -13.56 -6.74
CA ALA A 114 -5.63 -14.49 -7.80
C ALA A 114 -4.45 -14.77 -8.73
N LYS A 115 -3.55 -13.81 -8.89
CA LYS A 115 -2.34 -13.97 -9.68
C LYS A 115 -1.27 -14.73 -8.88
N SER A 116 -1.42 -14.75 -7.56
CA SER A 116 -0.42 -15.31 -6.66
C SER A 116 -0.46 -16.84 -6.60
N ASN A 117 0.69 -17.40 -6.22
CA ASN A 117 0.83 -18.82 -5.88
C ASN A 117 0.54 -18.95 -4.39
N GLN A 118 0.53 -20.17 -3.84
CA GLN A 118 0.20 -20.38 -2.45
C GLN A 118 1.12 -19.56 -1.53
N ASP A 119 2.41 -19.43 -1.88
CA ASP A 119 3.35 -18.67 -1.06
C ASP A 119 2.99 -17.17 -1.08
N HIS A 120 2.66 -16.64 -2.26
CA HIS A 120 2.32 -15.24 -2.37
C HIS A 120 0.94 -14.96 -1.78
N LYS A 121 -0.01 -15.89 -1.90
CA LYS A 121 -1.29 -15.75 -1.21
C LYS A 121 -1.05 -15.64 0.28
N GLU A 122 -0.13 -16.46 0.81
CA GLU A 122 0.13 -16.44 2.23
C GLU A 122 0.74 -15.11 2.64
N LYS A 123 1.64 -14.56 1.81
CA LYS A 123 2.20 -13.25 2.08
C LYS A 123 1.11 -12.18 2.09
N ILE A 124 0.14 -12.25 1.17
CA ILE A 124 -0.92 -11.24 1.13
C ILE A 124 -1.88 -11.44 2.30
N ARG A 125 -2.11 -12.70 2.68
CA ARG A 125 -2.97 -13.00 3.82
C ARG A 125 -2.33 -12.52 5.13
N MET A 126 -1.00 -12.66 5.26
CA MET A 126 -0.29 -12.16 6.42
C MET A 126 -0.38 -10.64 6.46
N LEU A 127 -0.15 -9.99 5.31
CA LEU A 127 -0.22 -8.55 5.19
C LEU A 127 -1.59 -8.04 5.65
N LEU A 128 -2.67 -8.66 5.18
CA LEU A 128 -4.02 -8.24 5.50
C LEU A 128 -4.42 -8.62 6.92
N ASP A 129 -3.91 -9.73 7.45
CA ASP A 129 -4.23 -10.12 8.81
C ASP A 129 -3.64 -9.09 9.78
N ILE A 130 -2.41 -8.64 9.51
CA ILE A 130 -1.79 -7.62 10.34
C ILE A 130 -2.49 -6.28 10.13
N TRP A 131 -2.89 -5.98 8.89
CA TRP A 131 -3.62 -4.75 8.60
C TRP A 131 -4.93 -4.71 9.39
N ASP A 132 -5.57 -5.87 9.58
CA ASP A 132 -6.79 -5.96 10.36
C ASP A 132 -6.50 -5.79 11.86
N ARG A 133 -5.43 -6.42 12.34
CA ARG A 133 -5.04 -6.35 13.74
C ARG A 133 -4.39 -5.02 14.11
N SER A 134 -3.98 -4.22 13.11
CA SER A 134 -3.33 -2.94 13.37
C SER A 134 -4.20 -1.97 14.16
N GLY A 135 -5.52 -2.20 14.23
CA GLY A 135 -6.41 -1.34 14.99
C GLY A 135 -7.81 -1.26 14.39
N LEU A 136 -8.08 -1.97 13.29
CA LEU A 136 -9.39 -1.94 12.64
C LEU A 136 -10.41 -2.73 13.48
N PHE A 137 -11.69 -2.52 13.19
CA PHE A 137 -12.77 -3.15 13.93
C PHE A 137 -12.85 -4.65 13.61
N GLN A 138 -13.56 -5.41 14.43
CA GLN A 138 -13.66 -6.86 14.30
C GLN A 138 -14.55 -7.28 13.13
N LYS A 139 -15.21 -6.31 12.48
CA LYS A 139 -16.07 -6.57 11.33
C LYS A 139 -15.86 -5.50 10.27
N SER A 140 -16.18 -5.82 9.02
CA SER A 140 -16.04 -4.91 7.89
C SER A 140 -17.05 -5.23 6.80
N TYR A 141 -17.17 -4.35 5.80
CA TYR A 141 -18.10 -4.52 4.69
C TYR A 141 -17.36 -4.77 3.38
N LEU A 142 -16.04 -4.99 3.45
CA LEU A 142 -15.22 -5.24 2.27
C LEU A 142 -15.33 -6.70 1.83
N ASN A 143 -15.27 -6.93 0.52
CA ASN A 143 -15.34 -8.27 -0.07
C ASN A 143 -14.02 -8.64 -0.76
N ALA A 144 -13.08 -7.69 -0.75
CA ALA A 144 -11.86 -7.70 -1.55
C ALA A 144 -11.10 -9.02 -1.50
N ILE A 145 -11.04 -9.65 -0.31
CA ILE A 145 -10.52 -11.01 -0.20
C ILE A 145 -11.55 -11.95 0.42
N ARG A 146 -12.66 -11.40 0.94
CA ARG A 146 -13.67 -12.20 1.61
C ARG A 146 -14.34 -13.15 0.63
N SER A 147 -14.36 -12.81 -0.66
CA SER A 147 -14.81 -13.81 -1.64
C SER A 147 -13.80 -14.95 -1.62
N LYS A 148 -14.29 -16.20 -1.63
CA LYS A 148 -13.45 -17.36 -1.36
C LYS A 148 -12.24 -17.48 -2.28
N CYS A 149 -12.43 -17.39 -3.60
CA CYS A 149 -11.39 -17.72 -4.56
C CYS A 149 -10.02 -17.19 -4.14
N PHE A 150 -9.95 -15.87 -3.94
CA PHE A 150 -8.76 -15.08 -3.65
C PHE A 150 -7.74 -15.78 -2.76
N ALA A 151 -7.68 -15.44 -1.47
CA ALA A 151 -6.79 -16.14 -0.56
C ALA A 151 -7.41 -17.41 0.02
N MET A 152 -8.71 -17.68 -0.20
CA MET A 152 -9.37 -18.79 0.47
C MET A 152 -9.60 -20.01 -0.41
N ASP A 153 -9.28 -19.98 -1.72
CA ASP A 153 -9.37 -21.20 -2.53
C ASP A 153 -8.43 -22.30 -2.01
N LEU A 154 -7.36 -21.89 -1.30
CA LEU A 154 -6.38 -22.82 -0.74
C LEU A 154 -5.78 -22.22 0.53
N TYR B 1 14.07 -16.70 -2.48
CA TYR B 1 14.34 -15.91 -1.27
C TYR B 1 13.08 -15.15 -0.85
N SER B 2 13.09 -14.57 0.36
CA SER B 2 11.95 -13.84 0.89
C SER B 2 12.27 -12.46 1.49
N PRO B 3 13.50 -12.15 1.95
CA PRO B 3 13.79 -10.84 2.51
C PRO B 3 13.97 -9.81 1.40
N THR B 4 14.05 -8.53 1.79
CA THR B 4 14.21 -7.41 0.86
C THR B 4 15.44 -6.59 1.22
N SEP B 5 15.73 -5.53 0.45
CA SEP B 5 16.92 -4.70 0.65
CB SEP B 5 17.86 -4.91 -0.54
OG SEP B 5 17.15 -4.74 -1.75
C SEP B 5 16.56 -3.21 0.79
O SEP B 5 16.30 -2.56 -0.22
P SEP B 5 17.92 -4.70 -3.17
O1P SEP B 5 18.59 -3.38 -3.17
O2P SEP B 5 18.82 -5.86 -3.12
O3P SEP B 5 16.82 -4.81 -4.16
H SEP B 5 15.13 -5.30 -0.31
HA SEP B 5 17.44 -5.02 1.55
HB2 SEP B 5 18.67 -4.17 -0.48
HB3 SEP B 5 18.28 -5.91 -0.50
N PRO B 6 16.54 -2.67 2.01
CA PRO B 6 16.71 -3.36 3.28
C PRO B 6 15.50 -4.23 3.58
N SER B 7 15.59 -5.09 4.60
CA SER B 7 14.49 -5.96 4.96
C SER B 7 13.32 -5.13 5.50
N TYR B 8 12.10 -5.49 5.09
CA TYR B 8 10.89 -4.81 5.52
C TYR B 8 9.71 -5.77 5.64
N SER B 9 8.89 -5.57 6.67
CA SER B 9 7.76 -6.44 6.99
C SER B 9 6.51 -5.62 7.28
N PRO B 10 5.34 -6.15 6.91
CA PRO B 10 4.05 -5.51 7.17
C PRO B 10 3.74 -5.46 8.66
N THR B 11 4.66 -5.93 9.51
CA THR B 11 4.49 -5.87 10.95
C THR B 11 4.66 -4.44 11.48
N SEP B 12 5.45 -3.59 10.81
CA SEP B 12 5.63 -2.20 11.24
CB SEP B 12 6.81 -2.11 12.21
OG SEP B 12 6.56 -2.87 13.37
C SEP B 12 5.91 -1.27 10.05
O SEP B 12 6.87 -1.50 9.31
P SEP B 12 7.61 -2.91 14.59
O1P SEP B 12 7.70 -1.50 15.03
O2P SEP B 12 6.96 -3.82 15.57
O3P SEP B 12 8.84 -3.45 13.97
H SEP B 12 5.92 -3.91 9.97
HA SEP B 12 4.73 -1.88 11.75
HB2 SEP B 12 7.70 -2.49 11.72
HB3 SEP B 12 6.95 -1.07 12.48
N PRO B 13 5.09 -0.23 9.85
CA PRO B 13 5.31 0.79 8.83
C PRO B 13 6.51 1.69 9.16
N SER B 14 6.84 2.59 8.23
CA SER B 14 7.93 3.54 8.40
C SER B 14 7.65 4.50 9.54
N MET A 1 23.90 11.99 -11.77
CA MET A 1 23.43 13.07 -10.89
C MET A 1 21.91 13.10 -10.81
N GLN A 2 21.37 13.94 -9.92
CA GLN A 2 19.94 14.08 -9.75
C GLN A 2 19.57 15.55 -9.60
N GLN A 3 18.33 15.90 -9.96
CA GLN A 3 17.81 17.25 -9.84
C GLN A 3 16.46 17.21 -9.13
N ASP A 4 16.20 18.21 -8.28
CA ASP A 4 15.02 18.29 -7.42
C ASP A 4 14.92 17.12 -6.44
N ASP A 5 14.21 17.33 -5.32
CA ASP A 5 14.06 16.34 -4.28
C ASP A 5 12.64 16.33 -3.70
N ASP A 6 11.68 16.88 -4.43
CA ASP A 6 10.29 16.94 -4.01
C ASP A 6 9.61 15.60 -4.32
N PHE A 7 8.35 15.62 -4.75
CA PHE A 7 7.59 14.44 -5.13
C PHE A 7 8.32 13.63 -6.21
N GLN A 8 9.35 14.22 -6.82
CA GLN A 8 10.18 13.57 -7.82
C GLN A 8 10.71 12.24 -7.29
N ASN A 9 11.22 12.21 -6.06
CA ASN A 9 11.71 10.95 -5.48
C ASN A 9 10.61 9.89 -5.46
N PHE A 10 9.38 10.26 -5.10
CA PHE A 10 8.30 9.29 -5.03
C PHE A 10 7.99 8.73 -6.42
N VAL A 11 7.76 9.61 -7.39
CA VAL A 11 7.42 9.20 -8.74
C VAL A 11 8.58 8.40 -9.33
N ALA A 12 9.79 8.98 -9.31
CA ALA A 12 10.97 8.36 -9.88
C ALA A 12 11.26 7.01 -9.23
N THR A 13 10.94 6.82 -7.94
CA THR A 13 11.15 5.54 -7.30
C THR A 13 10.13 4.52 -7.79
N LEU A 14 8.85 4.91 -7.89
CA LEU A 14 7.82 3.99 -8.35
C LEU A 14 8.07 3.62 -9.82
N GLU A 15 8.62 4.57 -10.58
CA GLU A 15 8.98 4.37 -11.99
C GLU A 15 10.14 3.39 -12.07
N SER A 16 11.16 3.56 -11.23
CA SER A 16 12.29 2.66 -11.17
C SER A 16 11.83 1.28 -10.73
N PHE A 17 10.75 1.21 -9.96
CA PHE A 17 10.15 -0.04 -9.54
C PHE A 17 9.49 -0.72 -10.75
N LYS A 18 8.77 0.06 -11.56
CA LYS A 18 8.08 -0.42 -12.76
C LYS A 18 9.04 -0.81 -13.88
N ASP A 19 10.24 -0.19 -13.90
CA ASP A 19 11.20 -0.40 -14.96
C ASP A 19 11.59 -1.88 -15.14
N LEU A 20 11.58 -2.67 -14.07
CA LEU A 20 11.94 -4.08 -14.13
C LEU A 20 11.38 -4.83 -12.92
N LYS A 21 11.16 -6.14 -13.05
CA LYS A 21 10.71 -6.96 -11.94
C LYS A 21 11.85 -7.12 -10.93
N SER A 22 11.53 -7.10 -9.65
CA SER A 22 12.53 -7.14 -8.59
C SER A 22 12.05 -7.97 -7.41
N GLY A 23 12.98 -8.27 -6.49
CA GLY A 23 12.72 -9.06 -5.29
C GLY A 23 11.98 -8.27 -4.22
N ILE A 24 11.23 -7.23 -4.61
CA ILE A 24 10.50 -6.36 -3.69
C ILE A 24 11.44 -5.71 -2.68
N SER A 25 12.54 -5.14 -3.17
CA SER A 25 13.56 -4.50 -2.34
C SER A 25 12.94 -3.38 -1.49
N GLY A 26 13.26 -3.37 -0.18
CA GLY A 26 12.69 -2.45 0.77
C GLY A 26 13.04 -1.00 0.50
N SER A 27 14.17 -0.74 -0.14
CA SER A 27 14.65 0.62 -0.35
C SER A 27 13.65 1.45 -1.15
N ARG A 28 13.08 0.87 -2.21
CA ARG A 28 12.13 1.58 -3.04
C ARG A 28 10.88 1.88 -2.23
N ILE A 29 10.42 0.91 -1.44
CA ILE A 29 9.24 1.10 -0.60
C ILE A 29 9.51 2.21 0.41
N LYS A 30 10.71 2.23 0.99
CA LYS A 30 11.08 3.23 1.98
C LYS A 30 11.11 4.63 1.37
N LYS A 31 11.53 4.78 0.10
CA LYS A 31 11.46 6.08 -0.58
C LYS A 31 10.00 6.49 -0.77
N LEU A 32 9.16 5.57 -1.23
CA LEU A 32 7.75 5.87 -1.46
C LEU A 32 7.08 6.30 -0.17
N THR A 33 7.14 5.46 0.87
CA THR A 33 6.52 5.76 2.15
C THR A 33 7.05 7.05 2.76
N THR A 34 8.37 7.23 2.81
CA THR A 34 8.92 8.42 3.45
C THR A 34 8.49 9.69 2.74
N TYR A 35 8.53 9.72 1.40
CA TYR A 35 8.14 10.92 0.67
C TYR A 35 6.62 11.15 0.68
N ALA A 36 5.81 10.12 0.89
CA ALA A 36 4.40 10.32 1.16
C ALA A 36 4.25 10.99 2.52
N LEU A 37 4.79 10.36 3.56
CA LEU A 37 4.66 10.80 4.94
C LEU A 37 5.41 12.10 5.23
N ASP A 38 6.33 12.50 4.34
CA ASP A 38 7.12 13.72 4.51
C ASP A 38 6.28 14.99 4.61
N HIS A 39 5.06 15.03 4.05
CA HIS A 39 4.28 16.26 4.06
C HIS A 39 2.77 16.04 4.07
N ILE A 40 2.31 14.92 3.51
CA ILE A 40 0.88 14.59 3.45
C ILE A 40 0.03 15.79 3.01
N ASP A 41 0.12 16.10 1.71
CA ASP A 41 -0.61 17.20 1.08
C ASP A 41 -0.91 16.83 -0.38
N ILE A 42 -0.92 15.53 -0.68
CA ILE A 42 -0.98 14.98 -2.02
C ILE A 42 -1.74 13.66 -1.99
N GLU A 43 -2.81 13.61 -1.19
CA GLU A 43 -3.56 12.39 -0.96
C GLU A 43 -4.01 11.67 -2.24
N SER A 44 -4.71 12.39 -3.13
CA SER A 44 -5.33 11.77 -4.29
C SER A 44 -4.30 11.46 -5.38
N LYS A 45 -3.20 12.21 -5.42
CA LYS A 45 -2.17 12.02 -6.42
C LYS A 45 -1.26 10.87 -5.99
N ILE A 46 -0.86 10.82 -4.71
CA ILE A 46 -0.14 9.68 -4.19
C ILE A 46 -0.95 8.40 -4.41
N ILE A 47 -2.21 8.40 -3.98
CA ILE A 47 -3.05 7.21 -4.07
C ILE A 47 -3.37 6.85 -5.51
N SER A 48 -3.78 7.80 -6.35
CA SER A 48 -4.07 7.46 -7.74
C SER A 48 -2.81 6.89 -8.40
N LEU A 49 -1.63 7.40 -8.04
CA LEU A 49 -0.39 6.93 -8.64
C LEU A 49 -0.06 5.50 -8.23
N ILE A 50 -0.21 5.13 -6.95
CA ILE A 50 0.11 3.76 -6.56
C ILE A 50 -0.95 2.75 -7.04
N ILE A 51 -2.22 3.15 -7.09
CA ILE A 51 -3.27 2.26 -7.57
C ILE A 51 -3.03 1.97 -9.06
N ASP A 52 -2.84 3.06 -9.82
CA ASP A 52 -2.58 2.97 -11.24
C ASP A 52 -1.33 2.13 -11.49
N TYR A 53 -0.29 2.34 -10.67
CA TYR A 53 0.92 1.54 -10.76
C TYR A 53 0.59 0.07 -10.55
N SER A 54 -0.31 -0.23 -9.60
CA SER A 54 -0.69 -1.60 -9.29
C SER A 54 -1.36 -2.29 -10.47
N ARG A 55 -2.31 -1.62 -11.12
CA ARG A 55 -3.08 -2.24 -12.20
C ARG A 55 -2.34 -2.25 -13.53
N LEU A 56 -1.38 -1.36 -13.74
CA LEU A 56 -0.61 -1.31 -14.98
C LEU A 56 0.58 -2.27 -15.01
N CYS A 57 1.05 -2.74 -13.85
CA CYS A 57 2.30 -3.49 -13.79
C CYS A 57 2.11 -5.00 -13.61
N PRO A 58 3.10 -5.80 -14.03
CA PRO A 58 3.19 -7.24 -13.87
C PRO A 58 2.96 -7.78 -12.45
N ASP A 59 2.97 -9.11 -12.34
CA ASP A 59 2.65 -9.86 -11.13
C ASP A 59 3.51 -9.49 -9.91
N SER A 60 4.84 -9.45 -10.08
CA SER A 60 5.72 -9.10 -8.98
C SER A 60 5.44 -7.68 -8.51
N HIS A 61 4.94 -6.84 -9.41
CA HIS A 61 4.62 -5.47 -9.07
C HIS A 61 3.24 -5.38 -8.41
N LYS A 62 2.37 -6.39 -8.56
CA LYS A 62 1.13 -6.44 -7.81
C LYS A 62 1.44 -6.81 -6.37
N LEU A 63 2.37 -7.75 -6.16
CA LEU A 63 2.81 -8.09 -4.81
C LEU A 63 3.49 -6.88 -4.17
N GLY A 64 4.47 -6.31 -4.88
CA GLY A 64 5.18 -5.14 -4.40
C GLY A 64 4.22 -3.98 -4.17
N SER A 65 3.21 -3.85 -5.04
CA SER A 65 2.20 -2.82 -4.88
C SER A 65 1.48 -3.01 -3.55
N LEU A 66 1.02 -4.22 -3.23
CA LEU A 66 0.35 -4.44 -1.96
C LEU A 66 1.26 -4.10 -0.79
N TYR A 67 2.57 -4.37 -0.89
CA TYR A 67 3.48 -3.99 0.19
C TYR A 67 3.59 -2.46 0.31
N ILE A 68 3.58 -1.74 -0.81
CA ILE A 68 3.65 -0.27 -0.81
C ILE A 68 2.34 0.32 -0.28
N ILE A 69 1.21 -0.17 -0.80
CA ILE A 69 -0.12 0.24 -0.38
C ILE A 69 -0.29 -0.05 1.10
N ASP A 70 0.23 -1.19 1.55
CA ASP A 70 0.15 -1.57 2.95
C ASP A 70 0.95 -0.60 3.81
N SER A 71 2.16 -0.23 3.38
CA SER A 71 3.00 0.65 4.18
C SER A 71 2.37 2.04 4.33
N ILE A 72 2.06 2.68 3.20
CA ILE A 72 1.43 3.99 3.22
C ILE A 72 0.06 3.88 3.90
N GLY A 73 -0.62 2.74 3.73
CA GLY A 73 -1.93 2.50 4.31
C GLY A 73 -1.90 2.41 5.83
N ARG A 74 -1.01 1.58 6.40
CA ARG A 74 -0.93 1.42 7.84
C ARG A 74 -0.35 2.67 8.50
N ALA A 75 0.57 3.35 7.81
CA ALA A 75 1.14 4.58 8.31
C ALA A 75 0.09 5.68 8.34
N TYR A 76 -0.71 5.80 7.27
CA TYR A 76 -1.80 6.77 7.22
C TYR A 76 -2.83 6.44 8.29
N LEU A 77 -3.22 5.17 8.39
CA LEU A 77 -4.25 4.73 9.31
C LEU A 77 -3.86 5.10 10.74
N ASP A 78 -2.61 4.83 11.14
CA ASP A 78 -2.18 5.16 12.49
C ASP A 78 -2.10 6.67 12.70
N GLU A 79 -1.53 7.39 11.73
CA GLU A 79 -1.33 8.82 11.85
C GLU A 79 -2.64 9.59 11.82
N THR A 80 -3.71 9.01 11.27
CA THR A 80 -5.00 9.70 11.25
C THR A 80 -5.90 9.26 12.40
N ARG A 81 -5.75 8.04 12.91
CA ARG A 81 -6.52 7.59 14.07
C ARG A 81 -5.93 8.10 15.37
N SER A 82 -4.64 8.47 15.38
CA SER A 82 -4.00 9.05 16.55
C SER A 82 -4.53 10.45 16.85
N ASN A 83 -5.24 11.05 15.89
CA ASN A 83 -5.80 12.39 16.04
C ASN A 83 -7.29 12.31 16.39
N SER A 84 -7.86 13.41 16.87
CA SER A 84 -9.27 13.48 17.27
C SER A 84 -9.92 14.74 16.71
N ASN A 85 -11.25 14.73 16.60
CA ASN A 85 -12.01 15.85 16.07
C ASN A 85 -12.21 16.91 17.16
N SER A 86 -12.13 18.19 16.77
CA SER A 86 -12.34 19.31 17.68
C SER A 86 -12.82 20.56 16.94
N SER A 87 -12.74 20.55 15.60
CA SER A 87 -13.17 21.68 14.78
C SER A 87 -13.46 21.21 13.35
N SER A 88 -14.18 22.03 12.58
CA SER A 88 -14.51 21.71 11.19
C SER A 88 -13.25 21.80 10.32
N ASN A 89 -13.20 20.97 9.27
CA ASN A 89 -12.07 20.93 8.37
C ASN A 89 -12.53 20.46 6.98
N LYS A 90 -11.74 20.76 5.94
CA LYS A 90 -12.05 20.37 4.57
C LYS A 90 -11.66 18.91 4.32
N PRO A 91 -12.30 18.23 3.37
CA PRO A 91 -12.00 16.85 3.03
C PRO A 91 -10.64 16.76 2.33
N GLY A 92 -10.01 15.59 2.40
CA GLY A 92 -8.71 15.34 1.77
C GLY A 92 -7.76 14.60 2.71
N THR A 93 -6.47 14.69 2.39
CA THR A 93 -5.38 14.06 3.12
C THR A 93 -5.51 12.56 3.34
N CYS A 94 -4.58 12.00 4.13
CA CYS A 94 -4.42 10.57 4.35
C CYS A 94 -5.72 9.85 4.73
N ALA A 95 -6.64 10.52 5.43
CA ALA A 95 -7.92 9.92 5.75
C ALA A 95 -8.69 9.60 4.45
N HIS A 96 -8.76 10.58 3.56
CA HIS A 96 -9.44 10.40 2.29
C HIS A 96 -8.62 9.55 1.35
N ALA A 97 -7.31 9.47 1.57
CA ALA A 97 -6.44 8.62 0.78
C ALA A 97 -6.80 7.15 1.04
N ILE A 98 -7.00 6.79 2.31
CA ILE A 98 -7.45 5.45 2.67
C ILE A 98 -8.85 5.24 2.10
N ASN A 99 -9.72 6.25 2.24
CA ASN A 99 -11.07 6.15 1.70
C ASN A 99 -11.06 5.94 0.19
N THR A 100 -10.06 6.51 -0.51
CA THR A 100 -9.94 6.36 -1.95
C THR A 100 -9.45 4.97 -2.32
N LEU A 101 -8.48 4.42 -1.60
CA LEU A 101 -8.08 3.03 -1.84
C LEU A 101 -9.26 2.12 -1.58
N GLY A 102 -10.15 2.52 -0.67
CA GLY A 102 -11.34 1.75 -0.33
C GLY A 102 -12.28 1.52 -1.52
N GLU A 103 -12.10 2.23 -2.64
CA GLU A 103 -12.96 2.06 -3.80
C GLU A 103 -12.29 1.18 -4.88
N VAL A 104 -11.03 0.80 -4.67
CA VAL A 104 -10.28 -0.01 -5.63
C VAL A 104 -9.69 -1.26 -5.00
N ILE A 105 -9.59 -1.31 -3.67
CA ILE A 105 -8.99 -2.42 -2.95
C ILE A 105 -9.52 -3.78 -3.39
N GLN A 106 -10.77 -3.82 -3.88
CA GLN A 106 -11.34 -5.07 -4.34
C GLN A 106 -10.55 -5.63 -5.52
N GLU A 107 -10.27 -4.80 -6.53
CA GLU A 107 -9.56 -5.22 -7.72
C GLU A 107 -8.11 -5.50 -7.39
N LEU A 108 -7.55 -4.70 -6.47
CA LEU A 108 -6.15 -4.81 -6.10
C LEU A 108 -5.88 -6.16 -5.44
N LEU A 109 -6.64 -6.51 -4.40
CA LEU A 109 -6.49 -7.79 -3.74
C LEU A 109 -6.89 -8.90 -4.70
N SER A 110 -8.16 -8.97 -5.13
CA SER A 110 -8.61 -10.03 -6.03
C SER A 110 -7.59 -10.37 -7.12
N ASP A 111 -7.05 -9.39 -7.85
CA ASP A 111 -6.09 -9.70 -8.89
C ASP A 111 -4.75 -10.14 -8.30
N ALA A 112 -4.24 -9.46 -7.28
CA ALA A 112 -2.96 -9.81 -6.69
C ALA A 112 -2.96 -11.26 -6.21
N ILE A 113 -4.04 -11.72 -5.56
CA ILE A 113 -4.08 -13.10 -5.11
C ILE A 113 -4.39 -14.06 -6.25
N ALA A 114 -5.19 -13.63 -7.25
CA ALA A 114 -5.52 -14.50 -8.36
C ALA A 114 -4.29 -14.74 -9.24
N LYS A 115 -3.37 -13.76 -9.29
CA LYS A 115 -2.11 -13.88 -10.01
C LYS A 115 -1.12 -14.71 -9.19
N SER A 116 -1.36 -14.84 -7.89
CA SER A 116 -0.43 -15.48 -6.97
C SER A 116 -0.51 -17.00 -6.97
N ASN A 117 0.61 -17.63 -6.60
CA ASN A 117 0.69 -19.05 -6.33
C ASN A 117 0.45 -19.24 -4.83
N GLN A 118 0.42 -20.47 -4.33
CA GLN A 118 0.15 -20.72 -2.91
C GLN A 118 1.11 -19.93 -2.01
N ASP A 119 2.38 -19.79 -2.40
CA ASP A 119 3.33 -19.06 -1.58
C ASP A 119 2.96 -17.57 -1.52
N HIS A 120 2.68 -16.97 -2.67
CA HIS A 120 2.33 -15.55 -2.71
C HIS A 120 0.96 -15.32 -2.08
N LYS A 121 0.02 -16.27 -2.21
CA LYS A 121 -1.26 -16.17 -1.51
C LYS A 121 -1.01 -16.12 -0.01
N GLU A 122 -0.09 -16.94 0.49
CA GLU A 122 0.16 -16.97 1.91
C GLU A 122 0.78 -15.66 2.36
N LYS A 123 1.68 -15.09 1.56
CA LYS A 123 2.27 -13.80 1.86
C LYS A 123 1.20 -12.70 1.89
N ILE A 124 0.28 -12.70 0.93
CA ILE A 124 -0.77 -11.69 0.87
C ILE A 124 -1.77 -11.90 2.00
N ARG A 125 -2.07 -13.17 2.34
CA ARG A 125 -2.97 -13.49 3.44
C ARG A 125 -2.36 -13.02 4.76
N MET A 126 -1.06 -13.21 4.93
CA MET A 126 -0.35 -12.76 6.12
C MET A 126 -0.41 -11.24 6.22
N LEU A 127 -0.19 -10.54 5.10
CA LEU A 127 -0.25 -9.09 5.06
C LEU A 127 -1.63 -8.60 5.49
N LEU A 128 -2.69 -9.23 4.98
CA LEU A 128 -4.05 -8.84 5.32
C LEU A 128 -4.44 -9.24 6.74
N ASP A 129 -3.92 -10.36 7.24
CA ASP A 129 -4.20 -10.79 8.61
C ASP A 129 -3.58 -9.79 9.58
N ILE A 130 -2.38 -9.31 9.27
CA ILE A 130 -1.69 -8.31 10.07
C ILE A 130 -2.37 -6.96 9.94
N TRP A 131 -2.87 -6.63 8.75
CA TRP A 131 -3.59 -5.38 8.54
C TRP A 131 -4.87 -5.35 9.37
N ASP A 132 -5.55 -6.50 9.48
CA ASP A 132 -6.76 -6.62 10.29
C ASP A 132 -6.41 -6.62 11.77
N ARG A 133 -5.28 -7.25 12.13
CA ARG A 133 -4.81 -7.33 13.50
C ARG A 133 -4.38 -5.94 13.99
N SER A 134 -3.90 -5.10 13.08
CA SER A 134 -3.49 -3.73 13.39
C SER A 134 -4.68 -2.78 13.40
N GLY A 135 -5.86 -3.26 13.00
CA GLY A 135 -7.06 -2.44 12.93
C GLY A 135 -7.54 -2.00 14.31
N LEU A 136 -8.41 -0.99 14.34
CA LEU A 136 -8.94 -0.45 15.59
C LEU A 136 -10.22 -1.18 16.00
N PHE A 137 -10.75 -2.05 15.14
CA PHE A 137 -11.97 -2.78 15.39
C PHE A 137 -11.83 -4.23 14.92
N GLN A 138 -12.73 -5.10 15.38
CA GLN A 138 -12.71 -6.52 15.02
C GLN A 138 -13.42 -6.78 13.70
N LYS A 139 -13.11 -7.93 13.09
CA LYS A 139 -13.65 -8.39 11.81
C LYS A 139 -13.33 -7.43 10.65
N SER A 140 -13.48 -7.94 9.43
CA SER A 140 -13.23 -7.15 8.22
C SER A 140 -14.51 -6.45 7.75
N TYR A 141 -14.36 -5.53 6.80
CA TYR A 141 -15.47 -4.75 6.26
C TYR A 141 -15.35 -4.59 4.75
N LEU A 142 -14.49 -5.39 4.12
CA LEU A 142 -14.23 -5.32 2.69
C LEU A 142 -14.48 -6.68 2.03
N ASN A 143 -15.04 -6.66 0.82
CA ASN A 143 -15.31 -7.86 0.04
C ASN A 143 -14.07 -8.34 -0.71
N ALA A 144 -13.05 -7.48 -0.78
CA ALA A 144 -11.88 -7.60 -1.64
C ALA A 144 -11.24 -8.98 -1.63
N ILE A 145 -11.19 -9.63 -0.46
CA ILE A 145 -10.79 -11.03 -0.38
C ILE A 145 -11.85 -11.86 0.33
N ARG A 146 -12.78 -11.18 1.02
CA ARG A 146 -13.85 -11.84 1.77
C ARG A 146 -14.77 -12.63 0.85
N SER A 147 -14.67 -12.39 -0.47
CA SER A 147 -15.32 -13.25 -1.45
C SER A 147 -14.66 -14.64 -1.52
N LYS A 148 -13.92 -14.99 -0.47
CA LYS A 148 -13.24 -16.26 -0.22
C LYS A 148 -12.28 -16.75 -1.30
N CYS A 149 -12.80 -17.24 -2.42
CA CYS A 149 -12.06 -17.96 -3.45
C CYS A 149 -10.64 -17.45 -3.70
N PHE A 150 -10.42 -16.15 -3.56
CA PHE A 150 -9.13 -15.48 -3.73
C PHE A 150 -7.99 -16.18 -3.00
N ALA A 151 -7.71 -15.80 -1.77
CA ALA A 151 -6.69 -16.48 -0.99
C ALA A 151 -7.18 -17.82 -0.45
N MET A 152 -8.49 -18.07 -0.46
CA MET A 152 -9.04 -19.25 0.19
C MET A 152 -9.08 -20.49 -0.70
N ASP A 153 -9.04 -20.35 -2.04
CA ASP A 153 -9.05 -21.53 -2.91
C ASP A 153 -7.70 -22.26 -2.91
N LEU A 154 -6.65 -21.61 -2.40
CA LEU A 154 -5.31 -22.17 -2.38
C LEU A 154 -4.96 -22.69 -0.98
N TYR B 1 18.06 -15.11 -5.63
CA TYR B 1 19.49 -15.08 -5.26
C TYR B 1 19.69 -14.34 -3.94
N SER B 2 19.35 -13.05 -3.89
CA SER B 2 19.54 -12.22 -2.69
C SER B 2 18.20 -11.83 -2.07
N PRO B 3 18.18 -11.61 -0.75
CA PRO B 3 17.00 -11.19 -0.02
C PRO B 3 16.71 -9.72 -0.27
N THR B 4 15.65 -9.20 0.38
CA THR B 4 15.28 -7.79 0.28
C THR B 4 16.35 -6.90 0.90
N SEP B 5 16.33 -5.61 0.55
CA SEP B 5 17.25 -4.62 1.05
CB SEP B 5 18.44 -4.48 0.08
OG SEP B 5 17.93 -4.22 -1.21
C SEP B 5 16.56 -3.25 1.21
O SEP B 5 16.09 -2.69 0.24
P SEP B 5 18.89 -3.79 -2.43
O1P SEP B 5 19.82 -4.95 -2.55
O2P SEP B 5 17.96 -3.64 -3.57
O3P SEP B 5 19.52 -2.54 -1.95
H SEP B 5 15.63 -5.29 -0.11
HA SEP B 5 17.66 -4.95 2.02
HB2 SEP B 5 19.09 -3.68 0.40
HB3 SEP B 5 18.99 -5.43 0.06
N PRO B 6 16.48 -2.71 2.43
CA PRO B 6 16.90 -3.32 3.68
C PRO B 6 16.01 -4.51 4.03
N SER B 7 14.71 -4.25 4.21
CA SER B 7 13.68 -5.24 4.51
C SER B 7 12.33 -4.55 4.51
N TYR B 8 11.24 -5.31 4.53
CA TYR B 8 9.91 -4.72 4.71
C TYR B 8 8.95 -5.70 5.38
N SER B 9 8.22 -5.23 6.40
CA SER B 9 7.22 -6.01 7.10
C SER B 9 5.95 -5.19 7.31
N PRO B 10 4.77 -5.83 7.18
CA PRO B 10 3.50 -5.18 7.41
C PRO B 10 3.34 -4.79 8.88
N THR B 11 4.27 -5.20 9.74
CA THR B 11 4.19 -4.93 11.18
C THR B 11 4.91 -3.64 11.59
N SEP B 12 5.30 -2.78 10.65
CA SEP B 12 6.07 -1.58 10.98
CB SEP B 12 7.53 -1.77 10.56
OG SEP B 12 7.65 -1.98 9.18
C SEP B 12 5.48 -0.26 10.47
O SEP B 12 6.13 0.45 9.70
P SEP B 12 9.10 -2.13 8.48
O1P SEP B 12 9.72 -0.80 8.68
O2P SEP B 12 9.73 -3.24 9.23
O3P SEP B 12 8.76 -2.45 7.07
H SEP B 12 5.08 -2.96 9.68
HA SEP B 12 6.07 -1.50 12.07
HB2 SEP B 12 8.09 -0.88 10.85
HB3 SEP B 12 7.94 -2.62 11.10
N PRO B 13 4.25 0.11 10.87
CA PRO B 13 3.71 1.44 10.63
C PRO B 13 4.64 2.50 11.23
N SER B 14 4.68 3.68 10.59
CA SER B 14 5.53 4.78 11.02
C SER B 14 4.93 5.49 12.23
N MET A 1 18.84 15.26 -3.80
CA MET A 1 19.65 15.19 -2.57
C MET A 1 19.39 16.41 -1.68
N GLN A 2 19.63 17.61 -2.22
CA GLN A 2 19.38 18.87 -1.52
C GLN A 2 18.61 19.83 -2.43
N GLN A 3 18.23 19.35 -3.62
CA GLN A 3 17.54 20.14 -4.63
C GLN A 3 16.64 19.21 -5.46
N ASP A 4 15.57 19.78 -6.02
CA ASP A 4 14.63 19.06 -6.89
C ASP A 4 14.09 17.78 -6.25
N ASP A 5 14.03 17.75 -4.91
CA ASP A 5 13.52 16.60 -4.16
C ASP A 5 11.99 16.67 -4.03
N ASP A 6 11.32 17.12 -5.10
CA ASP A 6 9.87 17.25 -5.14
C ASP A 6 9.22 15.87 -5.34
N PHE A 7 8.01 15.83 -5.92
CA PHE A 7 7.27 14.59 -6.18
C PHE A 7 8.11 13.62 -7.01
N GLN A 8 9.19 14.11 -7.62
CA GLN A 8 10.11 13.32 -8.40
C GLN A 8 10.66 12.13 -7.58
N ASN A 9 10.88 12.29 -6.27
CA ASN A 9 11.38 11.18 -5.47
C ASN A 9 10.36 10.05 -5.51
N PHE A 10 9.07 10.38 -5.33
CA PHE A 10 8.03 9.38 -5.28
C PHE A 10 7.87 8.70 -6.64
N VAL A 11 7.79 9.49 -7.71
CA VAL A 11 7.61 8.94 -9.05
C VAL A 11 8.84 8.12 -9.46
N ALA A 12 10.03 8.72 -9.41
CA ALA A 12 11.26 8.07 -9.81
C ALA A 12 11.52 6.82 -8.98
N THR A 13 11.11 6.79 -7.72
CA THR A 13 11.28 5.59 -6.91
C THR A 13 10.28 4.51 -7.35
N LEU A 14 9.03 4.90 -7.65
CA LEU A 14 8.03 3.95 -8.10
C LEU A 14 8.42 3.38 -9.46
N GLU A 15 9.09 4.19 -10.28
CA GLU A 15 9.63 3.78 -11.57
C GLU A 15 10.79 2.83 -11.36
N SER A 16 11.68 3.15 -10.41
CA SER A 16 12.79 2.28 -10.04
C SER A 16 12.25 0.97 -9.46
N PHE A 17 11.04 1.01 -8.90
CA PHE A 17 10.35 -0.18 -8.41
C PHE A 17 9.90 -1.04 -9.59
N LYS A 18 9.30 -0.38 -10.59
CA LYS A 18 8.86 -1.04 -11.81
C LYS A 18 10.04 -1.69 -12.54
N ASP A 19 11.22 -1.07 -12.42
CA ASP A 19 12.42 -1.57 -13.08
C ASP A 19 12.94 -2.89 -12.48
N LEU A 20 12.46 -3.29 -11.29
CA LEU A 20 12.93 -4.51 -10.65
C LEU A 20 12.50 -5.75 -11.43
N LYS A 21 11.21 -5.80 -11.80
CA LYS A 21 10.60 -6.91 -12.53
C LYS A 21 10.93 -8.29 -11.94
N SER A 22 11.25 -8.37 -10.64
CA SER A 22 11.65 -9.63 -10.03
C SER A 22 11.16 -9.79 -8.58
N GLY A 23 10.74 -8.73 -7.90
CA GLY A 23 10.27 -8.84 -6.53
C GLY A 23 9.99 -7.48 -5.91
N ILE A 24 10.49 -7.30 -4.68
CA ILE A 24 10.24 -6.13 -3.86
C ILE A 24 11.56 -5.62 -3.28
N SER A 25 11.66 -4.32 -3.04
CA SER A 25 12.84 -3.71 -2.41
C SER A 25 12.38 -2.66 -1.41
N GLY A 26 12.82 -2.81 -0.16
CA GLY A 26 12.37 -1.95 0.93
C GLY A 26 12.84 -0.52 0.78
N SER A 27 13.96 -0.28 0.09
CA SER A 27 14.48 1.07 -0.07
C SER A 27 13.51 1.89 -0.91
N ARG A 28 12.87 1.23 -1.89
CA ARG A 28 11.89 1.89 -2.73
C ARG A 28 10.67 2.24 -1.88
N ILE A 29 10.21 1.27 -1.07
CA ILE A 29 9.07 1.46 -0.19
C ILE A 29 9.36 2.58 0.80
N LYS A 30 10.62 2.68 1.25
CA LYS A 30 11.02 3.71 2.20
C LYS A 30 11.01 5.09 1.58
N LYS A 31 11.47 5.24 0.32
CA LYS A 31 11.40 6.54 -0.36
C LYS A 31 9.95 6.94 -0.62
N LEU A 32 9.10 5.99 -0.97
CA LEU A 32 7.69 6.26 -1.23
C LEU A 32 6.99 6.75 0.04
N THR A 33 7.02 5.98 1.13
CA THR A 33 6.44 6.41 2.39
C THR A 33 7.04 7.73 2.85
N THR A 34 8.36 7.88 2.72
CA THR A 34 9.05 9.09 3.12
C THR A 34 8.45 10.31 2.45
N TYR A 35 8.37 10.33 1.12
CA TYR A 35 7.87 11.52 0.46
C TYR A 35 6.39 11.75 0.75
N ALA A 36 5.59 10.67 0.82
CA ALA A 36 4.18 10.82 1.14
C ALA A 36 3.99 11.53 2.46
N LEU A 37 4.54 10.98 3.55
CA LEU A 37 4.39 11.55 4.87
C LEU A 37 5.11 12.88 5.02
N ASP A 38 6.14 13.12 4.21
CA ASP A 38 6.86 14.38 4.20
C ASP A 38 6.00 15.49 3.56
N HIS A 39 4.99 15.11 2.79
CA HIS A 39 4.18 16.07 2.06
C HIS A 39 2.72 15.59 1.94
N ILE A 40 2.10 15.26 3.08
CA ILE A 40 0.66 14.99 3.13
C ILE A 40 -0.13 16.25 2.79
N ASP A 41 -0.16 16.58 1.50
CA ASP A 41 -0.94 17.66 0.91
C ASP A 41 -1.44 17.22 -0.47
N ILE A 42 -1.29 15.93 -0.76
CA ILE A 42 -1.62 15.30 -2.02
C ILE A 42 -2.11 13.88 -1.73
N GLU A 43 -3.42 13.69 -1.62
CA GLU A 43 -4.01 12.41 -1.29
C GLU A 43 -4.36 11.57 -2.52
N SER A 44 -5.48 11.87 -3.19
CA SER A 44 -5.97 11.09 -4.31
C SER A 44 -4.97 10.98 -5.45
N LYS A 45 -4.00 11.90 -5.53
CA LYS A 45 -2.97 11.89 -6.56
C LYS A 45 -1.93 10.81 -6.25
N ILE A 46 -1.34 10.84 -5.05
CA ILE A 46 -0.43 9.81 -4.58
C ILE A 46 -1.12 8.44 -4.65
N ILE A 47 -2.38 8.39 -4.20
CA ILE A 47 -3.15 7.16 -4.19
C ILE A 47 -3.45 6.69 -5.60
N SER A 48 -3.92 7.57 -6.48
CA SER A 48 -4.20 7.18 -7.85
C SER A 48 -2.93 6.65 -8.51
N LEU A 49 -1.76 7.22 -8.15
CA LEU A 49 -0.51 6.79 -8.72
C LEU A 49 -0.12 5.38 -8.27
N ILE A 50 -0.24 5.04 -6.98
CA ILE A 50 0.13 3.70 -6.55
C ILE A 50 -0.89 2.65 -7.01
N ILE A 51 -2.17 3.01 -7.05
CA ILE A 51 -3.20 2.08 -7.49
C ILE A 51 -2.96 1.75 -8.97
N ASP A 52 -2.82 2.80 -9.78
CA ASP A 52 -2.56 2.65 -11.19
C ASP A 52 -1.19 2.01 -11.43
N TYR A 53 -0.25 2.20 -10.50
CA TYR A 53 1.03 1.53 -10.61
C TYR A 53 0.81 0.02 -10.56
N SER A 54 0.00 -0.45 -9.60
CA SER A 54 -0.34 -1.86 -9.54
C SER A 54 -1.09 -2.29 -10.80
N ARG A 55 -1.97 -1.42 -11.30
CA ARG A 55 -2.80 -1.70 -12.47
C ARG A 55 -1.98 -1.97 -13.73
N LEU A 56 -0.93 -1.19 -13.96
CA LEU A 56 -0.13 -1.29 -15.17
C LEU A 56 0.99 -2.32 -15.09
N CYS A 57 1.32 -2.79 -13.89
CA CYS A 57 2.51 -3.62 -13.68
C CYS A 57 2.18 -5.10 -13.47
N PRO A 58 3.13 -6.00 -13.76
CA PRO A 58 3.01 -7.44 -13.65
C PRO A 58 2.92 -7.93 -12.20
N ASP A 59 2.88 -9.25 -12.04
CA ASP A 59 2.63 -9.95 -10.77
C ASP A 59 3.56 -9.53 -9.64
N SER A 60 4.87 -9.43 -9.93
CA SER A 60 5.85 -9.04 -8.92
C SER A 60 5.48 -7.68 -8.34
N HIS A 61 4.83 -6.85 -9.14
CA HIS A 61 4.43 -5.51 -8.74
C HIS A 61 3.01 -5.51 -8.18
N LYS A 62 2.21 -6.56 -8.40
CA LYS A 62 0.94 -6.68 -7.70
C LYS A 62 1.29 -6.84 -6.22
N LEU A 63 2.22 -7.77 -5.94
CA LEU A 63 2.64 -8.01 -4.57
C LEU A 63 3.40 -6.81 -4.03
N GLY A 64 4.37 -6.32 -4.82
CA GLY A 64 5.16 -5.16 -4.42
C GLY A 64 4.26 -3.96 -4.12
N SER A 65 3.26 -3.73 -4.98
CA SER A 65 2.35 -2.62 -4.77
C SER A 65 1.50 -2.83 -3.53
N LEU A 66 1.08 -4.07 -3.22
CA LEU A 66 0.38 -4.30 -1.96
C LEU A 66 1.27 -3.94 -0.78
N TYR A 67 2.59 -4.15 -0.87
CA TYR A 67 3.48 -3.72 0.22
C TYR A 67 3.62 -2.19 0.25
N ILE A 68 3.57 -1.51 -0.90
CA ILE A 68 3.60 -0.05 -0.94
C ILE A 68 2.31 0.54 -0.39
N ILE A 69 1.17 -0.03 -0.80
CA ILE A 69 -0.14 0.37 -0.33
C ILE A 69 -0.23 0.09 1.16
N ASP A 70 0.40 -0.99 1.62
CA ASP A 70 0.43 -1.32 3.03
C ASP A 70 1.29 -0.34 3.81
N SER A 71 2.44 0.10 3.26
CA SER A 71 3.34 0.98 4.00
C SER A 71 2.72 2.35 4.17
N ILE A 72 2.32 2.99 3.05
CA ILE A 72 1.67 4.28 3.09
C ILE A 72 0.32 4.14 3.79
N GLY A 73 -0.36 3.00 3.63
CA GLY A 73 -1.65 2.77 4.26
C GLY A 73 -1.57 2.76 5.77
N ARG A 74 -0.67 1.95 6.35
CA ARG A 74 -0.53 1.86 7.79
C ARG A 74 0.09 3.12 8.38
N ALA A 75 0.97 3.77 7.61
CA ALA A 75 1.58 5.01 8.05
C ALA A 75 0.54 6.13 8.06
N TYR A 76 -0.30 6.20 7.02
CA TYR A 76 -1.40 7.17 6.99
C TYR A 76 -2.37 6.91 8.13
N LEU A 77 -2.78 5.65 8.30
CA LEU A 77 -3.75 5.27 9.31
C LEU A 77 -3.25 5.68 10.71
N ASP A 78 -1.98 5.42 10.99
CA ASP A 78 -1.40 5.77 12.29
C ASP A 78 -1.35 7.29 12.45
N GLU A 79 -0.89 8.01 11.43
CA GLU A 79 -0.75 9.45 11.52
C GLU A 79 -2.10 10.15 11.71
N THR A 80 -3.16 9.63 11.09
CA THR A 80 -4.48 10.25 11.20
C THR A 80 -5.24 9.78 12.44
N ARG A 81 -4.90 8.60 12.98
CA ARG A 81 -5.53 8.12 14.21
C ARG A 81 -4.86 8.70 15.45
N SER A 82 -3.56 8.99 15.39
CA SER A 82 -2.84 9.58 16.51
C SER A 82 -3.11 11.09 16.63
N ASN A 83 -3.69 11.70 15.59
CA ASN A 83 -4.00 13.12 15.58
C ASN A 83 -5.51 13.33 15.76
N SER A 84 -5.89 14.55 16.16
CA SER A 84 -7.27 14.92 16.44
C SER A 84 -7.91 14.08 17.53
N ASN A 85 -9.13 14.44 17.94
CA ASN A 85 -9.92 13.73 18.92
C ASN A 85 -11.33 13.49 18.39
N SER A 86 -11.55 13.86 17.12
CA SER A 86 -12.84 13.72 16.45
C SER A 86 -12.64 13.35 14.98
N SER A 87 -11.46 12.84 14.62
CA SER A 87 -11.08 12.51 13.25
C SER A 87 -11.19 13.70 12.31
N SER A 88 -11.07 14.92 12.86
CA SER A 88 -11.21 16.19 12.15
C SER A 88 -12.57 16.36 11.47
N ASN A 89 -12.84 17.58 11.00
CA ASN A 89 -14.09 17.91 10.33
C ASN A 89 -13.92 17.78 8.81
N LYS A 90 -14.91 17.19 8.15
CA LYS A 90 -14.91 16.87 6.72
C LYS A 90 -13.77 15.92 6.32
N PRO A 91 -13.97 15.11 5.27
CA PRO A 91 -12.95 14.21 4.76
C PRO A 91 -11.88 14.99 3.98
N GLY A 92 -10.69 14.40 3.87
CA GLY A 92 -9.58 14.99 3.14
C GLY A 92 -8.25 14.34 3.53
N THR A 93 -7.17 14.73 2.84
CA THR A 93 -5.81 14.28 3.13
C THR A 93 -5.70 12.76 3.27
N CYS A 94 -4.71 12.27 4.03
CA CYS A 94 -4.42 10.86 4.17
C CYS A 94 -5.64 10.03 4.57
N ALA A 95 -6.59 10.61 5.31
CA ALA A 95 -7.82 9.90 5.67
C ALA A 95 -8.63 9.58 4.41
N HIS A 96 -8.76 10.58 3.53
CA HIS A 96 -9.48 10.42 2.27
C HIS A 96 -8.73 9.47 1.36
N ALA A 97 -7.41 9.46 1.49
CA ALA A 97 -6.54 8.63 0.69
C ALA A 97 -6.76 7.15 1.02
N ILE A 98 -6.86 6.83 2.31
CA ILE A 98 -7.20 5.47 2.73
C ILE A 98 -8.60 5.14 2.23
N ASN A 99 -9.53 6.10 2.36
CA ASN A 99 -10.90 5.91 1.89
C ASN A 99 -10.92 5.66 0.38
N THR A 100 -9.99 6.27 -0.36
CA THR A 100 -9.92 6.11 -1.80
C THR A 100 -9.36 4.74 -2.18
N LEU A 101 -8.35 4.24 -1.45
CA LEU A 101 -7.91 2.87 -1.68
C LEU A 101 -9.07 1.92 -1.38
N GLY A 102 -9.93 2.31 -0.44
CA GLY A 102 -11.11 1.54 -0.05
C GLY A 102 -12.07 1.26 -1.20
N GLU A 103 -11.95 1.95 -2.35
CA GLU A 103 -12.84 1.74 -3.48
C GLU A 103 -12.19 0.91 -4.58
N VAL A 104 -10.90 0.56 -4.41
CA VAL A 104 -10.16 -0.23 -5.40
C VAL A 104 -9.56 -1.49 -4.80
N ILE A 105 -9.43 -1.54 -3.47
CA ILE A 105 -8.85 -2.68 -2.76
C ILE A 105 -9.45 -4.02 -3.17
N GLN A 106 -10.70 -4.02 -3.63
CA GLN A 106 -11.35 -5.25 -4.09
C GLN A 106 -10.62 -5.81 -5.31
N GLU A 107 -10.31 -4.97 -6.29
CA GLU A 107 -9.65 -5.40 -7.52
C GLU A 107 -8.19 -5.70 -7.25
N LEU A 108 -7.58 -4.87 -6.41
CA LEU A 108 -6.16 -5.00 -6.09
C LEU A 108 -5.88 -6.34 -5.42
N LEU A 109 -6.64 -6.67 -4.38
CA LEU A 109 -6.50 -7.95 -3.70
C LEU A 109 -6.92 -9.08 -4.63
N SER A 110 -8.16 -9.10 -5.12
CA SER A 110 -8.62 -10.22 -5.94
C SER A 110 -7.61 -10.58 -7.03
N ASP A 111 -7.08 -9.61 -7.78
CA ASP A 111 -6.12 -9.92 -8.82
C ASP A 111 -4.78 -10.37 -8.21
N ALA A 112 -4.28 -9.64 -7.21
CA ALA A 112 -3.01 -9.97 -6.60
C ALA A 112 -2.98 -11.39 -6.03
N ILE A 113 -4.08 -11.87 -5.45
CA ILE A 113 -4.07 -13.26 -4.98
C ILE A 113 -4.37 -14.24 -6.10
N ALA A 114 -5.19 -13.85 -7.08
CA ALA A 114 -5.52 -14.76 -8.17
C ALA A 114 -4.30 -15.00 -9.08
N LYS A 115 -3.41 -14.01 -9.19
CA LYS A 115 -2.19 -14.13 -9.98
C LYS A 115 -1.11 -14.88 -9.19
N SER A 116 -1.30 -14.99 -7.87
CA SER A 116 -0.29 -15.52 -6.97
C SER A 116 -0.18 -17.04 -6.99
N ASN A 117 0.99 -17.53 -6.57
CA ASN A 117 1.25 -18.93 -6.29
C ASN A 117 1.04 -19.15 -4.79
N GLN A 118 1.20 -20.39 -4.30
CA GLN A 118 0.95 -20.68 -2.89
C GLN A 118 1.78 -19.80 -1.97
N ASP A 119 3.04 -19.51 -2.31
CA ASP A 119 3.88 -18.68 -1.47
C ASP A 119 3.41 -17.23 -1.50
N HIS A 120 2.94 -16.75 -2.66
CA HIS A 120 2.53 -15.37 -2.81
C HIS A 120 1.16 -15.13 -2.18
N LYS A 121 0.21 -16.06 -2.32
CA LYS A 121 -1.07 -15.93 -1.64
C LYS A 121 -0.84 -16.01 -0.15
N GLU A 122 0.13 -16.81 0.29
CA GLU A 122 0.45 -16.89 1.71
C GLU A 122 0.96 -15.54 2.21
N LYS A 123 1.86 -14.89 1.46
CA LYS A 123 2.35 -13.57 1.85
C LYS A 123 1.22 -12.54 1.88
N ILE A 124 0.31 -12.58 0.91
CA ILE A 124 -0.80 -11.65 0.86
C ILE A 124 -1.76 -11.90 2.02
N ARG A 125 -2.02 -13.17 2.33
CA ARG A 125 -2.90 -13.54 3.43
C ARG A 125 -2.30 -13.05 4.75
N MET A 126 -0.99 -13.22 4.92
CA MET A 126 -0.27 -12.79 6.10
C MET A 126 -0.36 -11.27 6.28
N LEU A 127 -0.15 -10.52 5.18
CA LEU A 127 -0.26 -9.07 5.20
C LEU A 127 -1.67 -8.64 5.60
N LEU A 128 -2.69 -9.27 5.00
CA LEU A 128 -4.08 -8.94 5.30
C LEU A 128 -4.45 -9.38 6.72
N ASP A 129 -3.84 -10.44 7.24
CA ASP A 129 -4.11 -10.89 8.59
C ASP A 129 -3.60 -9.84 9.58
N ILE A 130 -2.41 -9.28 9.33
CA ILE A 130 -1.89 -8.22 10.16
C ILE A 130 -2.77 -6.98 10.04
N TRP A 131 -3.22 -6.67 8.83
CA TRP A 131 -4.09 -5.51 8.58
C TRP A 131 -5.44 -5.68 9.28
N ASP A 132 -5.90 -6.92 9.44
CA ASP A 132 -7.15 -7.20 10.14
C ASP A 132 -6.97 -7.09 11.66
N ARG A 133 -5.86 -7.59 12.19
CA ARG A 133 -5.60 -7.57 13.62
C ARG A 133 -5.24 -6.17 14.11
N SER A 134 -4.65 -5.33 13.25
CA SER A 134 -4.32 -3.96 13.63
C SER A 134 -5.54 -3.06 13.65
N GLY A 135 -6.63 -3.51 13.01
CA GLY A 135 -7.89 -2.77 12.92
C GLY A 135 -7.79 -1.57 11.98
N LEU A 136 -8.95 -1.07 11.54
CA LEU A 136 -9.04 0.09 10.67
C LEU A 136 -9.67 1.28 11.41
N PHE A 137 -9.95 1.11 12.71
CA PHE A 137 -10.64 2.10 13.53
C PHE A 137 -11.99 2.52 12.94
N GLN A 138 -12.51 1.70 12.03
CA GLN A 138 -13.79 1.91 11.36
C GLN A 138 -14.36 0.56 10.96
N LYS A 139 -15.69 0.45 10.84
CA LYS A 139 -16.32 -0.81 10.48
C LYS A 139 -15.91 -1.25 9.08
N SER A 140 -15.67 -2.55 8.91
CA SER A 140 -15.25 -3.12 7.63
C SER A 140 -15.49 -4.62 7.62
N TYR A 141 -15.31 -5.25 6.47
CA TYR A 141 -15.43 -6.70 6.32
C TYR A 141 -14.35 -7.27 5.40
N LEU A 142 -13.49 -6.41 4.84
CA LEU A 142 -12.43 -6.81 3.92
C LEU A 142 -12.97 -7.72 2.81
N ASN A 143 -14.19 -7.46 2.35
CA ASN A 143 -14.88 -8.28 1.36
C ASN A 143 -14.04 -8.46 0.10
N ALA A 144 -13.08 -7.55 -0.12
CA ALA A 144 -12.22 -7.49 -1.28
C ALA A 144 -11.73 -8.86 -1.71
N ILE A 145 -11.35 -9.71 -0.75
CA ILE A 145 -11.00 -11.09 -1.03
C ILE A 145 -11.78 -12.08 -0.15
N ARG A 146 -12.43 -11.61 0.92
CA ARG A 146 -13.27 -12.49 1.73
C ARG A 146 -14.44 -13.00 0.88
N SER A 147 -14.69 -12.36 -0.27
CA SER A 147 -15.72 -12.79 -1.20
C SER A 147 -15.39 -14.09 -1.93
N LYS A 148 -14.10 -14.44 -2.09
CA LYS A 148 -13.77 -15.61 -2.93
C LYS A 148 -12.49 -16.36 -2.52
N CYS A 149 -12.31 -17.51 -3.16
CA CYS A 149 -11.21 -18.43 -2.93
C CYS A 149 -9.84 -17.77 -3.07
N PHE A 150 -9.79 -16.56 -3.65
CA PHE A 150 -8.57 -15.77 -3.82
C PHE A 150 -7.59 -16.09 -2.69
N ALA A 151 -7.96 -15.72 -1.48
CA ALA A 151 -7.29 -16.19 -0.27
C ALA A 151 -8.24 -17.05 0.57
N MET A 152 -9.55 -17.10 0.27
CA MET A 152 -10.45 -17.95 1.04
C MET A 152 -10.28 -19.43 0.73
N ASP A 153 -9.36 -19.79 -0.18
CA ASP A 153 -9.05 -21.19 -0.45
C ASP A 153 -8.61 -21.93 0.82
N LEU A 154 -8.27 -21.19 1.89
CA LEU A 154 -7.88 -21.75 3.17
C LEU A 154 -8.76 -21.17 4.27
N TYR B 1 21.53 -13.92 1.20
CA TYR B 1 20.79 -13.08 2.15
C TYR B 1 19.29 -13.11 1.85
N SER B 2 18.46 -12.57 2.75
CA SER B 2 17.02 -12.57 2.58
C SER B 2 16.59 -11.53 1.55
N PRO B 3 15.46 -11.76 0.86
CA PRO B 3 14.90 -10.82 -0.11
C PRO B 3 14.53 -9.48 0.51
N THR B 4 14.25 -8.50 -0.35
CA THR B 4 13.88 -7.13 0.00
C THR B 4 14.96 -6.39 0.78
N SEP B 5 15.47 -5.29 0.22
CA SEP B 5 16.56 -4.51 0.81
CB SEP B 5 17.81 -4.66 -0.07
OG SEP B 5 17.74 -3.87 -1.25
C SEP B 5 16.19 -3.04 1.00
O SEP B 5 15.91 -2.34 0.02
P SEP B 5 17.21 -4.44 -2.67
O1P SEP B 5 17.20 -3.23 -3.52
O2P SEP B 5 18.25 -5.43 -3.03
O3P SEP B 5 15.89 -5.02 -2.38
H SEP B 5 15.10 -4.97 -0.66
HA SEP B 5 16.79 -4.95 1.78
HB2 SEP B 5 18.65 -4.31 0.52
HB3 SEP B 5 17.98 -5.70 -0.32
N PRO B 6 16.19 -2.53 2.24
CA PRO B 6 16.29 -3.29 3.48
C PRO B 6 15.02 -4.12 3.66
N SER B 7 15.00 -4.99 4.68
CA SER B 7 13.81 -5.81 4.92
C SER B 7 12.62 -4.92 5.29
N TYR B 8 11.40 -5.40 5.00
CA TYR B 8 10.19 -4.65 5.27
C TYR B 8 9.07 -5.57 5.77
N SER B 9 8.35 -5.10 6.79
CA SER B 9 7.23 -5.82 7.37
C SER B 9 6.02 -4.90 7.56
N PRO B 10 4.80 -5.42 7.36
CA PRO B 10 3.56 -4.69 7.65
C PRO B 10 3.46 -4.25 9.10
N THR B 11 4.34 -4.76 9.97
CA THR B 11 4.32 -4.44 11.40
C THR B 11 5.16 -3.21 11.74
N SEP B 12 5.44 -2.34 10.76
CA SEP B 12 6.31 -1.19 10.98
CB SEP B 12 7.66 -1.47 10.33
OG SEP B 12 8.62 -0.54 10.78
C SEP B 12 5.72 0.16 10.52
O SEP B 12 6.38 0.88 9.77
P SEP B 12 10.13 -0.55 10.22
O1P SEP B 12 10.61 -1.91 10.51
O2P SEP B 12 9.97 -0.25 8.78
O3P SEP B 12 10.79 0.53 11.00
H SEP B 12 5.05 -2.48 9.84
HA SEP B 12 6.48 -1.10 12.06
HB2 SEP B 12 7.99 -2.47 10.63
HB3 SEP B 12 7.57 -1.43 9.26
N PRO B 13 4.50 0.52 10.95
CA PRO B 13 3.96 1.86 10.71
C PRO B 13 4.87 2.93 11.29
N SER B 14 4.77 4.14 10.75
CA SER B 14 5.61 5.28 11.11
C SER B 14 4.82 6.59 11.09
N MET A 1 16.03 27.68 1.46
CA MET A 1 16.31 28.35 0.17
C MET A 1 15.55 27.67 -0.97
N GLN A 2 15.84 26.39 -1.22
CA GLN A 2 15.21 25.62 -2.29
C GLN A 2 15.05 24.15 -1.87
N GLN A 3 14.26 23.40 -2.64
CA GLN A 3 14.00 22.00 -2.36
C GLN A 3 13.79 21.22 -3.65
N ASP A 4 14.22 19.96 -3.68
CA ASP A 4 14.04 19.07 -4.82
C ASP A 4 13.48 17.72 -4.38
N ASP A 5 13.24 17.56 -3.08
CA ASP A 5 12.66 16.35 -2.50
C ASP A 5 11.14 16.45 -2.44
N ASP A 6 10.54 17.12 -3.43
CA ASP A 6 9.10 17.30 -3.54
C ASP A 6 8.45 15.99 -4.00
N PHE A 7 7.25 16.05 -4.60
CA PHE A 7 6.54 14.89 -5.10
C PHE A 7 7.39 14.08 -6.07
N GLN A 8 8.48 14.68 -6.56
CA GLN A 8 9.44 14.02 -7.43
C GLN A 8 9.96 12.75 -6.77
N ASN A 9 10.17 12.74 -5.46
CA ASN A 9 10.67 11.55 -4.78
C ASN A 9 9.64 10.43 -4.87
N PHE A 10 8.37 10.74 -4.61
CA PHE A 10 7.33 9.71 -4.59
C PHE A 10 7.14 9.12 -5.99
N VAL A 11 7.01 9.99 -7.00
CA VAL A 11 6.80 9.54 -8.37
C VAL A 11 8.03 8.78 -8.85
N ALA A 12 9.21 9.40 -8.79
CA ALA A 12 10.44 8.79 -9.26
C ALA A 12 10.72 7.46 -8.55
N THR A 13 10.30 7.33 -7.29
CA THR A 13 10.50 6.08 -6.57
C THR A 13 9.53 5.01 -7.06
N LEU A 14 8.26 5.38 -7.28
CA LEU A 14 7.27 4.42 -7.76
C LEU A 14 7.62 4.00 -9.19
N GLU A 15 8.22 4.91 -9.95
CA GLU A 15 8.72 4.65 -11.30
C GLU A 15 9.92 3.70 -11.22
N SER A 16 10.81 3.92 -10.25
CA SER A 16 11.93 3.01 -10.00
C SER A 16 11.40 1.65 -9.57
N PHE A 17 10.22 1.63 -8.93
CA PHE A 17 9.57 0.38 -8.56
C PHE A 17 9.01 -0.33 -9.78
N LYS A 18 8.48 0.45 -10.74
CA LYS A 18 8.00 -0.11 -12.00
C LYS A 18 9.16 -0.66 -12.82
N ASP A 19 10.33 -0.03 -12.73
CA ASP A 19 11.53 -0.47 -13.43
C ASP A 19 12.14 -1.71 -12.78
N LEU A 20 11.78 -1.98 -11.51
CA LEU A 20 12.29 -3.15 -10.79
C LEU A 20 11.52 -4.39 -11.25
N LYS A 21 12.20 -5.54 -11.27
CA LYS A 21 11.58 -6.78 -11.73
C LYS A 21 12.14 -8.02 -11.01
N SER A 22 13.25 -7.86 -10.28
CA SER A 22 13.87 -8.98 -9.57
C SER A 22 13.12 -9.33 -8.29
N GLY A 23 12.32 -8.39 -7.76
CA GLY A 23 11.52 -8.61 -6.58
C GLY A 23 11.05 -7.27 -6.02
N ILE A 24 10.99 -7.21 -4.69
CA ILE A 24 10.55 -6.06 -3.92
C ILE A 24 11.73 -5.60 -3.07
N SER A 25 11.87 -4.29 -2.85
CA SER A 25 12.96 -3.73 -2.06
C SER A 25 12.44 -2.65 -1.12
N GLY A 26 12.93 -2.66 0.12
CA GLY A 26 12.52 -1.74 1.16
C GLY A 26 12.88 -0.30 0.83
N SER A 27 13.85 -0.05 -0.06
CA SER A 27 14.31 1.30 -0.34
C SER A 27 13.21 2.11 -1.02
N ARG A 28 12.54 1.53 -2.01
CA ARG A 28 11.46 2.23 -2.69
C ARG A 28 10.30 2.40 -1.73
N ILE A 29 10.00 1.35 -0.94
CA ILE A 29 8.91 1.40 0.03
C ILE A 29 9.20 2.49 1.06
N LYS A 30 10.47 2.62 1.48
CA LYS A 30 10.89 3.62 2.44
C LYS A 30 10.68 5.03 1.88
N LYS A 31 11.07 5.28 0.62
CA LYS A 31 10.88 6.60 0.03
C LYS A 31 9.41 6.94 -0.12
N LEU A 32 8.58 5.96 -0.50
CA LEU A 32 7.15 6.19 -0.70
C LEU A 32 6.47 6.54 0.64
N THR A 33 6.63 5.70 1.67
CA THR A 33 6.05 6.02 2.97
C THR A 33 6.57 7.35 3.48
N THR A 34 7.86 7.61 3.31
CA THR A 34 8.48 8.85 3.74
C THR A 34 7.76 10.06 3.15
N TYR A 35 7.67 10.17 1.82
CA TYR A 35 7.07 11.37 1.25
C TYR A 35 5.58 11.45 1.53
N ALA A 36 4.89 10.31 1.64
CA ALA A 36 3.50 10.32 2.03
C ALA A 36 3.34 10.99 3.39
N LEU A 37 4.00 10.45 4.41
CA LEU A 37 3.91 10.95 5.77
C LEU A 37 4.62 12.30 5.97
N ASP A 38 5.47 12.71 5.03
CA ASP A 38 6.20 13.97 5.15
C ASP A 38 5.28 15.19 5.30
N HIS A 39 4.04 15.13 4.79
CA HIS A 39 3.16 16.29 4.88
C HIS A 39 1.68 15.95 4.91
N ILE A 40 1.28 14.79 4.38
CA ILE A 40 -0.12 14.37 4.32
C ILE A 40 -1.01 15.51 3.85
N ASP A 41 -0.93 15.83 2.55
CA ASP A 41 -1.71 16.89 1.92
C ASP A 41 -1.99 16.51 0.46
N ILE A 42 -1.92 15.21 0.18
CA ILE A 42 -1.97 14.65 -1.16
C ILE A 42 -2.65 13.28 -1.11
N GLU A 43 -3.63 13.13 -0.23
CA GLU A 43 -4.32 11.88 0.01
C GLU A 43 -4.84 11.21 -1.26
N SER A 44 -5.63 11.92 -2.06
CA SER A 44 -6.28 11.34 -3.23
C SER A 44 -5.31 11.15 -4.39
N LYS A 45 -4.27 11.98 -4.48
CA LYS A 45 -3.29 11.87 -5.55
C LYS A 45 -2.31 10.74 -5.25
N ILE A 46 -1.79 10.67 -4.01
CA ILE A 46 -0.99 9.54 -3.58
C ILE A 46 -1.76 8.23 -3.80
N ILE A 47 -3.00 8.16 -3.31
CA ILE A 47 -3.78 6.93 -3.40
C ILE A 47 -4.13 6.59 -4.84
N SER A 48 -4.67 7.53 -5.63
CA SER A 48 -4.98 7.22 -7.02
C SER A 48 -3.72 6.76 -7.75
N LEU A 49 -2.55 7.30 -7.40
CA LEU A 49 -1.31 6.92 -8.06
C LEU A 49 -0.87 5.50 -7.72
N ILE A 50 -0.92 5.08 -6.44
CA ILE A 50 -0.49 3.72 -6.10
C ILE A 50 -1.49 2.68 -6.58
N ILE A 51 -2.79 3.01 -6.59
CA ILE A 51 -3.80 2.08 -7.09
C ILE A 51 -3.58 1.89 -8.58
N ASP A 52 -3.43 3.01 -9.29
CA ASP A 52 -3.15 2.97 -10.72
C ASP A 52 -1.80 2.32 -11.00
N TYR A 53 -0.88 2.36 -10.03
CA TYR A 53 0.37 1.64 -10.17
C TYR A 53 0.08 0.14 -10.17
N SER A 54 -0.79 -0.33 -9.27
CA SER A 54 -1.20 -1.73 -9.28
C SER A 54 -1.86 -2.09 -10.61
N ARG A 55 -2.63 -1.15 -11.15
CA ARG A 55 -3.39 -1.32 -12.39
C ARG A 55 -2.49 -1.45 -13.62
N LEU A 56 -1.46 -0.62 -13.73
CA LEU A 56 -0.63 -0.55 -14.92
C LEU A 56 0.57 -1.50 -14.90
N CYS A 57 0.91 -2.05 -13.74
CA CYS A 57 2.14 -2.83 -13.60
C CYS A 57 1.89 -4.34 -13.55
N PRO A 58 2.94 -5.15 -13.85
CA PRO A 58 2.91 -6.60 -13.86
C PRO A 58 2.50 -7.25 -12.54
N ASP A 59 2.42 -8.58 -12.55
CA ASP A 59 2.02 -9.41 -11.43
C ASP A 59 2.89 -9.21 -10.19
N SER A 60 4.22 -9.22 -10.39
CA SER A 60 5.16 -9.00 -9.29
C SER A 60 4.91 -7.64 -8.67
N HIS A 61 4.35 -6.71 -9.46
CA HIS A 61 4.03 -5.37 -9.01
C HIS A 61 2.65 -5.33 -8.36
N LYS A 62 1.80 -6.36 -8.54
CA LYS A 62 0.56 -6.46 -7.79
C LYS A 62 0.92 -6.84 -6.37
N LEU A 63 1.85 -7.79 -6.21
CA LEU A 63 2.33 -8.12 -4.88
C LEU A 63 3.09 -6.93 -4.28
N GLY A 64 3.96 -6.32 -5.09
CA GLY A 64 4.71 -5.16 -4.66
C GLY A 64 3.80 -4.02 -4.27
N SER A 65 2.75 -3.77 -5.05
CA SER A 65 1.83 -2.69 -4.75
C SER A 65 1.07 -3.00 -3.46
N LEU A 66 0.73 -4.26 -3.19
CA LEU A 66 0.13 -4.58 -1.91
C LEU A 66 1.08 -4.22 -0.78
N TYR A 67 2.39 -4.46 -0.92
CA TYR A 67 3.32 -4.06 0.14
C TYR A 67 3.41 -2.53 0.27
N ILE A 68 3.33 -1.79 -0.83
CA ILE A 68 3.34 -0.33 -0.80
C ILE A 68 2.04 0.23 -0.17
N ILE A 69 0.90 -0.32 -0.59
CA ILE A 69 -0.41 0.05 -0.08
C ILE A 69 -0.48 -0.31 1.40
N ASP A 70 0.20 -1.40 1.79
CA ASP A 70 0.28 -1.83 3.18
C ASP A 70 1.15 -0.87 3.99
N SER A 71 2.27 -0.39 3.44
CA SER A 71 3.14 0.47 4.22
C SER A 71 2.46 1.81 4.46
N ILE A 72 2.04 2.50 3.39
CA ILE A 72 1.33 3.76 3.52
C ILE A 72 -0.02 3.56 4.22
N GLY A 73 -0.67 2.41 4.00
CA GLY A 73 -1.96 2.12 4.61
C GLY A 73 -1.87 2.02 6.13
N ARG A 74 -0.95 1.18 6.63
CA ARG A 74 -0.74 1.02 8.06
C ARG A 74 -0.18 2.30 8.67
N ALA A 75 0.68 3.00 7.92
CA ALA A 75 1.25 4.25 8.40
C ALA A 75 0.15 5.30 8.55
N TYR A 76 -0.73 5.43 7.55
CA TYR A 76 -1.87 6.33 7.61
C TYR A 76 -2.80 5.90 8.73
N LEU A 77 -3.08 4.61 8.83
CA LEU A 77 -3.99 4.07 9.81
C LEU A 77 -3.55 4.49 11.21
N ASP A 78 -2.26 4.38 11.51
CA ASP A 78 -1.75 4.79 12.82
C ASP A 78 -1.81 6.31 12.97
N GLU A 79 -1.48 7.04 11.90
CA GLU A 79 -1.46 8.50 11.95
C GLU A 79 -2.86 9.10 12.05
N THR A 80 -3.92 8.33 11.78
CA THR A 80 -5.28 8.80 11.98
C THR A 80 -5.95 8.14 13.20
N ARG A 81 -5.43 6.99 13.65
CA ARG A 81 -5.93 6.29 14.81
C ARG A 81 -5.35 6.85 16.11
N SER A 82 -4.04 7.14 16.11
CA SER A 82 -3.32 7.56 17.30
C SER A 82 -2.90 9.02 17.27
N ASN A 83 -3.13 9.71 16.14
CA ASN A 83 -2.72 11.09 15.97
C ASN A 83 -3.81 11.87 15.20
N SER A 84 -3.72 13.20 15.21
CA SER A 84 -4.67 14.07 14.53
C SER A 84 -3.96 15.32 14.01
N ASN A 85 -4.59 15.99 13.04
CA ASN A 85 -4.03 17.19 12.43
C ASN A 85 -5.16 18.11 11.94
N SER A 86 -4.85 19.40 11.76
CA SER A 86 -5.81 20.41 11.33
C SER A 86 -7.02 20.55 12.27
N SER A 87 -7.91 21.49 11.95
CA SER A 87 -9.13 21.75 12.70
C SER A 87 -10.37 21.53 11.83
N SER A 88 -10.16 21.02 10.60
CA SER A 88 -11.23 20.72 9.67
C SER A 88 -10.97 19.38 8.99
N ASN A 89 -12.00 18.80 8.37
CA ASN A 89 -11.89 17.49 7.74
C ASN A 89 -12.52 17.49 6.35
N LYS A 90 -12.91 18.66 5.84
CA LYS A 90 -13.55 18.77 4.53
C LYS A 90 -12.58 18.54 3.37
N PRO A 91 -11.35 19.04 3.42
CA PRO A 91 -10.36 18.82 2.35
C PRO A 91 -10.00 17.34 2.18
N GLY A 92 -10.22 16.54 3.22
CA GLY A 92 -9.87 15.12 3.23
C GLY A 92 -8.36 14.92 3.40
N THR A 93 -7.96 13.78 3.97
CA THR A 93 -6.56 13.46 4.21
C THR A 93 -6.38 11.93 4.31
N CYS A 94 -5.34 11.47 5.01
CA CYS A 94 -5.02 10.04 5.11
C CYS A 94 -6.22 9.17 5.51
N ALA A 95 -7.18 9.69 6.28
CA ALA A 95 -8.37 8.93 6.61
C ALA A 95 -9.17 8.64 5.34
N HIS A 96 -9.35 9.67 4.51
CA HIS A 96 -10.04 9.54 3.23
C HIS A 96 -9.22 8.69 2.27
N ALA A 97 -7.90 8.69 2.42
CA ALA A 97 -7.02 7.89 1.58
C ALA A 97 -7.28 6.41 1.83
N ILE A 98 -7.36 6.00 3.11
CA ILE A 98 -7.68 4.62 3.44
C ILE A 98 -9.09 4.31 2.94
N ASN A 99 -10.03 5.25 3.12
CA ASN A 99 -11.39 5.07 2.66
C ASN A 99 -11.45 4.92 1.14
N THR A 100 -10.55 5.59 0.42
CA THR A 100 -10.52 5.52 -1.03
C THR A 100 -9.94 4.19 -1.49
N LEU A 101 -8.88 3.68 -0.84
CA LEU A 101 -8.40 2.35 -1.16
C LEU A 101 -9.52 1.34 -0.89
N GLY A 102 -10.36 1.65 0.09
CA GLY A 102 -11.50 0.82 0.46
C GLY A 102 -12.47 0.56 -0.69
N GLU A 103 -12.39 1.30 -1.79
CA GLU A 103 -13.30 1.10 -2.92
C GLU A 103 -12.63 0.35 -4.07
N VAL A 104 -11.33 0.07 -3.96
CA VAL A 104 -10.57 -0.62 -5.00
C VAL A 104 -9.90 -1.88 -4.47
N ILE A 105 -9.76 -2.00 -3.15
CA ILE A 105 -9.10 -3.11 -2.50
C ILE A 105 -9.63 -4.47 -2.97
N GLN A 106 -10.87 -4.52 -3.45
CA GLN A 106 -11.45 -5.75 -3.95
C GLN A 106 -10.72 -6.25 -5.19
N GLU A 107 -10.49 -5.38 -6.18
CA GLU A 107 -9.84 -5.78 -7.41
C GLU A 107 -8.39 -6.09 -7.14
N LEU A 108 -7.77 -5.27 -6.29
CA LEU A 108 -6.34 -5.40 -6.00
C LEU A 108 -6.05 -6.71 -5.26
N LEU A 109 -6.77 -7.01 -4.19
CA LEU A 109 -6.58 -8.27 -3.47
C LEU A 109 -6.94 -9.43 -4.38
N SER A 110 -8.19 -9.51 -4.84
CA SER A 110 -8.59 -10.70 -5.57
C SER A 110 -7.67 -10.99 -6.75
N ASP A 111 -7.25 -9.98 -7.53
CA ASP A 111 -6.35 -10.26 -8.63
C ASP A 111 -4.96 -10.64 -8.13
N ALA A 112 -4.44 -9.98 -7.09
CA ALA A 112 -3.12 -10.27 -6.57
C ALA A 112 -3.05 -11.72 -6.08
N ILE A 113 -4.08 -12.21 -5.39
CA ILE A 113 -4.06 -13.60 -4.93
C ILE A 113 -4.28 -14.57 -6.09
N ALA A 114 -5.16 -14.24 -7.04
CA ALA A 114 -5.36 -15.14 -8.16
C ALA A 114 -4.10 -15.18 -9.03
N LYS A 115 -3.31 -14.12 -8.98
CA LYS A 115 -2.01 -14.00 -9.63
C LYS A 115 -0.95 -14.81 -8.90
N SER A 116 -1.16 -15.09 -7.62
CA SER A 116 -0.14 -15.67 -6.76
C SER A 116 -0.08 -17.19 -6.81
N ASN A 117 1.07 -17.73 -6.39
CA ASN A 117 1.26 -19.15 -6.19
C ASN A 117 1.20 -19.42 -4.68
N GLN A 118 1.46 -20.66 -4.22
CA GLN A 118 1.36 -20.98 -2.81
C GLN A 118 2.22 -20.07 -1.94
N ASP A 119 3.43 -19.72 -2.38
CA ASP A 119 4.31 -18.87 -1.59
C ASP A 119 3.78 -17.45 -1.53
N HIS A 120 3.38 -16.90 -2.68
CA HIS A 120 2.89 -15.54 -2.75
C HIS A 120 1.50 -15.41 -2.11
N LYS A 121 0.66 -16.44 -2.20
CA LYS A 121 -0.64 -16.39 -1.54
C LYS A 121 -0.41 -16.40 -0.04
N GLU A 122 0.58 -17.17 0.42
CA GLU A 122 0.91 -17.20 1.84
C GLU A 122 1.36 -15.82 2.30
N LYS A 123 2.18 -15.13 1.50
CA LYS A 123 2.61 -13.78 1.83
C LYS A 123 1.40 -12.83 1.89
N ILE A 124 0.45 -12.96 0.95
CA ILE A 124 -0.72 -12.10 0.94
C ILE A 124 -1.63 -12.43 2.12
N ARG A 125 -1.77 -13.72 2.46
CA ARG A 125 -2.59 -14.15 3.58
C ARG A 125 -2.03 -13.62 4.89
N MET A 126 -0.71 -13.64 5.04
CA MET A 126 -0.03 -13.15 6.23
C MET A 126 -0.18 -11.64 6.32
N LEU A 127 -0.04 -10.93 5.20
CA LEU A 127 -0.23 -9.49 5.16
C LEU A 127 -1.65 -9.14 5.59
N LEU A 128 -2.65 -9.88 5.09
CA LEU A 128 -4.04 -9.64 5.44
C LEU A 128 -4.33 -10.03 6.89
N ASP A 129 -3.63 -11.03 7.43
CA ASP A 129 -3.81 -11.41 8.81
C ASP A 129 -3.33 -10.29 9.73
N ILE A 130 -2.21 -9.66 9.38
CA ILE A 130 -1.69 -8.53 10.13
C ILE A 130 -2.61 -7.32 9.95
N TRP A 131 -3.16 -7.15 8.74
CA TRP A 131 -4.08 -6.05 8.47
C TRP A 131 -5.34 -6.20 9.33
N ASP A 132 -5.79 -7.44 9.55
CA ASP A 132 -6.94 -7.69 10.40
C ASP A 132 -6.57 -7.46 11.87
N ARG A 133 -5.36 -7.86 12.26
CA ARG A 133 -4.88 -7.66 13.63
C ARG A 133 -4.68 -6.17 13.93
N SER A 134 -4.40 -5.37 12.90
CA SER A 134 -4.23 -3.93 13.04
C SER A 134 -5.56 -3.21 13.27
N GLY A 135 -6.68 -3.89 13.02
CA GLY A 135 -8.00 -3.29 13.15
C GLY A 135 -8.31 -2.39 11.97
N LEU A 136 -9.50 -1.77 11.98
CA LEU A 136 -9.93 -0.88 10.91
C LEU A 136 -10.87 0.19 11.46
N PHE A 137 -10.85 1.38 10.85
CA PHE A 137 -11.66 2.51 11.27
C PHE A 137 -12.37 3.16 10.07
N GLN A 138 -12.42 2.45 8.95
CA GLN A 138 -13.05 2.89 7.73
C GLN A 138 -14.03 1.81 7.26
N LYS A 139 -14.95 2.14 6.35
CA LYS A 139 -15.95 1.18 5.90
C LYS A 139 -15.31 0.07 5.06
N SER A 140 -14.59 0.45 4.00
CA SER A 140 -13.92 -0.49 3.09
C SER A 140 -14.78 -1.71 2.76
N TYR A 141 -14.13 -2.84 2.47
CA TYR A 141 -14.80 -4.12 2.25
C TYR A 141 -13.98 -5.23 2.89
N LEU A 142 -14.64 -6.28 3.36
CA LEU A 142 -13.97 -7.42 4.00
C LEU A 142 -14.03 -8.67 3.13
N ASN A 143 -14.77 -8.60 2.02
CA ASN A 143 -14.90 -9.70 1.07
C ASN A 143 -14.03 -9.47 -0.17
N ALA A 144 -13.18 -8.43 -0.12
CA ALA A 144 -12.36 -7.95 -1.22
C ALA A 144 -11.63 -9.06 -1.95
N ILE A 145 -11.25 -10.10 -1.24
CA ILE A 145 -10.62 -11.28 -1.82
C ILE A 145 -11.61 -12.09 -2.67
N ARG A 146 -12.73 -11.49 -3.08
CA ARG A 146 -13.82 -12.20 -3.75
C ARG A 146 -14.16 -13.46 -2.97
N SER A 147 -14.39 -13.27 -1.66
CA SER A 147 -14.64 -14.34 -0.70
C SER A 147 -13.40 -15.20 -0.43
N LYS A 148 -13.43 -15.91 0.69
CA LYS A 148 -12.28 -16.61 1.26
C LYS A 148 -11.57 -17.60 0.34
N CYS A 149 -12.17 -18.01 -0.78
CA CYS A 149 -11.56 -19.03 -1.63
C CYS A 149 -10.10 -18.70 -1.92
N PHE A 150 -9.84 -17.42 -2.23
CA PHE A 150 -8.56 -16.88 -2.69
C PHE A 150 -7.39 -17.22 -1.78
N ALA A 151 -7.14 -16.40 -0.77
CA ALA A 151 -6.03 -16.64 0.14
C ALA A 151 -6.38 -17.66 1.22
N MET A 152 -7.66 -17.96 1.40
CA MET A 152 -8.09 -18.72 2.55
C MET A 152 -8.57 -20.14 2.25
N ASP A 153 -8.79 -20.52 0.98
CA ASP A 153 -9.12 -21.92 0.66
C ASP A 153 -7.98 -22.63 -0.06
N LEU A 154 -7.00 -21.88 -0.58
CA LEU A 154 -5.87 -22.46 -1.29
C LEU A 154 -4.72 -22.75 -0.31
N TYR B 1 15.63 -9.10 6.32
CA TYR B 1 16.94 -8.80 6.94
C TYR B 1 17.97 -8.44 5.88
N SER B 2 18.37 -9.42 5.05
CA SER B 2 19.31 -9.19 3.96
C SER B 2 18.59 -8.90 2.63
N PRO B 3 17.55 -9.66 2.25
CA PRO B 3 16.78 -9.37 1.05
C PRO B 3 15.84 -8.19 1.29
N THR B 4 15.09 -7.80 0.27
CA THR B 4 14.19 -6.66 0.33
C THR B 4 14.95 -5.39 0.73
N SEP B 5 16.14 -5.22 0.13
CA SEP B 5 17.08 -4.14 0.41
CB SEP B 5 18.04 -4.03 -0.78
OG SEP B 5 17.31 -3.74 -1.96
C SEP B 5 16.39 -2.79 0.65
O SEP B 5 15.66 -2.31 -0.22
P SEP B 5 17.99 -3.81 -3.41
O1P SEP B 5 19.24 -3.04 -3.24
O2P SEP B 5 18.18 -5.26 -3.63
O3P SEP B 5 16.99 -3.18 -4.30
H SEP B 5 16.42 -5.88 -0.57
HA SEP B 5 17.66 -4.40 1.30
HB2 SEP B 5 18.77 -3.23 -0.59
HB3 SEP B 5 18.55 -4.98 -0.90
N PRO B 6 16.61 -2.14 1.80
CA PRO B 6 17.40 -2.62 2.93
C PRO B 6 16.70 -3.80 3.60
N SER B 7 15.46 -3.58 4.06
CA SER B 7 14.59 -4.61 4.63
C SER B 7 13.21 -4.01 4.84
N TYR B 8 12.15 -4.77 4.57
CA TYR B 8 10.80 -4.30 4.87
C TYR B 8 9.81 -5.45 5.06
N SER B 9 9.01 -5.37 6.12
CA SER B 9 8.04 -6.39 6.48
C SER B 9 6.71 -5.75 6.86
N PRO B 10 5.58 -6.40 6.51
CA PRO B 10 4.25 -5.93 6.86
C PRO B 10 4.01 -5.98 8.36
N THR B 11 4.98 -6.45 9.15
CA THR B 11 4.85 -6.48 10.61
C THR B 11 4.94 -5.08 11.22
N SEP B 12 5.58 -4.13 10.54
CA SEP B 12 5.62 -2.75 11.01
CB SEP B 12 6.73 -2.60 12.06
OG SEP B 12 7.98 -2.99 11.54
C SEP B 12 5.83 -1.75 9.86
O SEP B 12 6.77 -1.91 9.08
P SEP B 12 9.31 -2.98 12.46
O1P SEP B 12 9.42 -1.56 12.88
O2P SEP B 12 8.97 -3.92 13.55
O3P SEP B 12 10.37 -3.44 11.53
H SEP B 12 6.03 -4.34 9.65
HA SEP B 12 4.67 -2.53 11.50
HB2 SEP B 12 6.78 -1.55 12.38
HB3 SEP B 12 6.49 -3.21 12.93
N PRO B 13 4.97 -0.72 9.75
CA PRO B 13 5.09 0.31 8.73
C PRO B 13 6.29 1.22 8.96
N SER B 14 6.63 2.01 7.93
CA SER B 14 7.75 2.95 7.94
C SER B 14 9.03 2.30 8.44
N MET A 1 20.79 22.83 -16.28
CA MET A 1 20.30 21.58 -15.66
C MET A 1 19.64 21.88 -14.32
N GLN A 2 18.59 21.13 -13.97
CA GLN A 2 17.88 21.29 -12.71
C GLN A 2 17.33 19.94 -12.25
N GLN A 3 17.23 19.75 -10.93
CA GLN A 3 16.74 18.52 -10.33
C GLN A 3 15.88 18.85 -9.11
N ASP A 4 15.18 17.84 -8.59
CA ASP A 4 14.31 18.00 -7.43
C ASP A 4 14.45 16.80 -6.49
N ASP A 5 14.04 16.96 -5.24
CA ASP A 5 14.19 15.94 -4.20
C ASP A 5 12.94 15.88 -3.30
N ASP A 6 11.86 16.54 -3.72
CA ASP A 6 10.61 16.57 -2.98
C ASP A 6 9.72 15.41 -3.46
N PHE A 7 8.51 15.70 -3.93
CA PHE A 7 7.62 14.69 -4.48
C PHE A 7 8.28 13.93 -5.64
N GLN A 8 9.34 14.49 -6.21
CA GLN A 8 10.10 13.83 -7.25
C GLN A 8 10.60 12.48 -6.76
N ASN A 9 11.16 12.42 -5.54
CA ASN A 9 11.58 11.14 -4.99
C ASN A 9 10.43 10.15 -4.93
N PHE A 10 9.22 10.58 -4.56
CA PHE A 10 8.09 9.67 -4.47
C PHE A 10 7.74 9.09 -5.83
N VAL A 11 7.52 9.96 -6.83
CA VAL A 11 7.15 9.51 -8.16
C VAL A 11 8.27 8.69 -8.78
N ALA A 12 9.50 9.22 -8.75
CA ALA A 12 10.67 8.58 -9.31
C ALA A 12 10.90 7.21 -8.67
N THR A 13 10.56 7.05 -7.39
CA THR A 13 10.71 5.76 -6.74
C THR A 13 9.64 4.79 -7.25
N LEU A 14 8.40 5.26 -7.37
CA LEU A 14 7.34 4.39 -7.86
C LEU A 14 7.63 4.00 -9.32
N GLU A 15 8.31 4.87 -10.06
CA GLU A 15 8.74 4.62 -11.43
C GLU A 15 9.84 3.56 -11.46
N SER A 16 10.80 3.66 -10.53
CA SER A 16 11.82 2.63 -10.41
C SER A 16 11.18 1.28 -10.03
N PHE A 17 10.05 1.35 -9.31
CA PHE A 17 9.27 0.18 -8.96
C PHE A 17 8.50 -0.33 -10.19
N LYS A 18 8.08 0.58 -11.06
CA LYS A 18 7.37 0.25 -12.29
C LYS A 18 8.29 -0.49 -13.26
N ASP A 19 9.56 -0.07 -13.31
CA ASP A 19 10.56 -0.76 -14.12
C ASP A 19 11.04 -2.04 -13.43
N LEU A 20 10.60 -2.24 -12.18
CA LEU A 20 10.93 -3.42 -11.38
C LEU A 20 12.44 -3.64 -11.30
N LYS A 21 13.18 -2.57 -10.97
CA LYS A 21 14.63 -2.64 -10.87
C LYS A 21 15.09 -3.47 -9.67
N SER A 22 14.16 -3.92 -8.82
CA SER A 22 14.48 -4.71 -7.64
C SER A 22 13.35 -5.67 -7.29
N GLY A 23 13.65 -6.68 -6.47
CA GLY A 23 12.69 -7.68 -6.03
C GLY A 23 11.86 -7.16 -4.86
N ILE A 24 11.03 -6.14 -5.11
CA ILE A 24 10.20 -5.50 -4.09
C ILE A 24 11.08 -4.99 -2.93
N SER A 25 12.27 -4.47 -3.25
CA SER A 25 13.22 -4.03 -2.24
C SER A 25 12.64 -2.94 -1.35
N GLY A 26 12.90 -3.05 -0.04
CA GLY A 26 12.32 -2.19 0.97
C GLY A 26 12.74 -0.72 0.83
N SER A 27 13.88 -0.44 0.18
CA SER A 27 14.33 0.94 0.03
C SER A 27 13.29 1.77 -0.70
N ARG A 28 12.67 1.20 -1.75
CA ARG A 28 11.69 1.91 -2.54
C ARG A 28 10.42 2.14 -1.71
N ILE A 29 10.04 1.16 -0.90
CA ILE A 29 8.87 1.29 -0.04
C ILE A 29 9.13 2.37 1.01
N LYS A 30 10.38 2.46 1.50
CA LYS A 30 10.75 3.47 2.49
C LYS A 30 10.74 4.87 1.89
N LYS A 31 11.14 5.02 0.61
CA LYS A 31 11.05 6.32 -0.06
C LYS A 31 9.58 6.72 -0.24
N LEU A 32 8.74 5.78 -0.66
CA LEU A 32 7.33 6.09 -0.86
C LEU A 32 6.66 6.50 0.46
N THR A 33 6.79 5.69 1.51
CA THR A 33 6.20 6.04 2.80
C THR A 33 6.73 7.36 3.33
N THR A 34 8.06 7.52 3.38
CA THR A 34 8.62 8.73 4.00
C THR A 34 8.18 9.99 3.27
N TYR A 35 8.21 10.00 1.92
CA TYR A 35 7.84 11.20 1.19
C TYR A 35 6.33 11.41 1.16
N ALA A 36 5.51 10.38 1.37
CA ALA A 36 4.10 10.56 1.61
C ALA A 36 3.91 11.30 2.93
N LEU A 37 4.43 10.72 4.02
CA LEU A 37 4.28 11.26 5.36
C LEU A 37 5.05 12.58 5.56
N ASP A 38 5.98 12.92 4.66
CA ASP A 38 6.73 14.17 4.77
C ASP A 38 5.85 15.41 4.61
N HIS A 39 4.63 15.28 4.07
CA HIS A 39 3.76 16.44 3.87
C HIS A 39 2.30 16.16 4.17
N ILE A 40 1.80 14.99 3.77
CA ILE A 40 0.38 14.66 3.86
C ILE A 40 -0.49 15.85 3.41
N ASP A 41 -0.39 16.16 2.12
CA ASP A 41 -1.13 17.25 1.48
C ASP A 41 -1.43 16.84 0.03
N ILE A 42 -1.37 15.53 -0.23
CA ILE A 42 -1.45 14.94 -1.56
C ILE A 42 -2.13 13.57 -1.46
N GLU A 43 -3.08 13.46 -0.55
CA GLU A 43 -3.80 12.23 -0.26
C GLU A 43 -4.35 11.54 -1.52
N SER A 44 -5.16 12.24 -2.31
CA SER A 44 -5.84 11.65 -3.44
C SER A 44 -4.91 11.39 -4.62
N LYS A 45 -3.80 12.15 -4.71
CA LYS A 45 -2.85 11.99 -5.80
C LYS A 45 -1.85 10.90 -5.46
N ILE A 46 -1.37 10.84 -4.22
CA ILE A 46 -0.56 9.71 -3.76
C ILE A 46 -1.34 8.41 -3.96
N ILE A 47 -2.57 8.35 -3.43
CA ILE A 47 -3.37 7.13 -3.51
C ILE A 47 -3.75 6.80 -4.94
N SER A 48 -4.27 7.76 -5.71
CA SER A 48 -4.61 7.49 -7.09
C SER A 48 -3.40 6.96 -7.84
N LEU A 49 -2.20 7.49 -7.53
CA LEU A 49 -1.00 7.10 -8.23
C LEU A 49 -0.54 5.67 -7.88
N ILE A 50 -0.64 5.24 -6.62
CA ILE A 50 -0.23 3.87 -6.30
C ILE A 50 -1.25 2.84 -6.79
N ILE A 51 -2.55 3.15 -6.72
CA ILE A 51 -3.58 2.25 -7.19
C ILE A 51 -3.40 2.07 -8.70
N ASP A 52 -3.28 3.20 -9.40
CA ASP A 52 -3.06 3.23 -10.84
C ASP A 52 -1.77 2.49 -11.20
N TYR A 53 -0.71 2.70 -10.40
CA TYR A 53 0.54 1.99 -10.60
C TYR A 53 0.31 0.49 -10.60
N SER A 54 -0.56 0.01 -9.70
CA SER A 54 -0.87 -1.40 -9.62
C SER A 54 -1.63 -1.91 -10.85
N ARG A 55 -2.74 -1.25 -11.19
CA ARG A 55 -3.61 -1.75 -12.26
C ARG A 55 -2.98 -1.67 -13.64
N LEU A 56 -2.02 -0.75 -13.84
CA LEU A 56 -1.35 -0.60 -15.12
C LEU A 56 -0.24 -1.62 -15.37
N CYS A 57 0.24 -2.30 -14.33
CA CYS A 57 1.43 -3.13 -14.44
C CYS A 57 1.21 -4.61 -14.08
N PRO A 58 2.16 -5.48 -14.46
CA PRO A 58 2.13 -6.94 -14.23
C PRO A 58 1.96 -7.39 -12.79
N ASP A 59 1.98 -8.70 -12.59
CA ASP A 59 1.76 -9.38 -11.32
C ASP A 59 2.73 -8.92 -10.21
N SER A 60 3.99 -8.70 -10.55
CA SER A 60 4.98 -8.27 -9.58
C SER A 60 4.59 -6.90 -9.00
N HIS A 61 3.78 -6.15 -9.75
CA HIS A 61 3.32 -4.84 -9.33
C HIS A 61 2.04 -4.95 -8.50
N LYS A 62 1.26 -6.04 -8.64
CA LYS A 62 0.17 -6.29 -7.71
C LYS A 62 0.75 -6.60 -6.33
N LEU A 63 1.83 -7.40 -6.30
CA LEU A 63 2.49 -7.71 -5.04
C LEU A 63 3.14 -6.46 -4.45
N GLY A 64 3.96 -5.78 -5.27
CA GLY A 64 4.62 -4.55 -4.85
C GLY A 64 3.58 -3.52 -4.40
N SER A 65 2.46 -3.43 -5.11
CA SER A 65 1.40 -2.51 -4.74
C SER A 65 0.83 -2.86 -3.39
N LEU A 66 0.54 -4.13 -3.12
CA LEU A 66 0.02 -4.52 -1.81
C LEU A 66 0.97 -4.11 -0.70
N TYR A 67 2.29 -4.23 -0.91
CA TYR A 67 3.23 -3.81 0.13
C TYR A 67 3.34 -2.29 0.24
N ILE A 68 3.17 -1.55 -0.86
CA ILE A 68 3.19 -0.08 -0.83
C ILE A 68 1.89 0.45 -0.21
N ILE A 69 0.76 -0.15 -0.57
CA ILE A 69 -0.54 0.19 -0.02
C ILE A 69 -0.53 -0.10 1.47
N ASP A 70 0.09 -1.23 1.86
CA ASP A 70 0.21 -1.57 3.26
C ASP A 70 1.10 -0.58 4.00
N SER A 71 2.22 -0.19 3.40
CA SER A 71 3.17 0.67 4.09
C SER A 71 2.58 2.05 4.35
N ILE A 72 2.14 2.73 3.29
CA ILE A 72 1.51 4.04 3.42
C ILE A 72 0.19 3.87 4.17
N GLY A 73 -0.48 2.72 4.02
CA GLY A 73 -1.75 2.46 4.68
C GLY A 73 -1.61 2.41 6.19
N ARG A 74 -0.69 1.60 6.72
CA ARG A 74 -0.50 1.47 8.15
C ARG A 74 0.17 2.71 8.72
N ALA A 75 1.01 3.36 7.91
CA ALA A 75 1.64 4.62 8.32
C ALA A 75 0.59 5.71 8.45
N TYR A 76 -0.31 5.83 7.45
CA TYR A 76 -1.40 6.78 7.50
C TYR A 76 -2.32 6.45 8.67
N LEU A 77 -2.66 5.17 8.84
CA LEU A 77 -3.57 4.74 9.89
C LEU A 77 -3.03 5.17 11.25
N ASP A 78 -1.72 5.01 11.47
CA ASP A 78 -1.11 5.42 12.72
C ASP A 78 -1.13 6.94 12.88
N GLU A 79 -0.86 7.66 11.79
CA GLU A 79 -0.82 9.11 11.84
C GLU A 79 -2.20 9.69 12.18
N THR A 80 -3.27 9.13 11.60
CA THR A 80 -4.62 9.62 11.87
C THR A 80 -5.18 9.04 13.16
N ARG A 81 -4.61 7.93 13.65
CA ARG A 81 -4.96 7.40 14.96
C ARG A 81 -4.30 8.23 16.06
N SER A 82 -3.12 8.80 15.78
CA SER A 82 -2.39 9.61 16.75
C SER A 82 -3.00 11.01 16.90
N ASN A 83 -3.53 11.57 15.81
CA ASN A 83 -4.13 12.90 15.84
C ASN A 83 -5.20 13.02 14.75
N SER A 84 -6.18 13.90 14.94
CA SER A 84 -7.28 14.07 14.00
C SER A 84 -7.28 15.46 13.38
N ASN A 85 -7.97 15.60 12.24
CA ASN A 85 -8.06 16.85 11.49
C ASN A 85 -9.48 17.03 10.96
N SER A 86 -9.76 18.20 10.38
CA SER A 86 -11.08 18.53 9.86
C SER A 86 -11.00 18.98 8.40
N SER A 87 -12.12 18.90 7.69
CA SER A 87 -12.21 19.26 6.28
C SER A 87 -12.36 20.77 6.08
N SER A 88 -12.13 21.55 7.14
CA SER A 88 -12.26 23.00 7.10
C SER A 88 -10.97 23.69 6.63
N ASN A 89 -9.92 22.90 6.37
CA ASN A 89 -8.65 23.44 5.89
C ASN A 89 -8.13 22.64 4.68
N LYS A 90 -8.68 21.45 4.43
CA LYS A 90 -8.30 20.60 3.31
C LYS A 90 -9.52 19.82 2.81
N PRO A 91 -9.53 19.42 1.53
CA PRO A 91 -10.60 18.61 0.97
C PRO A 91 -10.54 17.17 1.49
N GLY A 92 -9.41 16.81 2.11
CA GLY A 92 -9.20 15.50 2.70
C GLY A 92 -7.72 15.29 2.96
N THR A 93 -7.37 14.19 3.64
CA THR A 93 -5.96 13.86 3.94
C THR A 93 -5.81 12.34 4.12
N CYS A 94 -4.76 11.90 4.82
CA CYS A 94 -4.45 10.48 5.00
C CYS A 94 -5.67 9.63 5.40
N ALA A 95 -6.61 10.18 6.17
CA ALA A 95 -7.81 9.45 6.54
C ALA A 95 -8.64 9.15 5.29
N HIS A 96 -8.84 10.17 4.45
CA HIS A 96 -9.56 10.05 3.20
C HIS A 96 -8.79 9.17 2.22
N ALA A 97 -7.46 9.14 2.34
CA ALA A 97 -6.62 8.30 1.51
C ALA A 97 -6.88 6.83 1.79
N ILE A 98 -6.93 6.47 3.08
CA ILE A 98 -7.27 5.10 3.46
C ILE A 98 -8.68 4.78 2.98
N ASN A 99 -9.60 5.74 3.15
CA ASN A 99 -10.97 5.56 2.71
C ASN A 99 -11.06 5.37 1.20
N THR A 100 -10.16 6.01 0.44
CA THR A 100 -10.13 5.89 -1.01
C THR A 100 -9.58 4.53 -1.43
N LEU A 101 -8.52 4.04 -0.79
CA LEU A 101 -8.05 2.69 -1.06
C LEU A 101 -9.16 1.69 -0.74
N GLY A 102 -9.99 2.03 0.25
CA GLY A 102 -11.13 1.22 0.66
C GLY A 102 -12.13 0.94 -0.48
N GLU A 103 -12.07 1.67 -1.60
CA GLU A 103 -12.99 1.45 -2.70
C GLU A 103 -12.35 0.63 -3.82
N VAL A 104 -11.04 0.36 -3.72
CA VAL A 104 -10.31 -0.40 -4.73
C VAL A 104 -9.67 -1.66 -4.16
N ILE A 105 -9.51 -1.74 -2.84
CA ILE A 105 -8.92 -2.89 -2.18
C ILE A 105 -9.62 -4.19 -2.57
N GLN A 106 -10.90 -4.11 -2.96
CA GLN A 106 -11.65 -5.25 -3.44
C GLN A 106 -10.98 -5.87 -4.67
N GLU A 107 -10.86 -5.11 -5.75
CA GLU A 107 -10.25 -5.62 -6.97
C GLU A 107 -8.75 -5.79 -6.81
N LEU A 108 -8.11 -5.00 -5.93
CA LEU A 108 -6.68 -5.08 -5.70
C LEU A 108 -6.33 -6.46 -5.15
N LEU A 109 -6.96 -6.85 -4.03
CA LEU A 109 -6.78 -8.15 -3.43
C LEU A 109 -7.25 -9.25 -4.37
N SER A 110 -8.52 -9.23 -4.80
CA SER A 110 -9.01 -10.36 -5.57
C SER A 110 -8.13 -10.65 -6.81
N ASP A 111 -7.70 -9.62 -7.55
CA ASP A 111 -6.83 -9.87 -8.69
C ASP A 111 -5.43 -10.28 -8.24
N ALA A 112 -4.90 -9.64 -7.19
CA ALA A 112 -3.58 -9.98 -6.68
C ALA A 112 -3.50 -11.45 -6.27
N ILE A 113 -4.58 -12.01 -5.71
CA ILE A 113 -4.56 -13.44 -5.40
C ILE A 113 -4.86 -14.29 -6.62
N ALA A 114 -5.74 -13.83 -7.51
CA ALA A 114 -6.09 -14.63 -8.67
C ALA A 114 -4.91 -14.76 -9.63
N LYS A 115 -3.99 -13.80 -9.60
CA LYS A 115 -2.78 -13.81 -10.40
C LYS A 115 -1.64 -14.53 -9.67
N SER A 116 -1.80 -14.76 -8.37
CA SER A 116 -0.74 -15.25 -7.50
C SER A 116 -0.36 -16.71 -7.72
N ASN A 117 0.87 -17.04 -7.34
CA ASN A 117 1.37 -18.41 -7.23
C ASN A 117 1.20 -18.83 -5.77
N GLN A 118 1.55 -20.08 -5.43
CA GLN A 118 1.37 -20.56 -4.05
C GLN A 118 2.12 -19.65 -3.06
N ASP A 119 3.35 -19.28 -3.37
CA ASP A 119 4.14 -18.43 -2.48
C ASP A 119 3.49 -17.04 -2.36
N HIS A 120 3.01 -16.51 -3.48
CA HIS A 120 2.40 -15.18 -3.49
C HIS A 120 1.07 -15.20 -2.75
N LYS A 121 0.27 -16.27 -2.87
CA LYS A 121 -0.96 -16.40 -2.10
C LYS A 121 -0.62 -16.41 -0.63
N GLU A 122 0.44 -17.10 -0.24
CA GLU A 122 0.81 -17.17 1.17
C GLU A 122 1.19 -15.79 1.68
N LYS A 123 1.91 -15.00 0.88
CA LYS A 123 2.25 -13.63 1.27
C LYS A 123 0.99 -12.78 1.40
N ILE A 124 0.03 -12.91 0.49
CA ILE A 124 -1.20 -12.13 0.56
C ILE A 124 -2.03 -12.58 1.75
N ARG A 125 -2.05 -13.89 2.03
CA ARG A 125 -2.78 -14.43 3.16
C ARG A 125 -2.17 -13.92 4.47
N MET A 126 -0.84 -13.81 4.51
CA MET A 126 -0.15 -13.28 5.68
C MET A 126 -0.50 -11.80 5.86
N LEU A 127 -0.57 -11.05 4.76
CA LEU A 127 -0.93 -9.64 4.82
C LEU A 127 -2.33 -9.47 5.40
N LEU A 128 -3.28 -10.29 4.97
CA LEU A 128 -4.65 -10.24 5.47
C LEU A 128 -4.71 -10.68 6.93
N ASP A 129 -3.89 -11.66 7.32
CA ASP A 129 -3.85 -12.13 8.69
C ASP A 129 -3.34 -11.04 9.61
N ILE A 130 -2.38 -10.23 9.14
CA ILE A 130 -1.86 -9.11 9.90
C ILE A 130 -2.92 -8.02 10.02
N TRP A 131 -3.62 -7.73 8.93
CA TRP A 131 -4.68 -6.73 8.95
C TRP A 131 -5.82 -7.17 9.88
N ASP A 132 -6.05 -8.48 10.02
CA ASP A 132 -7.05 -8.99 10.94
C ASP A 132 -6.53 -8.98 12.38
N ARG A 133 -5.23 -9.22 12.56
CA ARG A 133 -4.59 -9.26 13.87
C ARG A 133 -4.44 -7.86 14.46
N SER A 134 -4.36 -6.82 13.61
CA SER A 134 -4.21 -5.45 14.07
C SER A 134 -5.35 -5.01 14.99
N GLY A 135 -6.52 -5.65 14.88
CA GLY A 135 -7.67 -5.38 15.72
C GLY A 135 -8.22 -3.97 15.51
N LEU A 136 -9.16 -3.57 16.38
CA LEU A 136 -9.81 -2.26 16.37
C LEU A 136 -10.49 -1.97 15.03
N PHE A 137 -11.05 -0.76 14.90
CA PHE A 137 -11.71 -0.30 13.69
C PHE A 137 -12.81 -1.25 13.20
N GLN A 138 -13.27 -1.03 11.97
CA GLN A 138 -14.29 -1.85 11.33
C GLN A 138 -13.78 -3.29 11.18
N LYS A 139 -14.71 -4.25 11.07
CA LYS A 139 -14.37 -5.66 10.96
C LYS A 139 -15.21 -6.32 9.87
N SER A 140 -14.82 -7.55 9.50
CA SER A 140 -15.50 -8.33 8.46
C SER A 140 -15.57 -7.61 7.11
N TYR A 141 -14.72 -6.60 6.89
CA TYR A 141 -14.68 -5.85 5.63
C TYR A 141 -13.63 -6.43 4.68
N LEU A 142 -12.95 -7.51 5.10
CA LEU A 142 -11.87 -8.12 4.35
C LEU A 142 -12.41 -8.97 3.19
N ASN A 143 -13.73 -8.95 2.97
CA ASN A 143 -14.38 -9.70 1.89
C ASN A 143 -13.83 -9.33 0.51
N ALA A 144 -13.03 -8.26 0.45
CA ALA A 144 -12.35 -7.74 -0.74
C ALA A 144 -11.80 -8.83 -1.65
N ILE A 145 -11.37 -9.95 -1.07
CA ILE A 145 -10.88 -11.06 -1.87
C ILE A 145 -11.99 -11.72 -2.68
N ARG A 146 -13.13 -11.04 -2.85
CA ARG A 146 -14.32 -11.62 -3.49
C ARG A 146 -14.67 -12.95 -2.82
N SER A 147 -14.73 -12.91 -1.48
CA SER A 147 -14.92 -14.07 -0.63
C SER A 147 -13.72 -15.01 -0.61
N LYS A 148 -13.52 -15.65 0.54
CA LYS A 148 -12.32 -16.39 0.94
C LYS A 148 -11.65 -17.26 -0.12
N CYS A 149 -12.40 -17.92 -1.00
CA CYS A 149 -11.87 -18.95 -1.90
C CYS A 149 -10.53 -18.59 -2.55
N PHE A 150 -10.28 -17.29 -2.75
CA PHE A 150 -9.09 -16.73 -3.34
C PHE A 150 -7.80 -17.26 -2.71
N ALA A 151 -7.39 -16.70 -1.57
CA ALA A 151 -6.20 -17.17 -0.89
C ALA A 151 -6.50 -18.38 -0.02
N MET A 152 -7.78 -18.67 0.23
CA MET A 152 -8.16 -19.66 1.22
C MET A 152 -8.46 -21.06 0.66
N ASP A 153 -8.78 -21.19 -0.63
CA ASP A 153 -9.16 -22.51 -1.17
C ASP A 153 -7.95 -23.42 -1.41
N LEU A 154 -6.74 -22.87 -1.51
CA LEU A 154 -5.55 -23.64 -1.78
C LEU A 154 -4.32 -23.03 -1.10
N TYR B 1 16.02 -9.90 -9.79
CA TYR B 1 16.39 -9.89 -8.37
C TYR B 1 15.25 -10.43 -7.51
N SER B 2 15.57 -10.93 -6.32
CA SER B 2 14.59 -11.49 -5.40
C SER B 2 14.73 -11.00 -3.94
N PRO B 3 15.91 -10.61 -3.44
CA PRO B 3 16.05 -10.14 -2.08
C PRO B 3 15.57 -8.69 -1.94
N THR B 4 15.53 -8.20 -0.69
CA THR B 4 15.11 -6.83 -0.39
C THR B 4 16.15 -6.13 0.47
N SEP B 5 16.30 -4.82 0.29
CA SEP B 5 17.28 -4.02 1.02
CB SEP B 5 18.57 -3.97 0.20
OG SEP B 5 18.36 -3.32 -1.04
C SEP B 5 16.75 -2.61 1.28
O SEP B 5 16.62 -1.81 0.37
P SEP B 5 18.42 -4.09 -2.45
O1P SEP B 5 19.87 -4.36 -2.62
O2P SEP B 5 17.58 -5.29 -2.26
O3P SEP B 5 17.86 -3.09 -3.39
H SEP B 5 15.71 -4.34 -0.37
HA SEP B 5 17.50 -4.52 1.96
HB2 SEP B 5 19.33 -3.41 0.77
HB3 SEP B 5 18.94 -4.98 0.03
N PRO B 6 16.42 -2.27 2.54
CA PRO B 6 16.42 -3.14 3.70
C PRO B 6 15.24 -4.11 3.62
N SER B 7 15.13 -5.03 4.59
CA SER B 7 13.98 -5.92 4.67
C SER B 7 12.74 -5.11 5.05
N TYR B 8 11.56 -5.61 4.69
CA TYR B 8 10.31 -4.93 4.99
C TYR B 8 9.23 -5.93 5.42
N SER B 9 8.61 -5.68 6.57
CA SER B 9 7.53 -6.50 7.08
C SER B 9 6.29 -5.66 7.35
N PRO B 10 5.16 -6.03 6.74
CA PRO B 10 3.92 -5.31 6.90
C PRO B 10 3.45 -5.39 8.35
N THR B 11 4.06 -6.29 9.13
CA THR B 11 3.65 -6.57 10.50
C THR B 11 3.73 -5.33 11.39
N SEP B 12 4.56 -4.34 11.02
CA SEP B 12 4.64 -3.13 11.83
CB SEP B 12 5.70 -3.30 12.92
OG SEP B 12 6.96 -3.60 12.35
C SEP B 12 4.94 -1.89 10.99
O SEP B 12 5.70 -1.98 10.02
P SEP B 12 8.25 -3.89 13.27
O1P SEP B 12 9.33 -4.11 12.27
O2P SEP B 12 8.39 -2.66 14.08
O3P SEP B 12 7.87 -5.10 14.03
H SEP B 12 5.12 -4.41 10.19
HA SEP B 12 3.68 -2.98 12.31
HB2 SEP B 12 5.77 -2.40 13.52
HB3 SEP B 12 5.40 -4.14 13.57
N PRO B 13 4.36 -0.73 11.34
CA PRO B 13 4.59 0.54 10.69
C PRO B 13 6.06 0.94 10.69
N SER B 14 6.44 1.74 9.70
CA SER B 14 7.81 2.20 9.50
C SER B 14 8.20 3.23 10.57
N MET A 1 20.49 21.36 -17.57
CA MET A 1 19.96 20.21 -16.82
C MET A 1 20.01 20.49 -15.31
N GLN A 2 19.04 19.95 -14.57
CA GLN A 2 18.96 20.12 -13.12
C GLN A 2 18.40 18.86 -12.46
N GLN A 3 18.50 18.79 -11.13
CA GLN A 3 18.01 17.66 -10.35
C GLN A 3 17.44 18.17 -9.03
N ASP A 4 16.48 17.42 -8.46
CA ASP A 4 15.82 17.80 -7.22
C ASP A 4 15.65 16.58 -6.30
N ASP A 5 15.35 16.84 -5.03
CA ASP A 5 15.16 15.80 -4.02
C ASP A 5 13.78 15.90 -3.38
N ASP A 6 12.86 16.60 -4.05
CA ASP A 6 11.48 16.72 -3.61
C ASP A 6 10.68 15.49 -4.05
N PHE A 7 9.44 15.68 -4.48
CA PHE A 7 8.57 14.59 -4.94
C PHE A 7 9.23 13.79 -6.07
N GLN A 8 10.28 14.35 -6.68
CA GLN A 8 11.04 13.67 -7.72
C GLN A 8 11.54 12.33 -7.21
N ASN A 9 12.01 12.25 -5.96
CA ASN A 9 12.51 11.00 -5.41
C ASN A 9 11.37 9.98 -5.32
N PHE A 10 10.16 10.40 -4.97
CA PHE A 10 9.04 9.47 -4.88
C PHE A 10 8.73 8.90 -6.26
N VAL A 11 8.48 9.80 -7.24
CA VAL A 11 8.13 9.39 -8.58
C VAL A 11 9.25 8.55 -9.19
N ALA A 12 10.48 9.09 -9.18
CA ALA A 12 11.63 8.44 -9.75
C ALA A 12 11.88 7.06 -9.12
N THR A 13 11.61 6.90 -7.82
CA THR A 13 11.76 5.60 -7.19
C THR A 13 10.70 4.63 -7.70
N LEU A 14 9.44 5.08 -7.78
CA LEU A 14 8.37 4.22 -8.24
C LEU A 14 8.57 3.86 -9.71
N GLU A 15 9.20 4.76 -10.47
CA GLU A 15 9.51 4.55 -11.88
C GLU A 15 10.59 3.49 -12.02
N SER A 16 11.64 3.59 -11.20
CA SER A 16 12.67 2.55 -11.16
C SER A 16 12.04 1.22 -10.74
N PHE A 17 10.98 1.27 -9.94
CA PHE A 17 10.25 0.08 -9.54
C PHE A 17 9.39 -0.43 -10.70
N LYS A 18 8.89 0.49 -11.54
CA LYS A 18 8.06 0.16 -12.68
C LYS A 18 8.90 -0.50 -13.78
N ASP A 19 10.18 -0.12 -13.87
CA ASP A 19 11.10 -0.71 -14.83
C ASP A 19 11.44 -2.15 -14.46
N LEU A 20 11.23 -2.53 -13.19
CA LEU A 20 11.54 -3.86 -12.70
C LEU A 20 10.35 -4.79 -12.96
N LYS A 21 10.62 -6.07 -13.28
CA LYS A 21 9.58 -7.01 -13.64
C LYS A 21 9.26 -8.01 -12.52
N SER A 22 10.18 -8.19 -11.57
CA SER A 22 9.99 -9.10 -10.46
C SER A 22 10.97 -8.75 -9.32
N GLY A 23 10.66 -9.22 -8.11
CA GLY A 23 11.49 -8.97 -6.95
C GLY A 23 11.10 -7.65 -6.27
N ILE A 24 11.08 -7.68 -4.94
CA ILE A 24 10.76 -6.52 -4.11
C ILE A 24 12.03 -6.03 -3.42
N SER A 25 12.14 -4.73 -3.20
CA SER A 25 13.26 -4.16 -2.49
C SER A 25 12.77 -3.06 -1.56
N GLY A 26 13.05 -3.22 -0.26
CA GLY A 26 12.59 -2.31 0.76
C GLY A 26 13.19 -0.91 0.61
N SER A 27 14.30 -0.78 -0.12
CA SER A 27 14.89 0.54 -0.34
C SER A 27 13.95 1.39 -1.18
N ARG A 28 13.35 0.81 -2.20
CA ARG A 28 12.37 1.52 -3.02
C ARG A 28 11.21 1.95 -2.13
N ILE A 29 10.71 1.00 -1.33
CA ILE A 29 9.58 1.24 -0.45
C ILE A 29 9.93 2.31 0.59
N LYS A 30 11.18 2.34 1.03
CA LYS A 30 11.64 3.32 2.01
C LYS A 30 11.66 4.72 1.38
N LYS A 31 12.09 4.86 0.13
CA LYS A 31 12.04 6.17 -0.52
C LYS A 31 10.58 6.61 -0.70
N LEU A 32 9.72 5.69 -1.11
CA LEU A 32 8.31 6.02 -1.33
C LEU A 32 7.65 6.48 -0.03
N THR A 33 7.68 5.65 1.01
CA THR A 33 7.14 6.05 2.31
C THR A 33 7.76 7.34 2.81
N THR A 34 9.07 7.49 2.66
CA THR A 34 9.78 8.67 3.11
C THR A 34 9.18 9.94 2.49
N TYR A 35 9.10 10.01 1.16
CA TYR A 35 8.67 11.25 0.53
C TYR A 35 7.15 11.46 0.56
N ALA A 36 6.36 10.41 0.79
CA ALA A 36 4.96 10.60 1.10
C ALA A 36 4.83 11.22 2.48
N LEU A 37 5.42 10.57 3.48
CA LEU A 37 5.31 10.96 4.89
C LEU A 37 6.12 12.21 5.23
N ASP A 38 7.04 12.62 4.35
CA ASP A 38 7.90 13.79 4.58
C ASP A 38 7.10 15.06 4.88
N HIS A 39 5.88 15.20 4.33
CA HIS A 39 5.11 16.42 4.55
C HIS A 39 3.60 16.23 4.46
N ILE A 40 3.13 15.16 3.80
CA ILE A 40 1.71 14.90 3.61
C ILE A 40 0.96 16.17 3.17
N ASP A 41 1.17 16.54 1.91
CA ASP A 41 0.53 17.68 1.27
C ASP A 41 0.02 17.29 -0.11
N ILE A 42 0.10 16.00 -0.43
CA ILE A 42 -0.32 15.42 -1.70
C ILE A 42 -0.94 14.05 -1.42
N GLU A 43 -2.26 13.96 -1.57
CA GLU A 43 -3.00 12.73 -1.32
C GLU A 43 -3.38 11.99 -2.60
N SER A 44 -4.48 12.39 -3.26
CA SER A 44 -5.00 11.70 -4.43
C SER A 44 -3.97 11.55 -5.54
N LYS A 45 -2.97 12.44 -5.57
CA LYS A 45 -1.90 12.39 -6.55
C LYS A 45 -0.99 11.19 -6.26
N ILE A 46 -0.44 11.11 -5.05
CA ILE A 46 0.37 9.98 -4.60
C ILE A 46 -0.43 8.68 -4.70
N ILE A 47 -1.71 8.72 -4.33
CA ILE A 47 -2.55 7.53 -4.36
C ILE A 47 -2.84 7.09 -5.79
N SER A 48 -3.33 7.98 -6.65
CA SER A 48 -3.57 7.59 -8.03
C SER A 48 -2.26 7.13 -8.68
N LEU A 49 -1.12 7.63 -8.20
CA LEU A 49 0.17 7.23 -8.73
C LEU A 49 0.51 5.79 -8.34
N ILE A 50 0.32 5.39 -7.08
CA ILE A 50 0.64 4.00 -6.71
C ILE A 50 -0.41 3.03 -7.25
N ILE A 51 -1.69 3.45 -7.31
CA ILE A 51 -2.74 2.58 -7.83
C ILE A 51 -2.48 2.32 -9.31
N ASP A 52 -2.29 3.40 -10.08
CA ASP A 52 -2.00 3.28 -11.50
C ASP A 52 -0.65 2.62 -11.72
N TYR A 53 0.29 2.78 -10.79
CA TYR A 53 1.54 2.04 -10.88
C TYR A 53 1.23 0.55 -10.88
N SER A 54 0.30 0.12 -10.02
CA SER A 54 -0.15 -1.27 -10.02
C SER A 54 -0.71 -1.62 -11.40
N ARG A 55 -1.59 -0.76 -11.90
CA ARG A 55 -2.26 -0.94 -13.19
C ARG A 55 -1.27 -1.11 -14.34
N LEU A 56 -0.09 -0.48 -14.25
CA LEU A 56 0.92 -0.55 -15.29
C LEU A 56 1.92 -1.70 -15.13
N CYS A 57 1.97 -2.33 -13.95
CA CYS A 57 2.99 -3.31 -13.63
C CYS A 57 2.54 -4.76 -13.83
N PRO A 58 3.52 -5.68 -13.98
CA PRO A 58 3.33 -7.12 -14.04
C PRO A 58 3.06 -7.64 -12.63
N ASP A 59 3.62 -8.80 -12.24
CA ASP A 59 3.43 -9.36 -10.91
C ASP A 59 3.85 -8.39 -9.79
N SER A 60 4.66 -7.38 -10.16
CA SER A 60 5.04 -6.31 -9.24
C SER A 60 3.79 -5.56 -8.77
N HIS A 61 2.71 -5.60 -9.57
CA HIS A 61 1.42 -5.07 -9.17
C HIS A 61 1.02 -5.76 -7.87
N LYS A 62 0.82 -7.07 -7.96
CA LYS A 62 0.43 -7.88 -6.82
C LYS A 62 1.35 -7.61 -5.64
N LEU A 63 2.57 -8.15 -5.69
CA LEU A 63 3.40 -8.13 -4.50
C LEU A 63 3.96 -6.72 -4.22
N GLY A 64 4.43 -6.04 -5.27
CA GLY A 64 5.08 -4.76 -5.10
C GLY A 64 4.09 -3.69 -4.67
N SER A 65 2.95 -3.58 -5.34
CA SER A 65 2.02 -2.54 -4.96
C SER A 65 1.39 -2.87 -3.61
N LEU A 66 1.07 -4.14 -3.33
CA LEU A 66 0.53 -4.42 -2.01
C LEU A 66 1.51 -4.00 -0.91
N TYR A 67 2.81 -4.26 -1.06
CA TYR A 67 3.76 -3.85 -0.03
C TYR A 67 3.89 -2.32 0.06
N ILE A 68 3.92 -1.62 -1.08
CA ILE A 68 4.00 -0.16 -1.07
C ILE A 68 2.72 0.46 -0.50
N ILE A 69 1.55 -0.08 -0.87
CA ILE A 69 0.26 0.37 -0.39
C ILE A 69 0.16 0.07 1.11
N ASP A 70 0.81 -0.98 1.58
CA ASP A 70 0.79 -1.35 2.99
C ASP A 70 1.71 -0.45 3.81
N SER A 71 2.87 -0.05 3.31
CA SER A 71 3.74 0.83 4.07
C SER A 71 3.14 2.22 4.14
N ILE A 72 2.79 2.81 2.99
CA ILE A 72 2.18 4.13 2.95
C ILE A 72 0.80 4.09 3.58
N GLY A 73 0.05 3.01 3.37
CA GLY A 73 -1.30 2.88 3.90
C GLY A 73 -1.31 2.78 5.42
N ARG A 74 -0.44 1.94 6.00
CA ARG A 74 -0.33 1.82 7.44
C ARG A 74 0.14 3.15 8.03
N ALA A 75 1.13 3.77 7.39
CA ALA A 75 1.68 5.02 7.88
C ALA A 75 0.63 6.13 7.83
N TYR A 76 -0.16 6.18 6.75
CA TYR A 76 -1.25 7.14 6.64
C TYR A 76 -2.29 6.86 7.71
N LEU A 77 -2.66 5.60 7.90
CA LEU A 77 -3.69 5.23 8.86
C LEU A 77 -3.29 5.71 10.26
N ASP A 78 -2.01 5.57 10.63
CA ASP A 78 -1.54 6.04 11.91
C ASP A 78 -1.57 7.57 11.95
N GLU A 79 -1.16 8.21 10.86
CA GLU A 79 -1.10 9.67 10.79
C GLU A 79 -2.47 10.28 11.02
N THR A 80 -3.54 9.68 10.47
CA THR A 80 -4.89 10.19 10.67
C THR A 80 -5.53 9.62 11.94
N ARG A 81 -5.02 8.50 12.45
CA ARG A 81 -5.49 7.96 13.73
C ARG A 81 -5.00 8.84 14.88
N SER A 82 -3.86 9.52 14.68
CA SER A 82 -3.27 10.40 15.70
C SER A 82 -4.24 11.48 16.18
N ASN A 83 -5.26 11.82 15.39
CA ASN A 83 -6.23 12.83 15.77
C ASN A 83 -7.57 12.55 15.10
N SER A 84 -8.64 12.46 15.89
CA SER A 84 -9.98 12.19 15.39
C SER A 84 -11.03 12.79 16.31
N ASN A 85 -12.26 12.92 15.79
CA ASN A 85 -13.40 13.46 16.53
C ASN A 85 -14.67 12.68 16.19
N SER A 86 -14.51 11.45 15.66
CA SER A 86 -15.60 10.59 15.22
C SER A 86 -16.52 11.24 14.19
N SER A 87 -16.10 12.38 13.62
CA SER A 87 -16.85 13.10 12.60
C SER A 87 -15.88 13.76 11.63
N SER A 88 -16.31 13.95 10.37
CA SER A 88 -15.49 14.57 9.34
C SER A 88 -16.34 15.36 8.36
N ASN A 89 -15.74 16.37 7.74
CA ASN A 89 -16.37 17.19 6.72
C ASN A 89 -15.28 17.74 5.79
N LYS A 90 -15.56 17.83 4.49
CA LYS A 90 -14.61 18.29 3.48
C LYS A 90 -13.22 17.66 3.73
N PRO A 91 -13.12 16.32 3.65
CA PRO A 91 -11.92 15.58 3.97
C PRO A 91 -10.80 15.86 2.97
N GLY A 92 -9.57 15.48 3.34
CA GLY A 92 -8.39 15.69 2.51
C GLY A 92 -7.21 14.92 3.09
N THR A 93 -6.02 15.16 2.52
CA THR A 93 -4.77 14.56 2.96
C THR A 93 -4.83 13.04 3.11
N CYS A 94 -3.90 12.45 3.88
CA CYS A 94 -3.77 11.01 4.05
C CYS A 94 -5.09 10.30 4.39
N ALA A 95 -6.02 10.98 5.08
CA ALA A 95 -7.31 10.39 5.38
C ALA A 95 -8.10 10.16 4.09
N HIS A 96 -8.13 11.17 3.22
CA HIS A 96 -8.82 11.10 1.95
C HIS A 96 -8.09 10.14 1.02
N ALA A 97 -6.79 10.01 1.22
CA ALA A 97 -5.94 9.15 0.44
C ALA A 97 -6.29 7.68 0.71
N ILE A 98 -6.51 7.34 1.98
CA ILE A 98 -6.98 6.00 2.34
C ILE A 98 -8.39 5.83 1.76
N ASN A 99 -9.22 6.87 1.86
CA ASN A 99 -10.57 6.82 1.33
C ASN A 99 -10.54 6.56 -0.19
N THR A 100 -9.52 7.08 -0.88
CA THR A 100 -9.38 6.91 -2.31
C THR A 100 -8.90 5.50 -2.65
N LEU A 101 -7.93 4.95 -1.92
CA LEU A 101 -7.55 3.55 -2.12
C LEU A 101 -8.76 2.67 -1.84
N GLY A 102 -9.66 3.13 -0.95
CA GLY A 102 -10.86 2.41 -0.58
C GLY A 102 -11.80 2.13 -1.76
N GLU A 103 -11.61 2.79 -2.91
CA GLU A 103 -12.46 2.57 -4.08
C GLU A 103 -11.81 1.61 -5.08
N VAL A 104 -10.55 1.23 -4.83
CA VAL A 104 -9.81 0.35 -5.73
C VAL A 104 -9.29 -0.89 -5.01
N ILE A 105 -9.13 -0.83 -3.69
CA ILE A 105 -8.59 -1.93 -2.90
C ILE A 105 -9.38 -3.21 -3.13
N GLN A 106 -10.66 -3.09 -3.48
CA GLN A 106 -11.53 -4.22 -3.75
C GLN A 106 -11.02 -5.05 -4.93
N GLU A 107 -10.89 -4.43 -6.10
CA GLU A 107 -10.42 -5.11 -7.30
C GLU A 107 -8.93 -5.39 -7.22
N LEU A 108 -8.18 -4.52 -6.53
CA LEU A 108 -6.74 -4.67 -6.38
C LEU A 108 -6.44 -5.97 -5.64
N LEU A 109 -7.00 -6.13 -4.43
CA LEU A 109 -6.84 -7.35 -3.65
C LEU A 109 -7.42 -8.53 -4.40
N SER A 110 -8.71 -8.49 -4.76
CA SER A 110 -9.33 -9.69 -5.33
C SER A 110 -8.56 -10.21 -6.55
N ASP A 111 -8.14 -9.35 -7.47
CA ASP A 111 -7.36 -9.82 -8.61
C ASP A 111 -5.98 -10.29 -8.16
N ALA A 112 -5.32 -9.55 -7.27
CA ALA A 112 -4.01 -9.89 -6.76
C ALA A 112 -3.98 -11.29 -6.15
N ILE A 113 -4.91 -11.59 -5.23
CA ILE A 113 -4.95 -12.91 -4.63
C ILE A 113 -5.39 -13.97 -5.63
N ALA A 114 -6.31 -13.63 -6.54
CA ALA A 114 -6.76 -14.59 -7.52
C ALA A 114 -5.65 -14.91 -8.52
N LYS A 115 -4.69 -13.99 -8.69
CA LYS A 115 -3.56 -14.18 -9.59
C LYS A 115 -2.40 -14.85 -8.85
N SER A 116 -2.46 -14.88 -7.51
CA SER A 116 -1.37 -15.32 -6.66
C SER A 116 -1.22 -16.83 -6.57
N ASN A 117 -0.01 -17.28 -6.22
CA ASN A 117 0.29 -18.67 -5.91
C ASN A 117 0.07 -18.88 -4.41
N GLN A 118 0.16 -20.13 -3.92
CA GLN A 118 -0.09 -20.42 -2.51
C GLN A 118 0.80 -19.58 -1.59
N ASP A 119 2.09 -19.48 -1.89
CA ASP A 119 2.99 -18.70 -1.05
C ASP A 119 2.60 -17.22 -1.07
N HIS A 120 2.20 -16.74 -2.25
CA HIS A 120 1.84 -15.34 -2.42
C HIS A 120 0.51 -15.03 -1.72
N LYS A 121 -0.52 -15.87 -1.87
CA LYS A 121 -1.75 -15.68 -1.14
C LYS A 121 -1.47 -15.68 0.36
N GLU A 122 -0.52 -16.50 0.81
CA GLU A 122 -0.22 -16.55 2.23
C GLU A 122 0.39 -15.23 2.69
N LYS A 123 1.29 -14.65 1.88
CA LYS A 123 1.84 -13.34 2.20
C LYS A 123 0.73 -12.29 2.25
N ILE A 124 -0.18 -12.32 1.27
CA ILE A 124 -1.27 -11.35 1.20
C ILE A 124 -2.21 -11.55 2.40
N ARG A 125 -2.44 -12.81 2.78
CA ARG A 125 -3.27 -13.13 3.94
C ARG A 125 -2.64 -12.56 5.20
N MET A 126 -1.31 -12.63 5.31
CA MET A 126 -0.61 -12.08 6.46
C MET A 126 -0.75 -10.56 6.51
N LEU A 127 -0.59 -9.88 5.36
CA LEU A 127 -0.76 -8.44 5.31
C LEU A 127 -2.16 -8.06 5.79
N LEU A 128 -3.19 -8.76 5.31
CA LEU A 128 -4.56 -8.43 5.66
C LEU A 128 -4.92 -8.85 7.08
N ASP A 129 -4.34 -9.94 7.60
CA ASP A 129 -4.64 -10.35 8.97
C ASP A 129 -4.03 -9.36 9.96
N ILE A 130 -2.86 -8.82 9.63
CA ILE A 130 -2.22 -7.81 10.46
C ILE A 130 -3.01 -6.49 10.35
N TRP A 131 -3.46 -6.14 9.14
CA TRP A 131 -4.25 -4.94 8.93
C TRP A 131 -5.59 -5.06 9.67
N ASP A 132 -6.15 -6.27 9.74
CA ASP A 132 -7.38 -6.52 10.44
C ASP A 132 -7.18 -6.42 11.95
N ARG A 133 -6.06 -6.95 12.45
CA ARG A 133 -5.75 -6.90 13.87
C ARG A 133 -5.56 -5.46 14.33
N SER A 134 -4.90 -4.64 13.52
CA SER A 134 -4.68 -3.22 13.82
C SER A 134 -5.94 -2.40 13.55
N GLY A 135 -6.92 -2.97 12.83
CA GLY A 135 -8.16 -2.28 12.50
C GLY A 135 -9.18 -2.37 13.63
N LEU A 136 -8.88 -3.16 14.67
CA LEU A 136 -9.78 -3.38 15.80
C LEU A 136 -11.16 -3.86 15.33
N PHE A 137 -12.16 -3.77 16.22
CA PHE A 137 -13.53 -4.20 15.94
C PHE A 137 -13.57 -5.68 15.52
N GLN A 138 -14.70 -6.12 14.97
CA GLN A 138 -14.88 -7.50 14.54
C GLN A 138 -13.92 -7.85 13.41
N LYS A 139 -13.68 -9.16 13.22
CA LYS A 139 -12.79 -9.65 12.18
C LYS A 139 -13.39 -9.41 10.80
N SER A 140 -12.59 -9.61 9.75
CA SER A 140 -13.00 -9.32 8.38
C SER A 140 -13.35 -7.84 8.23
N TYR A 141 -12.53 -6.99 8.84
CA TYR A 141 -12.69 -5.53 8.84
C TYR A 141 -12.60 -4.96 7.41
N LEU A 142 -12.21 -5.78 6.44
CA LEU A 142 -12.16 -5.39 5.04
C LEU A 142 -12.74 -6.52 4.19
N ASN A 143 -13.63 -6.16 3.27
CA ASN A 143 -14.33 -7.13 2.42
C ASN A 143 -13.75 -7.23 1.01
N ALA A 144 -12.76 -6.38 0.69
CA ALA A 144 -12.14 -6.27 -0.63
C ALA A 144 -11.83 -7.62 -1.28
N ILE A 145 -11.39 -8.60 -0.48
CA ILE A 145 -11.14 -9.96 -0.94
C ILE A 145 -12.44 -10.72 -1.22
N ARG A 146 -13.51 -10.00 -1.59
CA ARG A 146 -14.86 -10.52 -1.68
C ARG A 146 -15.25 -11.23 -0.39
N SER A 147 -14.56 -10.88 0.69
CA SER A 147 -14.72 -11.47 2.02
C SER A 147 -14.63 -13.01 2.03
N LYS A 148 -13.95 -13.64 1.06
CA LYS A 148 -13.95 -15.10 1.00
C LYS A 148 -12.61 -15.73 0.61
N CYS A 149 -12.70 -16.93 0.03
CA CYS A 149 -11.63 -17.87 -0.26
C CYS A 149 -10.32 -17.24 -0.78
N PHE A 150 -10.41 -16.12 -1.50
CA PHE A 150 -9.26 -15.42 -2.08
C PHE A 150 -8.01 -15.61 -1.23
N ALA A 151 -7.98 -14.93 -0.08
CA ALA A 151 -6.97 -15.19 0.94
C ALA A 151 -7.60 -15.81 2.18
N MET A 152 -8.92 -15.77 2.34
CA MET A 152 -9.54 -16.29 3.55
C MET A 152 -9.66 -17.83 3.51
N ASP A 153 -9.39 -18.44 2.36
CA ASP A 153 -9.45 -19.89 2.16
C ASP A 153 -10.83 -20.49 2.43
N LEU A 154 -11.81 -19.67 2.81
CA LEU A 154 -13.18 -20.10 3.06
C LEU A 154 -14.15 -19.00 2.62
N TYR B 1 22.74 -14.36 -5.35
CA TYR B 1 21.59 -13.45 -5.44
C TYR B 1 20.68 -13.61 -4.23
N SER B 2 20.14 -12.49 -3.73
CA SER B 2 19.23 -12.48 -2.60
C SER B 2 18.23 -11.33 -2.77
N PRO B 3 16.99 -11.50 -2.30
CA PRO B 3 15.96 -10.49 -2.35
C PRO B 3 16.17 -9.43 -1.28
N THR B 4 15.48 -8.28 -1.45
CA THR B 4 15.45 -7.12 -0.57
C THR B 4 16.82 -6.52 -0.19
N SEP B 5 16.85 -5.20 -0.01
CA SEP B 5 18.08 -4.45 0.22
CB SEP B 5 18.84 -4.41 -1.12
OG SEP B 5 18.02 -3.79 -2.10
C SEP B 5 17.83 -3.02 0.71
O SEP B 5 18.20 -2.07 0.01
P SEP B 5 18.47 -3.69 -3.64
O1P SEP B 5 17.48 -2.76 -4.23
O2P SEP B 5 19.85 -3.15 -3.58
O3P SEP B 5 18.36 -5.09 -4.12
H SEP B 5 15.98 -4.68 -0.02
HA SEP B 5 18.69 -4.98 0.95
HB2 SEP B 5 19.77 -3.86 -1.00
HB3 SEP B 5 19.07 -5.43 -1.44
N PRO B 6 17.23 -2.78 1.89
CA PRO B 6 16.78 -3.72 2.90
C PRO B 6 15.38 -4.26 2.61
N SER B 7 14.76 -4.88 3.61
CA SER B 7 13.44 -5.49 3.50
C SER B 7 12.38 -4.67 4.23
N TYR B 8 11.11 -5.07 4.09
CA TYR B 8 9.97 -4.49 4.76
C TYR B 8 9.11 -5.60 5.36
N SER B 9 8.55 -5.34 6.54
CA SER B 9 7.65 -6.28 7.20
C SER B 9 6.30 -5.61 7.43
N PRO B 10 5.20 -6.34 7.18
CA PRO B 10 3.86 -5.81 7.35
C PRO B 10 3.57 -5.55 8.83
N THR B 11 4.44 -6.00 9.74
CA THR B 11 4.20 -5.81 11.16
C THR B 11 4.45 -4.38 11.60
N SEP B 12 5.21 -3.59 10.82
CA SEP B 12 5.49 -2.20 11.16
CB SEP B 12 6.76 -2.12 12.02
OG SEP B 12 6.60 -2.81 13.23
C SEP B 12 5.67 -1.34 9.91
O SEP B 12 6.27 -1.79 8.93
P SEP B 12 7.77 -2.86 14.33
O1P SEP B 12 7.97 -1.43 14.69
O2P SEP B 12 7.19 -3.69 15.41
O3P SEP B 12 8.91 -3.48 13.61
H SEP B 12 5.59 -3.96 9.96
HA SEP B 12 4.66 -1.80 11.74
HB2 SEP B 12 7.59 -2.54 11.46
HB3 SEP B 12 6.98 -1.07 12.22
N PRO B 13 5.19 -0.09 9.94
CA PRO B 13 5.39 0.87 8.87
C PRO B 13 6.81 1.43 8.91
N SER B 14 7.21 2.16 7.86
CA SER B 14 8.52 2.77 7.79
C SER B 14 8.67 3.87 8.81
N MET A 1 12.82 27.62 -8.97
CA MET A 1 13.34 27.39 -10.33
C MET A 1 13.47 25.90 -10.63
N GLN A 2 14.29 25.18 -9.87
CA GLN A 2 14.50 23.76 -10.05
C GLN A 2 14.74 23.08 -8.71
N GLN A 3 14.35 21.79 -8.61
CA GLN A 3 14.52 21.00 -7.39
C GLN A 3 14.72 19.54 -7.80
N ASP A 4 15.31 18.72 -6.90
CA ASP A 4 15.62 17.34 -7.21
C ASP A 4 15.22 16.37 -6.09
N ASP A 5 14.63 16.88 -5.00
CA ASP A 5 14.22 16.06 -3.86
C ASP A 5 12.74 16.30 -3.50
N ASP A 6 11.97 16.82 -4.46
CA ASP A 6 10.55 17.07 -4.30
C ASP A 6 9.76 15.77 -4.46
N PHE A 7 8.49 15.88 -4.89
CA PHE A 7 7.63 14.74 -5.17
C PHE A 7 8.32 13.79 -6.16
N GLN A 8 9.38 14.28 -6.82
CA GLN A 8 10.20 13.47 -7.70
C GLN A 8 10.70 12.23 -6.96
N ASN A 9 11.03 12.33 -5.67
CA ASN A 9 11.45 11.15 -4.93
C ASN A 9 10.37 10.07 -5.02
N PHE A 10 9.12 10.44 -4.75
CA PHE A 10 8.02 9.48 -4.74
C PHE A 10 7.79 8.90 -6.13
N VAL A 11 7.67 9.76 -7.14
CA VAL A 11 7.39 9.32 -8.50
C VAL A 11 8.55 8.48 -9.03
N ALA A 12 9.77 9.01 -8.97
CA ALA A 12 10.94 8.32 -9.47
C ALA A 12 11.17 7.00 -8.74
N THR A 13 10.80 6.91 -7.46
CA THR A 13 10.93 5.66 -6.74
C THR A 13 9.90 4.64 -7.23
N LEU A 14 8.67 5.09 -7.48
CA LEU A 14 7.64 4.19 -7.98
C LEU A 14 8.02 3.73 -9.40
N GLU A 15 8.68 4.61 -10.17
CA GLU A 15 9.19 4.31 -11.49
C GLU A 15 10.32 3.30 -11.39
N SER A 16 11.22 3.48 -10.42
CA SER A 16 12.27 2.51 -10.16
C SER A 16 11.65 1.18 -9.72
N PHE A 17 10.46 1.22 -9.10
CA PHE A 17 9.74 0.02 -8.74
C PHE A 17 9.25 -0.69 -10.01
N LYS A 18 8.79 0.09 -10.99
CA LYS A 18 8.38 -0.44 -12.29
C LYS A 18 9.59 -0.99 -13.06
N ASP A 19 10.78 -0.42 -12.82
CA ASP A 19 12.00 -0.88 -13.47
C ASP A 19 12.44 -2.24 -12.95
N LEU A 20 12.09 -2.59 -11.70
CA LEU A 20 12.37 -3.90 -11.14
C LEU A 20 11.24 -4.84 -11.53
N LYS A 21 11.58 -6.10 -11.84
CA LYS A 21 10.61 -7.09 -12.29
C LYS A 21 10.92 -8.48 -11.74
N SER A 22 11.81 -8.58 -10.74
CA SER A 22 12.27 -9.85 -10.23
C SER A 22 12.26 -9.94 -8.70
N GLY A 23 11.72 -8.94 -8.01
CA GLY A 23 11.67 -8.95 -6.57
C GLY A 23 11.30 -7.59 -6.00
N ILE A 24 10.54 -7.62 -4.89
CA ILE A 24 10.18 -6.45 -4.12
C ILE A 24 11.39 -6.02 -3.29
N SER A 25 11.51 -4.73 -2.95
CA SER A 25 12.64 -4.24 -2.19
C SER A 25 12.24 -3.12 -1.24
N GLY A 26 12.76 -3.16 -0.01
CA GLY A 26 12.41 -2.23 1.04
C GLY A 26 12.77 -0.78 0.69
N SER A 27 13.90 -0.56 0.02
CA SER A 27 14.38 0.80 -0.22
C SER A 27 13.34 1.63 -0.96
N ARG A 28 12.70 1.06 -1.97
CA ARG A 28 11.71 1.78 -2.75
C ARG A 28 10.47 2.03 -1.88
N ILE A 29 10.03 1.00 -1.16
CA ILE A 29 8.87 1.10 -0.28
C ILE A 29 9.11 2.20 0.76
N LYS A 30 10.35 2.29 1.26
CA LYS A 30 10.69 3.26 2.28
C LYS A 30 10.77 4.68 1.71
N LYS A 31 11.25 4.87 0.48
CA LYS A 31 11.22 6.20 -0.14
C LYS A 31 9.78 6.66 -0.34
N LEU A 32 8.89 5.73 -0.73
CA LEU A 32 7.49 6.06 -0.93
C LEU A 32 6.84 6.49 0.39
N THR A 33 6.90 5.66 1.45
CA THR A 33 6.35 6.04 2.74
C THR A 33 6.97 7.33 3.25
N THR A 34 8.29 7.46 3.10
CA THR A 34 9.01 8.62 3.56
C THR A 34 8.45 9.90 2.95
N TYR A 35 8.40 10.02 1.62
CA TYR A 35 7.96 11.28 1.05
C TYR A 35 6.47 11.50 1.29
N ALA A 36 5.67 10.42 1.35
CA ALA A 36 4.26 10.56 1.64
C ALA A 36 4.04 11.25 2.98
N LEU A 37 4.54 10.65 4.06
CA LEU A 37 4.35 11.18 5.40
C LEU A 37 5.13 12.48 5.61
N ASP A 38 6.18 12.71 4.81
CA ASP A 38 6.93 13.95 4.86
C ASP A 38 6.12 15.11 4.25
N HIS A 39 5.11 14.80 3.45
CA HIS A 39 4.34 15.82 2.74
C HIS A 39 2.89 15.40 2.55
N ILE A 40 2.21 15.02 3.64
CA ILE A 40 0.77 14.76 3.62
C ILE A 40 0.00 16.04 3.27
N ASP A 41 -0.06 16.34 1.97
CA ASP A 41 -0.81 17.44 1.40
C ASP A 41 -1.19 17.08 -0.05
N ILE A 42 -1.17 15.78 -0.33
CA ILE A 42 -1.32 15.20 -1.66
C ILE A 42 -2.00 13.84 -1.55
N GLU A 43 -2.92 13.71 -0.59
CA GLU A 43 -3.61 12.47 -0.29
C GLU A 43 -4.19 11.78 -1.52
N SER A 44 -5.02 12.48 -2.30
CA SER A 44 -5.72 11.85 -3.41
C SER A 44 -4.83 11.60 -4.62
N LYS A 45 -3.74 12.37 -4.75
CA LYS A 45 -2.81 12.22 -5.86
C LYS A 45 -1.77 11.15 -5.54
N ILE A 46 -1.30 11.09 -4.30
CA ILE A 46 -0.45 9.98 -3.86
C ILE A 46 -1.22 8.66 -4.02
N ILE A 47 -2.45 8.60 -3.48
CA ILE A 47 -3.24 7.39 -3.54
C ILE A 47 -3.63 7.06 -4.98
N SER A 48 -4.11 8.03 -5.75
CA SER A 48 -4.42 7.77 -7.14
C SER A 48 -3.20 7.22 -7.87
N LEU A 49 -2.00 7.73 -7.56
CA LEU A 49 -0.79 7.29 -8.22
C LEU A 49 -0.42 5.84 -7.87
N ILE A 50 -0.50 5.43 -6.60
CA ILE A 50 -0.13 4.05 -6.26
C ILE A 50 -1.17 3.04 -6.74
N ILE A 51 -2.46 3.40 -6.66
CA ILE A 51 -3.51 2.50 -7.14
C ILE A 51 -3.35 2.31 -8.63
N ASP A 52 -3.24 3.43 -9.36
CA ASP A 52 -3.06 3.40 -10.80
C ASP A 52 -1.74 2.73 -11.18
N TYR A 53 -0.71 2.85 -10.33
CA TYR A 53 0.54 2.14 -10.56
C TYR A 53 0.24 0.64 -10.60
N SER A 54 -0.58 0.16 -9.65
CA SER A 54 -0.97 -1.24 -9.61
C SER A 54 -1.88 -1.60 -10.79
N ARG A 55 -2.68 -0.63 -11.25
CA ARG A 55 -3.64 -0.81 -12.34
C ARG A 55 -2.97 -0.97 -13.70
N LEU A 56 -1.86 -0.26 -13.94
CA LEU A 56 -1.19 -0.28 -15.23
C LEU A 56 -0.06 -1.30 -15.32
N CYS A 57 0.39 -1.83 -14.17
CA CYS A 57 1.56 -2.68 -14.11
C CYS A 57 1.23 -4.15 -13.93
N PRO A 58 2.15 -5.04 -14.35
CA PRO A 58 2.03 -6.49 -14.29
C PRO A 58 1.98 -7.06 -12.87
N ASP A 59 1.92 -8.38 -12.79
CA ASP A 59 1.70 -9.16 -11.57
C ASP A 59 2.72 -8.88 -10.46
N SER A 60 4.01 -8.80 -10.81
CA SER A 60 5.05 -8.51 -9.83
C SER A 60 4.76 -7.18 -9.15
N HIS A 61 4.10 -6.28 -9.87
CA HIS A 61 3.77 -4.98 -9.36
C HIS A 61 2.43 -5.00 -8.61
N LYS A 62 1.61 -6.05 -8.75
CA LYS A 62 0.46 -6.20 -7.88
C LYS A 62 0.96 -6.63 -6.50
N LEU A 63 1.99 -7.47 -6.45
CA LEU A 63 2.61 -7.80 -5.17
C LEU A 63 3.27 -6.55 -4.57
N GLY A 64 4.11 -5.88 -5.37
CA GLY A 64 4.78 -4.67 -4.94
C GLY A 64 3.75 -3.62 -4.52
N SER A 65 2.65 -3.53 -5.26
CA SER A 65 1.56 -2.64 -4.94
C SER A 65 1.09 -2.92 -3.52
N LEU A 66 0.65 -4.15 -3.23
CA LEU A 66 0.18 -4.48 -1.89
C LEU A 66 1.17 -4.05 -0.82
N TYR A 67 2.48 -4.27 -1.03
CA TYR A 67 3.44 -3.86 0.00
C TYR A 67 3.50 -2.32 0.13
N ILE A 68 3.33 -1.59 -0.98
CA ILE A 68 3.33 -0.13 -0.96
C ILE A 68 2.05 0.41 -0.31
N ILE A 69 0.88 -0.09 -0.73
CA ILE A 69 -0.39 0.31 -0.15
C ILE A 69 -0.39 0.00 1.34
N ASP A 70 0.22 -1.12 1.71
CA ASP A 70 0.26 -1.58 3.09
C ASP A 70 1.17 -0.70 3.94
N SER A 71 2.32 -0.27 3.40
CA SER A 71 3.25 0.58 4.15
C SER A 71 2.65 1.97 4.36
N ILE A 72 2.22 2.64 3.29
CA ILE A 72 1.63 3.97 3.40
C ILE A 72 0.30 3.90 4.15
N GLY A 73 -0.47 2.82 3.95
CA GLY A 73 -1.75 2.65 4.63
C GLY A 73 -1.57 2.47 6.13
N ARG A 74 -0.60 1.65 6.54
CA ARG A 74 -0.31 1.42 7.95
C ARG A 74 0.27 2.69 8.58
N ALA A 75 1.13 3.38 7.84
CA ALA A 75 1.77 4.58 8.33
C ALA A 75 0.74 5.72 8.48
N TYR A 76 -0.17 5.84 7.51
CA TYR A 76 -1.25 6.82 7.58
C TYR A 76 -2.17 6.49 8.73
N LEU A 77 -2.59 5.23 8.83
CA LEU A 77 -3.52 4.78 9.85
C LEU A 77 -2.95 5.09 11.24
N ASP A 78 -1.67 4.76 11.45
CA ASP A 78 -1.02 5.03 12.72
C ASP A 78 -0.97 6.52 13.00
N GLU A 79 -0.61 7.32 12.00
CA GLU A 79 -0.44 8.75 12.18
C GLU A 79 -1.77 9.43 12.54
N THR A 80 -2.87 9.04 11.89
CA THR A 80 -4.16 9.66 12.13
C THR A 80 -4.88 9.07 13.34
N ARG A 81 -4.51 7.86 13.77
CA ARG A 81 -5.07 7.28 14.99
C ARG A 81 -4.28 7.69 16.22
N SER A 82 -3.01 8.06 16.05
CA SER A 82 -2.16 8.52 17.14
C SER A 82 -2.52 9.95 17.58
N ASN A 83 -3.34 10.65 16.79
CA ASN A 83 -3.72 12.02 17.05
C ASN A 83 -5.24 12.17 16.91
N SER A 84 -5.77 13.31 17.37
CA SER A 84 -7.19 13.59 17.26
C SER A 84 -7.54 14.01 15.83
N ASN A 85 -8.76 13.70 15.39
CA ASN A 85 -9.24 14.04 14.05
C ASN A 85 -10.75 14.25 14.05
N SER A 86 -11.29 14.82 12.98
CA SER A 86 -12.70 15.12 12.86
C SER A 86 -13.18 14.95 11.42
N SER A 87 -14.50 14.90 11.23
CA SER A 87 -15.12 14.77 9.92
C SER A 87 -14.98 16.07 9.12
N SER A 88 -15.20 16.00 7.81
CA SER A 88 -15.09 17.14 6.92
C SER A 88 -16.12 17.04 5.79
N ASN A 89 -16.27 18.11 5.01
CA ASN A 89 -17.23 18.16 3.91
C ASN A 89 -16.54 18.44 2.57
N LYS A 90 -15.27 18.87 2.59
CA LYS A 90 -14.51 19.10 1.36
C LYS A 90 -13.01 18.88 1.57
N PRO A 91 -12.40 19.35 2.68
CA PRO A 91 -11.02 19.06 3.01
C PRO A 91 -10.76 17.56 3.14
N GLY A 92 -9.50 17.15 3.02
CA GLY A 92 -9.11 15.74 3.15
C GLY A 92 -7.60 15.58 3.21
N THR A 93 -7.15 14.47 3.81
CA THR A 93 -5.74 14.15 3.96
C THR A 93 -5.57 12.63 4.10
N CYS A 94 -4.51 12.16 4.76
CA CYS A 94 -4.22 10.73 4.90
C CYS A 94 -5.44 9.91 5.35
N ALA A 95 -6.35 10.48 6.13
CA ALA A 95 -7.56 9.76 6.51
C ALA A 95 -8.42 9.47 5.29
N HIS A 96 -8.58 10.48 4.42
CA HIS A 96 -9.33 10.33 3.18
C HIS A 96 -8.55 9.47 2.19
N ALA A 97 -7.22 9.44 2.31
CA ALA A 97 -6.40 8.59 1.47
C ALA A 97 -6.70 7.12 1.77
N ILE A 98 -6.79 6.76 3.05
CA ILE A 98 -7.18 5.41 3.45
C ILE A 98 -8.60 5.15 2.96
N ASN A 99 -9.49 6.13 3.13
CA ASN A 99 -10.87 5.99 2.69
C ASN A 99 -10.94 5.77 1.18
N THR A 100 -10.02 6.38 0.41
CA THR A 100 -9.99 6.23 -1.03
C THR A 100 -9.47 4.86 -1.43
N LEU A 101 -8.42 4.35 -0.77
CA LEU A 101 -7.97 2.99 -1.03
C LEU A 101 -9.11 2.02 -0.70
N GLY A 102 -9.96 2.40 0.27
CA GLY A 102 -11.11 1.61 0.67
C GLY A 102 -12.09 1.30 -0.47
N GLU A 103 -12.00 2.00 -1.60
CA GLU A 103 -12.91 1.76 -2.72
C GLU A 103 -12.26 0.92 -3.82
N VAL A 104 -10.96 0.65 -3.70
CA VAL A 104 -10.21 -0.12 -4.70
C VAL A 104 -9.58 -1.37 -4.10
N ILE A 105 -9.48 -1.42 -2.76
CA ILE A 105 -8.91 -2.57 -2.07
C ILE A 105 -9.57 -3.87 -2.49
N GLN A 106 -10.84 -3.82 -2.92
CA GLN A 106 -11.56 -4.99 -3.38
C GLN A 106 -10.87 -5.63 -4.59
N GLU A 107 -10.69 -4.87 -5.67
CA GLU A 107 -10.09 -5.39 -6.89
C GLU A 107 -8.58 -5.56 -6.72
N LEU A 108 -7.96 -4.74 -5.87
CA LEU A 108 -6.54 -4.80 -5.63
C LEU A 108 -6.18 -6.15 -4.98
N LEU A 109 -6.84 -6.47 -3.87
CA LEU A 109 -6.63 -7.76 -3.21
C LEU A 109 -7.07 -8.87 -4.15
N SER A 110 -8.36 -8.95 -4.51
CA SER A 110 -8.85 -10.02 -5.36
C SER A 110 -7.91 -10.37 -6.51
N ASP A 111 -7.42 -9.40 -7.29
CA ASP A 111 -6.52 -9.72 -8.40
C ASP A 111 -5.13 -10.12 -7.91
N ALA A 112 -4.61 -9.46 -6.88
CA ALA A 112 -3.27 -9.78 -6.39
C ALA A 112 -3.22 -11.24 -5.94
N ILE A 113 -4.19 -11.69 -5.13
CA ILE A 113 -4.20 -13.07 -4.64
C ILE A 113 -4.63 -14.04 -5.72
N ALA A 114 -5.57 -13.65 -6.61
CA ALA A 114 -6.00 -14.56 -7.66
C ALA A 114 -4.84 -14.81 -8.62
N LYS A 115 -3.93 -13.83 -8.74
CA LYS A 115 -2.73 -13.95 -9.53
C LYS A 115 -1.66 -14.77 -8.81
N SER A 116 -1.70 -14.78 -7.49
CA SER A 116 -0.62 -15.30 -6.68
C SER A 116 -0.44 -16.82 -6.75
N ASN A 117 0.80 -17.26 -6.50
CA ASN A 117 1.18 -18.65 -6.37
C ASN A 117 1.04 -19.04 -4.89
N GLN A 118 1.26 -20.31 -4.53
CA GLN A 118 1.11 -20.75 -3.15
C GLN A 118 1.98 -19.92 -2.20
N ASP A 119 3.23 -19.62 -2.57
CA ASP A 119 4.10 -18.83 -1.71
C ASP A 119 3.61 -17.39 -1.63
N HIS A 120 3.13 -16.85 -2.75
CA HIS A 120 2.67 -15.48 -2.80
C HIS A 120 1.35 -15.31 -2.06
N LYS A 121 0.42 -16.28 -2.18
CA LYS A 121 -0.83 -16.20 -1.43
C LYS A 121 -0.52 -16.32 0.06
N GLU A 122 0.47 -17.14 0.42
CA GLU A 122 0.85 -17.26 1.82
C GLU A 122 1.35 -15.92 2.35
N LYS A 123 2.19 -15.23 1.58
CA LYS A 123 2.68 -13.92 2.00
C LYS A 123 1.54 -12.90 2.10
N ILE A 124 0.62 -12.89 1.14
CA ILE A 124 -0.50 -11.95 1.15
C ILE A 124 -1.46 -12.28 2.29
N ARG A 125 -1.68 -13.56 2.55
CA ARG A 125 -2.57 -14.00 3.61
C ARG A 125 -1.97 -13.68 4.98
N MET A 126 -0.64 -13.75 5.11
CA MET A 126 0.03 -13.38 6.34
C MET A 126 -0.09 -11.87 6.57
N LEU A 127 0.12 -11.07 5.52
CA LEU A 127 -0.01 -9.64 5.60
C LEU A 127 -1.41 -9.26 6.08
N LEU A 128 -2.45 -9.87 5.48
CA LEU A 128 -3.82 -9.58 5.85
C LEU A 128 -4.18 -10.15 7.23
N ASP A 129 -3.57 -11.27 7.62
CA ASP A 129 -3.83 -11.85 8.94
C ASP A 129 -3.30 -10.90 10.02
N ILE A 130 -2.14 -10.28 9.79
CA ILE A 130 -1.59 -9.31 10.72
C ILE A 130 -2.43 -8.03 10.69
N TRP A 131 -2.87 -7.63 9.51
CA TRP A 131 -3.69 -6.45 9.33
C TRP A 131 -5.06 -6.63 10.00
N ASP A 132 -5.52 -7.87 10.16
CA ASP A 132 -6.75 -8.15 10.89
C ASP A 132 -6.47 -8.31 12.38
N ARG A 133 -5.32 -8.87 12.74
CA ARG A 133 -4.95 -9.12 14.12
C ARG A 133 -4.63 -7.82 14.86
N SER A 134 -4.23 -6.76 14.13
CA SER A 134 -3.98 -5.46 14.73
C SER A 134 -5.26 -4.85 15.33
N GLY A 135 -6.42 -5.41 15.00
CA GLY A 135 -7.69 -4.99 15.54
C GLY A 135 -8.27 -3.75 14.85
N LEU A 136 -7.60 -3.24 13.80
CA LEU A 136 -8.09 -2.08 13.07
C LEU A 136 -7.70 -2.19 11.60
N PHE A 137 -8.58 -1.72 10.71
CA PHE A 137 -8.37 -1.80 9.26
C PHE A 137 -8.97 -0.57 8.57
N GLN A 138 -8.86 -0.53 7.24
CA GLN A 138 -9.31 0.60 6.43
C GLN A 138 -10.82 0.80 6.51
N LYS A 139 -11.30 1.92 5.96
CA LYS A 139 -12.72 2.28 5.95
C LYS A 139 -13.50 1.31 5.07
N SER A 140 -14.83 1.33 5.22
CA SER A 140 -15.74 0.41 4.54
C SER A 140 -15.45 -1.05 4.90
N TYR A 141 -16.19 -1.98 4.29
CA TYR A 141 -16.05 -3.39 4.58
C TYR A 141 -14.76 -3.97 4.01
N LEU A 142 -14.36 -5.14 4.53
CA LEU A 142 -13.15 -5.84 4.12
C LEU A 142 -13.47 -7.07 3.26
N ASN A 143 -14.62 -7.04 2.58
CA ASN A 143 -15.07 -8.12 1.71
C ASN A 143 -14.03 -8.47 0.63
N ALA A 144 -13.08 -7.56 0.42
CA ALA A 144 -12.08 -7.61 -0.64
C ALA A 144 -11.43 -8.98 -0.77
N ILE A 145 -11.21 -9.66 0.36
CA ILE A 145 -10.78 -11.05 0.34
C ILE A 145 -11.77 -11.95 1.08
N ARG A 146 -12.69 -11.36 1.87
CA ARG A 146 -13.68 -12.14 2.62
C ARG A 146 -14.58 -12.93 1.68
N SER A 147 -14.57 -12.58 0.39
CA SER A 147 -15.22 -13.40 -0.64
C SER A 147 -14.60 -14.81 -0.71
N LYS A 148 -13.63 -15.08 0.19
CA LYS A 148 -12.97 -16.36 0.46
C LYS A 148 -12.17 -16.98 -0.69
N CYS A 149 -12.74 -17.11 -1.90
CA CYS A 149 -12.09 -17.84 -2.97
C CYS A 149 -10.62 -17.44 -3.14
N PHE A 150 -10.31 -16.17 -2.89
CA PHE A 150 -8.99 -15.57 -3.03
C PHE A 150 -7.91 -16.28 -2.22
N ALA A 151 -7.55 -15.73 -1.06
CA ALA A 151 -6.50 -16.33 -0.23
C ALA A 151 -6.93 -17.66 0.39
N MET A 152 -8.22 -17.98 0.36
CA MET A 152 -8.71 -19.15 1.07
C MET A 152 -9.11 -20.32 0.15
N ASP A 153 -9.22 -20.13 -1.18
CA ASP A 153 -9.43 -21.27 -2.07
C ASP A 153 -8.39 -21.33 -3.19
N LEU A 154 -7.64 -20.24 -3.39
CA LEU A 154 -6.60 -20.10 -4.40
C LEU A 154 -7.10 -20.50 -5.79
N TYR B 1 18.06 -11.56 8.69
CA TYR B 1 17.94 -11.64 7.23
C TYR B 1 16.54 -11.26 6.78
N SER B 2 16.38 -10.90 5.50
CA SER B 2 15.10 -10.53 4.93
C SER B 2 15.10 -10.79 3.43
N PRO B 3 13.94 -11.17 2.84
CA PRO B 3 13.80 -11.37 1.42
C PRO B 3 13.81 -10.06 0.63
N THR B 4 13.96 -8.93 1.32
CA THR B 4 13.99 -7.60 0.71
C THR B 4 15.16 -6.80 1.26
N SEP B 5 15.44 -5.64 0.65
CA SEP B 5 16.54 -4.77 1.04
CB SEP B 5 17.64 -4.83 -0.03
OG SEP B 5 17.07 -4.50 -1.28
C SEP B 5 16.05 -3.32 1.20
O SEP B 5 15.49 -2.78 0.25
P SEP B 5 17.98 -4.26 -2.59
O1P SEP B 5 18.82 -3.09 -2.22
O2P SEP B 5 18.72 -5.53 -2.74
O3P SEP B 5 16.99 -3.99 -3.66
H SEP B 5 14.88 -5.34 -0.13
HA SEP B 5 16.97 -5.11 1.99
HB2 SEP B 5 18.42 -4.12 0.23
HB3 SEP B 5 18.05 -5.84 -0.07
N PRO B 6 16.26 -2.68 2.36
CA PRO B 6 16.85 -3.21 3.56
C PRO B 6 15.98 -4.31 4.17
N SER B 7 14.69 -4.03 4.33
CA SER B 7 13.70 -4.99 4.83
C SER B 7 12.33 -4.34 4.83
N TYR B 8 11.27 -5.13 4.70
CA TYR B 8 9.90 -4.67 4.90
C TYR B 8 9.00 -5.80 5.36
N SER B 9 8.33 -5.59 6.48
CA SER B 9 7.40 -6.55 7.09
C SER B 9 6.11 -5.84 7.46
N PRO B 10 4.96 -6.54 7.41
CA PRO B 10 3.68 -6.04 7.85
C PRO B 10 3.68 -5.59 9.32
N THR B 11 4.82 -5.76 10.00
CA THR B 11 4.94 -5.38 11.41
C THR B 11 5.07 -3.87 11.57
N SEP B 12 5.74 -3.19 10.63
CA SEP B 12 5.95 -1.75 10.70
CB SEP B 12 7.07 -1.46 11.70
OG SEP B 12 7.16 -0.07 11.94
C SEP B 12 6.30 -1.19 9.32
O SEP B 12 7.06 -1.81 8.59
P SEP B 12 7.99 0.49 13.20
O1P SEP B 12 7.94 1.96 13.01
O2P SEP B 12 7.25 0.00 14.37
O3P SEP B 12 9.34 -0.11 13.03
H SEP B 12 6.12 -3.69 9.84
HA SEP B 12 5.03 -1.29 11.05
HB2 SEP B 12 6.82 -1.96 12.65
HB3 SEP B 12 8.01 -1.83 11.32
N PRO B 13 5.76 -0.02 8.95
CA PRO B 13 5.91 0.56 7.62
C PRO B 13 7.24 1.29 7.41
N SER B 14 8.04 1.47 8.47
CA SER B 14 9.27 2.25 8.38
C SER B 14 10.40 1.60 9.18
#